data_7V4H
#
_entry.id   7V4H
#
_cell.length_a   1.00
_cell.length_b   1.00
_cell.length_c   1.00
_cell.angle_alpha   90.00
_cell.angle_beta   90.00
_cell.angle_gamma   90.00
#
_symmetry.space_group_name_H-M   'P 1'
#
_entity_poly.entity_id   1
_entity_poly.type   'polypeptide(L)'
_entity_poly.pdbx_seq_one_letter_code
;MSLLSDLINLNLSDTTEKVIAEYIWIGGSGMDLRSKARTLPGPVSDPSKLPKWNYDGSSTGQAPGEDSEVIIYPQAIFRD
PFRRGNNILVICDTYTPAGEPIPTNKRHDAAKVFSHPDVVAEETWYGIEQEYTLLQKDIQWPLGWPVGGFPGPQGPYYCG
VGADKAFGRDIVDAHYKACLYAGINISGINGEVMPGQWEFQVGPSVGISAGDEVWAARYILERITEIAGVVVSFDPKPIQ
GDWNGAGAHTNYSTKSMRNDGGYEVIKTAIEKLGKRHKEHIAAYGEGNERRLTGRHETADINTFLWGVANRGASVRVGRD
TEKAGKGYFEDRRPASNMDPYVVTSMIADTTILWKP
;
_entity_poly.pdbx_strand_id   J,A,B,C,D,E,F,G,H,I
#
# COMPACT_ATOMS: atom_id res chain seq x y z
N LEU A 4 -4.81 26.05 0.44
CA LEU A 4 -6.19 26.47 0.23
C LEU A 4 -6.73 27.16 1.47
N SER A 5 -6.55 26.53 2.62
CA SER A 5 -6.95 27.16 3.88
C SER A 5 -6.02 28.33 4.19
N ASP A 6 -6.48 29.18 5.11
CA ASP A 6 -5.91 30.49 5.39
C ASP A 6 -6.22 31.45 4.26
N LEU A 7 -6.82 30.93 3.19
CA LEU A 7 -7.42 31.72 2.12
C LEU A 7 -8.93 31.55 2.07
N ILE A 8 -9.43 30.36 2.38
CA ILE A 8 -10.87 30.18 2.55
C ILE A 8 -11.34 30.92 3.79
N ASN A 9 -10.56 30.89 4.86
CA ASN A 9 -10.86 31.63 6.09
C ASN A 9 -10.23 33.01 6.08
N LEU A 10 -10.48 33.77 5.02
CA LEU A 10 -9.88 35.09 4.86
C LEU A 10 -10.90 36.16 5.22
N ASN A 11 -10.53 37.07 6.12
CA ASN A 11 -11.42 38.14 6.54
C ASN A 11 -11.32 39.27 5.54
N LEU A 12 -12.41 39.51 4.81
CA LEU A 12 -12.45 40.59 3.83
C LEU A 12 -12.92 41.91 4.43
N SER A 13 -13.39 41.90 5.68
CA SER A 13 -13.81 43.14 6.32
C SER A 13 -12.63 44.08 6.58
N ASP A 14 -11.42 43.53 6.68
CA ASP A 14 -10.25 44.37 6.86
C ASP A 14 -9.91 45.19 5.62
N THR A 15 -10.38 44.77 4.45
CA THR A 15 -9.96 45.35 3.18
C THR A 15 -11.09 45.99 2.40
N THR A 16 -12.22 45.30 2.25
CA THR A 16 -13.31 45.75 1.40
C THR A 16 -14.62 45.74 2.17
N GLU A 17 -15.63 46.38 1.58
CA GLU A 17 -16.96 46.43 2.17
C GLU A 17 -17.98 45.61 1.39
N LYS A 18 -17.53 44.85 0.39
CA LYS A 18 -18.44 44.01 -0.38
C LYS A 18 -18.74 42.71 0.36
N VAL A 19 -19.90 42.15 0.07
CA VAL A 19 -20.43 40.99 0.80
C VAL A 19 -20.85 39.92 -0.20
N ILE A 20 -20.45 38.68 0.04
CA ILE A 20 -20.83 37.58 -0.84
C ILE A 20 -22.16 37.01 -0.34
N ALA A 21 -23.11 36.86 -1.25
CA ALA A 21 -24.43 36.30 -0.95
C ALA A 21 -24.62 34.99 -1.71
N GLU A 22 -25.07 33.96 -1.00
CA GLU A 22 -25.24 32.62 -1.55
C GLU A 22 -26.73 32.41 -1.81
N TYR A 23 -27.08 32.13 -3.06
CA TYR A 23 -28.46 31.90 -3.47
C TYR A 23 -28.69 30.40 -3.61
N ILE A 24 -29.76 29.92 -2.98
CA ILE A 24 -30.10 28.50 -2.91
C ILE A 24 -31.54 28.33 -3.38
N TRP A 25 -31.76 27.37 -4.28
CA TRP A 25 -33.09 27.06 -4.79
C TRP A 25 -33.23 25.55 -4.92
N ILE A 26 -34.45 25.11 -5.25
CA ILE A 26 -34.80 23.70 -5.31
C ILE A 26 -34.91 23.29 -6.78
N GLY A 27 -34.23 22.22 -7.15
CA GLY A 27 -34.13 21.79 -8.53
C GLY A 27 -35.36 21.07 -9.03
N GLY A 28 -35.22 20.50 -10.23
CA GLY A 28 -36.36 19.90 -10.90
C GLY A 28 -36.96 18.70 -10.20
N SER A 29 -36.11 17.89 -9.55
CA SER A 29 -36.60 16.69 -8.88
C SER A 29 -37.43 17.02 -7.65
N GLY A 30 -37.42 18.26 -7.17
CA GLY A 30 -38.18 18.65 -6.00
C GLY A 30 -37.55 18.31 -4.68
N MET A 31 -36.36 17.71 -4.67
CA MET A 31 -35.70 17.36 -3.43
C MET A 31 -34.27 17.90 -3.39
N ASP A 32 -33.64 18.03 -4.55
CA ASP A 32 -32.26 18.47 -4.60
C ASP A 32 -32.16 19.98 -4.50
N LEU A 33 -31.01 20.45 -4.05
CA LEU A 33 -30.76 21.87 -3.84
C LEU A 33 -29.61 22.31 -4.74
N ARG A 34 -29.82 23.42 -5.45
CA ARG A 34 -28.79 24.07 -6.25
C ARG A 34 -28.47 25.42 -5.62
N SER A 35 -27.25 25.91 -5.84
CA SER A 35 -26.86 27.16 -5.22
C SER A 35 -25.63 27.72 -5.90
N LYS A 36 -25.54 29.04 -5.92
CA LYS A 36 -24.31 29.71 -6.39
C LYS A 36 -24.13 31.01 -5.61
N ALA A 37 -23.19 31.84 -6.05
CA ALA A 37 -22.70 32.96 -5.26
C ALA A 37 -22.75 34.27 -6.06
N ARG A 38 -22.88 35.37 -5.34
CA ARG A 38 -22.94 36.71 -5.91
C ARG A 38 -22.13 37.64 -5.02
N THR A 39 -21.65 38.74 -5.61
CA THR A 39 -20.98 39.80 -4.87
C THR A 39 -21.90 41.01 -4.81
N LEU A 40 -22.02 41.61 -3.62
CA LEU A 40 -22.92 42.72 -3.33
C LEU A 40 -22.14 43.90 -2.77
N PRO A 41 -22.59 45.13 -3.03
CA PRO A 41 -21.84 46.31 -2.56
C PRO A 41 -21.67 46.38 -1.05
N GLY A 42 -22.68 45.99 -0.28
CA GLY A 42 -22.62 46.15 1.16
C GLY A 42 -23.56 45.23 1.90
N PRO A 43 -23.56 45.32 3.22
CA PRO A 43 -24.42 44.44 4.03
C PRO A 43 -25.90 44.72 3.80
N VAL A 44 -26.69 43.66 3.90
CA VAL A 44 -28.14 43.75 3.77
C VAL A 44 -28.76 42.71 4.70
N SER A 45 -29.90 43.07 5.30
CA SER A 45 -30.60 42.19 6.22
C SER A 45 -32.06 41.93 5.85
N ASP A 46 -32.61 42.66 4.88
CA ASP A 46 -33.99 42.50 4.46
C ASP A 46 -34.05 41.80 3.12
N PRO A 47 -34.79 40.70 3.00
CA PRO A 47 -34.83 39.98 1.71
C PRO A 47 -35.44 40.79 0.59
N SER A 48 -36.24 41.81 0.88
CA SER A 48 -36.85 42.63 -0.15
C SER A 48 -35.87 43.64 -0.77
N LYS A 49 -34.70 43.81 -0.17
CA LYS A 49 -33.69 44.73 -0.67
C LYS A 49 -32.59 44.04 -1.46
N LEU A 50 -32.77 42.76 -1.79
CA LEU A 50 -31.81 41.93 -2.51
C LEU A 50 -32.18 41.84 -3.99
N PRO A 51 -31.20 41.79 -4.89
CA PRO A 51 -31.49 41.72 -6.32
C PRO A 51 -32.00 40.35 -6.75
N LYS A 52 -32.18 40.16 -8.05
CA LYS A 52 -32.74 38.93 -8.58
C LYS A 52 -31.79 38.29 -9.59
N TRP A 53 -31.93 36.98 -9.75
CA TRP A 53 -31.28 36.20 -10.79
C TRP A 53 -32.25 35.47 -11.69
N ASN A 54 -31.64 34.87 -12.71
CA ASN A 54 -32.23 33.84 -13.55
C ASN A 54 -31.20 32.74 -13.74
N TYR A 55 -31.67 31.55 -14.08
CA TYR A 55 -30.78 30.43 -14.33
C TYR A 55 -31.36 29.53 -15.41
N ASP A 56 -30.51 28.63 -15.88
CA ASP A 56 -30.82 27.75 -17.00
C ASP A 56 -31.66 26.58 -16.51
N GLY A 57 -32.94 26.54 -16.90
CA GLY A 57 -33.79 25.43 -16.54
C GLY A 57 -33.48 24.15 -17.29
N SER A 58 -32.86 24.25 -18.46
CA SER A 58 -32.49 23.05 -19.20
C SER A 58 -31.44 22.24 -18.44
N SER A 59 -30.48 22.92 -17.82
CA SER A 59 -29.41 22.24 -17.09
C SER A 59 -29.89 21.69 -15.76
N THR A 60 -31.08 22.06 -15.30
CA THR A 60 -31.63 21.57 -14.04
C THR A 60 -32.82 20.65 -14.23
N GLY A 61 -33.60 20.83 -15.28
CA GLY A 61 -34.75 20.00 -15.53
C GLY A 61 -36.04 20.69 -15.15
N GLN A 62 -36.11 22.01 -15.38
CA GLN A 62 -37.24 22.80 -14.95
C GLN A 62 -37.88 23.66 -16.04
N ALA A 63 -37.25 23.79 -17.21
CA ALA A 63 -37.78 24.65 -18.25
C ALA A 63 -37.47 24.05 -19.61
N PRO A 64 -38.27 24.35 -20.64
CA PRO A 64 -37.98 23.83 -21.98
C PRO A 64 -36.74 24.47 -22.58
N GLY A 65 -36.31 23.92 -23.71
CA GLY A 65 -35.12 24.42 -24.37
C GLY A 65 -35.27 25.82 -24.91
N GLU A 66 -36.44 26.14 -25.47
CA GLU A 66 -36.64 27.47 -26.05
C GLU A 66 -36.67 28.56 -24.99
N ASP A 67 -37.22 28.26 -23.81
CA ASP A 67 -37.25 29.20 -22.69
C ASP A 67 -36.70 28.44 -21.48
N SER A 68 -35.38 28.46 -21.32
CA SER A 68 -34.73 27.83 -20.18
C SER A 68 -34.53 28.80 -19.03
N GLU A 69 -34.98 30.04 -19.16
CA GLU A 69 -34.77 31.06 -18.14
C GLU A 69 -35.77 30.87 -17.01
N VAL A 70 -35.26 30.69 -15.79
CA VAL A 70 -36.09 30.60 -14.60
C VAL A 70 -35.64 31.69 -13.64
N ILE A 71 -36.57 32.53 -13.19
CA ILE A 71 -36.27 33.66 -12.32
C ILE A 71 -36.25 33.19 -10.87
N ILE A 72 -35.45 33.87 -10.05
CA ILE A 72 -35.24 33.50 -8.65
C ILE A 72 -35.66 34.66 -7.76
N TYR A 73 -36.52 34.38 -6.79
CA TYR A 73 -37.03 35.40 -5.86
C TYR A 73 -36.46 35.18 -4.47
N PRO A 74 -35.62 36.07 -3.95
CA PRO A 74 -35.13 35.90 -2.58
C PRO A 74 -36.27 35.94 -1.57
N GLN A 75 -36.20 35.04 -0.59
CA GLN A 75 -37.28 34.92 0.39
C GLN A 75 -36.81 34.98 1.83
N ALA A 76 -35.64 34.41 2.14
CA ALA A 76 -35.15 34.43 3.51
C ALA A 76 -33.64 34.65 3.52
N ILE A 77 -33.13 35.22 4.62
CA ILE A 77 -31.71 35.51 4.78
C ILE A 77 -31.21 34.89 6.07
N PHE A 78 -30.08 34.19 5.99
CA PHE A 78 -29.37 33.66 7.15
C PHE A 78 -27.90 34.03 7.02
N ARG A 79 -27.13 33.72 8.06
CA ARG A 79 -25.69 33.98 8.01
C ARG A 79 -24.98 32.84 7.31
N ASP A 80 -23.86 33.17 6.67
CA ASP A 80 -23.04 32.16 6.01
C ASP A 80 -22.10 31.53 7.03
N PRO A 81 -22.24 30.23 7.32
CA PRO A 81 -21.35 29.60 8.30
C PRO A 81 -20.01 29.16 7.73
N PHE A 82 -19.89 29.06 6.40
CA PHE A 82 -18.64 28.60 5.79
C PHE A 82 -17.72 29.75 5.40
N ARG A 83 -18.28 30.85 4.91
CA ARG A 83 -17.48 32.03 4.62
C ARG A 83 -17.42 32.99 5.79
N ARG A 84 -18.42 32.96 6.67
CA ARG A 84 -18.47 33.78 7.87
C ARG A 84 -18.33 35.27 7.56
N GLY A 85 -17.94 36.06 8.56
CA GLY A 85 -17.88 37.50 8.34
C GLY A 85 -19.26 38.07 8.17
N ASN A 86 -19.40 38.94 7.17
CA ASN A 86 -20.68 39.57 6.85
C ASN A 86 -21.39 38.89 5.68
N ASN A 87 -20.85 37.79 5.18
CA ASN A 87 -21.48 37.08 4.07
C ASN A 87 -22.73 36.33 4.54
N ILE A 88 -23.70 36.18 3.64
CA ILE A 88 -25.01 35.66 3.99
C ILE A 88 -25.41 34.55 3.04
N LEU A 89 -26.39 33.76 3.47
CA LEU A 89 -27.10 32.78 2.65
C LEU A 89 -28.51 33.30 2.39
N VAL A 90 -29.00 33.05 1.18
CA VAL A 90 -30.33 33.50 0.79
C VAL A 90 -31.13 32.31 0.28
N ILE A 91 -32.27 32.05 0.90
CA ILE A 91 -33.21 31.05 0.45
C ILE A 91 -34.20 31.71 -0.50
N CYS A 92 -34.38 31.10 -1.67
CA CYS A 92 -35.01 31.75 -2.82
C CYS A 92 -36.16 30.91 -3.34
N ASP A 93 -36.97 31.54 -4.19
CA ASP A 93 -38.15 30.96 -4.81
C ASP A 93 -38.03 31.08 -6.32
N THR A 94 -38.52 30.07 -7.04
CA THR A 94 -38.35 30.00 -8.48
C THR A 94 -39.63 30.43 -9.20
N TYR A 95 -39.46 31.18 -10.29
CA TYR A 95 -40.58 31.73 -11.04
C TYR A 95 -40.25 31.75 -12.52
N THR A 96 -41.30 31.79 -13.34
CA THR A 96 -41.15 31.94 -14.78
C THR A 96 -40.84 33.39 -15.13
N PRO A 97 -40.27 33.64 -16.31
CA PRO A 97 -40.04 35.04 -16.72
C PRO A 97 -41.30 35.88 -16.76
N ALA A 98 -42.43 35.29 -17.16
CA ALA A 98 -43.68 36.04 -17.23
C ALA A 98 -44.13 36.50 -15.85
N GLY A 99 -44.00 35.63 -14.84
CA GLY A 99 -44.38 36.00 -13.49
C GLY A 99 -45.11 34.91 -12.73
N GLU A 100 -45.33 33.78 -13.35
CA GLU A 100 -46.03 32.73 -12.63
C GLU A 100 -45.06 31.69 -12.11
N PRO A 101 -45.36 31.05 -10.98
CA PRO A 101 -44.44 30.05 -10.44
C PRO A 101 -44.37 28.82 -11.33
N ILE A 102 -43.20 28.18 -11.31
CA ILE A 102 -42.99 26.93 -12.05
C ILE A 102 -43.67 25.80 -11.30
N PRO A 103 -43.97 24.67 -11.94
CA PRO A 103 -44.66 23.58 -11.21
C PRO A 103 -43.91 23.07 -9.99
N THR A 104 -42.58 23.05 -10.03
CA THR A 104 -41.82 22.55 -8.89
C THR A 104 -41.85 23.51 -7.71
N ASN A 105 -42.29 24.74 -7.92
CA ASN A 105 -42.43 25.70 -6.82
C ASN A 105 -43.58 25.30 -5.91
N LYS A 106 -43.32 25.24 -4.61
CA LYS A 106 -44.33 24.91 -3.62
C LYS A 106 -44.46 25.92 -2.50
N ARG A 107 -43.56 26.90 -2.42
CA ARG A 107 -43.64 27.93 -1.40
C ARG A 107 -44.71 28.98 -1.70
N HIS A 108 -45.12 29.11 -2.96
CA HIS A 108 -46.11 30.11 -3.33
C HIS A 108 -47.47 29.81 -2.68
N ASP A 109 -47.94 28.56 -2.84
CA ASP A 109 -49.19 28.17 -2.20
C ASP A 109 -49.08 28.18 -0.69
N ALA A 110 -47.91 27.83 -0.16
CA ALA A 110 -47.72 27.89 1.29
C ALA A 110 -47.84 29.32 1.81
N ALA A 111 -47.25 30.28 1.10
CA ALA A 111 -47.36 31.68 1.51
C ALA A 111 -48.79 32.18 1.35
N LYS A 112 -49.49 31.73 0.30
CA LYS A 112 -50.89 32.08 0.13
C LYS A 112 -51.72 31.58 1.31
N VAL A 113 -51.47 30.35 1.74
CA VAL A 113 -52.21 29.78 2.87
C VAL A 113 -51.86 30.54 4.17
N PHE A 114 -50.58 30.74 4.43
CA PHE A 114 -50.14 31.35 5.68
C PHE A 114 -50.40 32.85 5.74
N SER A 115 -50.74 33.48 4.62
CA SER A 115 -51.11 34.89 4.60
C SER A 115 -52.60 35.11 4.80
N HIS A 116 -53.38 34.04 4.91
CA HIS A 116 -54.80 34.17 5.21
C HIS A 116 -54.97 34.80 6.58
N PRO A 117 -55.95 35.69 6.77
CA PRO A 117 -56.09 36.37 8.07
C PRO A 117 -56.32 35.42 9.23
N ASP A 118 -57.05 34.32 9.00
CA ASP A 118 -57.28 33.36 10.07
C ASP A 118 -55.98 32.69 10.49
N VAL A 119 -55.18 32.24 9.52
CA VAL A 119 -53.91 31.60 9.84
C VAL A 119 -52.94 32.60 10.44
N VAL A 120 -52.98 33.85 9.96
CA VAL A 120 -52.12 34.89 10.53
C VAL A 120 -52.46 35.13 11.99
N ALA A 121 -53.75 35.22 12.31
CA ALA A 121 -54.17 35.46 13.68
C ALA A 121 -53.95 34.25 14.57
N GLU A 122 -53.95 33.04 14.00
CA GLU A 122 -53.75 31.84 14.79
C GLU A 122 -52.29 31.63 15.20
N GLU A 123 -51.35 32.36 14.60
CA GLU A 123 -49.92 32.31 14.92
C GLU A 123 -49.43 30.89 15.16
N THR A 124 -49.52 30.09 14.11
CA THR A 124 -49.24 28.66 14.20
C THR A 124 -47.77 28.40 14.55
N TRP A 125 -47.55 27.31 15.30
CA TRP A 125 -46.22 26.89 15.72
C TRP A 125 -45.94 25.48 15.24
N TYR A 126 -44.83 25.31 14.51
CA TYR A 126 -44.44 24.02 13.97
C TYR A 126 -43.07 23.60 14.50
N GLY A 127 -42.88 22.29 14.60
CA GLY A 127 -41.58 21.71 14.86
C GLY A 127 -41.36 20.54 13.93
N ILE A 128 -40.15 20.32 13.45
CA ILE A 128 -39.88 19.30 12.46
C ILE A 128 -38.76 18.40 12.95
N GLU A 129 -38.89 17.09 12.72
CA GLU A 129 -37.88 16.12 13.10
C GLU A 129 -37.39 15.45 11.82
N GLN A 130 -36.15 15.73 11.43
CA GLN A 130 -35.55 15.25 10.18
C GLN A 130 -34.50 14.20 10.49
N GLU A 131 -34.66 13.00 9.94
CA GLU A 131 -33.70 11.92 10.10
C GLU A 131 -32.98 11.68 8.79
N TYR A 132 -31.67 11.48 8.85
CA TYR A 132 -30.85 11.30 7.66
C TYR A 132 -29.82 10.20 7.91
N THR A 133 -29.25 9.70 6.81
CA THR A 133 -28.27 8.64 6.86
C THR A 133 -27.01 9.07 6.15
N LEU A 134 -25.86 8.79 6.76
CA LEU A 134 -24.57 9.10 6.16
C LEU A 134 -24.02 7.86 5.49
N LEU A 135 -23.57 8.01 4.25
CA LEU A 135 -23.09 6.91 3.43
C LEU A 135 -21.70 7.23 2.91
N GLN A 136 -20.98 6.18 2.56
CA GLN A 136 -19.69 6.37 1.93
C GLN A 136 -19.87 6.92 0.51
N LYS A 137 -18.79 7.46 -0.04
CA LYS A 137 -18.94 8.23 -1.28
C LYS A 137 -19.12 7.32 -2.50
N ASP A 138 -18.11 6.50 -2.80
CA ASP A 138 -18.15 5.72 -4.03
C ASP A 138 -19.26 4.67 -3.96
N ILE A 139 -19.29 3.90 -2.90
CA ILE A 139 -20.33 2.89 -2.68
C ILE A 139 -21.38 3.48 -1.76
N GLN A 140 -22.62 3.02 -1.92
CA GLN A 140 -23.73 3.57 -1.15
C GLN A 140 -23.95 2.84 0.17
N TRP A 141 -22.91 2.27 0.73
CA TRP A 141 -22.97 1.54 1.98
C TRP A 141 -22.79 2.50 3.15
N PRO A 142 -23.58 2.39 4.21
CA PRO A 142 -23.59 3.42 5.25
C PRO A 142 -22.24 3.59 5.93
N LEU A 143 -22.16 4.65 6.74
CA LEU A 143 -20.93 5.02 7.41
C LEU A 143 -20.69 4.09 8.60
N GLY A 144 -19.47 3.57 8.70
CA GLY A 144 -19.13 2.62 9.74
C GLY A 144 -19.55 1.20 9.46
N TRP A 145 -20.17 0.94 8.31
CA TRP A 145 -20.49 -0.42 7.89
C TRP A 145 -19.33 -1.00 7.09
N PRO A 146 -18.85 -2.19 7.43
CA PRO A 146 -17.83 -2.83 6.58
C PRO A 146 -18.35 -3.03 5.17
N VAL A 147 -17.45 -2.87 4.20
CA VAL A 147 -17.84 -3.04 2.80
C VAL A 147 -18.19 -4.50 2.55
N GLY A 148 -19.36 -4.72 1.96
CA GLY A 148 -19.86 -6.08 1.76
C GLY A 148 -20.11 -6.82 3.05
N GLY A 149 -20.54 -6.12 4.10
CA GLY A 149 -20.76 -6.73 5.38
C GLY A 149 -21.75 -5.89 6.17
N PHE A 150 -22.00 -6.33 7.39
CA PHE A 150 -22.97 -5.66 8.25
C PHE A 150 -22.36 -5.40 9.62
N PRO A 151 -22.83 -4.38 10.32
CA PRO A 151 -22.40 -4.20 11.71
C PRO A 151 -23.15 -5.12 12.65
N GLY A 152 -22.96 -4.96 13.95
CA GLY A 152 -23.67 -5.75 14.92
C GLY A 152 -25.14 -5.42 14.93
N PRO A 153 -25.94 -6.22 15.64
CA PRO A 153 -27.38 -5.99 15.69
C PRO A 153 -27.71 -4.66 16.36
N GLN A 154 -28.92 -4.17 16.11
CA GLN A 154 -29.35 -2.91 16.66
C GLN A 154 -29.46 -2.98 18.17
N GLY A 155 -29.34 -1.81 18.81
CA GLY A 155 -29.43 -1.72 20.24
C GLY A 155 -28.32 -0.92 20.92
N PRO A 156 -27.07 -1.06 20.49
CA PRO A 156 -25.99 -0.24 21.05
C PRO A 156 -25.79 1.12 20.40
N TYR A 157 -26.39 1.36 19.23
CA TYR A 157 -26.11 2.57 18.48
C TYR A 157 -27.02 3.73 18.83
N TYR A 158 -28.20 3.46 19.38
CA TYR A 158 -29.12 4.53 19.76
C TYR A 158 -28.48 5.41 20.81
N CYS A 159 -28.20 6.66 20.45
CA CYS A 159 -27.60 7.64 21.37
C CYS A 159 -26.29 7.12 21.96
N GLY A 160 -25.50 6.43 21.14
CA GLY A 160 -24.26 5.85 21.61
C GLY A 160 -23.18 6.88 21.87
N VAL A 161 -22.15 6.45 22.59
CA VAL A 161 -21.02 7.33 22.90
C VAL A 161 -19.68 6.76 22.48
N GLY A 162 -19.51 5.46 22.35
CA GLY A 162 -18.20 4.89 22.09
C GLY A 162 -17.74 5.09 20.66
N ALA A 163 -16.51 4.65 20.41
CA ALA A 163 -15.95 4.76 19.06
C ALA A 163 -16.56 3.76 18.09
N ASP A 164 -17.22 2.72 18.60
CA ASP A 164 -17.85 1.71 17.77
C ASP A 164 -19.36 1.82 17.76
N LYS A 165 -19.92 2.90 18.31
CA LYS A 165 -21.37 3.08 18.39
C LYS A 165 -21.87 4.33 17.70
N ALA A 166 -21.14 5.44 17.80
CA ALA A 166 -21.50 6.66 17.09
C ALA A 166 -20.57 6.81 15.89
N PHE A 167 -21.15 6.82 14.69
CA PHE A 167 -20.40 6.81 13.44
C PHE A 167 -20.66 8.10 12.68
N GLY A 168 -19.82 9.10 12.91
CA GLY A 168 -19.93 10.35 12.20
C GLY A 168 -20.49 11.47 13.05
N ARG A 169 -20.09 11.52 14.33
CA ARG A 169 -20.55 12.58 15.21
C ARG A 169 -19.85 13.91 14.93
N ASP A 170 -18.72 13.88 14.25
CA ASP A 170 -18.06 15.13 13.86
C ASP A 170 -18.93 15.93 12.91
N ILE A 171 -19.52 15.26 11.91
CA ILE A 171 -20.41 15.93 10.97
C ILE A 171 -21.62 16.49 11.70
N VAL A 172 -22.16 15.74 12.67
CA VAL A 172 -23.34 16.19 13.39
C VAL A 172 -23.03 17.40 14.25
N ASP A 173 -21.88 17.39 14.94
CA ASP A 173 -21.49 18.54 15.74
C ASP A 173 -21.27 19.77 14.89
N ALA A 174 -20.56 19.61 13.77
CA ALA A 174 -20.31 20.74 12.87
C ALA A 174 -21.62 21.31 12.35
N HIS A 175 -22.55 20.44 11.93
CA HIS A 175 -23.83 20.91 11.43
C HIS A 175 -24.64 21.61 12.50
N TYR A 176 -24.63 21.08 13.72
CA TYR A 176 -25.42 21.68 14.78
C TYR A 176 -24.92 23.07 15.10
N LYS A 177 -23.60 23.24 15.23
CA LYS A 177 -23.06 24.56 15.53
C LYS A 177 -23.18 25.50 14.34
N ALA A 178 -23.07 24.99 13.11
CA ALA A 178 -23.23 25.85 11.95
C ALA A 178 -24.66 26.35 11.81
N CYS A 179 -25.65 25.49 12.07
CA CYS A 179 -27.04 25.93 12.02
C CYS A 179 -27.37 26.86 13.18
N LEU A 180 -26.77 26.65 14.34
CA LEU A 180 -26.99 27.57 15.45
C LEU A 180 -26.36 28.93 15.18
N TYR A 181 -25.23 28.96 14.49
CA TYR A 181 -24.58 30.23 14.13
C TYR A 181 -25.29 30.94 12.99
N ALA A 182 -25.85 30.19 12.03
CA ALA A 182 -26.53 30.82 10.91
C ALA A 182 -27.79 31.55 11.35
N GLY A 183 -28.55 30.96 12.27
CA GLY A 183 -29.78 31.56 12.73
C GLY A 183 -30.95 30.62 12.68
N ILE A 184 -30.67 29.33 12.46
CA ILE A 184 -31.72 28.31 12.44
C ILE A 184 -32.12 27.99 13.87
N ASN A 185 -33.42 27.72 14.08
CA ASN A 185 -33.92 27.31 15.37
C ASN A 185 -33.85 25.79 15.46
N ILE A 186 -32.66 25.29 15.78
CA ILE A 186 -32.43 23.86 15.92
C ILE A 186 -32.43 23.52 17.41
N SER A 187 -33.22 22.53 17.79
CA SER A 187 -33.57 22.27 19.18
C SER A 187 -33.20 20.85 19.60
N GLY A 188 -32.11 20.31 19.10
CA GLY A 188 -31.58 19.07 19.59
C GLY A 188 -31.18 18.11 18.49
N ILE A 189 -30.27 17.19 18.83
CA ILE A 189 -29.79 16.15 17.95
C ILE A 189 -29.64 14.88 18.76
N ASN A 190 -29.60 13.74 18.07
CA ASN A 190 -29.33 12.47 18.71
C ASN A 190 -28.96 11.45 17.64
N GLY A 191 -28.45 10.30 18.10
CA GLY A 191 -28.12 9.20 17.21
C GLY A 191 -29.23 8.16 17.23
N GLU A 192 -29.65 7.75 16.03
CA GLU A 192 -30.77 6.85 15.89
C GLU A 192 -30.29 5.40 16.02
N VAL A 193 -31.25 4.46 15.94
CA VAL A 193 -30.96 3.07 16.27
C VAL A 193 -29.99 2.47 15.27
N MET A 194 -30.08 2.87 14.00
CA MET A 194 -29.17 2.37 13.00
C MET A 194 -27.79 3.03 13.17
N PRO A 195 -26.71 2.33 12.84
CA PRO A 195 -25.40 2.99 12.82
C PRO A 195 -25.30 3.95 11.64
N GLY A 196 -24.69 5.11 11.89
CA GLY A 196 -24.50 6.10 10.86
C GLY A 196 -25.74 6.92 10.54
N GLN A 197 -26.84 6.71 11.25
CA GLN A 197 -28.07 7.44 11.00
C GLN A 197 -28.31 8.41 12.16
N TRP A 198 -28.63 9.65 11.83
CA TRP A 198 -28.80 10.70 12.82
C TRP A 198 -30.14 11.40 12.61
N GLU A 199 -30.44 12.33 13.53
CA GLU A 199 -31.73 13.00 13.58
C GLU A 199 -31.54 14.36 14.21
N PHE A 200 -32.17 15.38 13.62
CA PHE A 200 -32.13 16.73 14.17
C PHE A 200 -33.50 17.36 14.11
N GLN A 201 -33.79 18.22 15.10
CA GLN A 201 -35.08 18.87 15.24
C GLN A 201 -34.94 20.35 14.91
N VAL A 202 -35.75 20.82 13.97
CA VAL A 202 -35.92 22.25 13.74
C VAL A 202 -37.05 22.73 14.63
N GLY A 203 -36.74 23.66 15.53
CA GLY A 203 -37.59 23.99 16.64
C GLY A 203 -38.79 24.82 16.27
N PRO A 204 -39.44 25.41 17.29
CA PRO A 204 -40.72 26.09 17.05
C PRO A 204 -40.57 27.38 16.26
N SER A 205 -40.98 27.33 15.00
CA SER A 205 -40.93 28.49 14.11
C SER A 205 -42.33 28.77 13.60
N VAL A 206 -42.69 30.05 13.56
CA VAL A 206 -44.06 30.44 13.24
C VAL A 206 -44.25 30.44 11.73
N GLY A 207 -45.30 29.76 11.27
CA GLY A 207 -45.77 29.81 9.91
C GLY A 207 -44.75 29.39 8.88
N ILE A 208 -44.83 30.04 7.71
CA ILE A 208 -44.02 29.68 6.55
C ILE A 208 -42.54 29.62 6.90
N SER A 209 -42.09 30.48 7.81
CA SER A 209 -40.68 30.54 8.18
C SER A 209 -40.14 29.16 8.52
N ALA A 210 -40.94 28.36 9.24
CA ALA A 210 -40.54 26.99 9.58
C ALA A 210 -39.93 26.29 8.38
N GLY A 211 -40.71 26.17 7.30
CA GLY A 211 -40.23 25.45 6.14
C GLY A 211 -38.92 26.02 5.62
N ASP A 212 -38.82 27.35 5.54
CA ASP A 212 -37.60 27.97 5.05
C ASP A 212 -36.39 27.47 5.83
N GLU A 213 -36.51 27.49 7.16
CA GLU A 213 -35.38 27.08 7.99
C GLU A 213 -34.94 25.66 7.66
N VAL A 214 -35.92 24.76 7.48
CA VAL A 214 -35.57 23.38 7.15
C VAL A 214 -34.80 23.33 5.84
N TRP A 215 -35.29 24.05 4.82
CA TRP A 215 -34.62 24.03 3.54
C TRP A 215 -33.26 24.71 3.61
N ALA A 216 -32.99 25.47 4.66
CA ALA A 216 -31.62 25.93 4.88
C ALA A 216 -30.81 24.87 5.60
N ALA A 217 -31.39 24.25 6.63
CA ALA A 217 -30.65 23.29 7.44
C ALA A 217 -30.11 22.17 6.57
N ARG A 218 -30.98 21.54 5.77
CA ARG A 218 -30.55 20.50 4.85
C ARG A 218 -29.35 20.96 4.04
N TYR A 219 -29.45 22.17 3.47
CA TYR A 219 -28.37 22.69 2.66
C TYR A 219 -27.06 22.64 3.41
N ILE A 220 -27.04 23.20 4.62
CA ILE A 220 -25.81 23.23 5.40
C ILE A 220 -25.27 21.82 5.58
N LEU A 221 -26.15 20.89 5.96
CA LEU A 221 -25.73 19.51 6.15
C LEU A 221 -24.99 19.01 4.92
N GLU A 222 -25.59 19.18 3.74
CA GLU A 222 -24.99 18.66 2.53
C GLU A 222 -23.58 19.20 2.35
N ARG A 223 -23.41 20.51 2.51
CA ARG A 223 -22.10 21.08 2.27
C ARG A 223 -21.08 20.56 3.25
N ILE A 224 -21.49 20.36 4.51
CA ILE A 224 -20.57 19.81 5.49
C ILE A 224 -20.17 18.40 5.11
N THR A 225 -21.11 17.61 4.62
CA THR A 225 -20.74 16.28 4.15
C THR A 225 -19.75 16.37 3.00
N GLU A 226 -19.89 17.40 2.15
CA GLU A 226 -18.94 17.60 1.07
C GLU A 226 -17.53 17.85 1.60
N ILE A 227 -17.41 18.46 2.78
CA ILE A 227 -16.10 18.65 3.37
C ILE A 227 -15.54 17.31 3.85
N ALA A 228 -16.40 16.42 4.32
CA ALA A 228 -15.95 15.15 4.86
C ALA A 228 -15.85 14.04 3.84
N GLY A 229 -16.23 14.30 2.59
CA GLY A 229 -16.24 13.25 1.58
C GLY A 229 -17.25 12.18 1.84
N VAL A 230 -18.44 12.55 2.31
CA VAL A 230 -19.49 11.62 2.70
C VAL A 230 -20.77 12.06 2.00
N VAL A 231 -21.66 11.12 1.73
CA VAL A 231 -22.90 11.38 1.01
C VAL A 231 -24.05 11.33 2.00
N VAL A 232 -24.83 12.38 2.06
CA VAL A 232 -26.01 12.40 2.91
C VAL A 232 -27.18 11.82 2.12
N SER A 233 -28.10 11.16 2.82
CA SER A 233 -29.26 10.55 2.19
C SER A 233 -30.47 10.75 3.09
N PHE A 234 -31.48 11.43 2.56
CA PHE A 234 -32.76 11.60 3.23
C PHE A 234 -33.78 10.58 2.75
N ASP A 235 -33.35 9.57 2.02
CA ASP A 235 -34.25 8.53 1.54
C ASP A 235 -34.85 7.77 2.73
N PRO A 236 -36.14 7.45 2.68
CA PRO A 236 -36.77 6.86 3.89
C PRO A 236 -36.20 5.52 4.29
N LYS A 237 -36.00 4.60 3.35
CA LYS A 237 -35.49 3.26 3.64
C LYS A 237 -34.31 2.99 2.71
N PRO A 238 -33.11 3.37 3.11
CA PRO A 238 -31.94 3.13 2.26
C PRO A 238 -31.48 1.68 2.30
N ILE A 239 -31.58 1.05 3.46
CA ILE A 239 -31.11 -0.32 3.67
C ILE A 239 -32.29 -1.19 4.08
N GLN A 240 -32.52 -2.27 3.34
CA GLN A 240 -33.59 -3.20 3.62
C GLN A 240 -33.11 -4.31 4.54
N GLY A 241 -34.03 -4.82 5.36
CA GLY A 241 -33.74 -5.87 6.32
C GLY A 241 -34.24 -5.48 7.68
N ASP A 242 -33.65 -6.09 8.71
CA ASP A 242 -34.01 -5.76 10.08
C ASP A 242 -33.28 -4.51 10.53
N TRP A 243 -33.41 -3.43 9.75
CA TRP A 243 -32.80 -2.15 10.06
C TRP A 243 -33.86 -1.08 9.94
N ASN A 244 -33.98 -0.25 10.97
CA ASN A 244 -35.03 0.77 10.99
C ASN A 244 -34.74 1.87 9.98
N GLY A 245 -35.79 2.37 9.34
CA GLY A 245 -35.65 3.38 8.32
C GLY A 245 -35.55 4.77 8.90
N ALA A 246 -35.50 5.75 8.00
CA ALA A 246 -35.36 7.16 8.36
C ALA A 246 -36.64 7.87 7.97
N GLY A 247 -37.54 8.05 8.92
CA GLY A 247 -38.79 8.77 8.70
C GLY A 247 -38.85 10.02 9.55
N ALA A 248 -39.35 11.10 8.96
CA ALA A 248 -39.43 12.38 9.64
C ALA A 248 -40.79 12.55 10.32
N HIS A 249 -40.90 13.62 11.12
CA HIS A 249 -42.11 13.88 11.89
C HIS A 249 -42.36 15.37 11.96
N THR A 250 -43.59 15.74 12.34
CA THR A 250 -43.95 17.15 12.45
C THR A 250 -44.88 17.36 13.64
N ASN A 251 -44.44 18.18 14.60
CA ASN A 251 -45.28 18.59 15.72
C ASN A 251 -45.98 19.91 15.38
N TYR A 252 -47.25 20.00 15.76
CA TYR A 252 -48.13 21.09 15.34
C TYR A 252 -48.89 21.63 16.52
N SER A 253 -48.92 22.96 16.66
CA SER A 253 -49.69 23.61 17.70
C SER A 253 -50.25 24.91 17.16
N THR A 254 -51.44 25.30 17.64
CA THR A 254 -52.07 26.54 17.28
C THR A 254 -52.42 27.32 18.55
N LYS A 255 -52.59 28.63 18.40
CA LYS A 255 -52.85 29.48 19.56
C LYS A 255 -54.06 29.00 20.35
N SER A 256 -55.11 28.55 19.65
CA SER A 256 -56.28 27.99 20.33
C SER A 256 -55.92 26.71 21.07
N MET A 257 -54.93 25.96 20.58
CA MET A 257 -54.51 24.73 21.26
C MET A 257 -53.69 25.03 22.51
N ARG A 258 -53.00 26.16 22.54
CA ARG A 258 -52.19 26.53 23.69
C ARG A 258 -53.01 27.15 24.82
N ASN A 259 -54.30 27.38 24.60
CA ASN A 259 -55.17 27.91 25.64
C ASN A 259 -55.81 26.79 26.45
N ASP A 260 -56.30 27.16 27.64
CA ASP A 260 -56.93 26.19 28.52
C ASP A 260 -58.16 25.57 27.86
N GLY A 261 -58.33 24.27 28.08
CA GLY A 261 -59.41 23.55 27.44
C GLY A 261 -59.18 23.25 25.98
N GLY A 262 -57.93 23.30 25.52
CA GLY A 262 -57.60 23.08 24.14
C GLY A 262 -57.57 21.64 23.69
N TYR A 263 -57.78 20.69 24.61
CA TYR A 263 -57.79 19.29 24.21
C TYR A 263 -58.97 18.98 23.29
N GLU A 264 -60.11 19.64 23.50
CA GLU A 264 -61.24 19.48 22.57
C GLU A 264 -60.87 19.98 21.17
N VAL A 265 -60.16 21.11 21.09
CA VAL A 265 -59.72 21.62 19.81
C VAL A 265 -58.74 20.66 19.14
N ILE A 266 -57.84 20.08 19.94
CA ILE A 266 -56.89 19.10 19.40
C ILE A 266 -57.63 17.87 18.89
N LYS A 267 -58.66 17.43 19.62
CA LYS A 267 -59.46 16.29 19.18
C LYS A 267 -60.18 16.59 17.87
N THR A 268 -60.77 17.78 17.75
CA THR A 268 -61.45 18.15 16.51
C THR A 268 -60.47 18.22 15.35
N ALA A 269 -59.28 18.78 15.59
CA ALA A 269 -58.26 18.86 14.54
C ALA A 269 -57.81 17.47 14.12
N ILE A 270 -57.64 16.56 15.07
CA ILE A 270 -57.25 15.19 14.74
C ILE A 270 -58.34 14.50 13.93
N GLU A 271 -59.60 14.71 14.31
CA GLU A 271 -60.70 14.14 13.54
C GLU A 271 -60.73 14.69 12.11
N LYS A 272 -60.51 16.00 11.96
CA LYS A 272 -60.47 16.60 10.63
C LYS A 272 -59.31 16.04 9.81
N LEU A 273 -58.14 15.89 10.43
CA LEU A 273 -56.99 15.32 9.72
C LEU A 273 -57.24 13.87 9.33
N GLY A 274 -58.01 13.15 10.13
CA GLY A 274 -58.45 11.84 9.72
C GLY A 274 -59.41 11.90 8.55
N LYS A 275 -59.59 10.75 7.90
CA LYS A 275 -60.43 10.58 6.71
C LYS A 275 -59.90 11.39 5.53
N ARG A 276 -58.79 12.11 5.74
CA ARG A 276 -58.01 12.70 4.67
C ARG A 276 -56.69 11.96 4.49
N HIS A 277 -56.63 10.69 4.92
CA HIS A 277 -55.38 9.95 4.93
C HIS A 277 -54.86 9.72 3.51
N LYS A 278 -55.75 9.45 2.56
CA LYS A 278 -55.31 9.11 1.21
C LYS A 278 -54.55 10.27 0.56
N GLU A 279 -55.15 11.46 0.54
CA GLU A 279 -54.51 12.62 -0.07
C GLU A 279 -53.23 12.99 0.67
N HIS A 280 -53.26 12.95 2.01
CA HIS A 280 -52.09 13.32 2.80
C HIS A 280 -50.93 12.39 2.53
N ILE A 281 -51.19 11.08 2.53
CA ILE A 281 -50.11 10.12 2.26
C ILE A 281 -49.62 10.24 0.83
N ALA A 282 -50.53 10.53 -0.11
CA ALA A 282 -50.11 10.72 -1.50
C ALA A 282 -49.19 11.92 -1.64
N ALA A 283 -49.48 13.01 -0.92
CA ALA A 283 -48.73 14.25 -1.09
C ALA A 283 -47.55 14.39 -0.14
N TYR A 284 -47.35 13.46 0.78
CA TYR A 284 -46.31 13.58 1.80
C TYR A 284 -45.07 12.75 1.48
N GLY A 285 -44.93 12.26 0.25
CA GLY A 285 -43.72 11.56 -0.13
C GLY A 285 -43.96 10.16 -0.67
N GLU A 286 -43.36 9.86 -1.82
CA GLU A 286 -43.41 8.53 -2.39
C GLU A 286 -42.14 7.76 -2.03
N GLY A 287 -42.23 6.44 -2.07
CA GLY A 287 -41.19 5.60 -1.51
C GLY A 287 -41.34 5.36 -0.02
N ASN A 288 -42.43 5.82 0.58
CA ASN A 288 -42.70 5.64 1.99
C ASN A 288 -43.39 4.31 2.30
N GLU A 289 -43.77 3.55 1.27
CA GLU A 289 -44.40 2.25 1.51
C GLU A 289 -43.42 1.28 2.15
N ARG A 290 -42.15 1.32 1.75
CA ARG A 290 -41.15 0.44 2.33
C ARG A 290 -40.96 0.73 3.83
N ARG A 291 -40.99 2.00 4.21
CA ARG A 291 -40.75 2.36 5.60
C ARG A 291 -41.93 1.98 6.49
N LEU A 292 -43.15 2.27 6.04
CA LEU A 292 -44.36 2.04 6.82
C LEU A 292 -45.00 0.73 6.35
N THR A 293 -44.81 -0.33 7.13
CA THR A 293 -45.35 -1.65 6.80
C THR A 293 -46.30 -2.17 7.86
N GLY A 294 -45.94 -2.05 9.14
CA GLY A 294 -46.77 -2.57 10.21
C GLY A 294 -46.00 -3.38 11.22
N ARG A 295 -44.68 -3.43 11.05
CA ARG A 295 -43.82 -4.17 11.97
C ARG A 295 -43.83 -3.51 13.35
N HIS A 296 -43.63 -4.32 14.39
CA HIS A 296 -43.49 -3.83 15.77
C HIS A 296 -44.69 -2.99 16.19
N GLU A 297 -45.85 -3.25 15.58
CA GLU A 297 -47.08 -2.50 15.82
C GLU A 297 -46.86 -1.00 15.60
N THR A 298 -46.42 -0.67 14.40
CA THR A 298 -46.24 0.71 13.96
C THR A 298 -47.31 1.06 12.93
N ALA A 299 -47.21 2.28 12.40
CA ALA A 299 -48.21 2.79 11.48
C ALA A 299 -48.20 2.04 10.16
N ASP A 300 -49.37 1.91 9.56
CA ASP A 300 -49.55 1.31 8.25
C ASP A 300 -50.13 2.33 7.29
N ILE A 301 -49.81 2.17 6.00
CA ILE A 301 -50.30 3.10 4.98
C ILE A 301 -51.82 3.03 4.89
N ASN A 302 -52.39 1.83 5.00
CA ASN A 302 -53.82 1.63 4.84
C ASN A 302 -54.60 1.76 6.15
N THR A 303 -53.94 2.14 7.24
CA THR A 303 -54.60 2.27 8.54
C THR A 303 -54.23 3.61 9.16
N PHE A 304 -55.24 4.34 9.62
CA PHE A 304 -55.06 5.61 10.31
C PHE A 304 -55.40 5.41 11.78
N LEU A 305 -54.46 5.70 12.66
CA LEU A 305 -54.63 5.46 14.09
C LEU A 305 -54.13 6.67 14.86
N TRP A 306 -54.88 7.05 15.90
CA TRP A 306 -54.47 8.12 16.80
C TRP A 306 -54.79 7.71 18.23
N GLY A 307 -53.87 8.01 19.14
CA GLY A 307 -54.02 7.59 20.53
C GLY A 307 -53.31 8.49 21.53
N VAL A 308 -53.05 7.96 22.72
CA VAL A 308 -52.42 8.74 23.79
C VAL A 308 -51.07 8.13 24.13
N ALA A 309 -50.93 6.81 23.96
CA ALA A 309 -49.68 6.15 24.32
C ALA A 309 -49.19 5.15 23.28
N ASN A 310 -49.98 4.78 22.28
CA ASN A 310 -49.55 3.80 21.30
C ASN A 310 -48.51 4.42 20.38
N ARG A 311 -47.27 3.91 20.44
CA ARG A 311 -46.20 4.45 19.61
C ARG A 311 -46.39 4.15 18.13
N GLY A 312 -47.31 3.25 17.77
CA GLY A 312 -47.63 2.99 16.39
C GLY A 312 -48.69 3.89 15.81
N ALA A 313 -49.14 4.89 16.57
CA ALA A 313 -50.18 5.80 16.09
C ALA A 313 -49.65 6.65 14.94
N SER A 314 -50.52 6.92 13.96
CA SER A 314 -50.17 7.86 12.92
C SER A 314 -50.05 9.28 13.48
N VAL A 315 -50.93 9.65 14.40
CA VAL A 315 -50.88 10.93 15.08
C VAL A 315 -50.92 10.68 16.58
N ARG A 316 -49.85 11.04 17.27
CA ARG A 316 -49.72 10.76 18.69
C ARG A 316 -49.99 12.02 19.52
N VAL A 317 -50.58 11.80 20.70
CA VAL A 317 -50.86 12.86 21.66
C VAL A 317 -50.16 12.50 22.97
N GLY A 318 -49.43 13.45 23.52
CA GLY A 318 -48.66 13.19 24.72
C GLY A 318 -49.49 13.13 25.98
N ARG A 319 -48.86 12.63 27.05
CA ARG A 319 -49.54 12.56 28.35
C ARG A 319 -49.66 13.94 28.98
N ASP A 320 -48.63 14.77 28.84
CA ASP A 320 -48.64 16.08 29.49
C ASP A 320 -49.73 16.97 28.90
N THR A 321 -49.91 16.95 27.58
CA THR A 321 -50.95 17.74 26.96
C THR A 321 -52.35 17.21 27.22
N GLU A 322 -52.48 15.97 27.71
CA GLU A 322 -53.77 15.47 28.16
C GLU A 322 -54.03 15.84 29.62
N LYS A 323 -52.99 15.80 30.46
CA LYS A 323 -53.15 16.21 31.85
C LYS A 323 -53.46 17.70 31.95
N ALA A 324 -52.68 18.54 31.28
CA ALA A 324 -52.93 19.97 31.30
C ALA A 324 -54.08 20.36 30.39
N GLY A 325 -54.34 19.58 29.34
CA GLY A 325 -55.40 19.87 28.41
C GLY A 325 -55.04 20.84 27.30
N LYS A 326 -53.80 21.31 27.26
CA LYS A 326 -53.35 22.25 26.25
C LYS A 326 -51.96 21.86 25.77
N GLY A 327 -51.74 21.94 24.46
CA GLY A 327 -50.45 21.60 23.90
C GLY A 327 -50.55 21.36 22.40
N TYR A 328 -49.57 20.62 21.90
CA TYR A 328 -49.45 20.30 20.48
C TYR A 328 -49.75 18.84 20.25
N PHE A 329 -49.77 18.43 18.98
CA PHE A 329 -49.86 17.02 18.63
C PHE A 329 -48.87 16.71 17.52
N GLU A 330 -48.49 15.44 17.44
CA GLU A 330 -47.39 15.00 16.60
C GLU A 330 -47.91 14.13 15.46
N ASP A 331 -47.58 14.51 14.23
CA ASP A 331 -47.89 13.73 13.04
C ASP A 331 -46.64 12.96 12.64
N ARG A 332 -46.76 11.63 12.57
CA ARG A 332 -45.64 10.74 12.29
C ARG A 332 -45.74 10.08 10.92
N ARG A 333 -46.60 10.62 10.04
CA ARG A 333 -46.84 10.06 8.72
C ARG A 333 -45.75 10.41 7.69
N PRO A 334 -45.32 11.67 7.57
CA PRO A 334 -44.41 12.02 6.47
C PRO A 334 -43.05 11.35 6.62
N ALA A 335 -42.39 11.16 5.48
CA ALA A 335 -41.08 10.54 5.44
C ALA A 335 -39.98 11.60 5.57
N SER A 336 -38.73 11.14 5.59
CA SER A 336 -37.61 12.05 5.75
C SER A 336 -37.40 12.95 4.55
N ASN A 337 -37.91 12.58 3.39
CA ASN A 337 -37.72 13.35 2.16
C ASN A 337 -38.94 14.19 1.81
N MET A 338 -39.63 14.74 2.82
CA MET A 338 -40.79 15.57 2.56
C MET A 338 -40.37 16.90 1.95
N ASP A 339 -41.35 17.67 1.52
CA ASP A 339 -41.18 19.10 1.35
C ASP A 339 -41.87 19.79 2.53
N PRO A 340 -41.12 20.49 3.40
CA PRO A 340 -41.76 21.06 4.59
C PRO A 340 -42.86 22.05 4.27
N TYR A 341 -42.79 22.71 3.12
CA TYR A 341 -43.80 23.68 2.75
C TYR A 341 -45.17 23.04 2.62
N VAL A 342 -45.27 21.95 1.84
CA VAL A 342 -46.57 21.34 1.61
C VAL A 342 -47.09 20.68 2.89
N VAL A 343 -46.19 20.08 3.67
CA VAL A 343 -46.62 19.46 4.93
C VAL A 343 -47.21 20.50 5.87
N THR A 344 -46.48 21.59 6.09
CA THR A 344 -46.98 22.65 6.96
C THR A 344 -48.27 23.25 6.41
N SER A 345 -48.36 23.40 5.09
CA SER A 345 -49.54 24.01 4.48
C SER A 345 -50.78 23.13 4.67
N MET A 346 -50.65 21.83 4.40
CA MET A 346 -51.79 20.93 4.55
C MET A 346 -52.12 20.63 6.01
N ILE A 347 -51.19 20.86 6.93
CA ILE A 347 -51.59 20.76 8.33
C ILE A 347 -52.28 22.03 8.80
N ALA A 348 -51.85 23.19 8.30
CA ALA A 348 -52.56 24.43 8.58
C ALA A 348 -53.98 24.38 8.02
N ASP A 349 -54.12 23.96 6.76
CA ASP A 349 -55.42 23.67 6.20
C ASP A 349 -55.97 22.38 6.83
N THR A 350 -57.24 22.11 6.55
CA THR A 350 -57.99 21.02 7.15
C THR A 350 -58.08 21.13 8.67
N THR A 351 -57.58 22.22 9.24
CA THR A 351 -57.63 22.47 10.68
C THR A 351 -58.18 23.84 11.03
N ILE A 352 -57.89 24.86 10.24
CA ILE A 352 -58.20 26.24 10.56
C ILE A 352 -59.28 26.81 9.66
N LEU A 353 -59.19 26.55 8.36
CA LEU A 353 -60.10 27.15 7.40
C LEU A 353 -60.92 26.15 6.59
N TRP A 354 -60.39 24.97 6.28
CA TRP A 354 -61.14 23.99 5.53
C TRP A 354 -62.24 23.39 6.40
N LYS A 355 -63.45 23.32 5.85
CA LYS A 355 -64.60 22.79 6.59
C LYS A 355 -65.02 21.43 6.05
N LEU B 4 -14.39 20.43 8.84
CA LEU B 4 -15.19 20.15 10.02
C LEU B 4 -14.74 21.02 11.19
N SER B 5 -13.44 21.02 11.46
CA SER B 5 -12.90 21.89 12.50
C SER B 5 -12.97 23.34 12.04
N ASP B 6 -12.82 24.25 13.02
CA ASP B 6 -13.10 25.67 12.88
C ASP B 6 -14.60 25.90 12.82
N LEU B 7 -15.36 24.81 12.76
CA LEU B 7 -16.81 24.83 12.93
C LEU B 7 -17.25 24.09 14.19
N ILE B 8 -16.55 23.02 14.55
CA ILE B 8 -16.76 22.40 15.85
C ILE B 8 -16.27 23.33 16.96
N ASN B 9 -15.16 24.03 16.73
CA ASN B 9 -14.61 24.99 17.67
C ASN B 9 -15.10 26.40 17.39
N LEU B 10 -16.41 26.57 17.30
CA LEU B 10 -17.02 27.83 16.93
C LEU B 10 -17.61 28.50 18.16
N ASN B 11 -17.23 29.75 18.39
CA ASN B 11 -17.73 30.50 19.54
C ASN B 11 -19.09 31.09 19.19
N LEU B 12 -20.14 30.61 19.85
CA LEU B 12 -21.48 31.13 19.64
C LEU B 12 -21.82 32.30 20.55
N SER B 13 -20.98 32.59 21.54
CA SER B 13 -21.23 33.73 22.41
C SER B 13 -21.11 35.06 21.67
N ASP B 14 -20.37 35.09 20.57
CA ASP B 14 -20.27 36.32 19.78
C ASP B 14 -21.57 36.65 19.06
N THR B 15 -22.43 35.67 18.83
CA THR B 15 -23.61 35.84 17.99
C THR B 15 -24.93 35.65 18.71
N THR B 16 -25.06 34.61 19.53
CA THR B 16 -26.33 34.27 20.17
C THR B 16 -26.12 34.13 21.67
N GLU B 17 -27.23 33.97 22.40
CA GLU B 17 -27.20 33.83 23.84
C GLU B 17 -27.71 32.47 24.32
N LYS B 18 -28.17 31.61 23.41
CA LYS B 18 -28.66 30.29 23.80
C LYS B 18 -27.51 29.30 23.94
N VAL B 19 -27.76 28.26 24.73
CA VAL B 19 -26.71 27.37 25.23
C VAL B 19 -27.11 25.92 24.98
N ILE B 20 -26.17 25.13 24.49
CA ILE B 20 -26.41 23.70 24.28
C ILE B 20 -26.15 22.95 25.59
N ALA B 21 -27.08 22.09 25.97
CA ALA B 21 -26.95 21.25 27.16
C ALA B 21 -26.95 19.79 26.76
N GLU B 22 -26.00 19.03 27.31
CA GLU B 22 -25.82 17.63 26.96
C GLU B 22 -26.37 16.77 28.10
N TYR B 23 -27.35 15.93 27.78
CA TYR B 23 -27.99 15.06 28.76
C TYR B 23 -27.42 13.66 28.65
N ILE B 24 -27.02 13.09 29.80
CA ILE B 24 -26.37 11.79 29.88
C ILE B 24 -27.11 10.93 30.89
N TRP B 25 -27.41 9.69 30.52
CA TRP B 25 -28.07 8.74 31.39
C TRP B 25 -27.46 7.36 31.21
N ILE B 26 -27.89 6.41 32.03
CA ILE B 26 -27.34 5.05 32.05
C ILE B 26 -28.35 4.11 31.41
N GLY B 27 -27.87 3.30 30.47
CA GLY B 27 -28.74 2.45 29.67
C GLY B 27 -29.16 1.19 30.39
N GLY B 28 -29.79 0.30 29.62
CA GLY B 28 -30.41 -0.88 30.20
C GLY B 28 -29.41 -1.85 30.84
N SER B 29 -28.22 -1.97 30.26
CA SER B 29 -27.23 -2.90 30.79
C SER B 29 -26.68 -2.46 32.14
N GLY B 30 -26.91 -1.22 32.55
CA GLY B 30 -26.42 -0.73 33.82
C GLY B 30 -24.98 -0.27 33.82
N MET B 31 -24.30 -0.34 32.67
CA MET B 31 -22.90 0.09 32.61
C MET B 31 -22.69 1.09 31.48
N ASP B 32 -23.50 0.99 30.42
CA ASP B 32 -23.32 1.85 29.26
C ASP B 32 -23.99 3.21 29.48
N LEU B 33 -23.48 4.21 28.76
CA LEU B 33 -23.97 5.58 28.87
C LEU B 33 -24.56 6.03 27.55
N ARG B 34 -25.74 6.61 27.61
CA ARG B 34 -26.38 7.22 26.45
C ARG B 34 -26.48 8.72 26.69
N SER B 35 -26.52 9.49 25.60
CA SER B 35 -26.52 10.93 25.76
C SER B 35 -26.97 11.59 24.47
N LYS B 36 -27.63 12.75 24.61
CA LYS B 36 -27.96 13.58 23.46
C LYS B 36 -27.89 15.05 23.87
N ALA B 37 -28.36 15.93 23.00
CA ALA B 37 -28.16 17.36 23.16
C ALA B 37 -29.47 18.13 23.02
N ARG B 38 -29.54 19.27 23.69
CA ARG B 38 -30.71 20.14 23.72
C ARG B 38 -30.24 21.58 23.60
N THR B 39 -31.12 22.45 23.12
CA THR B 39 -30.85 23.88 23.07
C THR B 39 -31.72 24.60 24.09
N LEU B 40 -31.10 25.42 24.94
CA LEU B 40 -31.72 26.15 26.03
C LEU B 40 -31.62 27.65 25.78
N PRO B 41 -32.61 28.43 26.24
CA PRO B 41 -32.59 29.86 25.95
C PRO B 41 -31.37 30.60 26.49
N GLY B 42 -30.87 30.23 27.65
CA GLY B 42 -29.77 30.95 28.25
C GLY B 42 -28.98 30.14 29.25
N PRO B 43 -27.96 30.76 29.85
CA PRO B 43 -27.12 30.04 30.81
C PRO B 43 -27.90 29.64 32.06
N VAL B 44 -27.52 28.50 32.63
CA VAL B 44 -28.14 28.00 33.85
C VAL B 44 -27.07 27.24 34.65
N SER B 45 -27.15 27.36 35.97
CA SER B 45 -26.23 26.66 36.86
C SER B 45 -26.91 25.79 37.91
N ASP B 46 -28.23 25.92 38.08
CA ASP B 46 -28.97 25.12 39.05
C ASP B 46 -29.62 23.94 38.35
N PRO B 47 -29.35 22.70 38.76
CA PRO B 47 -30.00 21.55 38.12
C PRO B 47 -31.52 21.54 38.26
N SER B 48 -32.06 22.22 39.27
CA SER B 48 -33.51 22.28 39.45
C SER B 48 -34.19 23.23 38.49
N LYS B 49 -33.43 24.04 37.74
CA LYS B 49 -33.98 24.96 36.77
C LYS B 49 -33.90 24.42 35.34
N LEU B 50 -33.59 23.13 35.19
CA LEU B 50 -33.46 22.48 33.91
C LEU B 50 -34.68 21.60 33.61
N PRO B 51 -35.19 21.63 32.39
CA PRO B 51 -36.39 20.83 32.07
C PRO B 51 -36.08 19.34 32.02
N LYS B 52 -37.15 18.56 32.01
CA LYS B 52 -37.05 17.11 31.93
C LYS B 52 -37.07 16.64 30.47
N TRP B 53 -36.71 15.39 30.27
CA TRP B 53 -36.89 14.69 28.99
C TRP B 53 -37.63 13.37 29.13
N ASN B 54 -37.77 12.74 27.97
CA ASN B 54 -38.22 11.36 27.84
C ASN B 54 -37.47 10.76 26.66
N TYR B 55 -37.35 9.43 26.67
CA TYR B 55 -36.70 8.73 25.58
C TYR B 55 -37.29 7.34 25.44
N ASP B 56 -36.96 6.71 24.31
CA ASP B 56 -37.52 5.41 23.93
C ASP B 56 -36.78 4.31 24.67
N GLY B 57 -37.46 3.68 25.62
CA GLY B 57 -36.86 2.57 26.34
C GLY B 57 -36.73 1.30 25.52
N SER B 58 -37.55 1.16 24.47
CA SER B 58 -37.42 -0.01 23.60
C SER B 58 -36.09 -0.01 22.88
N SER B 59 -35.63 1.16 22.42
CA SER B 59 -34.38 1.27 21.71
C SER B 59 -33.16 1.15 22.61
N THR B 60 -33.35 1.21 23.93
CA THR B 60 -32.25 1.09 24.88
C THR B 60 -32.30 -0.19 25.69
N GLY B 61 -33.49 -0.71 25.99
CA GLY B 61 -33.63 -1.94 26.73
C GLY B 61 -34.12 -1.72 28.15
N GLN B 62 -34.98 -0.71 28.34
CA GLN B 62 -35.42 -0.33 29.66
C GLN B 62 -36.93 -0.23 29.81
N ALA B 63 -37.71 -0.49 28.77
CA ALA B 63 -39.15 -0.35 28.86
C ALA B 63 -39.82 -1.24 27.83
N PRO B 64 -41.04 -1.69 28.06
CA PRO B 64 -41.75 -2.51 27.07
C PRO B 64 -42.16 -1.70 25.86
N GLY B 65 -42.67 -2.42 24.86
CA GLY B 65 -43.06 -1.77 23.62
C GLY B 65 -44.27 -0.85 23.78
N GLU B 66 -45.24 -1.25 24.62
CA GLU B 66 -46.45 -0.46 24.78
C GLU B 66 -46.15 0.86 25.49
N ASP B 67 -45.23 0.84 26.45
CA ASP B 67 -44.81 2.05 27.18
C ASP B 67 -43.29 2.09 27.13
N SER B 68 -42.75 2.66 26.06
CA SER B 68 -41.31 2.81 25.92
C SER B 68 -40.81 4.15 26.43
N GLU B 69 -41.70 4.99 26.96
CA GLU B 69 -41.32 6.32 27.43
C GLU B 69 -40.65 6.22 28.80
N VAL B 70 -39.41 6.69 28.88
CA VAL B 70 -38.68 6.77 30.13
C VAL B 70 -38.32 8.22 30.36
N ILE B 71 -38.65 8.75 31.53
CA ILE B 71 -38.44 10.17 31.84
C ILE B 71 -37.04 10.37 32.38
N ILE B 72 -36.48 11.54 32.08
CA ILE B 72 -35.10 11.89 32.37
C ILE B 72 -35.09 13.13 33.25
N TYR B 73 -34.52 12.99 34.46
CA TYR B 73 -34.48 14.01 35.51
C TYR B 73 -33.07 14.57 35.63
N PRO B 74 -32.83 15.86 35.35
CA PRO B 74 -31.48 16.40 35.56
C PRO B 74 -31.10 16.38 37.04
N GLN B 75 -29.84 16.02 37.30
CA GLN B 75 -29.36 15.92 38.68
C GLN B 75 -28.07 16.68 38.95
N ALA B 76 -27.14 16.72 37.99
CA ALA B 76 -25.87 17.42 38.20
C ALA B 76 -25.48 18.16 36.94
N ILE B 77 -24.72 19.24 37.10
CA ILE B 77 -24.29 20.09 35.99
C ILE B 77 -22.78 20.25 36.05
N PHE B 78 -22.13 20.05 34.90
CA PHE B 78 -20.70 20.31 34.72
C PHE B 78 -20.52 21.11 33.44
N ARG B 79 -19.28 21.52 33.17
CA ARG B 79 -19.00 22.24 31.93
C ARG B 79 -18.77 21.26 30.78
N ASP B 80 -19.01 21.73 29.56
CA ASP B 80 -18.81 20.93 28.37
C ASP B 80 -17.37 21.09 27.91
N PRO B 81 -16.54 20.05 27.95
CA PRO B 81 -15.15 20.21 27.49
C PRO B 81 -15.00 20.23 25.98
N PHE B 82 -15.92 19.62 25.24
CA PHE B 82 -15.79 19.49 23.80
C PHE B 82 -16.41 20.64 23.04
N ARG B 83 -17.54 21.17 23.50
CA ARG B 83 -18.15 22.34 22.89
C ARG B 83 -17.68 23.63 23.54
N ARG B 84 -17.29 23.58 24.82
CA ARG B 84 -16.76 24.73 25.55
C ARG B 84 -17.72 25.91 25.53
N GLY B 85 -17.20 27.10 25.76
CA GLY B 85 -18.06 28.26 25.88
C GLY B 85 -18.93 28.17 27.12
N ASN B 86 -20.22 28.49 26.96
CA ASN B 86 -21.18 28.41 28.05
C ASN B 86 -21.98 27.11 28.03
N ASN B 87 -21.66 26.19 27.12
CA ASN B 87 -22.38 24.93 27.04
C ASN B 87 -22.02 24.02 28.22
N ILE B 88 -22.98 23.18 28.62
CA ILE B 88 -22.86 22.39 29.83
C ILE B 88 -23.17 20.93 29.55
N LEU B 89 -22.74 20.07 30.47
CA LEU B 89 -23.11 18.66 30.55
C LEU B 89 -24.05 18.47 31.72
N VAL B 90 -25.04 17.61 31.56
CA VAL B 90 -26.02 17.35 32.61
C VAL B 90 -26.07 15.86 32.87
N ILE B 91 -25.80 15.46 34.11
CA ILE B 91 -25.97 14.08 34.54
C ILE B 91 -27.38 13.92 35.07
N CYS B 92 -28.08 12.91 34.55
CA CYS B 92 -29.52 12.76 34.71
C CYS B 92 -29.88 11.43 35.35
N ASP B 93 -31.15 11.32 35.74
CA ASP B 93 -31.71 10.15 36.38
C ASP B 93 -32.94 9.70 35.62
N THR B 94 -33.17 8.39 35.58
CA THR B 94 -34.24 7.82 34.78
C THR B 94 -35.44 7.45 35.64
N TYR B 95 -36.64 7.72 35.13
CA TYR B 95 -37.87 7.48 35.86
C TYR B 95 -38.96 7.04 34.90
N THR B 96 -39.96 6.36 35.46
CA THR B 96 -41.14 5.99 34.71
C THR B 96 -42.07 7.18 34.54
N PRO B 97 -42.95 7.15 33.53
CA PRO B 97 -43.92 8.26 33.39
C PRO B 97 -44.78 8.48 34.62
N ALA B 98 -45.15 7.41 35.32
CA ALA B 98 -46.00 7.55 36.51
C ALA B 98 -45.27 8.31 37.61
N GLY B 99 -43.98 8.03 37.81
CA GLY B 99 -43.20 8.73 38.81
C GLY B 99 -42.28 7.84 39.61
N GLU B 100 -42.25 6.56 39.32
CA GLU B 100 -41.37 5.70 40.08
C GLU B 100 -40.11 5.37 39.29
N PRO B 101 -38.97 5.17 39.95
CA PRO B 101 -37.74 4.86 39.22
C PRO B 101 -37.81 3.51 38.54
N ILE B 102 -37.10 3.39 37.42
CA ILE B 102 -37.01 2.14 36.68
C ILE B 102 -36.03 1.22 37.43
N PRO B 103 -36.07 -0.09 37.21
CA PRO B 103 -35.16 -0.99 37.94
C PRO B 103 -33.68 -0.66 37.77
N THR B 104 -33.27 -0.19 36.58
CA THR B 104 -31.87 0.10 36.35
C THR B 104 -31.41 1.37 37.07
N ASN B 105 -32.35 2.17 37.57
CA ASN B 105 -32.00 3.35 38.35
C ASN B 105 -31.44 2.93 39.71
N LYS B 106 -30.28 3.48 40.06
CA LYS B 106 -29.65 3.20 41.34
C LYS B 106 -29.31 4.45 42.14
N ARG B 107 -29.45 5.64 41.58
CA ARG B 107 -29.16 6.87 42.31
C ARG B 107 -30.26 7.23 43.30
N HIS B 108 -31.47 6.72 43.11
CA HIS B 108 -32.57 7.06 44.02
C HIS B 108 -32.33 6.51 45.41
N ASP B 109 -31.92 5.24 45.51
CA ASP B 109 -31.67 4.63 46.81
C ASP B 109 -30.46 5.29 47.49
N ALA B 110 -29.42 5.60 46.72
CA ALA B 110 -28.26 6.28 47.30
C ALA B 110 -28.63 7.67 47.80
N ALA B 111 -29.46 8.40 47.04
CA ALA B 111 -29.90 9.71 47.48
C ALA B 111 -30.76 9.63 48.73
N LYS B 112 -31.60 8.59 48.83
CA LYS B 112 -32.35 8.38 50.06
C LYS B 112 -31.42 8.09 51.23
N VAL B 113 -30.38 7.28 51.00
CA VAL B 113 -29.43 6.97 52.06
C VAL B 113 -28.66 8.22 52.47
N PHE B 114 -28.14 8.96 51.50
CA PHE B 114 -27.29 10.11 51.77
C PHE B 114 -28.08 11.32 52.29
N SER B 115 -29.41 11.29 52.21
CA SER B 115 -30.24 12.35 52.78
C SER B 115 -30.70 12.03 54.19
N HIS B 116 -30.32 10.87 54.73
CA HIS B 116 -30.63 10.55 56.11
C HIS B 116 -29.93 11.54 57.03
N PRO B 117 -30.59 11.99 58.11
CA PRO B 117 -29.96 13.03 58.95
C PRO B 117 -28.63 12.61 59.54
N ASP B 118 -28.47 11.33 59.89
CA ASP B 118 -27.19 10.85 60.42
C ASP B 118 -26.10 10.95 59.36
N VAL B 119 -26.39 10.52 58.13
CA VAL B 119 -25.39 10.57 57.07
C VAL B 119 -25.09 12.02 56.70
N VAL B 120 -26.10 12.89 56.70
CA VAL B 120 -25.86 14.30 56.41
C VAL B 120 -24.97 14.92 57.48
N ALA B 121 -25.26 14.63 58.75
CA ALA B 121 -24.46 15.20 59.83
C ALA B 121 -23.02 14.68 59.81
N GLU B 122 -22.84 13.39 59.54
CA GLU B 122 -21.51 12.81 59.46
C GLU B 122 -20.95 13.08 58.07
N GLU B 123 -20.13 14.14 57.96
CA GLU B 123 -19.52 14.50 56.69
C GLU B 123 -18.74 13.33 56.12
N THR B 124 -19.19 12.81 54.98
CA THR B 124 -18.67 11.56 54.43
C THR B 124 -17.83 11.87 53.19
N TRP B 125 -16.60 11.37 53.16
CA TRP B 125 -15.66 11.63 52.08
C TRP B 125 -15.27 10.34 51.40
N TYR B 126 -15.50 10.27 50.09
CA TYR B 126 -15.12 9.13 49.27
C TYR B 126 -14.06 9.54 48.26
N GLY B 127 -13.18 8.60 47.95
CA GLY B 127 -12.25 8.77 46.85
C GLY B 127 -12.18 7.51 46.02
N ILE B 128 -12.59 7.58 44.76
CA ILE B 128 -12.69 6.41 43.92
C ILE B 128 -11.47 6.36 43.01
N GLU B 129 -11.01 5.17 42.67
CA GLU B 129 -9.92 5.01 41.73
C GLU B 129 -10.32 3.97 40.69
N GLN B 130 -10.38 4.41 39.42
CA GLN B 130 -10.92 3.64 38.32
C GLN B 130 -9.82 3.30 37.32
N GLU B 131 -9.66 2.01 37.04
CA GLU B 131 -8.66 1.53 36.10
C GLU B 131 -9.35 1.05 34.83
N TYR B 132 -8.77 1.39 33.67
CA TYR B 132 -9.37 1.07 32.39
C TYR B 132 -8.29 0.64 31.40
N THR B 133 -8.74 0.02 30.32
CA THR B 133 -7.86 -0.51 29.28
C THR B 133 -8.25 0.07 27.94
N LEU B 134 -7.26 0.45 27.14
CA LEU B 134 -7.50 0.96 25.80
C LEU B 134 -7.25 -0.15 24.79
N LEU B 135 -8.17 -0.31 23.85
CA LEU B 135 -8.16 -1.40 22.90
C LEU B 135 -8.28 -0.84 21.49
N GLN B 136 -7.74 -1.58 20.53
CA GLN B 136 -7.89 -1.20 19.14
C GLN B 136 -9.34 -1.40 18.70
N LYS B 137 -9.80 -0.54 17.79
CA LYS B 137 -11.23 -0.42 17.54
C LYS B 137 -11.84 -1.70 16.98
N ASP B 138 -11.14 -2.34 16.04
CA ASP B 138 -11.75 -3.45 15.30
C ASP B 138 -11.57 -4.79 15.98
N ILE B 139 -10.38 -5.08 16.51
CA ILE B 139 -10.01 -6.43 16.91
C ILE B 139 -10.00 -6.62 18.42
N GLN B 140 -10.26 -5.57 19.19
CA GLN B 140 -10.31 -5.65 20.66
C GLN B 140 -9.01 -6.22 21.23
N TRP B 141 -7.89 -5.79 20.67
CA TRP B 141 -6.57 -6.14 21.16
C TRP B 141 -5.92 -4.89 21.74
N PRO B 142 -5.32 -4.96 22.93
CA PRO B 142 -4.94 -3.73 23.65
C PRO B 142 -4.01 -2.84 22.84
N LEU B 143 -3.98 -1.57 23.24
CA LEU B 143 -3.20 -0.56 22.53
C LEU B 143 -1.71 -0.83 22.70
N GLY B 144 -0.98 -0.79 21.59
CA GLY B 144 0.44 -1.09 21.61
C GLY B 144 0.78 -2.56 21.60
N TRP B 145 -0.21 -3.44 21.56
CA TRP B 145 0.04 -4.86 21.41
C TRP B 145 0.07 -5.22 19.94
N PRO B 146 1.09 -5.95 19.47
CA PRO B 146 1.07 -6.43 18.08
C PRO B 146 -0.14 -7.33 17.85
N VAL B 147 -0.70 -7.24 16.63
CA VAL B 147 -1.87 -8.04 16.29
C VAL B 147 -1.48 -9.51 16.27
N GLY B 148 -2.24 -10.33 16.99
CA GLY B 148 -1.90 -11.73 17.12
C GLY B 148 -0.56 -11.97 17.78
N GLY B 149 -0.19 -11.13 18.73
CA GLY B 149 1.08 -11.26 19.41
C GLY B 149 0.99 -10.61 20.78
N PHE B 150 2.12 -10.60 21.47
CA PHE B 150 2.17 -10.08 22.82
C PHE B 150 3.32 -9.10 22.95
N PRO B 151 3.22 -8.15 23.88
CA PRO B 151 4.37 -7.28 24.16
C PRO B 151 5.36 -7.98 25.09
N GLY B 152 6.38 -7.26 25.54
CA GLY B 152 7.33 -7.81 26.46
C GLY B 152 6.71 -8.08 27.81
N PRO B 153 7.44 -8.77 28.69
CA PRO B 153 6.90 -9.08 30.01
C PRO B 153 6.66 -7.83 30.83
N GLN B 154 5.82 -7.97 31.86
CA GLN B 154 5.48 -6.84 32.71
C GLN B 154 6.70 -6.36 33.49
N GLY B 155 6.66 -5.08 33.88
CA GLY B 155 7.74 -4.48 34.62
C GLY B 155 8.22 -3.14 34.11
N PRO B 156 8.34 -2.96 32.79
CA PRO B 156 8.71 -1.65 32.26
C PRO B 156 7.56 -0.69 32.02
N TYR B 157 6.32 -1.15 32.05
CA TYR B 157 5.18 -0.32 31.67
C TYR B 157 4.59 0.45 32.83
N TYR B 158 4.81 0.01 34.07
CA TYR B 158 4.28 0.72 35.23
C TYR B 158 4.87 2.11 35.30
N CYS B 159 4.03 3.13 35.11
CA CYS B 159 4.47 4.53 35.16
C CYS B 159 5.61 4.81 34.19
N GLY B 160 5.55 4.20 33.01
CA GLY B 160 6.62 4.35 32.06
C GLY B 160 6.64 5.71 31.40
N VAL B 161 7.77 6.01 30.75
CA VAL B 161 7.94 7.29 30.06
C VAL B 161 8.32 7.14 28.60
N GLY B 162 8.93 6.06 28.17
CA GLY B 162 9.43 5.96 26.81
C GLY B 162 8.33 5.75 25.80
N ALA B 163 8.73 5.71 24.53
CA ALA B 163 7.78 5.50 23.44
C ALA B 163 7.33 4.05 23.37
N ASP B 164 8.06 3.13 23.96
CA ASP B 164 7.71 1.72 23.97
C ASP B 164 7.15 1.24 25.30
N LYS B 165 6.92 2.15 26.24
CA LYS B 165 6.43 1.80 27.57
C LYS B 165 5.08 2.40 27.89
N ALA B 166 4.85 3.67 27.59
CA ALA B 166 3.57 4.33 27.81
C ALA B 166 2.82 4.37 26.50
N PHE B 167 1.67 3.70 26.44
CA PHE B 167 0.87 3.60 25.23
C PHE B 167 -0.44 4.35 25.42
N GLY B 168 -0.74 5.25 24.50
CA GLY B 168 -1.93 6.07 24.59
C GLY B 168 -1.94 7.06 25.73
N ARG B 169 -0.81 7.76 25.95
CA ARG B 169 -0.79 8.80 26.97
C ARG B 169 -1.45 10.09 26.51
N ASP B 170 -1.61 10.28 25.20
CA ASP B 170 -2.32 11.45 24.72
C ASP B 170 -3.77 11.44 25.17
N ILE B 171 -4.41 10.27 25.09
CA ILE B 171 -5.79 10.14 25.55
C ILE B 171 -5.88 10.45 27.04
N VAL B 172 -4.90 9.98 27.82
CA VAL B 172 -4.93 10.19 29.25
C VAL B 172 -4.74 11.68 29.59
N ASP B 173 -3.82 12.36 28.91
CA ASP B 173 -3.62 13.78 29.15
C ASP B 173 -4.87 14.58 28.78
N ALA B 174 -5.45 14.28 27.61
CA ALA B 174 -6.64 14.99 27.19
C ALA B 174 -7.78 14.78 28.18
N HIS B 175 -7.99 13.53 28.62
CA HIS B 175 -9.04 13.25 29.58
C HIS B 175 -8.81 13.97 30.90
N TYR B 176 -7.56 13.97 31.37
CA TYR B 176 -7.29 14.56 32.68
C TYR B 176 -7.54 16.06 32.66
N LYS B 177 -7.07 16.74 31.61
CA LYS B 177 -7.32 18.17 31.50
C LYS B 177 -8.80 18.47 31.24
N ALA B 178 -9.49 17.63 30.47
CA ALA B 178 -10.91 17.85 30.22
C ALA B 178 -11.74 17.69 31.49
N CYS B 179 -11.42 16.69 32.31
CA CYS B 179 -12.13 16.51 33.57
C CYS B 179 -11.79 17.63 34.55
N LEU B 180 -10.55 18.12 34.53
CA LEU B 180 -10.21 19.25 35.39
C LEU B 180 -10.91 20.53 34.95
N TYR B 181 -11.12 20.71 33.64
CA TYR B 181 -11.83 21.88 33.14
C TYR B 181 -13.33 21.78 33.36
N ALA B 182 -13.90 20.58 33.28
CA ALA B 182 -15.34 20.42 33.47
C ALA B 182 -15.75 20.75 34.90
N GLY B 183 -14.96 20.33 35.88
CA GLY B 183 -15.30 20.57 37.27
C GLY B 183 -15.23 19.31 38.10
N ILE B 184 -14.67 18.25 37.53
CA ILE B 184 -14.50 16.98 38.25
C ILE B 184 -13.33 17.12 39.21
N ASN B 185 -13.43 16.48 40.37
CA ASN B 185 -12.34 16.46 41.35
C ASN B 185 -11.46 15.24 41.08
N ILE B 186 -10.60 15.38 40.07
CA ILE B 186 -9.67 14.32 39.70
C ILE B 186 -8.31 14.62 40.31
N SER B 187 -7.76 13.63 41.01
CA SER B 187 -6.62 13.83 41.91
C SER B 187 -5.41 12.98 41.55
N GLY B 188 -5.23 12.64 40.29
CA GLY B 188 -4.02 11.99 39.83
C GLY B 188 -4.27 10.88 38.83
N ILE B 189 -3.26 10.61 38.00
CA ILE B 189 -3.30 9.57 36.99
C ILE B 189 -1.94 8.88 36.96
N ASN B 190 -1.93 7.64 36.45
CA ASN B 190 -0.68 6.94 36.22
C ASN B 190 -0.94 5.75 35.29
N GLY B 191 0.15 5.17 34.81
CA GLY B 191 0.09 4.00 33.95
C GLY B 191 0.31 2.73 34.75
N GLU B 192 -0.58 1.76 34.56
CA GLU B 192 -0.55 0.53 35.32
C GLU B 192 0.43 -0.46 34.69
N VAL B 193 0.57 -1.63 35.33
CA VAL B 193 1.63 -2.55 34.96
C VAL B 193 1.45 -3.08 33.55
N MET B 194 0.22 -3.27 33.13
CA MET B 194 -0.06 -3.73 31.78
C MET B 194 0.19 -2.61 30.78
N PRO B 195 0.61 -2.94 29.56
CA PRO B 195 0.67 -1.91 28.52
C PRO B 195 -0.73 -1.51 28.06
N GLY B 196 -0.91 -0.21 27.86
CA GLY B 196 -2.19 0.31 27.43
C GLY B 196 -3.24 0.41 28.51
N GLN B 197 -2.91 0.09 29.74
CA GLN B 197 -3.85 0.17 30.86
C GLN B 197 -3.49 1.35 31.75
N TRP B 198 -4.49 2.16 32.09
CA TRP B 198 -4.29 3.38 32.87
C TRP B 198 -5.26 3.37 34.03
N GLU B 199 -5.15 4.38 34.92
CA GLU B 199 -6.16 4.52 35.96
C GLU B 199 -6.18 5.96 36.43
N PHE B 200 -7.36 6.44 36.80
CA PHE B 200 -7.54 7.81 37.27
C PHE B 200 -8.32 7.81 38.57
N GLN B 201 -7.97 8.75 39.45
CA GLN B 201 -8.57 8.86 40.78
C GLN B 201 -9.52 10.04 40.79
N VAL B 202 -10.79 9.79 41.11
CA VAL B 202 -11.75 10.85 41.41
C VAL B 202 -11.63 11.15 42.91
N GLY B 203 -11.27 12.38 43.23
CA GLY B 203 -10.82 12.73 44.55
C GLY B 203 -11.94 12.86 45.56
N PRO B 204 -11.63 13.50 46.70
CA PRO B 204 -12.58 13.51 47.81
C PRO B 204 -13.81 14.36 47.55
N SER B 205 -14.94 13.70 47.30
CA SER B 205 -16.22 14.36 47.07
C SER B 205 -17.21 13.88 48.11
N VAL B 206 -17.99 14.81 48.65
CA VAL B 206 -18.86 14.50 49.77
C VAL B 206 -20.15 13.86 49.27
N GLY B 207 -20.52 12.74 49.87
CA GLY B 207 -21.79 12.08 49.68
C GLY B 207 -22.07 11.69 48.24
N ILE B 208 -23.35 11.82 47.87
CA ILE B 208 -23.85 11.36 46.58
C ILE B 208 -23.09 12.03 45.44
N SER B 209 -22.60 13.25 45.66
CA SER B 209 -21.90 13.98 44.62
C SER B 209 -20.65 13.28 44.14
N ALA B 210 -20.13 12.31 44.91
CA ALA B 210 -19.05 11.49 44.40
C ALA B 210 -19.50 10.66 43.21
N GLY B 211 -20.61 9.91 43.38
CA GLY B 211 -21.03 8.98 42.35
C GLY B 211 -21.36 9.65 41.03
N ASP B 212 -21.92 10.86 41.08
CA ASP B 212 -22.18 11.60 39.86
C ASP B 212 -20.88 11.89 39.11
N GLU B 213 -19.86 12.37 39.84
CA GLU B 213 -18.65 12.84 39.19
C GLU B 213 -17.99 11.73 38.39
N VAL B 214 -17.88 10.55 39.00
CA VAL B 214 -17.30 9.40 38.30
C VAL B 214 -18.10 9.10 37.05
N TRP B 215 -19.44 9.11 37.16
CA TRP B 215 -20.26 8.82 36.00
C TRP B 215 -20.11 9.89 34.93
N ALA B 216 -19.72 11.11 35.32
CA ALA B 216 -19.35 12.10 34.32
C ALA B 216 -17.98 11.77 33.74
N ALA B 217 -17.02 11.45 34.60
CA ALA B 217 -15.65 11.23 34.16
C ALA B 217 -15.60 10.14 33.10
N ARG B 218 -16.19 8.99 33.40
CA ARG B 218 -16.25 7.90 32.43
C ARG B 218 -16.75 8.42 31.09
N TYR B 219 -17.85 9.17 31.12
CA TYR B 219 -18.43 9.69 29.89
C TYR B 219 -17.37 10.42 29.07
N ILE B 220 -16.68 11.38 29.70
CA ILE B 220 -15.67 12.16 28.99
C ILE B 220 -14.66 11.23 28.37
N LEU B 221 -14.16 10.27 29.15
CA LEU B 221 -13.17 9.33 28.64
C LEU B 221 -13.66 8.71 27.34
N GLU B 222 -14.89 8.17 27.36
CA GLU B 222 -15.40 7.47 26.19
C GLU B 222 -15.36 8.38 24.97
N ARG B 223 -15.85 9.62 25.11
CA ARG B 223 -15.92 10.50 23.96
C ARG B 223 -14.53 10.81 23.43
N ILE B 224 -13.57 10.97 24.33
CA ILE B 224 -12.20 11.24 23.87
C ILE B 224 -11.66 10.05 23.11
N THR B 225 -11.96 8.83 23.57
CA THR B 225 -11.54 7.66 22.81
C THR B 225 -12.20 7.67 21.43
N GLU B 226 -13.44 8.15 21.34
CA GLU B 226 -14.10 8.26 20.06
C GLU B 226 -13.35 9.19 19.11
N ILE B 227 -12.69 10.20 19.66
CA ILE B 227 -11.88 11.09 18.82
C ILE B 227 -10.64 10.35 18.31
N ALA B 228 -10.09 9.47 19.12
CA ALA B 228 -8.86 8.78 18.77
C ALA B 228 -9.09 7.47 18.01
N GLY B 229 -10.34 7.07 17.83
CA GLY B 229 -10.62 5.79 17.18
C GLY B 229 -10.18 4.61 18.01
N VAL B 230 -10.36 4.67 19.32
CA VAL B 230 -9.92 3.64 20.26
C VAL B 230 -11.12 3.27 21.12
N VAL B 231 -11.14 2.04 21.62
CA VAL B 231 -12.25 1.54 22.42
C VAL B 231 -11.80 1.45 23.87
N VAL B 232 -12.54 2.06 24.75
CA VAL B 232 -12.24 1.97 26.18
C VAL B 232 -12.95 0.75 26.74
N SER B 233 -12.33 0.12 27.74
CA SER B 233 -12.90 -1.07 28.36
C SER B 233 -12.66 -0.99 29.86
N PHE B 234 -13.75 -0.99 30.62
CA PHE B 234 -13.70 -1.07 32.07
C PHE B 234 -13.89 -2.49 32.58
N ASP B 235 -13.83 -3.48 31.68
CA ASP B 235 -13.97 -4.87 32.07
C ASP B 235 -12.83 -5.27 33.00
N PRO B 236 -13.11 -6.05 34.05
CA PRO B 236 -12.06 -6.31 35.06
C PRO B 236 -10.86 -7.07 34.52
N LYS B 237 -11.09 -8.16 33.77
CA LYS B 237 -10.01 -8.98 33.23
C LYS B 237 -10.25 -9.14 31.74
N PRO B 238 -9.74 -8.21 30.92
CA PRO B 238 -9.93 -8.32 29.47
C PRO B 238 -9.02 -9.36 28.84
N ILE B 239 -7.80 -9.48 29.35
CA ILE B 239 -6.79 -10.37 28.80
C ILE B 239 -6.40 -11.39 29.86
N GLN B 240 -6.49 -12.66 29.52
CA GLN B 240 -6.13 -13.74 30.43
C GLN B 240 -4.65 -14.10 30.28
N GLY B 241 -4.10 -14.65 31.34
CA GLY B 241 -2.69 -15.02 31.35
C GLY B 241 -1.93 -14.33 32.46
N ASP B 242 -0.62 -14.23 32.32
CA ASP B 242 0.20 -13.55 33.32
C ASP B 242 0.16 -12.04 33.10
N TRP B 243 -1.05 -11.49 33.02
CA TRP B 243 -1.28 -10.07 32.85
C TRP B 243 -2.25 -9.59 33.92
N ASN B 244 -1.88 -8.53 34.62
CA ASN B 244 -2.72 -8.04 35.72
C ASN B 244 -3.99 -7.41 35.19
N GLY B 245 -5.09 -7.61 35.92
CA GLY B 245 -6.38 -7.10 35.52
C GLY B 245 -6.59 -5.66 35.94
N ALA B 246 -7.78 -5.17 35.67
CA ALA B 246 -8.17 -3.79 35.94
C ALA B 246 -9.27 -3.80 36.99
N GLY B 247 -8.89 -3.55 38.24
CA GLY B 247 -9.84 -3.48 39.33
C GLY B 247 -9.80 -2.11 39.99
N ALA B 248 -10.97 -1.56 40.26
CA ALA B 248 -11.09 -0.26 40.89
C ALA B 248 -11.13 -0.41 42.41
N HIS B 249 -10.98 0.72 43.11
CA HIS B 249 -10.98 0.71 44.56
C HIS B 249 -11.66 1.97 45.08
N THR B 250 -11.92 1.97 46.40
CA THR B 250 -12.66 3.07 47.02
C THR B 250 -12.11 3.37 48.41
N ASN B 251 -11.58 4.58 48.60
CA ASN B 251 -11.18 5.07 49.91
C ASN B 251 -12.38 5.74 50.57
N TYR B 252 -12.54 5.49 51.87
CA TYR B 252 -13.72 5.96 52.59
C TYR B 252 -13.32 6.54 53.94
N SER B 253 -13.91 7.69 54.27
CA SER B 253 -13.68 8.33 55.55
C SER B 253 -14.94 9.03 56.00
N THR B 254 -15.08 9.22 57.31
CA THR B 254 -16.20 9.90 57.91
C THR B 254 -15.67 10.90 58.94
N LYS B 255 -16.46 11.93 59.23
CA LYS B 255 -16.02 12.97 60.17
C LYS B 255 -15.57 12.38 61.50
N SER B 256 -16.28 11.33 61.97
CA SER B 256 -15.85 10.66 63.19
C SER B 256 -14.48 10.00 63.01
N MET B 257 -14.19 9.52 61.80
CA MET B 257 -12.88 8.92 61.53
C MET B 257 -11.79 9.98 61.40
N ARG B 258 -12.15 11.23 61.14
CA ARG B 258 -11.19 12.31 60.95
C ARG B 258 -10.82 13.01 62.26
N ASN B 259 -11.35 12.54 63.39
CA ASN B 259 -11.04 13.11 64.69
C ASN B 259 -10.08 12.21 65.45
N ASP B 260 -9.45 12.78 66.48
CA ASP B 260 -8.48 12.04 67.28
C ASP B 260 -9.15 10.84 67.94
N GLY B 261 -8.40 9.73 67.98
CA GLY B 261 -8.95 8.49 68.48
C GLY B 261 -9.88 7.77 67.54
N GLY B 262 -9.89 8.14 66.25
CA GLY B 262 -10.77 7.53 65.28
C GLY B 262 -10.37 6.18 64.77
N TYR B 263 -9.21 5.66 65.21
CA TYR B 263 -8.80 4.33 64.78
C TYR B 263 -9.75 3.26 65.32
N GLU B 264 -10.28 3.46 66.52
CA GLU B 264 -11.28 2.52 67.04
C GLU B 264 -12.53 2.53 66.18
N VAL B 265 -12.97 3.71 65.75
CA VAL B 265 -14.13 3.80 64.86
C VAL B 265 -13.85 3.11 63.54
N ILE B 266 -12.65 3.31 62.99
CA ILE B 266 -12.28 2.65 61.75
C ILE B 266 -12.30 1.13 61.93
N LYS B 267 -11.77 0.65 63.05
CA LYS B 267 -11.78 -0.78 63.34
C LYS B 267 -13.20 -1.32 63.38
N THR B 268 -14.07 -0.66 64.16
CA THR B 268 -15.45 -1.12 64.29
C THR B 268 -16.16 -1.14 62.94
N ALA B 269 -15.96 -0.10 62.13
CA ALA B 269 -16.51 -0.11 60.78
C ALA B 269 -15.93 -1.25 59.96
N ILE B 270 -14.68 -1.63 60.22
CA ILE B 270 -14.08 -2.74 59.49
C ILE B 270 -14.78 -4.05 59.83
N GLU B 271 -15.04 -4.30 61.12
CA GLU B 271 -15.79 -5.53 61.43
C GLU B 271 -17.22 -5.45 60.89
N LYS B 272 -17.83 -4.27 60.92
CA LYS B 272 -19.19 -4.14 60.38
C LYS B 272 -19.22 -4.47 58.89
N LEU B 273 -18.23 -3.98 58.13
CA LEU B 273 -18.12 -4.33 56.72
C LEU B 273 -17.77 -5.81 56.55
N GLY B 274 -17.07 -6.39 57.50
CA GLY B 274 -16.87 -7.83 57.52
C GLY B 274 -18.16 -8.55 57.79
N LYS B 275 -18.13 -9.88 57.60
CA LYS B 275 -19.28 -10.78 57.71
C LYS B 275 -20.48 -10.28 56.90
N ARG B 276 -20.21 -9.39 55.94
CA ARG B 276 -21.15 -9.00 54.89
C ARG B 276 -20.53 -9.22 53.52
N HIS B 277 -19.51 -10.08 53.45
CA HIS B 277 -18.74 -10.24 52.22
C HIS B 277 -19.59 -10.78 51.08
N LYS B 278 -20.50 -11.71 51.38
CA LYS B 278 -21.29 -12.35 50.33
C LYS B 278 -22.15 -11.33 49.60
N GLU B 279 -22.94 -10.55 50.33
CA GLU B 279 -23.81 -9.57 49.70
C GLU B 279 -23.01 -8.49 48.99
N HIS B 280 -21.92 -8.03 49.61
CA HIS B 280 -21.11 -6.98 49.02
C HIS B 280 -20.48 -7.43 47.70
N ILE B 281 -19.89 -8.63 47.69
CA ILE B 281 -19.28 -9.15 46.47
C ILE B 281 -20.36 -9.41 45.41
N ALA B 282 -21.54 -9.85 45.83
CA ALA B 282 -22.63 -10.06 44.87
C ALA B 282 -23.05 -8.74 44.22
N ALA B 283 -23.11 -7.67 45.00
CA ALA B 283 -23.62 -6.39 44.51
C ALA B 283 -22.54 -5.47 43.94
N TYR B 284 -21.27 -5.86 44.01
CA TYR B 284 -20.19 -4.98 43.57
C TYR B 284 -19.62 -5.35 42.21
N GLY B 285 -20.35 -6.15 41.43
CA GLY B 285 -19.89 -6.41 40.05
C GLY B 285 -19.66 -7.89 39.81
N GLU B 286 -20.24 -8.39 38.73
CA GLU B 286 -20.01 -9.75 38.28
C GLU B 286 -18.91 -9.78 37.22
N GLY B 287 -18.31 -10.97 37.05
CA GLY B 287 -17.11 -11.08 36.27
C GLY B 287 -15.84 -10.76 37.04
N ASN B 288 -15.95 -10.54 38.34
CA ASN B 288 -14.81 -10.26 39.21
C ASN B 288 -14.12 -11.53 39.72
N GLU B 289 -14.67 -12.71 39.42
CA GLU B 289 -14.04 -13.95 39.84
C GLU B 289 -12.71 -14.15 39.12
N ARG B 290 -12.65 -13.78 37.84
CA ARG B 290 -11.41 -13.92 37.08
C ARG B 290 -10.32 -13.02 37.64
N ARG B 291 -10.68 -11.81 38.06
CA ARG B 291 -9.67 -10.87 38.56
C ARG B 291 -9.15 -11.28 39.93
N LEU B 292 -10.06 -11.66 40.84
CA LEU B 292 -9.69 -12.01 42.22
C LEU B 292 -9.60 -13.53 42.32
N THR B 293 -8.38 -14.05 42.33
CA THR B 293 -8.13 -15.49 42.43
C THR B 293 -7.32 -15.86 43.65
N GLY B 294 -6.24 -15.13 43.95
CA GLY B 294 -5.39 -15.45 45.08
C GLY B 294 -3.93 -15.45 44.72
N ARG B 295 -3.62 -15.07 43.48
CA ARG B 295 -2.23 -15.02 43.04
C ARG B 295 -1.46 -13.94 43.78
N HIS B 296 -0.16 -14.17 43.95
CA HIS B 296 0.75 -13.19 44.57
C HIS B 296 0.27 -12.79 45.97
N GLU B 297 -0.43 -13.71 46.64
CA GLU B 297 -1.02 -13.46 47.96
C GLU B 297 -1.91 -12.22 47.94
N THR B 298 -2.86 -12.20 47.00
CA THR B 298 -3.82 -11.12 46.88
C THR B 298 -5.16 -11.54 47.47
N ALA B 299 -6.17 -10.69 47.32
CA ALA B 299 -7.48 -10.98 47.86
C ALA B 299 -8.15 -12.12 47.10
N ASP B 300 -8.96 -12.90 47.82
CA ASP B 300 -9.74 -13.98 47.24
C ASP B 300 -11.22 -13.73 47.50
N ILE B 301 -12.06 -14.27 46.61
CA ILE B 301 -13.50 -14.10 46.76
C ILE B 301 -14.00 -14.74 48.04
N ASN B 302 -13.48 -15.93 48.36
CA ASN B 302 -13.92 -16.70 49.51
C ASN B 302 -13.11 -16.40 50.77
N THR B 303 -12.39 -15.28 50.80
CA THR B 303 -11.58 -14.90 51.95
C THR B 303 -11.68 -13.40 52.19
N PHE B 304 -11.86 -13.00 53.44
CA PHE B 304 -11.93 -11.61 53.84
C PHE B 304 -10.71 -11.27 54.70
N LEU B 305 -9.96 -10.26 54.29
CA LEU B 305 -8.73 -9.88 54.97
C LEU B 305 -8.73 -8.38 55.25
N TRP B 306 -8.14 -8.01 56.39
CA TRP B 306 -7.92 -6.62 56.73
C TRP B 306 -6.68 -6.53 57.61
N GLY B 307 -5.82 -5.59 57.31
CA GLY B 307 -4.56 -5.46 58.02
C GLY B 307 -3.97 -4.07 57.92
N VAL B 308 -2.65 -3.99 58.02
CA VAL B 308 -1.92 -2.73 58.02
C VAL B 308 -0.94 -2.64 56.86
N ALA B 309 -0.18 -3.71 56.63
CA ALA B 309 0.83 -3.72 55.58
C ALA B 309 0.62 -4.78 54.52
N ASN B 310 -0.32 -5.70 54.71
CA ASN B 310 -0.55 -6.78 53.75
C ASN B 310 -1.27 -6.19 52.53
N ARG B 311 -0.57 -6.14 51.39
CA ARG B 311 -1.17 -5.61 50.18
C ARG B 311 -2.27 -6.49 49.63
N GLY B 312 -2.31 -7.76 50.03
CA GLY B 312 -3.37 -8.66 49.63
C GLY B 312 -4.64 -8.56 50.43
N ALA B 313 -4.69 -7.67 51.41
CA ALA B 313 -5.87 -7.53 52.25
C ALA B 313 -7.04 -6.99 51.44
N SER B 314 -8.24 -7.48 51.75
CA SER B 314 -9.44 -6.97 51.09
C SER B 314 -9.70 -5.52 51.47
N VAL B 315 -9.46 -5.16 52.73
CA VAL B 315 -9.60 -3.77 53.20
C VAL B 315 -8.26 -3.37 53.82
N ARG B 316 -7.62 -2.37 53.25
CA ARG B 316 -6.29 -1.95 53.67
C ARG B 316 -6.37 -0.73 54.57
N VAL B 317 -5.42 -0.64 55.51
CA VAL B 317 -5.30 0.49 56.42
C VAL B 317 -3.85 0.96 56.38
N GLY B 318 -3.66 2.27 56.20
CA GLY B 318 -2.33 2.80 56.03
C GLY B 318 -1.53 2.87 57.31
N ARG B 319 -0.23 3.11 57.16
CA ARG B 319 0.64 3.28 58.33
C ARG B 319 0.39 4.62 58.99
N ASP B 320 0.21 5.68 58.19
CA ASP B 320 0.03 7.01 58.74
C ASP B 320 -1.25 7.13 59.56
N THR B 321 -2.33 6.52 59.07
CA THR B 321 -3.60 6.56 59.81
C THR B 321 -3.56 5.71 61.08
N GLU B 322 -2.60 4.80 61.20
CA GLU B 322 -2.41 4.08 62.45
C GLU B 322 -1.52 4.86 63.42
N LYS B 323 -0.48 5.52 62.89
CA LYS B 323 0.37 6.34 63.74
C LYS B 323 -0.40 7.52 64.33
N ALA B 324 -1.08 8.27 63.48
CA ALA B 324 -1.87 9.39 63.96
C ALA B 324 -3.18 8.95 64.59
N GLY B 325 -3.70 7.79 64.22
CA GLY B 325 -4.94 7.29 64.76
C GLY B 325 -6.20 7.80 64.10
N LYS B 326 -6.07 8.64 63.07
CA LYS B 326 -7.22 9.22 62.38
C LYS B 326 -6.97 9.22 60.89
N GLY B 327 -7.99 8.85 60.12
CA GLY B 327 -7.85 8.83 58.67
C GLY B 327 -8.97 8.03 58.03
N TYR B 328 -8.69 7.54 56.82
CA TYR B 328 -9.63 6.77 56.02
C TYR B 328 -9.17 5.33 55.94
N PHE B 329 -10.00 4.50 55.30
CA PHE B 329 -9.59 3.14 54.99
C PHE B 329 -10.00 2.79 53.57
N GLU B 330 -9.29 1.83 52.98
CA GLU B 330 -9.38 1.53 51.56
C GLU B 330 -10.06 0.18 51.34
N ASP B 331 -11.12 0.18 50.54
CA ASP B 331 -11.80 -1.03 50.11
C ASP B 331 -11.29 -1.40 48.73
N ARG B 332 -10.73 -2.60 48.61
CA ARG B 332 -10.08 -3.08 47.40
C ARG B 332 -10.90 -4.15 46.68
N ARG B 333 -12.14 -4.37 47.11
CA ARG B 333 -12.99 -5.44 46.61
C ARG B 333 -13.64 -5.15 45.26
N PRO B 334 -14.26 -3.99 45.03
CA PRO B 334 -15.01 -3.80 43.80
C PRO B 334 -14.13 -3.82 42.56
N ALA B 335 -14.76 -4.13 41.42
CA ALA B 335 -14.06 -4.20 40.16
C ALA B 335 -14.11 -2.85 39.45
N SER B 336 -13.49 -2.79 38.27
CA SER B 336 -13.45 -1.54 37.52
C SER B 336 -14.81 -1.15 36.95
N ASN B 337 -15.72 -2.11 36.80
CA ASN B 337 -17.03 -1.86 36.22
C ASN B 337 -18.11 -1.73 37.29
N MET B 338 -17.79 -1.15 38.44
CA MET B 338 -18.79 -0.99 39.49
C MET B 338 -19.83 0.05 39.08
N ASP B 339 -20.81 0.22 39.96
CA ASP B 339 -21.63 1.42 39.97
C ASP B 339 -21.27 2.23 41.20
N PRO B 340 -20.70 3.43 41.07
CA PRO B 340 -20.26 4.14 42.28
C PRO B 340 -21.38 4.43 43.26
N TYR B 341 -22.61 4.62 42.76
CA TYR B 341 -23.75 4.90 43.63
C TYR B 341 -23.95 3.77 44.64
N VAL B 342 -24.05 2.53 44.17
CA VAL B 342 -24.35 1.43 45.08
C VAL B 342 -23.18 1.19 46.02
N VAL B 343 -21.95 1.31 45.54
CA VAL B 343 -20.78 1.08 46.39
C VAL B 343 -20.76 2.10 47.54
N THR B 344 -20.88 3.38 47.21
CA THR B 344 -20.85 4.41 48.24
C THR B 344 -22.04 4.27 49.19
N SER B 345 -23.22 3.97 48.65
CA SER B 345 -24.41 3.86 49.48
C SER B 345 -24.31 2.68 50.44
N MET B 346 -23.84 1.53 49.96
CA MET B 346 -23.69 0.38 50.85
C MET B 346 -22.61 0.62 51.91
N ILE B 347 -21.51 1.29 51.54
CA ILE B 347 -20.50 1.58 52.55
C ILE B 347 -21.07 2.47 53.64
N ALA B 348 -21.78 3.52 53.25
CA ALA B 348 -22.39 4.40 54.24
C ALA B 348 -23.45 3.68 55.06
N ASP B 349 -24.23 2.80 54.43
CA ASP B 349 -25.30 2.09 55.12
C ASP B 349 -24.74 1.15 56.17
N THR B 350 -23.77 0.30 55.78
CA THR B 350 -23.19 -0.64 56.72
C THR B 350 -22.43 0.08 57.84
N THR B 351 -21.66 1.11 57.49
CA THR B 351 -20.79 1.74 58.47
C THR B 351 -21.59 2.58 59.48
N ILE B 352 -22.53 3.38 58.99
CA ILE B 352 -23.09 4.45 59.82
C ILE B 352 -24.38 4.05 60.50
N LEU B 353 -25.42 3.72 59.74
CA LEU B 353 -26.77 3.60 60.30
C LEU B 353 -27.18 2.18 60.62
N TRP B 354 -26.76 1.20 59.83
CA TRP B 354 -27.17 -0.18 60.08
C TRP B 354 -26.50 -0.71 61.34
N LYS B 355 -27.29 -1.31 62.22
CA LYS B 355 -26.79 -1.84 63.48
C LYS B 355 -26.99 -3.34 63.57
N LEU C 4 -8.02 15.37 20.21
CA LEU C 4 -7.06 15.23 21.30
C LEU C 4 -6.40 16.57 21.60
N SER C 5 -5.73 17.13 20.60
CA SER C 5 -5.16 18.46 20.75
C SER C 5 -6.28 19.50 20.83
N ASP C 6 -5.91 20.69 21.28
CA ASP C 6 -6.82 21.77 21.67
C ASP C 6 -7.50 21.41 22.99
N LEU C 7 -7.24 20.20 23.47
CA LEU C 7 -7.56 19.79 24.83
C LEU C 7 -6.32 19.51 25.66
N ILE C 8 -5.26 19.01 25.04
CA ILE C 8 -3.97 18.92 25.72
C ILE C 8 -3.41 20.32 25.95
N ASN C 9 -3.59 21.21 25.00
CA ASN C 9 -3.16 22.61 25.13
C ASN C 9 -4.29 23.48 25.68
N LEU C 10 -4.86 23.08 26.81
CA LEU C 10 -6.00 23.77 27.40
C LEU C 10 -5.51 24.60 28.58
N ASN C 11 -5.88 25.88 28.60
CA ASN C 11 -5.50 26.78 29.67
C ASN C 11 -6.50 26.64 30.81
N LEU C 12 -6.05 26.10 31.95
CA LEU C 12 -6.90 25.95 33.11
C LEU C 12 -6.87 27.16 34.03
N SER C 13 -5.99 28.13 33.78
CA SER C 13 -5.96 29.33 34.60
C SER C 13 -7.18 30.20 34.39
N ASP C 14 -7.85 30.07 33.24
CA ASP C 14 -9.08 30.82 33.01
C ASP C 14 -10.24 30.34 33.88
N THR C 15 -10.17 29.10 34.37
CA THR C 15 -11.30 28.47 35.04
C THR C 15 -11.03 28.10 36.49
N THR C 16 -9.89 27.49 36.79
CA THR C 16 -9.61 26.97 38.12
C THR C 16 -8.24 27.45 38.58
N GLU C 17 -7.99 27.29 39.87
CA GLU C 17 -6.72 27.67 40.48
C GLU C 17 -5.88 26.46 40.88
N LYS C 18 -6.30 25.25 40.51
CA LYS C 18 -5.53 24.05 40.84
C LYS C 18 -4.39 23.85 39.85
N VAL C 19 -3.35 23.17 40.30
CA VAL C 19 -2.11 23.02 39.55
C VAL C 19 -1.72 21.55 39.53
N ILE C 20 -1.37 21.04 38.35
CA ILE C 20 -0.93 19.65 38.22
C ILE C 20 0.58 19.60 38.45
N ALA C 21 1.01 18.72 39.35
CA ALA C 21 2.42 18.52 39.65
C ALA C 21 2.83 17.12 39.20
N GLU C 22 3.94 17.05 38.47
CA GLU C 22 4.42 15.80 37.90
C GLU C 22 5.60 15.31 38.72
N TYR C 23 5.47 14.11 39.29
CA TYR C 23 6.49 13.53 40.16
C TYR C 23 7.30 12.51 39.36
N ILE C 24 8.63 12.63 39.45
CA ILE C 24 9.57 11.81 38.68
C ILE C 24 10.57 11.19 39.65
N TRP C 25 10.81 9.89 39.52
CA TRP C 25 11.79 9.18 40.33
C TRP C 25 12.53 8.18 39.47
N ILE C 26 13.52 7.51 40.07
CA ILE C 26 14.41 6.60 39.37
C ILE C 26 14.08 5.17 39.79
N GLY C 27 13.87 4.30 38.81
CA GLY C 27 13.39 2.95 39.05
C GLY C 27 14.48 2.00 39.52
N GLY C 28 14.11 0.72 39.57
CA GLY C 28 14.99 -0.28 40.16
C GLY C 28 16.30 -0.47 39.42
N SER C 29 16.26 -0.36 38.09
CA SER C 29 17.47 -0.56 37.30
C SER C 29 18.51 0.53 37.50
N GLY C 30 18.14 1.65 38.13
CA GLY C 30 19.06 2.73 38.37
C GLY C 30 19.28 3.66 37.19
N MET C 31 18.62 3.43 36.06
CA MET C 31 18.79 4.27 34.89
C MET C 31 17.44 4.75 34.36
N ASP C 32 16.39 3.96 34.57
CA ASP C 32 15.08 4.30 34.02
C ASP C 32 14.37 5.29 34.93
N LEU C 33 13.42 6.02 34.35
CA LEU C 33 12.68 7.05 35.06
C LEU C 33 11.20 6.69 35.05
N ARG C 34 10.57 6.78 36.21
CA ARG C 34 9.13 6.61 36.36
C ARG C 34 8.53 7.92 36.80
N SER C 35 7.25 8.13 36.47
CA SER C 35 6.64 9.42 36.81
C SER C 35 5.14 9.32 36.71
N LYS C 36 4.46 10.11 37.55
CA LYS C 36 3.01 10.24 37.47
C LYS C 36 2.61 11.66 37.84
N ALA C 37 1.31 11.90 38.00
CA ALA C 37 0.78 13.24 38.15
C ALA C 37 -0.13 13.35 39.36
N ARG C 38 -0.20 14.57 39.91
CA ARG C 38 -1.01 14.87 41.09
C ARG C 38 -1.69 16.22 40.86
N THR C 39 -2.82 16.42 41.53
CA THR C 39 -3.51 17.71 41.52
C THR C 39 -3.33 18.39 42.87
N LEU C 40 -2.97 19.68 42.84
CA LEU C 40 -2.64 20.49 43.99
C LEU C 40 -3.55 21.71 44.05
N PRO C 41 -3.87 22.19 45.25
CA PRO C 41 -4.81 23.33 45.36
C PRO C 41 -4.36 24.60 44.66
N GLY C 42 -3.06 24.91 44.70
CA GLY C 42 -2.58 26.15 44.15
C GLY C 42 -1.11 26.15 43.81
N PRO C 43 -0.61 27.27 43.31
CA PRO C 43 0.79 27.35 42.90
C PRO C 43 1.74 27.20 44.08
N VAL C 44 2.90 26.63 43.81
CA VAL C 44 3.95 26.44 44.82
C VAL C 44 5.30 26.42 44.12
N SER C 45 6.29 27.03 44.77
CA SER C 45 7.64 27.07 44.24
C SER C 45 8.70 26.51 45.18
N ASP C 46 8.35 26.16 46.42
CA ASP C 46 9.29 25.63 47.39
C ASP C 46 9.13 24.13 47.47
N PRO C 47 10.17 23.34 47.18
CA PRO C 47 10.03 21.88 47.27
C PRO C 47 9.65 21.37 48.65
N SER C 48 10.01 22.11 49.71
CA SER C 48 9.66 21.69 51.06
C SER C 48 8.19 21.87 51.38
N LYS C 49 7.43 22.54 50.51
CA LYS C 49 6.00 22.74 50.71
C LYS C 49 5.14 21.75 49.93
N LEU C 50 5.76 20.75 49.30
CA LEU C 50 5.06 19.72 48.53
C LEU C 50 4.90 18.45 49.35
N PRO C 51 3.75 17.78 49.24
CA PRO C 51 3.54 16.56 50.02
C PRO C 51 4.35 15.39 49.47
N LYS C 52 4.41 14.33 50.28
CA LYS C 52 5.10 13.12 49.89
C LYS C 52 4.17 12.15 49.16
N TRP C 53 4.76 11.16 48.52
CA TRP C 53 4.02 10.01 47.97
C TRP C 53 4.57 8.68 48.46
N ASN C 54 3.92 7.63 47.94
CA ASN C 54 4.38 6.27 48.02
C ASN C 54 3.99 5.58 46.72
N TYR C 55 4.69 4.50 46.40
CA TYR C 55 4.36 3.74 45.21
C TYR C 55 4.74 2.28 45.42
N ASP C 56 4.22 1.44 44.53
CA ASP C 56 4.35 -0.01 44.62
C ASP C 56 5.73 -0.41 44.11
N GLY C 57 6.60 -0.82 45.04
CA GLY C 57 7.95 -1.21 44.65
C GLY C 57 8.01 -2.55 43.94
N SER C 58 7.00 -3.40 44.13
CA SER C 58 6.97 -4.67 43.42
C SER C 58 6.84 -4.47 41.92
N SER C 59 6.04 -3.49 41.51
CA SER C 59 5.84 -3.23 40.09
C SER C 59 7.03 -2.53 39.45
N THR C 60 7.98 -2.03 40.23
CA THR C 60 9.16 -1.37 39.71
C THR C 60 10.44 -2.17 39.90
N GLY C 61 10.52 -2.98 40.96
CA GLY C 61 11.70 -3.77 41.21
C GLY C 61 12.57 -3.16 42.31
N GLN C 62 11.93 -2.57 43.32
CA GLN C 62 12.65 -1.85 44.36
C GLN C 62 12.31 -2.27 45.77
N ALA C 63 11.26 -3.08 45.98
CA ALA C 63 10.87 -3.46 47.33
C ALA C 63 10.32 -4.87 47.31
N PRO C 64 10.39 -5.60 48.43
CA PRO C 64 9.84 -6.95 48.47
C PRO C 64 8.32 -6.93 48.41
N GLY C 65 7.75 -8.14 48.26
CA GLY C 65 6.31 -8.26 48.14
C GLY C 65 5.58 -7.89 49.41
N GLU C 66 6.14 -8.25 50.58
CA GLU C 66 5.46 -7.97 51.83
C GLU C 66 5.42 -6.48 52.15
N ASP C 67 6.48 -5.75 51.79
CA ASP C 67 6.54 -4.31 51.98
C ASP C 67 6.98 -3.71 50.64
N SER C 68 6.00 -3.47 49.77
CA SER C 68 6.27 -2.88 48.46
C SER C 68 6.11 -1.38 48.45
N GLU C 69 5.81 -0.76 49.59
CA GLU C 69 5.61 0.67 49.67
C GLU C 69 6.96 1.37 49.68
N VAL C 70 7.18 2.26 48.72
CA VAL C 70 8.38 3.09 48.67
C VAL C 70 7.94 4.55 48.70
N ILE C 71 8.51 5.31 49.62
CA ILE C 71 8.09 6.70 49.84
C ILE C 71 8.88 7.61 48.90
N ILE C 72 8.23 8.69 48.48
CA ILE C 72 8.73 9.60 47.47
C ILE C 72 8.80 10.99 48.09
N TYR C 73 10.02 11.55 48.12
CA TYR C 73 10.35 12.84 48.74
C TYR C 73 10.62 13.89 47.66
N PRO C 74 9.82 14.95 47.54
CA PRO C 74 10.13 15.99 46.55
C PRO C 74 11.44 16.70 46.88
N GLN C 75 12.24 16.96 45.84
CA GLN C 75 13.54 17.59 46.05
C GLN C 75 13.78 18.81 45.18
N ALA C 76 13.30 18.81 43.93
CA ALA C 76 13.51 19.95 43.04
C ALA C 76 12.25 20.24 42.25
N ILE C 77 12.08 21.51 41.85
CA ILE C 77 10.90 21.95 41.11
C ILE C 77 11.35 22.67 39.85
N PHE C 78 10.75 22.31 38.72
CA PHE C 78 10.93 22.98 37.44
C PHE C 78 9.55 23.25 36.85
N ARG C 79 9.51 23.97 35.72
CA ARG C 79 8.25 24.21 35.04
C ARG C 79 7.93 23.05 34.11
N ASP C 80 6.63 22.76 33.98
CA ASP C 80 6.19 21.72 33.06
C ASP C 80 6.13 22.28 31.64
N PRO C 81 6.90 21.74 30.70
CA PRO C 81 6.86 22.25 29.32
C PRO C 81 5.80 21.62 28.44
N PHE C 82 5.17 20.52 28.88
CA PHE C 82 4.16 19.85 28.07
C PHE C 82 2.75 20.31 28.41
N ARG C 83 2.48 20.56 29.69
CA ARG C 83 1.19 21.12 30.10
C ARG C 83 1.23 22.63 30.22
N ARG C 84 2.41 23.20 30.46
CA ARG C 84 2.60 24.65 30.54
C ARG C 84 1.70 25.28 31.60
N GLY C 85 1.43 26.57 31.47
CA GLY C 85 0.65 27.25 32.48
C GLY C 85 1.41 27.31 33.80
N ASN C 86 0.69 27.03 34.89
CA ASN C 86 1.30 27.01 36.22
C ASN C 86 1.65 25.60 36.68
N ASN C 87 1.50 24.59 35.82
CA ASN C 87 1.84 23.23 36.19
C ASN C 87 3.36 23.06 36.25
N ILE C 88 3.81 22.17 37.14
CA ILE C 88 5.23 22.04 37.45
C ILE C 88 5.66 20.59 37.35
N LEU C 89 6.98 20.41 37.23
CA LEU C 89 7.65 19.11 37.33
C LEU C 89 8.39 19.04 38.66
N VAL C 90 8.36 17.88 39.30
CA VAL C 90 9.02 17.70 40.59
C VAL C 90 9.96 16.51 40.48
N ILE C 91 11.24 16.74 40.76
CA ILE C 91 12.23 15.68 40.86
C ILE C 91 12.29 15.23 42.32
N CYS C 92 12.18 13.92 42.52
CA CYS C 92 11.92 13.34 43.83
C CYS C 92 13.01 12.32 44.19
N ASP C 93 12.96 11.91 45.46
CA ASP C 93 13.90 10.97 46.05
C ASP C 93 13.12 9.83 46.68
N THR C 94 13.69 8.63 46.64
CA THR C 94 13.00 7.44 47.10
C THR C 94 13.50 7.01 48.48
N TYR C 95 12.57 6.60 49.34
CA TYR C 95 12.89 6.23 50.71
C TYR C 95 12.00 5.08 51.15
N THR C 96 12.46 4.35 52.16
CA THR C 96 11.68 3.31 52.79
C THR C 96 10.63 3.91 53.72
N PRO C 97 9.57 3.17 54.03
CA PRO C 97 8.58 3.70 54.99
C PRO C 97 9.17 4.05 56.34
N ALA C 98 10.16 3.27 56.81
CA ALA C 98 10.76 3.56 58.11
C ALA C 98 11.50 4.89 58.11
N GLY C 99 12.21 5.19 57.02
CA GLY C 99 12.92 6.46 56.92
C GLY C 99 14.30 6.36 56.32
N GLU C 100 14.73 5.17 55.97
CA GLU C 100 16.06 5.06 55.40
C GLU C 100 15.98 4.95 53.88
N PRO C 101 16.98 5.45 53.16
CA PRO C 101 16.94 5.36 51.70
C PRO C 101 17.05 3.93 51.21
N ILE C 102 16.45 3.67 50.05
CA ILE C 102 16.53 2.36 49.41
C ILE C 102 17.90 2.24 48.75
N PRO C 103 18.37 1.02 48.45
CA PRO C 103 19.71 0.89 47.84
C PRO C 103 19.87 1.64 46.53
N THR C 104 18.82 1.72 45.71
CA THR C 104 18.92 2.40 44.43
C THR C 104 19.00 3.92 44.58
N ASN C 105 18.71 4.44 45.77
CA ASN C 105 18.85 5.87 46.02
C ASN C 105 20.32 6.25 46.07
N LYS C 106 20.69 7.28 45.31
CA LYS C 106 22.06 7.78 45.29
C LYS C 106 22.17 9.27 45.56
N ARG C 107 21.06 10.01 45.61
CA ARG C 107 21.10 11.43 45.90
C ARG C 107 21.37 11.72 47.37
N HIS C 108 21.07 10.77 48.25
CA HIS C 108 21.26 11.01 49.69
C HIS C 108 22.74 11.17 50.02
N ASP C 109 23.58 10.28 49.50
CA ASP C 109 25.02 10.37 49.78
C ASP C 109 25.62 11.61 49.15
N ALA C 110 25.20 11.96 47.93
CA ALA C 110 25.72 13.17 47.30
C ALA C 110 25.30 14.42 48.05
N ALA C 111 24.06 14.45 48.54
CA ALA C 111 23.61 15.59 49.33
C ALA C 111 24.35 15.68 50.66
N LYS C 112 24.66 14.54 51.25
CA LYS C 112 25.50 14.54 52.45
C LYS C 112 26.89 15.09 52.15
N VAL C 113 27.47 14.69 51.02
CA VAL C 113 28.78 15.19 50.63
C VAL C 113 28.73 16.70 50.36
N PHE C 114 27.74 17.14 49.60
CA PHE C 114 27.65 18.54 49.20
C PHE C 114 27.20 19.45 50.35
N SER C 115 26.73 18.90 51.46
CA SER C 115 26.38 19.69 52.63
C SER C 115 27.54 19.85 53.59
N HIS C 116 28.68 19.24 53.30
CA HIS C 116 29.86 19.44 54.13
C HIS C 116 30.29 20.90 54.06
N PRO C 117 30.71 21.50 55.19
CA PRO C 117 31.04 22.94 55.16
C PRO C 117 32.14 23.29 54.18
N ASP C 118 33.13 22.41 54.01
CA ASP C 118 34.19 22.66 53.04
C ASP C 118 33.64 22.69 51.62
N VAL C 119 32.83 21.70 51.26
CA VAL C 119 32.23 21.66 49.93
C VAL C 119 31.24 22.80 49.76
N VAL C 120 30.51 23.16 50.83
CA VAL C 120 29.58 24.27 50.75
C VAL C 120 30.31 25.57 50.45
N ALA C 121 31.43 25.81 51.13
CA ALA C 121 32.17 27.06 50.95
C ALA C 121 33.08 27.05 49.74
N GLU C 122 33.32 25.89 49.13
CA GLU C 122 34.20 25.83 47.96
C GLU C 122 33.51 26.24 46.67
N GLU C 123 32.19 26.39 46.66
CA GLU C 123 31.44 26.88 45.51
C GLU C 123 31.75 26.06 44.26
N THR C 124 31.41 24.78 44.32
CA THR C 124 31.79 23.85 43.26
C THR C 124 30.92 24.03 42.03
N TRP C 125 31.55 24.02 40.85
CA TRP C 125 30.85 24.21 39.58
C TRP C 125 31.06 22.99 38.68
N TYR C 126 29.96 22.43 38.18
CA TYR C 126 30.00 21.29 37.28
C TYR C 126 29.35 21.63 35.95
N GLY C 127 29.83 20.98 34.89
CA GLY C 127 29.17 20.97 33.61
C GLY C 127 29.13 19.56 33.07
N ILE C 128 28.02 19.14 32.47
CA ILE C 128 27.86 17.75 32.07
C ILE C 128 27.59 17.71 30.56
N GLU C 129 28.18 16.73 29.89
CA GLU C 129 28.05 16.57 28.44
C GLU C 129 27.42 15.21 28.19
N GLN C 130 26.14 15.19 27.81
CA GLN C 130 25.36 13.97 27.67
C GLN C 130 25.10 13.71 26.19
N GLU C 131 25.54 12.55 25.71
CA GLU C 131 25.34 12.14 24.33
C GLU C 131 24.36 10.97 24.26
N TYR C 132 23.45 11.02 23.29
CA TYR C 132 22.40 10.02 23.17
C TYR C 132 22.19 9.67 21.71
N THR C 133 21.49 8.55 21.49
CA THR C 133 21.22 8.04 20.15
C THR C 133 19.72 7.85 19.98
N LEU C 134 19.21 8.22 18.81
CA LEU C 134 17.80 8.04 18.49
C LEU C 134 17.64 6.81 17.62
N LEU C 135 16.67 5.96 17.97
CA LEU C 135 16.46 4.68 17.33
C LEU C 135 15.01 4.56 16.90
N GLN C 136 14.78 3.75 15.87
CA GLN C 136 13.43 3.48 15.44
C GLN C 136 12.72 2.60 16.45
N LYS C 137 11.39 2.79 16.55
CA LYS C 137 10.66 2.28 17.71
C LYS C 137 10.70 0.75 17.79
N ASP C 138 10.53 0.07 16.67
CA ASP C 138 10.34 -1.38 16.71
C ASP C 138 11.64 -2.16 16.59
N ILE C 139 12.51 -1.75 15.67
CA ILE C 139 13.65 -2.59 15.28
C ILE C 139 14.95 -2.16 15.93
N GLN C 140 14.95 -1.07 16.70
CA GLN C 140 16.14 -0.58 17.41
C GLN C 140 17.30 -0.33 16.45
N TRP C 141 16.98 0.21 15.29
CA TRP C 141 17.97 0.64 14.31
C TRP C 141 18.00 2.16 14.25
N PRO C 142 19.18 2.77 14.26
CA PRO C 142 19.27 4.23 14.46
C PRO C 142 18.48 5.01 13.44
N LEU C 143 18.12 6.23 13.83
CA LEU C 143 17.29 7.08 12.99
C LEU C 143 18.05 7.47 11.73
N GLY C 144 17.37 7.37 10.58
CA GLY C 144 18.00 7.65 9.31
C GLY C 144 18.84 6.52 8.75
N TRP C 145 18.91 5.39 9.43
CA TRP C 145 19.60 4.22 8.90
C TRP C 145 18.61 3.35 8.14
N PRO C 146 18.94 2.92 6.92
CA PRO C 146 18.07 1.96 6.22
C PRO C 146 17.95 0.67 7.03
N VAL C 147 16.78 0.07 6.97
CA VAL C 147 16.54 -1.17 7.71
C VAL C 147 17.40 -2.28 7.09
N GLY C 148 18.16 -2.96 7.93
CA GLY C 148 19.08 -3.97 7.45
C GLY C 148 20.15 -3.42 6.53
N GLY C 149 20.61 -2.20 6.78
CA GLY C 149 21.61 -1.56 5.96
C GLY C 149 22.35 -0.53 6.77
N PHE C 150 23.25 0.18 6.11
CA PHE C 150 24.07 1.17 6.78
C PHE C 150 24.05 2.47 6.00
N PRO C 151 24.28 3.59 6.68
CA PRO C 151 24.44 4.86 5.96
C PRO C 151 25.84 5.00 5.40
N GLY C 152 26.15 6.16 4.83
CA GLY C 152 27.48 6.41 4.32
C GLY C 152 28.50 6.47 5.44
N PRO C 153 29.78 6.49 5.08
CA PRO C 153 30.84 6.54 6.10
C PRO C 153 30.78 7.84 6.90
N GLN C 154 31.41 7.80 8.07
CA GLN C 154 31.42 8.96 8.95
C GLN C 154 32.17 10.12 8.33
N GLY C 155 31.82 11.33 8.77
CA GLY C 155 32.46 12.53 8.27
C GLY C 155 31.52 13.64 7.85
N PRO C 156 30.41 13.32 7.17
CA PRO C 156 29.44 14.36 6.82
C PRO C 156 28.39 14.65 7.90
N TYR C 157 28.26 13.81 8.91
CA TYR C 157 27.17 13.94 9.87
C TYR C 157 27.51 14.83 11.06
N TYR C 158 28.80 15.01 11.37
CA TYR C 158 29.19 15.87 12.47
C TYR C 158 28.74 17.29 12.23
N CYS C 159 27.80 17.77 13.03
CA CYS C 159 27.28 19.13 12.93
C CYS C 159 26.74 19.42 11.53
N GLY C 160 26.07 18.43 10.93
CA GLY C 160 25.59 18.59 9.59
C GLY C 160 24.36 19.49 9.50
N VAL C 161 24.06 19.92 8.28
CA VAL C 161 22.91 20.80 8.04
C VAL C 161 21.94 20.25 7.01
N GLY C 162 22.35 19.38 6.09
CA GLY C 162 21.46 18.96 5.03
C GLY C 162 20.41 17.98 5.49
N ALA C 163 19.53 17.60 4.56
CA ALA C 163 18.48 16.65 4.86
C ALA C 163 19.00 15.23 5.00
N ASP C 164 20.19 14.94 4.46
CA ASP C 164 20.78 13.63 4.53
C ASP C 164 21.91 13.55 5.56
N LYS C 165 22.09 14.57 6.38
CA LYS C 165 23.18 14.61 7.34
C LYS C 165 22.71 14.76 8.78
N ALA C 166 21.70 15.57 9.04
CA ALA C 166 21.12 15.69 10.37
C ALA C 166 19.81 14.90 10.41
N PHE C 167 19.76 13.89 11.28
CA PHE C 167 18.64 12.95 11.33
C PHE C 167 17.95 13.07 12.68
N GLY C 168 16.94 13.93 12.74
CA GLY C 168 16.18 14.09 13.95
C GLY C 168 16.45 15.39 14.68
N ARG C 169 16.67 16.47 13.93
CA ARG C 169 16.92 17.76 14.56
C ARG C 169 15.65 18.40 15.12
N ASP C 170 14.48 17.92 14.69
CA ASP C 170 13.23 18.41 15.28
C ASP C 170 13.15 18.05 16.75
N ILE C 171 13.50 16.80 17.09
CA ILE C 171 13.50 16.37 18.48
C ILE C 171 14.50 17.17 19.29
N VAL C 172 15.67 17.45 18.70
CA VAL C 172 16.70 18.20 19.41
C VAL C 172 16.26 19.63 19.67
N ASP C 173 15.66 20.28 18.67
CA ASP C 173 15.16 21.64 18.86
C ASP C 173 14.07 21.70 19.92
N ALA C 174 13.12 20.76 19.85
CA ALA C 174 12.04 20.73 20.83
C ALA C 174 12.59 20.53 22.23
N HIS C 175 13.54 19.60 22.40
CA HIS C 175 14.12 19.35 23.71
C HIS C 175 14.89 20.56 24.22
N TYR C 176 15.64 21.22 23.33
CA TYR C 176 16.44 22.36 23.76
C TYR C 176 15.54 23.49 24.26
N LYS C 177 14.49 23.80 23.51
CA LYS C 177 13.58 24.88 23.93
C LYS C 177 12.76 24.47 25.15
N ALA C 178 12.39 23.19 25.26
CA ALA C 178 11.63 22.74 26.43
C ALA C 178 12.48 22.81 27.69
N CYS C 179 13.75 22.41 27.60
CA CYS C 179 14.62 22.50 28.77
C CYS C 179 14.94 23.95 29.11
N LEU C 180 15.07 24.82 28.11
CA LEU C 180 15.31 26.22 28.40
C LEU C 180 14.08 26.88 29.03
N TYR C 181 12.88 26.44 28.65
CA TYR C 181 11.66 26.97 29.24
C TYR C 181 11.41 26.41 30.64
N ALA C 182 11.78 25.15 30.88
CA ALA C 182 11.57 24.56 32.20
C ALA C 182 12.41 25.24 33.27
N GLY C 183 13.65 25.56 32.95
CA GLY C 183 14.55 26.17 33.91
C GLY C 183 15.87 25.45 34.03
N ILE C 184 16.16 24.58 33.08
CA ILE C 184 17.43 23.86 33.05
C ILE C 184 18.50 24.77 32.46
N ASN C 185 19.72 24.69 33.01
CA ASN C 185 20.85 25.42 32.47
C ASN C 185 21.50 24.59 31.38
N ILE C 186 20.92 24.64 30.19
CA ILE C 186 21.44 23.93 29.02
C ILE C 186 22.22 24.92 28.16
N SER C 187 23.46 24.56 27.82
CA SER C 187 24.43 25.49 27.26
C SER C 187 24.96 25.05 25.90
N GLY C 188 24.14 24.37 25.12
CA GLY C 188 24.49 24.08 23.75
C GLY C 188 24.13 22.67 23.31
N ILE C 189 23.98 22.50 22.00
CA ILE C 189 23.69 21.21 21.39
C ILE C 189 24.50 21.12 20.10
N ASN C 190 24.67 19.90 19.61
CA ASN C 190 25.32 19.68 18.32
C ASN C 190 25.03 18.26 17.86
N GLY C 191 25.34 17.99 16.60
CA GLY C 191 25.21 16.66 16.03
C GLY C 191 26.56 15.97 16.02
N GLU C 192 26.57 14.72 16.50
CA GLU C 192 27.80 13.98 16.65
C GLU C 192 28.15 13.26 15.34
N VAL C 193 29.28 12.55 15.35
CA VAL C 193 29.83 11.99 14.12
C VAL C 193 28.91 10.93 13.54
N MET C 194 28.26 10.16 14.38
CA MET C 194 27.33 9.15 13.92
C MET C 194 26.03 9.81 13.46
N PRO C 195 25.36 9.24 12.46
CA PRO C 195 24.01 9.73 12.12
C PRO C 195 23.01 9.37 13.20
N GLY C 196 22.12 10.31 13.49
CA GLY C 196 21.10 10.10 14.49
C GLY C 196 21.56 10.20 15.92
N GLN C 197 22.82 10.55 16.15
CA GLN C 197 23.37 10.68 17.49
C GLN C 197 23.60 12.15 17.79
N TRP C 198 23.16 12.59 18.97
CA TRP C 198 23.25 14.00 19.34
C TRP C 198 23.88 14.12 20.72
N GLU C 199 24.11 15.37 21.12
CA GLU C 199 24.72 15.67 22.41
C GLU C 199 24.16 16.99 22.92
N PHE C 200 23.97 17.08 24.24
CA PHE C 200 23.59 18.34 24.87
C PHE C 200 24.39 18.53 26.15
N GLN C 201 24.67 19.79 26.47
CA GLN C 201 25.47 20.17 27.62
C GLN C 201 24.57 20.80 28.68
N VAL C 202 24.59 20.26 29.88
CA VAL C 202 23.98 20.91 31.04
C VAL C 202 25.04 21.80 31.66
N GLY C 203 24.75 23.10 31.71
CA GLY C 203 25.74 24.11 31.99
C GLY C 203 26.14 24.20 33.44
N PRO C 204 26.81 25.29 33.81
CA PRO C 204 27.41 25.38 35.14
C PRO C 204 26.38 25.52 36.25
N SER C 205 26.19 24.44 37.00
CA SER C 205 25.26 24.40 38.11
C SER C 205 26.03 24.03 39.38
N VAL C 206 25.74 24.72 40.47
CA VAL C 206 26.52 24.58 41.69
C VAL C 206 26.03 23.37 42.48
N GLY C 207 26.97 22.50 42.84
CA GLY C 207 26.68 21.43 43.79
C GLY C 207 25.64 20.45 43.30
N ILE C 208 24.85 19.94 44.26
CA ILE C 208 23.89 18.86 43.98
C ILE C 208 22.89 19.28 42.91
N SER C 209 22.63 20.58 42.78
CA SER C 209 21.65 21.06 41.81
C SER C 209 22.05 20.71 40.38
N ALA C 210 23.32 20.37 40.15
CA ALA C 210 23.67 19.86 38.82
C ALA C 210 22.99 18.53 38.56
N GLY C 211 23.15 17.57 39.47
CA GLY C 211 22.67 16.22 39.23
C GLY C 211 21.17 16.16 39.04
N ASP C 212 20.42 17.01 39.76
CA ASP C 212 18.97 17.08 39.55
C ASP C 212 18.65 17.50 38.13
N GLU C 213 19.31 18.57 37.65
CA GLU C 213 18.93 19.16 36.37
C GLU C 213 19.07 18.16 35.25
N VAL C 214 20.20 17.43 35.22
CA VAL C 214 20.40 16.41 34.21
C VAL C 214 19.29 15.37 34.27
N TRP C 215 18.95 14.92 35.49
CA TRP C 215 17.90 13.93 35.63
C TRP C 215 16.55 14.48 35.18
N ALA C 216 16.37 15.80 35.24
CA ALA C 216 15.19 16.39 34.62
C ALA C 216 15.32 16.39 33.11
N ALA C 217 16.49 16.81 32.61
CA ALA C 217 16.68 16.95 31.17
C ALA C 217 16.40 15.64 30.45
N ARG C 218 17.04 14.56 30.91
CA ARG C 218 16.79 13.24 30.34
C ARG C 218 15.30 12.98 30.26
N TYR C 219 14.58 13.23 31.36
CA TYR C 219 13.15 12.97 31.39
C TYR C 219 12.46 13.66 30.22
N ILE C 220 12.71 14.97 30.07
CA ILE C 220 12.05 15.73 29.01
C ILE C 220 12.35 15.08 27.67
N LEU C 221 13.62 14.76 27.43
CA LEU C 221 14.00 14.13 26.18
C LEU C 221 13.14 12.92 25.90
N GLU C 222 13.02 12.02 26.89
CA GLU C 222 12.27 10.79 26.68
C GLU C 222 10.86 11.10 26.25
N ARG C 223 10.19 12.02 26.95
CA ARG C 223 8.79 12.28 26.64
C ARG C 223 8.65 12.85 25.25
N ILE C 224 9.60 13.70 24.83
CA ILE C 224 9.54 14.25 23.48
C ILE C 224 9.70 13.14 22.46
N THR C 225 10.59 12.18 22.72
CA THR C 225 10.69 11.05 21.81
C THR C 225 9.38 10.29 21.75
N GLU C 226 8.67 10.21 22.88
CA GLU C 226 7.37 9.55 22.89
C GLU C 226 6.39 10.25 21.96
N ILE C 227 6.52 11.56 21.80
CA ILE C 227 5.66 12.27 20.87
C ILE C 227 6.02 11.93 19.43
N ALA C 228 7.31 11.68 19.17
CA ALA C 228 7.77 11.43 17.82
C ALA C 228 7.75 9.95 17.45
N GLY C 229 7.39 9.07 18.37
CA GLY C 229 7.44 7.65 18.10
C GLY C 229 8.84 7.12 17.89
N VAL C 230 9.81 7.62 18.66
CA VAL C 230 11.21 7.28 18.53
C VAL C 230 11.70 6.85 19.91
N VAL C 231 12.75 6.04 19.94
CA VAL C 231 13.29 5.49 21.18
C VAL C 231 14.64 6.14 21.45
N VAL C 232 14.80 6.73 22.61
CA VAL C 232 16.08 7.31 22.98
C VAL C 232 16.92 6.23 23.64
N SER C 233 18.23 6.33 23.46
CA SER C 233 19.16 5.34 24.03
C SER C 233 20.39 6.07 24.52
N PHE C 234 20.66 5.97 25.82
CA PHE C 234 21.88 6.49 26.42
C PHE C 234 22.94 5.40 26.57
N ASP C 235 22.75 4.27 25.92
CA ASP C 235 23.71 3.18 25.98
C ASP C 235 25.04 3.63 25.36
N PRO C 236 26.18 3.27 25.95
CA PRO C 236 27.45 3.81 25.45
C PRO C 236 27.78 3.41 24.02
N LYS C 237 27.67 2.13 23.69
CA LYS C 237 28.00 1.63 22.36
C LYS C 237 26.81 0.82 21.85
N PRO C 238 25.84 1.48 21.20
CA PRO C 238 24.68 0.76 20.69
C PRO C 238 24.99 -0.03 19.42
N ILE C 239 25.85 0.52 18.57
CA ILE C 239 26.17 -0.07 17.28
C ILE C 239 27.67 -0.38 17.26
N GLN C 240 28.00 -1.63 16.97
CA GLN C 240 29.39 -2.07 16.88
C GLN C 240 29.89 -1.95 15.45
N GLY C 241 31.19 -1.65 15.32
CA GLY C 241 31.83 -1.47 14.05
C GLY C 241 32.63 -0.19 14.03
N ASP C 242 32.88 0.32 12.82
CA ASP C 242 33.59 1.58 12.68
C ASP C 242 32.65 2.75 12.88
N TRP C 243 31.94 2.76 14.00
CA TRP C 243 31.00 3.82 14.36
C TRP C 243 31.31 4.26 15.78
N ASN C 244 31.47 5.57 15.97
CA ASN C 244 31.85 6.09 17.28
C ASN C 244 30.68 5.95 18.26
N GLY C 245 31.03 5.63 19.50
CA GLY C 245 30.04 5.43 20.54
C GLY C 245 29.56 6.72 21.15
N ALA C 246 28.70 6.58 22.15
CA ALA C 246 28.09 7.70 22.85
C ALA C 246 28.57 7.70 24.29
N GLY C 247 29.60 8.50 24.58
CA GLY C 247 30.12 8.64 25.92
C GLY C 247 29.97 10.05 26.41
N ALA C 248 29.68 10.18 27.71
CA ALA C 248 29.45 11.47 28.33
C ALA C 248 30.72 11.99 29.00
N HIS C 249 30.67 13.25 29.42
CA HIS C 249 31.84 13.91 30.02
C HIS C 249 31.40 14.83 31.14
N THR C 250 32.37 15.25 31.96
CA THR C 250 32.07 16.14 33.08
C THR C 250 33.21 17.13 33.29
N ASN C 251 32.92 18.41 33.11
CA ASN C 251 33.87 19.48 33.45
C ASN C 251 33.67 19.90 34.90
N TYR C 252 34.77 20.13 35.61
CA TYR C 252 34.74 20.35 37.05
C TYR C 252 35.62 21.54 37.40
N SER C 253 35.13 22.40 38.30
CA SER C 253 35.89 23.54 38.78
C SER C 253 35.49 23.85 40.21
N THR C 254 36.37 24.56 40.91
CA THR C 254 36.17 24.93 42.30
C THR C 254 36.65 26.36 42.49
N LYS C 255 36.28 26.98 43.61
CA LYS C 255 36.59 28.40 43.83
C LYS C 255 38.09 28.65 43.78
N SER C 256 38.88 27.80 44.44
CA SER C 256 40.32 27.96 44.38
C SER C 256 40.88 27.71 42.98
N MET C 257 40.14 26.98 42.15
CA MET C 257 40.53 26.82 40.75
C MET C 257 40.25 28.08 39.93
N ARG C 258 39.28 28.89 40.37
CA ARG C 258 38.98 30.16 39.72
C ARG C 258 39.89 31.29 40.16
N ASN C 259 40.80 31.04 41.10
CA ASN C 259 41.68 32.07 41.63
C ASN C 259 43.04 32.03 40.94
N ASP C 260 43.79 33.11 41.11
CA ASP C 260 45.12 33.21 40.50
C ASP C 260 46.03 32.10 41.02
N GLY C 261 46.82 31.53 40.11
CA GLY C 261 47.69 30.44 40.47
C GLY C 261 46.98 29.13 40.74
N GLY C 262 45.77 28.96 40.20
CA GLY C 262 45.00 27.75 40.43
C GLY C 262 45.43 26.54 39.65
N TYR C 263 46.40 26.69 38.75
CA TYR C 263 46.87 25.54 37.98
C TYR C 263 47.54 24.51 38.88
N GLU C 264 48.22 24.95 39.94
CA GLU C 264 48.79 24.01 40.90
C GLU C 264 47.70 23.20 41.60
N VAL C 265 46.60 23.87 41.97
CA VAL C 265 45.47 23.17 42.59
C VAL C 265 44.86 22.18 41.62
N ILE C 266 44.72 22.59 40.35
CA ILE C 266 44.20 21.68 39.33
C ILE C 266 45.11 20.46 39.20
N LYS C 267 46.43 20.68 39.18
CA LYS C 267 47.37 19.58 39.10
C LYS C 267 47.22 18.62 40.28
N THR C 268 47.19 19.16 41.50
CA THR C 268 47.08 18.31 42.68
C THR C 268 45.78 17.51 42.66
N ALA C 269 44.68 18.16 42.25
CA ALA C 269 43.44 17.42 42.09
C ALA C 269 43.56 16.33 41.04
N ILE C 270 44.38 16.56 40.00
CA ILE C 270 44.58 15.54 38.98
C ILE C 270 45.30 14.32 39.55
N GLU C 271 46.36 14.55 40.33
CA GLU C 271 46.98 13.37 40.96
C GLU C 271 46.05 12.71 41.97
N LYS C 272 45.25 13.48 42.70
CA LYS C 272 44.30 12.88 43.63
C LYS C 272 43.30 11.99 42.90
N LEU C 273 42.80 12.46 41.75
CA LEU C 273 41.93 11.61 40.94
C LEU C 273 42.68 10.43 40.34
N GLY C 274 43.98 10.58 40.13
CA GLY C 274 44.81 9.45 39.76
C GLY C 274 44.95 8.47 40.91
N LYS C 275 45.58 7.33 40.59
CA LYS C 275 45.71 6.19 41.51
C LYS C 275 44.37 5.87 42.19
N ARG C 276 43.27 6.19 41.50
CA ARG C 276 41.92 5.87 41.91
C ARG C 276 41.08 5.41 40.72
N HIS C 277 41.75 4.99 39.65
CA HIS C 277 41.07 4.68 38.40
C HIS C 277 40.14 3.47 38.55
N LYS C 278 40.56 2.48 39.34
CA LYS C 278 39.78 1.24 39.45
C LYS C 278 38.40 1.51 40.03
N GLU C 279 38.35 2.16 41.20
CA GLU C 279 37.07 2.45 41.84
C GLU C 279 36.21 3.37 40.99
N HIS C 280 36.83 4.40 40.40
CA HIS C 280 36.07 5.36 39.60
C HIS C 280 35.45 4.68 38.38
N ILE C 281 36.24 3.89 37.65
CA ILE C 281 35.72 3.19 36.49
C ILE C 281 34.65 2.17 36.89
N ALA C 282 34.83 1.52 38.04
CA ALA C 282 33.83 0.57 38.51
C ALA C 282 32.51 1.27 38.81
N ALA C 283 32.56 2.46 39.41
CA ALA C 283 31.36 3.16 39.84
C ALA C 283 30.78 4.11 38.79
N TYR C 284 31.45 4.29 37.66
CA TYR C 284 31.01 5.26 36.66
C TYR C 284 30.28 4.64 35.49
N GLY C 285 29.85 3.39 35.60
CA GLY C 285 29.05 2.77 34.57
C GLY C 285 29.65 1.51 33.98
N GLU C 286 28.84 0.44 33.90
CA GLU C 286 29.25 -0.80 33.27
C GLU C 286 28.75 -0.84 31.84
N GLY C 287 29.41 -1.65 31.02
CA GLY C 287 29.22 -1.60 29.59
C GLY C 287 30.07 -0.56 28.89
N ASN C 288 30.97 0.09 29.62
CA ASN C 288 31.87 1.09 29.06
C ASN C 288 33.14 0.48 28.48
N GLU C 289 33.34 -0.84 28.63
CA GLU C 289 34.51 -1.47 28.06
C GLU C 289 34.48 -1.44 26.53
N ARG C 290 33.28 -1.61 25.95
CA ARG C 290 33.15 -1.57 24.50
C ARG C 290 33.50 -0.18 23.95
N ARG C 291 33.10 0.87 24.67
CA ARG C 291 33.34 2.22 24.19
C ARG C 291 34.81 2.61 24.28
N LEU C 292 35.45 2.31 25.41
CA LEU C 292 36.84 2.68 25.65
C LEU C 292 37.73 1.48 25.37
N THR C 293 38.39 1.49 24.21
CA THR C 293 39.28 0.42 23.80
C THR C 293 40.71 0.90 23.59
N GLY C 294 40.90 2.00 22.88
CA GLY C 294 42.23 2.50 22.58
C GLY C 294 42.40 2.92 21.14
N ARG C 295 41.32 2.84 20.37
CA ARG C 295 41.36 3.21 18.96
C ARG C 295 41.65 4.70 18.81
N HIS C 296 42.30 5.05 17.70
CA HIS C 296 42.58 6.45 17.36
C HIS C 296 43.33 7.18 18.47
N GLU C 297 44.11 6.43 19.25
CA GLU C 297 44.84 6.95 20.40
C GLU C 297 43.89 7.66 21.38
N THR C 298 42.90 6.90 21.84
CA THR C 298 41.92 7.38 22.81
C THR C 298 42.18 6.73 24.16
N ALA C 299 41.30 7.02 25.12
CA ALA C 299 41.45 6.49 26.47
C ALA C 299 41.19 5.00 26.51
N ASP C 300 41.87 4.32 27.42
CA ASP C 300 41.69 2.89 27.66
C ASP C 300 41.43 2.67 29.14
N ILE C 301 40.71 1.58 29.43
CA ILE C 301 40.34 1.28 30.82
C ILE C 301 41.58 0.99 31.65
N ASN C 302 42.57 0.34 31.08
CA ASN C 302 43.72 -0.13 31.81
C ASN C 302 44.83 0.90 31.96
N THR C 303 44.67 2.10 31.40
CA THR C 303 45.66 3.17 31.55
C THR C 303 44.97 4.48 31.88
N PHE C 304 45.62 5.27 32.73
CA PHE C 304 45.15 6.60 33.11
C PHE C 304 46.12 7.63 32.56
N LEU C 305 45.61 8.57 31.78
CA LEU C 305 46.43 9.56 31.11
C LEU C 305 45.82 10.94 31.28
N TRP C 306 46.67 11.93 31.53
CA TRP C 306 46.25 13.33 31.61
C TRP C 306 47.28 14.21 30.92
N GLY C 307 46.80 15.20 30.17
CA GLY C 307 47.69 16.04 29.40
C GLY C 307 47.15 17.44 29.14
N VAL C 308 47.68 18.11 28.13
CA VAL C 308 47.28 19.47 27.81
C VAL C 308 46.64 19.51 26.43
N ALA C 309 47.05 18.61 25.54
CA ALA C 309 46.51 18.61 24.18
C ALA C 309 46.13 17.23 23.66
N ASN C 310 46.54 16.15 24.31
CA ASN C 310 46.23 14.81 23.81
C ASN C 310 44.74 14.54 23.99
N ARG C 311 44.02 14.40 22.88
CA ARG C 311 42.58 14.16 22.94
C ARG C 311 42.25 12.78 23.50
N GLY C 312 43.21 11.87 23.58
CA GLY C 312 43.00 10.58 24.19
C GLY C 312 43.18 10.55 25.68
N ALA C 313 43.41 11.71 26.31
CA ALA C 313 43.61 11.76 27.74
C ALA C 313 42.33 11.39 28.48
N SER C 314 42.48 10.67 29.59
CA SER C 314 41.34 10.41 30.46
C SER C 314 40.83 11.69 31.10
N VAL C 315 41.75 12.57 31.51
CA VAL C 315 41.41 13.88 32.07
C VAL C 315 42.19 14.92 31.29
N ARG C 316 41.48 15.78 30.58
CA ARG C 316 42.10 16.77 29.71
C ARG C 316 42.10 18.14 30.36
N VAL C 317 43.16 18.90 30.10
CA VAL C 317 43.31 20.28 30.56
C VAL C 317 43.50 21.16 29.34
N GLY C 318 42.70 22.22 29.25
CA GLY C 318 42.71 23.06 28.06
C GLY C 318 43.87 24.04 28.03
N ARG C 319 44.05 24.66 26.86
CA ARG C 319 45.10 25.65 26.70
C ARG C 319 44.76 26.96 27.40
N ASP C 320 43.48 27.29 27.48
CA ASP C 320 43.07 28.56 28.10
C ASP C 320 43.44 28.59 29.58
N THR C 321 43.16 27.50 30.30
CA THR C 321 43.53 27.43 31.72
C THR C 321 45.03 27.23 31.91
N GLU C 322 45.73 26.76 30.88
CA GLU C 322 47.19 26.70 30.96
C GLU C 322 47.80 28.09 30.84
N LYS C 323 47.30 28.90 29.91
CA LYS C 323 47.81 30.25 29.74
C LYS C 323 47.42 31.15 30.91
N ALA C 324 46.13 31.21 31.22
CA ALA C 324 45.67 32.07 32.31
C ALA C 324 46.05 31.52 33.68
N GLY C 325 46.32 30.23 33.79
CA GLY C 325 46.68 29.62 35.05
C GLY C 325 45.53 29.23 35.94
N LYS C 326 44.29 29.47 35.51
CA LYS C 326 43.12 29.15 36.31
C LYS C 326 42.00 28.69 35.41
N GLY C 327 41.11 27.88 35.96
CA GLY C 327 39.98 27.39 35.20
C GLY C 327 39.52 26.03 35.74
N TYR C 328 38.91 25.25 34.85
CA TYR C 328 38.36 23.95 35.16
C TYR C 328 39.16 22.86 34.46
N PHE C 329 38.82 21.60 34.76
CA PHE C 329 39.39 20.48 34.02
C PHE C 329 38.28 19.49 33.68
N GLU C 330 38.52 18.72 32.62
CA GLU C 330 37.50 17.88 32.00
C GLU C 330 37.82 16.41 32.22
N ASP C 331 36.87 15.67 32.78
CA ASP C 331 36.95 14.23 32.94
C ASP C 331 36.14 13.56 31.84
N ARG C 332 36.80 12.72 31.06
CA ARG C 332 36.21 12.07 29.89
C ARG C 332 36.01 10.57 30.09
N ARG C 333 36.07 10.10 31.35
CA ARG C 333 35.95 8.69 31.68
C ARG C 333 34.51 8.17 31.67
N PRO C 334 33.56 8.85 32.31
CA PRO C 334 32.21 8.25 32.43
C PRO C 334 31.52 8.10 31.09
N ALA C 335 30.59 7.15 31.05
CA ALA C 335 29.83 6.85 29.86
C ALA C 335 28.54 7.69 29.84
N SER C 336 27.77 7.55 28.76
CA SER C 336 26.55 8.33 28.62
C SER C 336 25.48 7.94 29.62
N ASN C 337 25.56 6.73 30.19
CA ASN C 337 24.57 6.24 31.13
C ASN C 337 25.01 6.36 32.59
N MET C 338 25.73 7.41 32.94
CA MET C 338 26.17 7.63 34.30
C MET C 338 24.98 7.97 35.19
N ASP C 339 25.21 7.96 36.49
CA ASP C 339 24.33 8.68 37.39
C ASP C 339 25.04 9.97 37.80
N PRO C 340 24.53 11.15 37.43
CA PRO C 340 25.29 12.38 37.70
C PRO C 340 25.58 12.61 39.18
N TYR C 341 24.70 12.13 40.05
CA TYR C 341 24.88 12.32 41.49
C TYR C 341 26.19 11.70 41.95
N VAL C 342 26.41 10.43 41.62
CA VAL C 342 27.59 9.74 42.12
C VAL C 342 28.86 10.32 41.49
N VAL C 343 28.79 10.68 40.21
CA VAL C 343 29.97 11.25 39.54
C VAL C 343 30.37 12.55 40.20
N THR C 344 29.42 13.47 40.37
CA THR C 344 29.73 14.77 40.96
C THR C 344 30.19 14.61 42.41
N SER C 345 29.50 13.77 43.19
CA SER C 345 29.87 13.58 44.58
C SER C 345 31.25 12.95 44.73
N MET C 346 31.57 11.97 43.89
CA MET C 346 32.89 11.34 43.97
C MET C 346 33.98 12.31 43.58
N ILE C 347 33.76 13.13 42.54
CA ILE C 347 34.77 14.12 42.18
C ILE C 347 35.00 15.08 43.33
N ALA C 348 33.92 15.58 43.93
CA ALA C 348 34.07 16.53 45.05
C ALA C 348 34.76 15.88 46.24
N ASP C 349 34.42 14.63 46.55
CA ASP C 349 34.98 13.97 47.72
C ASP C 349 36.46 13.65 47.53
N THR C 350 36.82 13.08 46.38
CA THR C 350 38.21 12.76 46.11
C THR C 350 39.06 14.02 46.05
N THR C 351 38.57 15.07 45.40
CA THR C 351 39.38 16.27 45.23
C THR C 351 39.58 17.01 46.56
N ILE C 352 38.51 17.17 47.33
CA ILE C 352 38.52 18.07 48.49
C ILE C 352 38.64 17.31 49.81
N LEU C 353 37.85 16.26 50.00
CA LEU C 353 37.76 15.62 51.31
C LEU C 353 38.80 14.51 51.49
N TRP C 354 38.79 13.51 50.61
CA TRP C 354 39.70 12.38 50.76
C TRP C 354 41.14 12.83 50.65
N LYS C 355 41.98 12.32 51.56
CA LYS C 355 43.39 12.66 51.58
C LYS C 355 44.25 11.59 50.91
N LEU D 4 5.92 17.86 18.69
CA LEU D 4 7.16 18.59 18.49
C LEU D 4 6.88 20.07 18.29
N SER D 5 5.98 20.38 17.36
CA SER D 5 5.57 21.76 17.15
C SER D 5 4.76 22.24 18.35
N ASP D 6 4.64 23.57 18.44
CA ASP D 6 4.11 24.28 19.62
C ASP D 6 5.14 24.23 20.74
N LEU D 7 6.22 23.48 20.53
CA LEU D 7 7.41 23.53 21.36
C LEU D 7 8.62 24.07 20.62
N ILE D 8 8.72 23.80 19.31
CA ILE D 8 9.72 24.47 18.49
C ILE D 8 9.37 25.94 18.34
N ASN D 9 8.09 26.26 18.21
CA ASN D 9 7.62 27.64 18.14
C ASN D 9 7.26 28.19 19.51
N LEU D 10 8.20 28.08 20.45
CA LEU D 10 7.96 28.49 21.83
C LEU D 10 8.63 29.83 22.08
N ASN D 11 7.89 30.77 22.67
CA ASN D 11 8.41 32.09 22.98
C ASN D 11 9.08 32.04 24.35
N LEU D 12 10.40 32.20 24.37
CA LEU D 12 11.14 32.21 25.62
C LEU D 12 11.27 33.59 26.22
N SER D 13 10.87 34.63 25.50
CA SER D 13 10.91 35.99 26.05
C SER D 13 9.92 36.19 27.17
N ASP D 14 8.85 35.39 27.21
CA ASP D 14 7.89 35.47 28.30
C ASP D 14 8.47 34.98 29.62
N THR D 15 9.50 34.15 29.58
CA THR D 15 10.00 33.45 30.76
C THR D 15 11.44 33.81 31.13
N THR D 16 12.34 33.84 30.16
CA THR D 16 13.76 34.03 30.42
C THR D 16 14.34 35.10 29.52
N GLU D 17 15.53 35.56 29.88
CA GLU D 17 16.23 36.59 29.11
C GLU D 17 17.43 36.02 28.36
N LYS D 18 17.61 34.71 28.35
CA LYS D 18 18.73 34.10 27.62
C LYS D 18 18.39 33.97 26.15
N VAL D 19 19.43 33.96 25.31
CA VAL D 19 19.30 33.99 23.87
C VAL D 19 20.15 32.89 23.27
N ILE D 20 19.59 32.12 22.34
CA ILE D 20 20.33 31.07 21.66
C ILE D 20 21.02 31.67 20.44
N ALA D 21 22.32 31.42 20.30
CA ALA D 21 23.11 31.89 19.17
C ALA D 21 23.59 30.70 18.36
N GLU D 22 23.39 30.75 17.06
CA GLU D 22 23.73 29.65 16.16
C GLU D 22 25.01 30.02 15.42
N TYR D 23 26.04 29.20 15.58
CA TYR D 23 27.35 29.43 14.98
C TYR D 23 27.50 28.55 13.75
N ILE D 24 27.91 29.17 12.64
CA ILE D 24 28.02 28.53 11.34
C ILE D 24 29.43 28.76 10.79
N TRP D 25 30.06 27.69 10.30
CA TRP D 25 31.38 27.76 9.70
C TRP D 25 31.44 26.86 8.48
N ILE D 26 32.56 26.92 7.77
CA ILE D 26 32.76 26.19 6.51
C ILE D 26 33.70 25.03 6.77
N GLY D 27 33.29 23.84 6.35
CA GLY D 27 34.01 22.61 6.65
C GLY D 27 35.22 22.39 5.76
N GLY D 28 35.79 21.20 5.89
CA GLY D 28 37.05 20.90 5.22
C GLY D 28 36.97 20.94 3.71
N SER D 29 35.85 20.51 3.14
CA SER D 29 35.71 20.47 1.68
C SER D 29 35.66 21.86 1.07
N GLY D 30 35.45 22.90 1.86
CA GLY D 30 35.40 24.26 1.35
C GLY D 30 34.06 24.67 0.79
N MET D 31 33.06 23.79 0.80
CA MET D 31 31.75 24.13 0.26
C MET D 31 30.66 23.82 1.27
N ASP D 32 30.88 22.83 2.13
CA ASP D 32 29.86 22.42 3.09
C ASP D 32 29.87 23.34 4.30
N LEU D 33 28.73 23.39 4.99
CA LEU D 33 28.53 24.25 6.14
C LEU D 33 28.23 23.40 7.36
N ARG D 34 28.91 23.70 8.47
CA ARG D 34 28.64 23.08 9.75
C ARG D 34 28.14 24.15 10.71
N SER D 35 27.38 23.73 11.70
CA SER D 35 26.80 24.71 12.62
C SER D 35 26.32 24.03 13.89
N LYS D 36 26.39 24.77 14.99
CA LYS D 36 25.83 24.30 16.26
C LYS D 36 25.25 25.49 17.02
N ALA D 37 24.82 25.25 18.26
CA ALA D 37 24.07 26.24 19.03
C ALA D 37 24.71 26.46 20.38
N ARG D 38 24.53 27.68 20.90
CA ARG D 38 25.08 28.12 22.17
C ARG D 38 24.01 28.93 22.90
N THR D 39 24.11 28.98 24.22
CA THR D 39 23.21 29.79 25.04
C THR D 39 23.99 30.98 25.60
N LEU D 40 23.40 32.17 25.51
CA LEU D 40 24.00 33.43 25.90
C LEU D 40 23.13 34.13 26.93
N PRO D 41 23.74 34.89 27.85
CA PRO D 41 22.95 35.52 28.92
C PRO D 41 21.87 36.48 28.43
N GLY D 42 22.14 37.26 27.39
CA GLY D 42 21.20 38.27 26.97
C GLY D 42 21.37 38.70 25.53
N PRO D 43 20.54 39.63 25.08
CA PRO D 43 20.59 40.07 23.69
C PRO D 43 21.91 40.78 23.37
N VAL D 44 22.32 40.64 22.11
CA VAL D 44 23.57 41.23 21.64
C VAL D 44 23.48 41.41 20.14
N SER D 45 24.05 42.52 19.65
CA SER D 45 24.01 42.84 18.24
C SER D 45 25.38 43.11 17.61
N ASP D 46 26.45 43.15 18.40
CA ASP D 46 27.78 43.45 17.88
C ASP D 46 28.60 42.16 17.79
N PRO D 47 29.13 41.81 16.63
CA PRO D 47 29.90 40.55 16.51
C PRO D 47 31.13 40.49 17.40
N SER D 48 31.74 41.63 17.70
CA SER D 48 32.96 41.64 18.53
C SER D 48 32.68 41.44 20.00
N LYS D 49 31.41 41.41 20.42
CA LYS D 49 31.03 41.16 21.79
C LYS D 49 30.58 39.71 22.01
N LEU D 50 30.95 38.81 21.10
CA LEU D 50 30.56 37.41 21.16
C LEU D 50 31.76 36.53 21.49
N PRO D 51 31.58 35.50 22.30
CA PRO D 51 32.70 34.62 22.62
C PRO D 51 33.08 33.74 21.44
N LYS D 52 34.27 33.15 21.53
CA LYS D 52 34.77 32.23 20.53
C LYS D 52 34.36 30.80 20.84
N TRP D 53 34.45 29.94 19.83
CA TRP D 53 34.43 28.50 20.06
C TRP D 53 35.74 27.82 19.70
N ASN D 54 35.73 26.51 19.91
CA ASN D 54 36.65 25.56 19.31
C ASN D 54 35.87 24.33 18.94
N TYR D 55 36.36 23.60 17.94
CA TYR D 55 35.69 22.36 17.53
C TYR D 55 36.73 21.38 17.01
N ASP D 56 36.28 20.14 16.83
CA ASP D 56 37.13 19.02 16.47
C ASP D 56 37.38 19.03 14.96
N GLY D 57 38.61 19.34 14.57
CA GLY D 57 38.94 19.31 13.15
C GLY D 57 39.05 17.92 12.57
N SER D 58 39.31 16.91 13.40
CA SER D 58 39.38 15.54 12.91
C SER D 58 38.03 15.09 12.38
N SER D 59 36.95 15.45 13.07
CA SER D 59 35.61 15.03 12.67
C SER D 59 35.09 15.81 11.46
N THR D 60 35.76 16.88 11.07
CA THR D 60 35.36 17.67 9.91
C THR D 60 36.32 17.54 8.74
N GLY D 61 37.61 17.36 9.00
CA GLY D 61 38.59 17.21 7.94
C GLY D 61 39.45 18.44 7.78
N GLN D 62 39.77 19.10 8.89
CA GLN D 62 40.50 20.36 8.85
C GLN D 62 41.73 20.40 9.75
N ALA D 63 41.96 19.42 10.60
CA ALA D 63 43.09 19.47 11.52
C ALA D 63 43.62 18.05 11.74
N PRO D 64 44.90 17.91 12.07
CA PRO D 64 45.45 16.58 12.34
C PRO D 64 44.89 16.00 13.64
N GLY D 65 45.20 14.72 13.86
CA GLY D 65 44.70 14.03 15.03
C GLY D 65 45.28 14.57 16.33
N GLU D 66 46.57 14.91 16.33
CA GLU D 66 47.21 15.39 17.55
C GLU D 66 46.68 16.76 17.97
N ASP D 67 46.36 17.62 17.00
CA ASP D 67 45.80 18.94 17.26
C ASP D 67 44.55 19.07 16.39
N SER D 68 43.42 18.60 16.89
CA SER D 68 42.16 18.71 16.18
C SER D 68 41.37 19.96 16.56
N GLU D 69 41.92 20.80 17.43
CA GLU D 69 41.21 21.98 17.90
C GLU D 69 41.30 23.08 16.85
N VAL D 70 40.15 23.54 16.38
CA VAL D 70 40.06 24.67 15.45
C VAL D 70 39.20 25.73 16.13
N ILE D 71 39.71 26.95 16.20
CA ILE D 71 39.03 28.05 16.89
C ILE D 71 38.06 28.74 15.95
N ILE D 72 36.94 29.19 16.50
CA ILE D 72 35.84 29.77 15.73
C ILE D 72 35.66 31.22 16.18
N TYR D 73 35.81 32.14 15.23
CA TYR D 73 35.77 33.59 15.43
C TYR D 73 34.46 34.15 14.88
N PRO D 74 33.58 34.72 15.70
CA PRO D 74 32.36 35.34 15.14
C PRO D 74 32.70 36.54 14.27
N GLN D 75 31.99 36.65 13.14
CA GLN D 75 32.26 37.75 12.21
C GLN D 75 31.00 38.53 11.80
N ALA D 76 29.86 37.87 11.65
CA ALA D 76 28.64 38.56 11.25
C ALA D 76 27.46 38.02 12.05
N ILE D 77 26.45 38.86 12.24
CA ILE D 77 25.27 38.51 13.02
C ILE D 77 24.01 38.79 12.22
N PHE D 78 23.10 37.82 12.16
CA PHE D 78 21.79 37.95 11.55
C PHE D 78 20.74 37.42 12.52
N ARG D 79 19.48 37.56 12.17
CA ARG D 79 18.40 37.04 12.99
C ARG D 79 18.15 35.57 12.67
N ASP D 80 17.70 34.84 13.68
CA ASP D 80 17.36 33.43 13.49
C ASP D 80 15.95 33.32 12.93
N PRO D 81 15.76 32.78 11.72
CA PRO D 81 14.39 32.67 11.20
C PRO D 81 13.65 31.43 11.67
N PHE D 82 14.35 30.41 12.16
CA PHE D 82 13.70 29.17 12.58
C PHE D 82 13.33 29.18 14.05
N ARG D 83 14.17 29.78 14.89
CA ARG D 83 13.83 29.92 16.31
C ARG D 83 13.15 31.25 16.61
N ARG D 84 13.40 32.27 15.79
CA ARG D 84 12.77 33.58 15.92
C ARG D 84 13.00 34.19 17.29
N GLY D 85 12.16 35.14 17.68
CA GLY D 85 12.38 35.82 18.95
C GLY D 85 13.63 36.67 18.90
N ASN D 86 14.42 36.60 19.97
CA ASN D 86 15.68 37.32 20.06
C ASN D 86 16.88 36.46 19.70
N ASN D 87 16.66 35.22 19.28
CA ASN D 87 17.77 34.35 18.91
C ASN D 87 18.40 34.79 17.59
N ILE D 88 19.70 34.52 17.43
CA ILE D 88 20.46 35.05 16.32
C ILE D 88 21.26 33.94 15.65
N LEU D 89 21.68 34.20 14.42
CA LEU D 89 22.65 33.40 13.68
C LEU D 89 23.97 34.15 13.61
N VAL D 90 25.08 33.42 13.69
CA VAL D 90 26.40 34.01 13.66
C VAL D 90 27.23 33.34 12.57
N ILE D 91 27.73 34.12 11.63
CA ILE D 91 28.66 33.65 10.62
C ILE D 91 30.07 33.85 11.14
N CYS D 92 30.88 32.80 11.08
CA CYS D 92 32.13 32.70 11.81
C CYS D 92 33.30 32.39 10.87
N ASP D 93 34.50 32.51 11.44
CA ASP D 93 35.75 32.29 10.74
C ASP D 93 36.57 31.27 11.51
N THR D 94 37.35 30.46 10.79
CA THR D 94 38.10 29.37 11.39
C THR D 94 39.57 29.74 11.52
N TYR D 95 40.15 29.38 12.66
CA TYR D 95 41.55 29.72 12.96
C TYR D 95 42.19 28.58 13.74
N THR D 96 43.52 28.54 13.68
CA THR D 96 44.30 27.61 14.48
C THR D 96 44.40 28.10 15.91
N PRO D 97 44.70 27.20 16.86
CA PRO D 97 44.88 27.64 18.25
C PRO D 97 45.97 28.70 18.40
N ALA D 98 47.06 28.58 17.62
CA ALA D 98 48.14 29.55 17.73
C ALA D 98 47.68 30.95 17.32
N GLY D 99 46.90 31.04 16.25
CA GLY D 99 46.40 32.34 15.81
C GLY D 99 46.41 32.53 14.31
N GLU D 100 46.86 31.55 13.57
CA GLU D 100 46.87 31.71 12.13
C GLU D 100 45.70 31.00 11.49
N PRO D 101 45.18 31.52 10.38
CA PRO D 101 44.04 30.86 9.73
C PRO D 101 44.42 29.51 9.15
N ILE D 102 43.43 28.62 9.11
CA ILE D 102 43.62 27.29 8.52
C ILE D 102 43.59 27.43 7.00
N PRO D 103 44.11 26.47 6.25
CA PRO D 103 44.11 26.63 4.77
C PRO D 103 42.73 26.80 4.17
N THR D 104 41.70 26.16 4.72
CA THR D 104 40.36 26.28 4.17
C THR D 104 39.75 27.64 4.43
N ASN D 105 40.33 28.43 5.33
CA ASN D 105 39.85 29.79 5.56
C ASN D 105 40.18 30.68 4.36
N LYS D 106 39.17 31.39 3.86
CA LYS D 106 39.35 32.30 2.75
C LYS D 106 38.86 33.71 3.02
N ARG D 107 38.19 33.95 4.15
CA ARG D 107 37.71 35.29 4.48
C ARG D 107 38.82 36.22 4.95
N HIS D 108 39.91 35.67 5.47
CA HIS D 108 41.00 36.51 6.00
C HIS D 108 41.66 37.31 4.88
N ASP D 109 41.96 36.67 3.75
CA ASP D 109 42.60 37.38 2.65
C ASP D 109 41.66 38.41 2.04
N ALA D 110 40.37 38.10 1.91
CA ALA D 110 39.43 39.07 1.39
C ALA D 110 39.24 40.24 2.35
N ALA D 111 39.28 39.97 3.65
CA ALA D 111 39.19 41.03 4.64
C ALA D 111 40.40 41.95 4.59
N LYS D 112 41.60 41.38 4.39
CA LYS D 112 42.77 42.22 4.20
C LYS D 112 42.65 43.04 2.91
N VAL D 113 42.13 42.42 1.84
CA VAL D 113 41.97 43.13 0.57
C VAL D 113 40.97 44.28 0.73
N PHE D 114 39.82 44.00 1.36
CA PHE D 114 38.77 45.00 1.49
C PHE D 114 39.07 46.05 2.55
N SER D 115 40.12 45.86 3.35
CA SER D 115 40.55 46.86 4.32
C SER D 115 41.63 47.78 3.77
N HIS D 116 42.07 47.56 2.54
CA HIS D 116 43.02 48.45 1.92
C HIS D 116 42.39 49.83 1.75
N PRO D 117 43.12 50.91 2.04
CA PRO D 117 42.50 52.25 2.03
C PRO D 117 41.88 52.63 0.69
N ASP D 118 42.51 52.25 -0.42
CA ASP D 118 41.94 52.57 -1.73
C ASP D 118 40.63 51.80 -1.93
N VAL D 119 40.60 50.52 -1.56
CA VAL D 119 39.37 49.74 -1.69
C VAL D 119 38.29 50.27 -0.76
N VAL D 120 38.68 50.66 0.47
CA VAL D 120 37.70 51.22 1.40
C VAL D 120 37.10 52.50 0.83
N ALA D 121 37.95 53.37 0.28
CA ALA D 121 37.45 54.62 -0.27
C ALA D 121 36.63 54.41 -1.54
N GLU D 122 36.88 53.33 -2.28
CA GLU D 122 36.14 53.08 -3.50
C GLU D 122 34.72 52.58 -3.24
N GLU D 123 34.43 52.09 -2.03
CA GLU D 123 33.11 51.62 -1.62
C GLU D 123 32.46 50.72 -2.67
N THR D 124 33.12 49.57 -2.88
CA THR D 124 32.73 48.64 -3.93
C THR D 124 31.34 48.06 -3.66
N TRP D 125 30.58 47.85 -4.74
CA TRP D 125 29.23 47.29 -4.67
C TRP D 125 29.16 45.99 -5.46
N TYR D 126 28.67 44.94 -4.80
CA TYR D 126 28.57 43.62 -5.42
C TYR D 126 27.12 43.14 -5.43
N GLY D 127 26.81 42.30 -6.41
CA GLY D 127 25.57 41.56 -6.43
C GLY D 127 25.85 40.15 -6.91
N ILE D 128 25.19 39.15 -6.33
CA ILE D 128 25.51 37.75 -6.62
C ILE D 128 24.25 37.04 -7.08
N GLU D 129 24.39 36.17 -8.08
CA GLU D 129 23.27 35.42 -8.64
C GLU D 129 23.58 33.94 -8.41
N GLN D 130 22.89 33.31 -7.47
CA GLN D 130 23.16 31.94 -7.05
C GLN D 130 22.05 31.03 -7.52
N GLU D 131 22.38 30.04 -8.35
CA GLU D 131 21.41 29.09 -8.88
C GLU D 131 21.63 27.72 -8.25
N TYR D 132 20.54 27.04 -7.92
CA TYR D 132 20.60 25.76 -7.24
C TYR D 132 19.53 24.82 -7.80
N THR D 133 19.69 23.54 -7.48
CA THR D 133 18.79 22.49 -7.93
C THR D 133 18.28 21.71 -6.73
N LEU D 134 16.98 21.40 -6.74
CA LEU D 134 16.38 20.58 -5.70
C LEU D 134 16.26 19.15 -6.19
N LEU D 135 16.66 18.21 -5.33
CA LEU D 135 16.72 16.80 -5.67
C LEU D 135 15.98 15.99 -4.63
N GLN D 136 15.48 14.84 -5.05
CA GLN D 136 14.86 13.92 -4.12
C GLN D 136 15.92 13.31 -3.20
N LYS D 137 15.51 12.98 -1.98
CA LYS D 137 16.47 12.68 -0.93
C LYS D 137 17.31 11.44 -1.25
N ASP D 138 16.65 10.35 -1.64
CA ASP D 138 17.33 9.07 -1.72
C ASP D 138 18.04 8.84 -3.05
N ILE D 139 17.38 9.16 -4.16
CA ILE D 139 17.85 8.75 -5.48
C ILE D 139 18.57 9.86 -6.23
N GLN D 140 18.65 11.06 -5.66
CA GLN D 140 19.36 12.19 -6.27
C GLN D 140 18.83 12.50 -7.67
N TRP D 141 17.53 12.41 -7.82
CA TRP D 141 16.84 12.76 -9.05
C TRP D 141 16.03 14.04 -8.85
N PRO D 142 16.11 14.99 -9.77
CA PRO D 142 15.55 16.33 -9.49
C PRO D 142 14.08 16.29 -9.13
N LEU D 143 13.65 17.36 -8.45
CA LEU D 143 12.28 17.45 -7.95
C LEU D 143 11.30 17.55 -9.11
N GLY D 144 10.25 16.75 -9.06
CA GLY D 144 9.28 16.70 -10.13
C GLY D 144 9.67 15.85 -11.31
N TRP D 145 10.84 15.21 -11.28
CA TRP D 145 11.23 14.27 -12.32
C TRP D 145 10.75 12.88 -11.95
N PRO D 146 10.07 12.16 -12.85
CA PRO D 146 9.74 10.77 -12.57
C PRO D 146 10.99 9.94 -12.33
N VAL D 147 10.88 8.97 -11.44
CA VAL D 147 12.01 8.11 -11.12
C VAL D 147 12.35 7.26 -12.34
N GLY D 148 13.62 7.29 -12.75
CA GLY D 148 14.03 6.59 -13.96
C GLY D 148 13.36 7.11 -15.21
N GLY D 149 13.10 8.41 -15.26
CA GLY D 149 12.43 9.00 -16.41
C GLY D 149 12.80 10.46 -16.49
N PHE D 150 12.20 11.13 -17.47
CA PHE D 150 12.50 12.54 -17.72
C PHE D 150 11.21 13.33 -17.83
N PRO D 151 11.25 14.62 -17.53
CA PRO D 151 10.07 15.46 -17.77
C PRO D 151 10.00 15.89 -19.23
N GLY D 152 9.06 16.76 -19.57
CA GLY D 152 8.96 17.26 -20.91
C GLY D 152 10.14 18.12 -21.29
N PRO D 153 10.25 18.47 -22.56
CA PRO D 153 11.38 19.30 -23.00
C PRO D 153 11.34 20.69 -22.36
N GLN D 154 12.49 21.35 -22.39
CA GLN D 154 12.61 22.67 -21.79
C GLN D 154 11.76 23.69 -22.53
N GLY D 155 11.38 24.75 -21.83
CA GLY D 155 10.58 25.81 -22.39
C GLY D 155 9.38 26.23 -21.58
N PRO D 156 8.65 25.29 -20.97
CA PRO D 156 7.52 25.66 -20.10
C PRO D 156 7.90 25.94 -18.66
N TYR D 157 9.10 25.57 -18.22
CA TYR D 157 9.46 25.65 -16.81
C TYR D 157 10.07 26.99 -16.41
N TYR D 158 10.62 27.74 -17.36
CA TYR D 158 11.21 29.03 -17.06
C TYR D 158 10.15 29.98 -16.52
N CYS D 159 10.25 30.34 -15.24
CA CYS D 159 9.30 31.25 -14.60
C CYS D 159 7.87 30.75 -14.71
N GLY D 160 7.68 29.44 -14.58
CA GLY D 160 6.36 28.85 -14.75
C GLY D 160 5.46 29.14 -13.56
N VAL D 161 4.16 28.91 -13.78
CA VAL D 161 3.17 29.13 -12.72
C VAL D 161 2.32 27.91 -12.44
N GLY D 162 2.14 26.98 -13.36
CA GLY D 162 1.22 25.89 -13.15
C GLY D 162 1.76 24.84 -12.20
N ALA D 163 0.91 23.85 -11.92
CA ALA D 163 1.31 22.76 -11.02
C ALA D 163 2.31 21.82 -11.66
N ASP D 164 2.37 21.78 -13.00
CA ASP D 164 3.29 20.91 -13.71
C ASP D 164 4.49 21.66 -14.26
N LYS D 165 4.67 22.93 -13.90
CA LYS D 165 5.77 23.75 -14.41
C LYS D 165 6.71 24.23 -13.32
N ALA D 166 6.20 24.72 -12.21
CA ALA D 166 7.01 25.15 -11.08
C ALA D 166 7.02 24.06 -10.02
N PHE D 167 8.20 23.51 -9.74
CA PHE D 167 8.35 22.41 -8.80
C PHE D 167 9.13 22.88 -7.58
N GLY D 168 8.54 22.66 -6.41
CA GLY D 168 9.15 23.12 -5.17
C GLY D 168 9.20 24.62 -5.00
N ARG D 169 8.11 25.32 -5.31
CA ARG D 169 8.05 26.76 -5.07
C ARG D 169 7.81 27.10 -3.61
N ASP D 170 7.29 26.14 -2.83
CA ASP D 170 7.12 26.38 -1.40
C ASP D 170 8.46 26.61 -0.72
N ILE D 171 9.46 25.81 -1.08
CA ILE D 171 10.80 25.98 -0.53
C ILE D 171 11.36 27.35 -0.90
N VAL D 172 11.11 27.79 -2.13
CA VAL D 172 11.63 29.07 -2.58
C VAL D 172 10.96 30.22 -1.83
N ASP D 173 9.63 30.15 -1.65
CA ASP D 173 8.93 31.19 -0.91
C ASP D 173 9.41 31.25 0.54
N ALA D 174 9.53 30.09 1.18
CA ALA D 174 9.99 30.05 2.56
C ALA D 174 11.39 30.63 2.68
N HIS D 175 12.30 30.27 1.76
CA HIS D 175 13.65 30.79 1.81
C HIS D 175 13.67 32.30 1.59
N TYR D 176 12.87 32.78 0.64
CA TYR D 176 12.85 34.22 0.37
C TYR D 176 12.41 35.00 1.59
N LYS D 177 11.32 34.57 2.22
CA LYS D 177 10.83 35.30 3.39
C LYS D 177 11.75 35.12 4.59
N ALA D 178 12.38 33.95 4.75
CA ALA D 178 13.31 33.75 5.85
C ALA D 178 14.55 34.61 5.71
N CYS D 179 15.08 34.72 4.48
CA CYS D 179 16.24 35.58 4.26
C CYS D 179 15.89 37.05 4.39
N LEU D 180 14.68 37.43 3.98
CA LEU D 180 14.27 38.83 4.15
C LEU D 180 14.05 39.16 5.62
N TYR D 181 13.60 38.20 6.42
CA TYR D 181 13.41 38.42 7.85
C TYR D 181 14.74 38.39 8.60
N ALA D 182 15.71 37.58 8.16
CA ALA D 182 16.99 37.51 8.84
C ALA D 182 17.77 38.81 8.70
N GLY D 183 17.74 39.42 7.52
CA GLY D 183 18.47 40.65 7.30
C GLY D 183 19.36 40.59 6.07
N ILE D 184 19.14 39.58 5.23
CA ILE D 184 19.89 39.44 3.98
C ILE D 184 19.30 40.39 2.94
N ASN D 185 20.16 40.98 2.12
CA ASN D 185 19.71 41.82 1.00
C ASN D 185 19.48 40.92 -0.20
N ILE D 186 18.30 40.32 -0.26
CA ILE D 186 17.91 39.44 -1.36
C ILE D 186 16.94 40.21 -2.26
N SER D 187 17.27 40.26 -3.55
CA SER D 187 16.63 41.17 -4.49
C SER D 187 15.99 40.42 -5.66
N GLY D 188 15.43 39.26 -5.40
CA GLY D 188 14.65 38.55 -6.41
C GLY D 188 14.87 37.05 -6.50
N ILE D 189 13.82 36.36 -6.94
CA ILE D 189 13.84 34.92 -7.18
C ILE D 189 13.11 34.64 -8.48
N ASN D 190 13.39 33.49 -9.08
CA ASN D 190 12.64 33.03 -10.25
C ASN D 190 12.94 31.57 -10.48
N GLY D 191 12.20 30.97 -11.42
CA GLY D 191 12.41 29.59 -11.81
C GLY D 191 13.20 29.52 -13.10
N GLU D 192 14.21 28.67 -13.11
CA GLU D 192 15.09 28.54 -14.25
C GLU D 192 14.52 27.56 -15.25
N VAL D 193 15.22 27.39 -16.39
CA VAL D 193 14.67 26.65 -17.52
C VAL D 193 14.47 25.18 -17.17
N MET D 194 15.35 24.62 -16.38
CA MET D 194 15.19 23.23 -15.97
C MET D 194 14.14 23.11 -14.88
N PRO D 195 13.35 22.03 -14.87
CA PRO D 195 12.43 21.83 -13.76
C PRO D 195 13.17 21.60 -12.46
N GLY D 196 12.61 22.12 -11.37
CA GLY D 196 13.21 21.95 -10.06
C GLY D 196 14.44 22.76 -9.80
N GLN D 197 14.80 23.68 -10.69
CA GLN D 197 15.99 24.51 -10.56
C GLN D 197 15.57 25.96 -10.39
N TRP D 198 16.17 26.65 -9.44
CA TRP D 198 15.82 28.04 -9.13
C TRP D 198 17.10 28.85 -9.00
N GLU D 199 16.94 30.16 -8.81
CA GLU D 199 18.04 30.99 -8.37
C GLU D 199 17.51 32.06 -7.42
N PHE D 200 18.44 32.68 -6.70
CA PHE D 200 18.17 33.87 -5.92
C PHE D 200 19.33 34.85 -6.06
N GLN D 201 19.00 36.13 -5.99
CA GLN D 201 19.99 37.20 -6.13
C GLN D 201 20.22 37.83 -4.77
N VAL D 202 21.47 37.83 -4.32
CA VAL D 202 21.88 38.61 -3.16
C VAL D 202 22.24 40.00 -3.65
N GLY D 203 21.51 41.00 -3.16
CA GLY D 203 21.51 42.32 -3.74
C GLY D 203 22.75 43.13 -3.42
N PRO D 204 22.67 44.44 -3.66
CA PRO D 204 23.88 45.27 -3.57
C PRO D 204 24.38 45.43 -2.15
N SER D 205 25.50 44.78 -1.84
CA SER D 205 26.12 44.84 -0.52
C SER D 205 27.56 45.27 -0.68
N VAL D 206 28.02 46.11 0.23
CA VAL D 206 29.32 46.74 0.11
C VAL D 206 30.39 45.84 0.72
N GLY D 207 31.44 45.60 -0.05
CA GLY D 207 32.65 44.94 0.42
C GLY D 207 32.41 43.53 0.92
N ILE D 208 33.26 43.13 1.88
CA ILE D 208 33.30 41.77 2.39
C ILE D 208 31.92 41.30 2.86
N SER D 209 31.11 42.24 3.36
CA SER D 209 29.78 41.89 3.86
C SER D 209 29.00 41.07 2.84
N ALA D 210 29.09 41.44 1.57
CA ALA D 210 28.42 40.71 0.50
C ALA D 210 28.61 39.21 0.68
N GLY D 211 29.88 38.77 0.68
CA GLY D 211 30.15 37.35 0.77
C GLY D 211 29.50 36.72 1.98
N ASP D 212 29.61 37.39 3.15
CA ASP D 212 29.02 36.85 4.35
C ASP D 212 27.54 36.55 4.14
N GLU D 213 26.81 37.54 3.63
CA GLU D 213 25.38 37.37 3.42
C GLU D 213 25.11 36.14 2.58
N VAL D 214 25.87 35.97 1.50
CA VAL D 214 25.63 34.85 0.59
C VAL D 214 25.72 33.54 1.36
N TRP D 215 26.78 33.38 2.16
CA TRP D 215 26.92 32.14 2.92
C TRP D 215 25.72 31.93 3.83
N ALA D 216 25.32 32.99 4.55
CA ALA D 216 24.14 32.88 5.40
C ALA D 216 22.95 32.43 4.59
N ALA D 217 22.76 33.04 3.42
CA ALA D 217 21.65 32.65 2.56
C ALA D 217 21.69 31.15 2.29
N ARG D 218 22.86 30.66 1.84
CA ARG D 218 23.00 29.24 1.56
C ARG D 218 22.56 28.42 2.77
N TYR D 219 23.05 28.80 3.95
CA TYR D 219 22.72 28.06 5.16
C TYR D 219 21.21 27.91 5.30
N ILE D 220 20.50 29.04 5.21
CA ILE D 220 19.05 29.00 5.41
C ILE D 220 18.43 28.03 4.43
N LEU D 221 18.84 28.14 3.16
CA LEU D 221 18.27 27.26 2.14
C LEU D 221 18.39 25.81 2.57
N GLU D 222 19.60 25.39 2.96
CA GLU D 222 19.82 24.00 3.31
C GLU D 222 18.86 23.57 4.41
N ARG D 223 18.75 24.38 5.47
CA ARG D 223 17.92 23.97 6.59
C ARG D 223 16.47 23.87 6.17
N ILE D 224 16.02 24.78 5.31
CA ILE D 224 14.63 24.72 4.84
C ILE D 224 14.40 23.44 4.06
N THR D 225 15.37 23.05 3.24
CA THR D 225 15.22 21.77 2.53
C THR D 225 15.16 20.62 3.52
N GLU D 226 15.89 20.73 4.64
CA GLU D 226 15.81 19.69 5.66
C GLU D 226 14.41 19.55 6.22
N ILE D 227 13.65 20.65 6.26
CA ILE D 227 12.27 20.56 6.71
C ILE D 227 11.42 19.83 5.67
N ALA D 228 11.72 20.02 4.39
CA ALA D 228 10.92 19.43 3.33
C ALA D 228 11.38 18.04 2.92
N GLY D 229 12.46 17.53 3.50
CA GLY D 229 12.99 16.25 3.09
C GLY D 229 13.53 16.23 1.67
N VAL D 230 14.20 17.31 1.27
CA VAL D 230 14.71 17.49 -0.08
C VAL D 230 16.19 17.85 0.04
N VAL D 231 16.97 17.54 -0.99
CA VAL D 231 18.41 17.77 -0.99
C VAL D 231 18.71 18.92 -1.94
N VAL D 232 19.39 19.92 -1.44
CA VAL D 232 19.79 21.04 -2.28
C VAL D 232 21.14 20.70 -2.91
N SER D 233 21.36 21.20 -4.12
CA SER D 233 22.61 20.93 -4.84
C SER D 233 23.03 22.19 -5.56
N PHE D 234 24.21 22.70 -5.23
CA PHE D 234 24.82 23.83 -5.92
C PHE D 234 25.83 23.36 -6.96
N ASP D 235 25.84 22.07 -7.29
CA ASP D 235 26.74 21.55 -8.30
C ASP D 235 26.42 22.16 -9.65
N PRO D 236 27.43 22.53 -10.45
CA PRO D 236 27.15 23.27 -11.69
C PRO D 236 26.32 22.49 -12.71
N LYS D 237 26.67 21.24 -12.97
CA LYS D 237 25.98 20.41 -13.95
C LYS D 237 25.59 19.10 -13.29
N PRO D 238 24.44 19.05 -12.63
CA PRO D 238 24.03 17.81 -11.97
C PRO D 238 23.51 16.77 -12.94
N ILE D 239 22.82 17.22 -13.99
CA ILE D 239 22.19 16.34 -14.97
C ILE D 239 22.81 16.62 -16.33
N GLN D 240 23.31 15.56 -16.97
CA GLN D 240 23.92 15.69 -18.29
C GLN D 240 22.89 15.41 -19.37
N GLY D 241 23.02 16.11 -20.50
CA GLY D 241 22.11 15.99 -21.62
C GLY D 241 21.70 17.36 -22.10
N ASP D 242 20.56 17.41 -22.78
CA ASP D 242 20.03 18.69 -23.26
C ASP D 242 19.30 19.41 -22.13
N TRP D 243 19.97 19.59 -21.00
CA TRP D 243 19.42 20.27 -19.84
C TRP D 243 20.44 21.31 -19.38
N ASN D 244 19.98 22.55 -19.20
CA ASN D 244 20.88 23.63 -18.83
C ASN D 244 21.37 23.46 -17.40
N GLY D 245 22.63 23.81 -17.19
CA GLY D 245 23.25 23.67 -15.89
C GLY D 245 22.94 24.83 -14.97
N ALA D 246 23.51 24.77 -13.77
CA ALA D 246 23.31 25.77 -12.74
C ALA D 246 24.62 26.52 -12.53
N GLY D 247 24.75 27.66 -13.20
CA GLY D 247 25.93 28.50 -13.08
C GLY D 247 25.57 29.84 -12.47
N ALA D 248 26.41 30.31 -11.55
CA ALA D 248 26.19 31.55 -10.84
C ALA D 248 26.86 32.72 -11.56
N HIS D 249 26.59 33.93 -11.07
CA HIS D 249 27.10 35.13 -11.70
C HIS D 249 27.39 36.18 -10.64
N THR D 250 28.14 37.21 -11.04
CA THR D 250 28.50 38.28 -10.10
C THR D 250 28.51 39.63 -10.82
N ASN D 251 27.64 40.53 -10.42
CA ASN D 251 27.64 41.91 -10.91
C ASN D 251 28.51 42.76 -9.99
N TYR D 252 29.32 43.65 -10.59
CA TYR D 252 30.33 44.39 -9.86
C TYR D 252 30.33 45.84 -10.30
N SER D 253 30.39 46.75 -9.33
CA SER D 253 30.44 48.18 -9.60
C SER D 253 31.34 48.85 -8.56
N THR D 254 31.84 50.02 -8.91
CA THR D 254 32.69 50.81 -8.04
C THR D 254 32.28 52.27 -8.15
N LYS D 255 32.58 53.06 -7.11
CA LYS D 255 32.18 54.47 -7.09
C LYS D 255 32.65 55.20 -8.35
N SER D 256 33.86 54.88 -8.82
CA SER D 256 34.34 55.47 -10.07
C SER D 256 33.46 55.07 -11.25
N MET D 257 33.02 53.80 -11.27
CA MET D 257 32.11 53.35 -12.32
C MET D 257 30.76 54.05 -12.22
N ARG D 258 30.25 54.24 -10.99
CA ARG D 258 28.99 54.92 -10.81
C ARG D 258 29.07 56.41 -11.15
N ASN D 259 30.27 56.97 -11.18
CA ASN D 259 30.44 58.38 -11.53
C ASN D 259 30.24 58.58 -13.03
N ASP D 260 29.90 59.82 -13.39
CA ASP D 260 29.61 60.13 -14.78
C ASP D 260 30.86 59.97 -15.65
N GLY D 261 30.65 59.47 -16.87
CA GLY D 261 31.77 59.17 -17.74
C GLY D 261 32.55 57.94 -17.35
N GLY D 262 31.94 57.03 -16.58
CA GLY D 262 32.61 55.86 -16.07
C GLY D 262 32.74 54.70 -17.02
N TYR D 263 32.24 54.83 -18.25
CA TYR D 263 32.36 53.73 -19.20
C TYR D 263 33.81 53.45 -19.56
N GLU D 264 34.66 54.49 -19.62
CA GLU D 264 36.08 54.27 -19.83
C GLU D 264 36.69 53.47 -18.69
N VAL D 265 36.30 53.77 -17.45
CA VAL D 265 36.78 53.01 -16.30
C VAL D 265 36.31 51.56 -16.39
N ILE D 266 35.05 51.35 -16.79
CA ILE D 266 34.54 50.00 -16.95
C ILE D 266 35.32 49.24 -18.01
N LYS D 267 35.64 49.92 -19.13
CA LYS D 267 36.42 49.27 -20.18
C LYS D 267 37.82 48.91 -19.71
N THR D 268 38.47 49.81 -18.98
CA THR D 268 39.79 49.51 -18.44
C THR D 268 39.75 48.34 -17.46
N ALA D 269 38.71 48.30 -16.62
CA ALA D 269 38.56 47.19 -15.69
C ALA D 269 38.34 45.88 -16.43
N ILE D 270 37.54 45.91 -17.49
CA ILE D 270 37.30 44.71 -18.28
C ILE D 270 38.60 44.23 -18.93
N GLU D 271 39.40 45.15 -19.46
CA GLU D 271 40.67 44.77 -20.05
C GLU D 271 41.61 44.19 -18.99
N LYS D 272 41.64 44.78 -17.79
CA LYS D 272 42.47 44.25 -16.72
C LYS D 272 42.02 42.84 -16.32
N LEU D 273 40.71 42.62 -16.22
CA LEU D 273 40.20 41.29 -15.89
C LEU D 273 40.49 40.30 -17.01
N GLY D 274 40.57 40.77 -18.25
CA GLY D 274 41.05 39.94 -19.33
C GLY D 274 42.52 39.60 -19.17
N LYS D 275 42.96 38.59 -19.91
CA LYS D 275 44.31 38.04 -19.88
C LYS D 275 44.71 37.53 -18.49
N ARG D 276 43.77 37.53 -17.54
CA ARG D 276 43.90 36.79 -16.29
C ARG D 276 42.92 35.62 -16.25
N HIS D 277 42.50 35.15 -17.42
CA HIS D 277 41.44 34.14 -17.49
C HIS D 277 41.87 32.82 -16.86
N LYS D 278 43.14 32.44 -17.05
CA LYS D 278 43.59 31.14 -16.55
C LYS D 278 43.50 31.06 -15.04
N GLU D 279 44.07 32.04 -14.33
CA GLU D 279 44.05 32.02 -12.88
C GLU D 279 42.62 32.16 -12.35
N HIS D 280 41.83 33.03 -12.96
CA HIS D 280 40.47 33.26 -12.51
C HIS D 280 39.63 31.99 -12.65
N ILE D 281 39.71 31.34 -13.81
CA ILE D 281 38.95 30.10 -14.02
C ILE D 281 39.46 29.01 -13.08
N ALA D 282 40.77 28.97 -12.84
CA ALA D 282 41.30 27.97 -11.92
C ALA D 282 40.77 28.17 -10.50
N ALA D 283 40.65 29.43 -10.07
CA ALA D 283 40.27 29.74 -8.69
C ALA D 283 38.77 29.94 -8.50
N TYR D 284 37.97 29.88 -9.55
CA TYR D 284 36.54 30.16 -9.46
C TYR D 284 35.68 28.91 -9.47
N GLY D 285 36.26 27.73 -9.23
CA GLY D 285 35.49 26.51 -9.13
C GLY D 285 35.87 25.44 -10.13
N GLU D 286 36.08 24.22 -9.64
CA GLU D 286 36.35 23.08 -10.50
C GLU D 286 35.06 22.30 -10.72
N GLY D 287 35.03 21.52 -11.80
CA GLY D 287 33.81 20.95 -12.28
C GLY D 287 32.98 21.85 -13.16
N ASN D 288 33.50 23.04 -13.48
CA ASN D 288 32.83 23.99 -14.36
C ASN D 288 33.10 23.72 -15.83
N GLU D 289 33.95 22.76 -16.16
CA GLU D 289 34.20 22.42 -17.55
C GLU D 289 32.96 21.83 -18.21
N ARG D 290 32.21 21.01 -17.47
CA ARG D 290 30.99 20.42 -18.02
C ARG D 290 29.95 21.49 -18.35
N ARG D 291 29.85 22.52 -17.50
CA ARG D 291 28.84 23.56 -17.70
C ARG D 291 29.19 24.45 -18.88
N LEU D 292 30.44 24.89 -18.97
CA LEU D 292 30.87 25.82 -20.01
C LEU D 292 31.55 25.02 -21.12
N THR D 293 30.83 24.82 -22.22
CA THR D 293 31.32 24.08 -23.37
C THR D 293 31.37 24.92 -24.64
N GLY D 294 30.31 25.66 -24.95
CA GLY D 294 30.26 26.46 -26.15
C GLY D 294 28.95 26.32 -26.89
N ARG D 295 28.01 25.56 -26.32
CA ARG D 295 26.72 25.36 -26.93
C ARG D 295 25.94 26.68 -27.00
N HIS D 296 25.08 26.79 -28.01
CA HIS D 296 24.20 27.96 -28.18
C HIS D 296 25.00 29.26 -28.21
N GLU D 297 26.26 29.19 -28.64
CA GLU D 297 27.18 30.33 -28.65
C GLU D 297 27.29 30.95 -27.26
N THR D 298 27.72 30.12 -26.30
CA THR D 298 27.93 30.54 -24.93
C THR D 298 29.42 30.63 -24.63
N ALA D 299 29.74 30.92 -23.37
CA ALA D 299 31.13 31.08 -22.97
C ALA D 299 31.87 29.75 -23.00
N ASP D 300 33.15 29.82 -23.34
CA ASP D 300 34.03 28.66 -23.35
C ASP D 300 35.17 28.89 -22.38
N ILE D 301 35.70 27.79 -21.83
CA ILE D 301 36.80 27.88 -20.88
C ILE D 301 38.04 28.46 -21.54
N ASN D 302 38.31 28.07 -22.79
CA ASN D 302 39.49 28.48 -23.50
C ASN D 302 39.32 29.79 -24.27
N THR D 303 38.17 30.44 -24.16
CA THR D 303 37.90 31.68 -24.88
C THR D 303 37.36 32.72 -23.92
N PHE D 304 37.95 33.91 -23.93
CA PHE D 304 37.50 35.05 -23.14
C PHE D 304 36.85 36.06 -24.06
N LEU D 305 35.58 36.38 -23.80
CA LEU D 305 34.82 37.26 -24.67
C LEU D 305 34.07 38.26 -23.82
N TRP D 306 34.04 39.51 -24.28
CA TRP D 306 33.27 40.57 -23.64
C TRP D 306 32.60 41.42 -24.72
N GLY D 307 31.34 41.76 -24.49
CA GLY D 307 30.57 42.49 -25.47
C GLY D 307 29.49 43.38 -24.89
N VAL D 308 28.50 43.74 -25.71
CA VAL D 308 27.43 44.63 -25.28
C VAL D 308 26.09 43.91 -25.33
N ALA D 309 25.95 42.96 -26.25
CA ALA D 309 24.69 42.24 -26.38
C ALA D 309 24.83 40.73 -26.53
N ASN D 310 26.03 40.19 -26.74
CA ASN D 310 26.19 38.76 -26.92
C ASN D 310 26.00 38.06 -25.58
N ARG D 311 24.95 37.23 -25.49
CA ARG D 311 24.66 36.52 -24.25
C ARG D 311 25.71 35.46 -23.91
N GLY D 312 26.55 35.07 -24.88
CA GLY D 312 27.63 34.16 -24.62
C GLY D 312 28.90 34.80 -24.12
N ALA D 313 28.88 36.10 -23.86
CA ALA D 313 30.05 36.81 -23.38
C ALA D 313 30.43 36.33 -21.98
N SER D 314 31.73 36.21 -21.74
CA SER D 314 32.20 35.91 -20.39
C SER D 314 31.91 37.06 -19.44
N VAL D 315 32.07 38.30 -19.92
CA VAL D 315 31.74 39.50 -19.15
C VAL D 315 30.82 40.34 -20.01
N ARG D 316 29.59 40.54 -19.55
CA ARG D 316 28.58 41.25 -20.32
C ARG D 316 28.39 42.66 -19.78
N VAL D 317 28.11 43.59 -20.70
CA VAL D 317 27.86 44.99 -20.39
C VAL D 317 26.50 45.37 -20.96
N GLY D 318 25.65 45.97 -20.14
CA GLY D 318 24.31 46.29 -20.55
C GLY D 318 24.22 47.53 -21.42
N ARG D 319 23.03 47.74 -21.99
CA ARG D 319 22.80 48.91 -22.82
C ARG D 319 22.77 50.18 -21.98
N ASP D 320 22.26 50.08 -20.74
CA ASP D 320 22.10 51.27 -19.90
C ASP D 320 23.44 51.89 -19.55
N THR D 321 24.44 51.07 -19.25
CA THR D 321 25.75 51.60 -18.89
C THR D 321 26.49 52.20 -20.08
N GLU D 322 26.02 51.96 -21.30
CA GLU D 322 26.54 52.71 -22.45
C GLU D 322 25.74 53.97 -22.72
N LYS D 323 24.41 53.90 -22.61
CA LYS D 323 23.58 55.07 -22.84
C LYS D 323 23.87 56.16 -21.81
N ALA D 324 23.66 55.86 -20.53
CA ALA D 324 23.95 56.84 -19.48
C ALA D 324 25.44 56.97 -19.22
N GLY D 325 26.22 55.95 -19.56
CA GLY D 325 27.65 55.96 -19.28
C GLY D 325 28.02 55.55 -17.87
N LYS D 326 27.05 55.16 -17.05
CA LYS D 326 27.28 54.82 -15.65
C LYS D 326 26.65 53.48 -15.35
N GLY D 327 27.32 52.68 -14.54
CA GLY D 327 26.74 51.42 -14.11
C GLY D 327 27.81 50.42 -13.71
N TYR D 328 27.40 49.16 -13.69
CA TYR D 328 28.20 48.02 -13.29
C TYR D 328 28.51 47.15 -14.51
N PHE D 329 29.19 46.03 -14.27
CA PHE D 329 29.32 45.02 -15.30
C PHE D 329 29.23 43.63 -14.67
N GLU D 330 28.85 42.66 -15.48
CA GLU D 330 28.47 41.33 -15.01
C GLU D 330 29.50 40.30 -15.45
N ASP D 331 30.05 39.57 -14.49
CA ASP D 331 30.94 38.44 -14.73
C ASP D 331 30.12 37.16 -14.67
N ARG D 332 30.14 36.41 -15.76
CA ARG D 332 29.33 35.19 -15.90
C ARG D 332 30.18 33.92 -15.87
N ARG D 333 31.43 34.04 -15.44
CA ARG D 333 32.37 32.92 -15.42
C ARG D 333 32.18 31.95 -14.25
N PRO D 334 32.05 32.43 -13.01
CA PRO D 334 32.03 31.50 -11.88
C PRO D 334 30.80 30.59 -11.90
N ALA D 335 30.97 29.41 -11.28
CA ALA D 335 29.90 28.43 -11.21
C ALA D 335 29.07 28.64 -9.96
N SER D 336 28.04 27.80 -9.78
CA SER D 336 27.14 27.94 -8.65
C SER D 336 27.82 27.62 -7.32
N ASN D 337 28.91 26.86 -7.33
CA ASN D 337 29.60 26.45 -6.12
C ASN D 337 30.83 27.30 -5.83
N MET D 338 30.80 28.60 -6.13
CA MET D 338 31.93 29.47 -5.87
C MET D 338 32.09 29.67 -4.38
N ASP D 339 33.23 30.23 -3.99
CA ASP D 339 33.33 30.90 -2.71
C ASP D 339 33.18 32.41 -2.95
N PRO D 340 32.14 33.05 -2.41
CA PRO D 340 31.95 34.48 -2.72
C PRO D 340 33.10 35.34 -2.26
N TYR D 341 33.79 34.94 -1.19
CA TYR D 341 34.91 35.72 -0.67
C TYR D 341 36.00 35.87 -1.72
N VAL D 342 36.46 34.75 -2.28
CA VAL D 342 37.57 34.82 -3.22
C VAL D 342 37.15 35.52 -4.51
N VAL D 343 35.93 35.29 -4.96
CA VAL D 343 35.45 35.94 -6.18
C VAL D 343 35.45 37.45 -6.00
N THR D 344 34.83 37.93 -4.91
CA THR D 344 34.78 39.37 -4.67
C THR D 344 36.17 39.96 -4.48
N SER D 345 37.03 39.26 -3.73
CA SER D 345 38.37 39.77 -3.45
C SER D 345 39.21 39.87 -4.71
N MET D 346 39.17 38.85 -5.58
CA MET D 346 39.94 38.92 -6.81
C MET D 346 39.38 39.95 -7.78
N ILE D 347 38.05 40.10 -7.84
CA ILE D 347 37.49 41.14 -8.69
C ILE D 347 37.96 42.51 -8.21
N ALA D 348 37.98 42.74 -6.90
CA ALA D 348 38.50 44.00 -6.38
C ALA D 348 39.98 44.16 -6.68
N ASP D 349 40.77 43.09 -6.52
CA ASP D 349 42.22 43.18 -6.67
C ASP D 349 42.60 43.49 -8.12
N THR D 350 42.07 42.73 -9.08
CA THR D 350 42.47 42.91 -10.47
C THR D 350 41.93 44.19 -11.09
N THR D 351 41.32 45.07 -10.32
CA THR D 351 40.73 46.30 -10.85
C THR D 351 41.23 47.55 -10.15
N ILE D 352 41.44 47.50 -8.83
CA ILE D 352 41.67 48.69 -8.04
C ILE D 352 43.14 48.86 -7.67
N LEU D 353 43.80 47.77 -7.27
CA LEU D 353 45.16 47.87 -6.74
C LEU D 353 46.21 47.17 -7.58
N TRP D 354 45.88 46.02 -8.19
CA TRP D 354 46.86 45.33 -9.01
C TRP D 354 47.12 46.08 -10.30
N LYS D 355 48.39 46.17 -10.67
CA LYS D 355 48.79 46.90 -11.88
C LYS D 355 49.12 45.94 -13.02
N LEU E 4 7.63 24.52 6.65
CA LEU E 4 7.60 25.48 5.57
C LEU E 4 6.61 26.59 5.87
N SER E 5 5.40 26.21 6.28
CA SER E 5 4.43 27.20 6.72
C SER E 5 4.86 27.76 8.08
N ASP E 6 4.24 28.88 8.46
CA ASP E 6 4.67 29.74 9.56
C ASP E 6 5.94 30.49 9.16
N LEU E 7 6.48 30.15 7.99
CA LEU E 7 7.52 30.93 7.32
C LEU E 7 7.02 31.53 6.02
N ILE E 8 6.14 30.84 5.31
CA ILE E 8 5.45 31.44 4.18
C ILE E 8 4.47 32.51 4.66
N ASN E 9 3.81 32.26 5.78
CA ASN E 9 2.91 33.24 6.40
C ASN E 9 3.63 34.09 7.43
N LEU E 10 4.75 34.69 7.03
CA LEU E 10 5.58 35.47 7.94
C LEU E 10 5.33 36.96 7.70
N ASN E 11 5.01 37.67 8.77
CA ASN E 11 4.76 39.11 8.68
C ASN E 11 6.09 39.85 8.72
N LEU E 12 6.46 40.47 7.61
CA LEU E 12 7.70 41.24 7.54
C LEU E 12 7.51 42.70 7.94
N SER E 13 6.27 43.14 8.15
CA SER E 13 6.04 44.51 8.58
C SER E 13 6.54 44.75 10.00
N ASP E 14 6.64 43.70 10.81
CA ASP E 14 7.16 43.85 12.16
C ASP E 14 8.66 44.13 12.18
N THR E 15 9.38 43.82 11.10
CA THR E 15 10.83 43.87 11.09
C THR E 15 11.39 44.85 10.07
N THR E 16 10.91 44.83 8.83
CA THR E 16 11.48 45.62 7.75
C THR E 16 10.38 46.41 7.05
N GLU E 17 10.81 47.35 6.22
CA GLU E 17 9.89 48.18 5.43
C GLU E 17 9.95 47.86 3.95
N LYS E 18 10.68 46.83 3.55
CA LYS E 18 10.76 46.45 2.15
C LYS E 18 9.55 45.63 1.75
N VAL E 19 9.21 45.68 0.45
CA VAL E 19 8.00 45.09 -0.07
C VAL E 19 8.35 44.24 -1.29
N ILE E 20 7.84 43.01 -1.34
CA ILE E 20 8.05 42.14 -2.48
C ILE E 20 6.98 42.42 -3.53
N ALA E 21 7.40 42.63 -4.77
CA ALA E 21 6.50 42.88 -5.89
C ALA E 21 6.61 41.73 -6.88
N GLU E 22 5.46 41.21 -7.31
CA GLU E 22 5.40 40.08 -8.22
C GLU E 22 5.04 40.58 -9.61
N TYR E 23 5.91 40.32 -10.58
CA TYR E 23 5.73 40.77 -11.95
C TYR E 23 5.23 39.61 -12.80
N ILE E 24 4.17 39.85 -13.57
CA ILE E 24 3.50 38.84 -14.37
C ILE E 24 3.39 39.34 -15.80
N TRP E 25 3.77 38.50 -16.76
CA TRP E 25 3.67 38.82 -18.18
C TRP E 25 3.17 37.59 -18.94
N ILE E 26 2.93 37.78 -20.24
CA ILE E 26 2.34 36.76 -21.09
C ILE E 26 3.42 36.20 -22.01
N GLY E 27 3.54 34.87 -22.06
CA GLY E 27 4.62 34.20 -22.75
C GLY E 27 4.40 34.13 -24.25
N GLY E 28 5.27 33.35 -24.89
CA GLY E 28 5.31 33.31 -26.34
C GLY E 28 4.06 32.76 -26.98
N SER E 29 3.43 31.77 -26.34
CA SER E 29 2.24 31.15 -26.90
C SER E 29 1.04 32.08 -26.91
N GLY E 30 1.11 33.22 -26.23
CA GLY E 30 0.01 34.16 -26.19
C GLY E 30 -1.06 33.86 -25.18
N MET E 31 -0.99 32.72 -24.49
CA MET E 31 -1.97 32.37 -23.48
C MET E 31 -1.38 31.79 -22.21
N ASP E 32 -0.07 31.63 -22.11
CA ASP E 32 0.56 31.18 -20.88
C ASP E 32 1.20 32.36 -20.14
N LEU E 33 1.18 32.29 -18.82
CA LEU E 33 1.63 33.38 -17.97
C LEU E 33 2.95 33.02 -17.30
N ARG E 34 3.91 33.94 -17.35
CA ARG E 34 5.16 33.82 -16.63
C ARG E 34 5.22 34.91 -15.57
N SER E 35 5.98 34.67 -14.50
CA SER E 35 6.03 35.63 -13.43
C SER E 35 7.21 35.34 -12.52
N LYS E 36 7.72 36.41 -11.89
CA LYS E 36 8.76 36.25 -10.87
C LYS E 36 8.66 37.42 -9.89
N ALA E 37 9.67 37.56 -9.03
CA ALA E 37 9.56 38.43 -7.86
C ALA E 37 10.74 39.38 -7.77
N ARG E 38 10.48 40.53 -7.13
CA ARG E 38 11.45 41.59 -6.94
C ARG E 38 11.28 42.16 -5.54
N THR E 39 12.33 42.77 -5.02
CA THR E 39 12.29 43.44 -3.72
C THR E 39 12.40 44.94 -3.92
N LEU E 40 11.53 45.70 -3.23
CA LEU E 40 11.42 47.15 -3.35
C LEU E 40 11.61 47.81 -2.00
N PRO E 41 12.15 49.03 -1.98
CA PRO E 41 12.41 49.69 -0.68
C PRO E 41 11.18 49.92 0.16
N GLY E 42 10.04 50.26 -0.44
CA GLY E 42 8.87 50.62 0.32
C GLY E 42 7.58 50.46 -0.45
N PRO E 43 6.46 50.76 0.20
CA PRO E 43 5.16 50.59 -0.45
C PRO E 43 4.98 51.54 -1.63
N VAL E 44 4.24 51.07 -2.63
CA VAL E 44 3.93 51.86 -3.81
C VAL E 44 2.56 51.44 -4.32
N SER E 45 1.79 52.43 -4.81
CA SER E 45 0.47 52.17 -5.36
C SER E 45 0.27 52.69 -6.77
N ASP E 46 1.23 53.44 -7.32
CA ASP E 46 1.13 53.97 -8.67
C ASP E 46 1.98 53.15 -9.61
N PRO E 47 1.41 52.54 -10.66
CA PRO E 47 2.23 51.75 -11.59
C PRO E 47 3.32 52.54 -12.28
N SER E 48 3.13 53.84 -12.46
CA SER E 48 4.14 54.67 -13.10
C SER E 48 5.35 54.91 -12.20
N LYS E 49 5.26 54.59 -10.91
CA LYS E 49 6.39 54.73 -9.98
C LYS E 49 7.15 53.42 -9.81
N LEU E 50 6.80 52.39 -10.56
CA LEU E 50 7.47 51.09 -10.50
C LEU E 50 8.49 50.99 -11.62
N PRO E 51 9.68 50.48 -11.35
CA PRO E 51 10.73 50.49 -12.38
C PRO E 51 10.43 49.54 -13.53
N LYS E 52 10.95 49.88 -14.71
CA LYS E 52 10.93 48.95 -15.82
C LYS E 52 11.94 47.84 -15.56
N TRP E 53 11.85 46.76 -16.33
CA TRP E 53 12.65 45.59 -15.98
C TRP E 53 12.79 44.73 -17.24
N ASN E 54 13.37 43.54 -17.10
CA ASN E 54 13.64 42.77 -18.31
C ASN E 54 13.75 41.28 -17.99
N TYR E 55 13.67 40.48 -19.05
CA TYR E 55 13.84 39.03 -18.95
C TYR E 55 14.39 38.50 -20.27
N ASP E 56 14.62 37.19 -20.29
CA ASP E 56 15.27 36.50 -21.40
C ASP E 56 14.22 35.89 -22.32
N GLY E 57 14.17 36.36 -23.57
CA GLY E 57 13.17 35.89 -24.50
C GLY E 57 13.44 34.53 -25.10
N SER E 58 14.70 34.09 -25.14
CA SER E 58 15.00 32.78 -25.71
C SER E 58 14.37 31.67 -24.88
N SER E 59 14.37 31.81 -23.56
CA SER E 59 13.81 30.78 -22.69
C SER E 59 12.29 30.77 -22.68
N THR E 60 11.64 31.78 -23.27
CA THR E 60 10.19 31.85 -23.34
C THR E 60 9.65 31.63 -24.73
N GLY E 61 10.40 32.01 -25.77
CA GLY E 61 9.94 31.86 -27.13
C GLY E 61 9.46 33.17 -27.72
N GLN E 62 10.14 34.26 -27.37
CA GLN E 62 9.69 35.59 -27.75
C GLN E 62 10.77 36.46 -28.38
N ALA E 63 11.99 35.97 -28.51
CA ALA E 63 13.07 36.79 -29.05
C ALA E 63 14.15 35.89 -29.63
N PRO E 64 14.91 36.37 -30.61
CA PRO E 64 15.99 35.55 -31.17
C PRO E 64 17.14 35.40 -30.19
N GLY E 65 18.09 34.53 -30.55
CA GLY E 65 19.22 34.27 -29.70
C GLY E 65 20.15 35.46 -29.54
N GLU E 66 20.35 36.22 -30.63
CA GLU E 66 21.26 37.37 -30.57
C GLU E 66 20.71 38.49 -29.69
N ASP E 67 19.39 38.69 -29.70
CA ASP E 67 18.74 39.69 -28.86
C ASP E 67 17.60 39.00 -28.14
N SER E 68 17.89 38.38 -27.01
CA SER E 68 16.88 37.72 -26.20
C SER E 68 16.32 38.60 -25.10
N GLU E 69 16.77 39.85 -25.00
CA GLU E 69 16.32 40.75 -23.96
C GLU E 69 14.94 41.29 -24.32
N VAL E 70 13.97 41.06 -23.43
CA VAL E 70 12.62 41.60 -23.60
C VAL E 70 12.33 42.47 -22.38
N ILE E 71 11.87 43.69 -22.62
CA ILE E 71 11.63 44.66 -21.57
C ILE E 71 10.21 44.52 -21.04
N ILE E 72 10.05 44.80 -19.76
CA ILE E 72 8.81 44.61 -19.02
C ILE E 72 8.39 45.95 -18.44
N TYR E 73 7.17 46.38 -18.80
CA TYR E 73 6.58 47.66 -18.41
C TYR E 73 5.46 47.43 -17.41
N PRO E 74 5.58 47.86 -16.16
CA PRO E 74 4.47 47.71 -15.22
C PRO E 74 3.25 48.51 -15.68
N GLN E 75 2.08 47.89 -15.56
CA GLN E 75 0.85 48.53 -16.03
C GLN E 75 -0.26 48.58 -15.00
N ALA E 76 -0.41 47.53 -14.17
CA ALA E 76 -1.46 47.51 -13.16
C ALA E 76 -0.92 46.93 -11.87
N ILE E 77 -1.52 47.34 -10.74
CA ILE E 77 -1.10 46.90 -9.41
C ILE E 77 -2.31 46.35 -8.67
N PHE E 78 -2.14 45.17 -8.07
CA PHE E 78 -3.12 44.56 -7.20
C PHE E 78 -2.42 44.09 -5.93
N ARG E 79 -3.20 43.61 -4.97
CA ARG E 79 -2.61 43.08 -3.75
C ARG E 79 -2.16 41.63 -3.96
N ASP E 80 -1.19 41.22 -3.14
CA ASP E 80 -0.69 39.85 -3.21
C ASP E 80 -1.50 38.99 -2.26
N PRO E 81 -2.28 38.02 -2.75
CA PRO E 81 -3.08 37.19 -1.84
C PRO E 81 -2.28 36.10 -1.15
N PHE E 82 -1.15 35.67 -1.71
CA PHE E 82 -0.38 34.56 -1.16
C PHE E 82 0.68 35.02 -0.17
N ARG E 83 1.32 36.16 -0.41
CA ARG E 83 2.27 36.72 0.54
C ARG E 83 1.62 37.70 1.51
N ARG E 84 0.52 38.33 1.09
CA ARG E 84 -0.24 39.26 1.91
C ARG E 84 0.63 40.39 2.46
N GLY E 85 0.18 41.03 3.53
CA GLY E 85 0.91 42.17 4.04
C GLY E 85 0.84 43.33 3.07
N ASN E 86 1.98 43.97 2.85
CA ASN E 86 2.08 45.09 1.92
C ASN E 86 2.62 44.67 0.55
N ASN E 87 2.82 43.38 0.33
CA ASN E 87 3.33 42.90 -0.95
C ASN E 87 2.25 42.99 -2.02
N ILE E 88 2.67 43.19 -3.27
CA ILE E 88 1.76 43.49 -4.36
C ILE E 88 2.05 42.58 -5.56
N LEU E 89 1.06 42.49 -6.45
CA LEU E 89 1.18 41.88 -7.76
C LEU E 89 1.17 42.98 -8.82
N VAL E 90 1.97 42.81 -9.86
CA VAL E 90 2.07 43.80 -10.93
C VAL E 90 1.81 43.11 -12.26
N ILE E 91 0.82 43.61 -12.99
CA ILE E 91 0.55 43.16 -14.35
C ILE E 91 1.32 44.05 -15.31
N CYS E 92 2.06 43.42 -16.23
CA CYS E 92 3.09 44.09 -17.01
C CYS E 92 2.89 43.85 -18.50
N ASP E 93 3.54 44.70 -19.29
CA ASP E 93 3.53 44.67 -20.74
C ASP E 93 4.93 44.38 -21.24
N THR E 94 5.03 43.75 -22.41
CA THR E 94 6.31 43.33 -22.97
C THR E 94 6.70 44.21 -24.14
N TYR E 95 7.98 44.60 -24.19
CA TYR E 95 8.49 45.49 -25.21
C TYR E 95 9.90 45.07 -25.61
N THR E 96 10.30 45.48 -26.81
CA THR E 96 11.66 45.29 -27.29
C THR E 96 12.59 46.30 -26.64
N PRO E 97 13.90 46.03 -26.61
CA PRO E 97 14.84 47.03 -26.08
C PRO E 97 14.76 48.37 -26.78
N ALA E 98 14.51 48.38 -28.09
CA ALA E 98 14.44 49.65 -28.83
C ALA E 98 13.27 50.49 -28.34
N GLY E 99 12.11 49.87 -28.12
CA GLY E 99 10.95 50.60 -27.65
C GLY E 99 9.66 50.23 -28.35
N GLU E 100 9.73 49.26 -29.21
CA GLU E 100 8.57 48.81 -29.95
C GLU E 100 8.02 47.53 -29.34
N PRO E 101 6.70 47.37 -29.23
CA PRO E 101 6.17 46.15 -28.63
C PRO E 101 6.44 44.92 -29.49
N ILE E 102 6.58 43.78 -28.83
CA ILE E 102 6.82 42.51 -29.49
C ILE E 102 5.51 42.03 -30.11
N PRO E 103 5.54 41.10 -31.09
CA PRO E 103 4.29 40.67 -31.72
C PRO E 103 3.28 40.08 -30.75
N THR E 104 3.73 39.38 -29.71
CA THR E 104 2.80 38.76 -28.77
C THR E 104 2.13 39.79 -27.86
N ASN E 105 2.62 41.02 -27.85
CA ASN E 105 1.98 42.08 -27.08
C ASN E 105 0.67 42.50 -27.75
N LYS E 106 -0.42 42.50 -26.98
CA LYS E 106 -1.72 42.91 -27.47
C LYS E 106 -2.37 44.02 -26.67
N ARG E 107 -1.78 44.42 -25.54
CA ARG E 107 -2.33 45.50 -24.75
C ARG E 107 -2.04 46.88 -25.34
N HIS E 108 -1.03 46.99 -26.20
CA HIS E 108 -0.67 48.28 -26.76
C HIS E 108 -1.77 48.80 -27.69
N ASP E 109 -2.25 47.96 -28.60
CA ASP E 109 -3.30 48.37 -29.51
C ASP E 109 -4.61 48.63 -28.77
N ALA E 110 -4.92 47.82 -27.76
CA ALA E 110 -6.11 48.05 -26.97
C ALA E 110 -6.04 49.36 -26.21
N ALA E 111 -4.87 49.68 -25.66
CA ALA E 111 -4.70 50.94 -24.94
C ALA E 111 -4.79 52.12 -25.90
N LYS E 112 -4.26 51.97 -27.11
CA LYS E 112 -4.42 53.02 -28.11
C LYS E 112 -5.89 53.22 -28.47
N VAL E 113 -6.63 52.11 -28.61
CA VAL E 113 -8.06 52.20 -28.92
C VAL E 113 -8.81 52.86 -27.76
N PHE E 114 -8.54 52.40 -26.54
CA PHE E 114 -9.27 52.89 -25.37
C PHE E 114 -8.86 54.31 -24.95
N SER E 115 -7.79 54.84 -25.52
CA SER E 115 -7.39 56.22 -25.26
C SER E 115 -7.96 57.20 -26.29
N HIS E 116 -8.70 56.70 -27.28
CA HIS E 116 -9.36 57.59 -28.22
C HIS E 116 -10.39 58.45 -27.48
N PRO E 117 -10.51 59.74 -27.82
CA PRO E 117 -11.42 60.60 -27.06
C PRO E 117 -12.86 60.13 -27.07
N ASP E 118 -13.32 59.56 -28.19
CA ASP E 118 -14.69 59.04 -28.24
C ASP E 118 -14.86 57.87 -27.28
N VAL E 119 -13.94 56.90 -27.32
CA VAL E 119 -14.02 55.76 -26.42
C VAL E 119 -13.83 56.20 -24.98
N VAL E 120 -12.95 57.18 -24.74
CA VAL E 120 -12.75 57.69 -23.38
C VAL E 120 -14.04 58.29 -22.84
N ALA E 121 -14.72 59.09 -23.66
CA ALA E 121 -15.92 59.79 -23.21
C ALA E 121 -17.18 58.91 -23.24
N GLU E 122 -17.14 57.76 -23.89
CA GLU E 122 -18.32 56.91 -23.96
C GLU E 122 -18.50 56.02 -22.74
N GLU E 123 -17.52 55.95 -21.85
CA GLU E 123 -17.63 55.22 -20.58
C GLU E 123 -18.03 53.76 -20.80
N THR E 124 -17.15 53.02 -21.45
CA THR E 124 -17.48 51.67 -21.86
C THR E 124 -17.36 50.68 -20.70
N TRP E 125 -18.33 49.77 -20.60
CA TRP E 125 -18.39 48.79 -19.53
C TRP E 125 -18.41 47.38 -20.09
N TYR E 126 -17.53 46.52 -19.58
CA TYR E 126 -17.49 45.12 -19.98
C TYR E 126 -17.65 44.21 -18.75
N GLY E 127 -18.15 43.01 -19.01
CA GLY E 127 -18.18 41.95 -18.02
C GLY E 127 -17.82 40.63 -18.67
N ILE E 128 -16.84 39.91 -18.13
CA ILE E 128 -16.28 38.74 -18.82
C ILE E 128 -16.64 37.49 -18.03
N GLU E 129 -17.26 36.53 -18.71
CA GLU E 129 -17.71 35.28 -18.10
C GLU E 129 -16.75 34.20 -18.57
N GLN E 130 -15.86 33.75 -17.68
CA GLN E 130 -14.76 32.87 -18.10
C GLN E 130 -14.88 31.52 -17.40
N GLU E 131 -14.91 30.45 -18.18
CA GLU E 131 -15.08 29.09 -17.67
C GLU E 131 -13.77 28.31 -17.81
N TYR E 132 -13.57 27.35 -16.91
CA TYR E 132 -12.34 26.57 -16.87
C TYR E 132 -12.64 25.17 -16.34
N THR E 133 -11.69 24.28 -16.54
CA THR E 133 -11.79 22.88 -16.15
C THR E 133 -10.61 22.49 -15.28
N LEU E 134 -10.87 21.73 -14.22
CA LEU E 134 -9.83 21.22 -13.36
C LEU E 134 -9.51 19.78 -13.73
N LEU E 135 -8.22 19.47 -13.83
CA LEU E 135 -7.76 18.17 -14.29
C LEU E 135 -6.76 17.61 -13.29
N GLN E 136 -6.66 16.30 -13.25
CA GLN E 136 -5.64 15.65 -12.44
C GLN E 136 -4.27 15.88 -13.07
N LYS E 137 -3.25 15.93 -12.21
CA LYS E 137 -1.94 16.43 -12.64
C LYS E 137 -1.32 15.57 -13.71
N ASP E 138 -1.23 14.26 -13.48
CA ASP E 138 -0.41 13.41 -14.34
C ASP E 138 -1.14 12.97 -15.59
N ILE E 139 -2.43 12.63 -15.47
CA ILE E 139 -3.13 11.93 -16.54
C ILE E 139 -4.08 12.82 -17.33
N GLN E 140 -4.23 14.09 -16.93
CA GLN E 140 -5.09 15.05 -17.64
C GLN E 140 -6.52 14.55 -17.77
N TRP E 141 -7.01 13.90 -16.72
CA TRP E 141 -8.39 13.47 -16.62
C TRP E 141 -9.11 14.33 -15.61
N PRO E 142 -10.32 14.82 -15.92
CA PRO E 142 -10.94 15.85 -15.08
C PRO E 142 -11.09 15.42 -13.64
N LEU E 143 -11.21 16.42 -12.76
CA LEU E 143 -11.31 16.18 -11.33
C LEU E 143 -12.62 15.45 -11.01
N GLY E 144 -12.52 14.41 -10.19
CA GLY E 144 -13.67 13.61 -9.84
C GLY E 144 -14.04 12.56 -10.87
N TRP E 145 -13.30 12.46 -11.97
CA TRP E 145 -13.50 11.40 -12.94
C TRP E 145 -12.61 10.22 -12.59
N PRO E 146 -13.16 9.01 -12.46
CA PRO E 146 -12.30 7.84 -12.26
C PRO E 146 -11.36 7.64 -13.44
N VAL E 147 -10.15 7.17 -13.15
CA VAL E 147 -9.16 6.96 -14.18
C VAL E 147 -9.64 5.88 -15.14
N GLY E 148 -9.58 6.18 -16.43
CA GLY E 148 -10.07 5.25 -17.44
C GLY E 148 -11.55 4.97 -17.32
N GLY E 149 -12.33 5.97 -16.93
CA GLY E 149 -13.76 5.81 -16.77
C GLY E 149 -14.44 7.14 -16.89
N PHE E 150 -15.75 7.12 -16.68
CA PHE E 150 -16.56 8.31 -16.82
C PHE E 150 -17.47 8.47 -15.60
N PRO E 151 -17.87 9.69 -15.28
CA PRO E 151 -18.86 9.87 -14.23
C PRO E 151 -20.26 9.63 -14.75
N GLY E 152 -21.28 9.90 -13.94
CA GLY E 152 -22.65 9.76 -14.37
C GLY E 152 -23.01 10.77 -15.43
N PRO E 153 -24.17 10.63 -16.04
CA PRO E 153 -24.59 11.57 -17.08
C PRO E 153 -24.79 12.96 -16.52
N GLN E 154 -24.79 13.93 -17.42
CA GLN E 154 -24.94 15.33 -17.03
C GLN E 154 -26.32 15.59 -16.45
N GLY E 155 -26.41 16.62 -15.61
CA GLY E 155 -27.66 16.99 -15.00
C GLY E 155 -27.61 17.22 -13.50
N PRO E 156 -26.87 16.38 -12.75
CA PRO E 156 -26.73 16.64 -11.31
C PRO E 156 -25.59 17.57 -10.92
N TYR E 157 -24.67 17.87 -11.83
CA TYR E 157 -23.47 18.62 -11.49
C TYR E 157 -23.64 20.12 -11.60
N TYR E 158 -24.59 20.59 -12.41
CA TYR E 158 -24.82 22.02 -12.55
C TYR E 158 -25.22 22.64 -11.21
N CYS E 159 -24.35 23.48 -10.66
CA CYS E 159 -24.61 24.15 -9.39
C CYS E 159 -24.90 23.16 -8.27
N GLY E 160 -24.20 22.04 -8.28
CA GLY E 160 -24.45 21.00 -7.30
C GLY E 160 -23.93 21.36 -5.92
N VAL E 161 -24.39 20.61 -4.92
CA VAL E 161 -23.97 20.83 -3.54
C VAL E 161 -23.40 19.60 -2.88
N GLY E 162 -23.73 18.39 -3.31
CA GLY E 162 -23.31 17.19 -2.60
C GLY E 162 -21.84 16.89 -2.81
N ALA E 163 -21.39 15.85 -2.12
CA ALA E 163 -20.00 15.42 -2.22
C ALA E 163 -19.71 14.73 -3.55
N ASP E 164 -20.74 14.25 -4.25
CA ASP E 164 -20.57 13.58 -5.53
C ASP E 164 -20.99 14.45 -6.71
N LYS E 165 -21.24 15.74 -6.48
CA LYS E 165 -21.70 16.64 -7.53
C LYS E 165 -20.78 17.83 -7.75
N ALA E 166 -20.24 18.41 -6.69
CA ALA E 166 -19.28 19.51 -6.81
C ALA E 166 -17.89 18.95 -6.57
N PHE E 167 -17.02 19.05 -7.58
CA PHE E 167 -15.70 18.43 -7.56
C PHE E 167 -14.65 19.53 -7.64
N GLY E 168 -14.19 19.99 -6.48
CA GLY E 168 -13.16 21.00 -6.43
C GLY E 168 -13.68 22.36 -6.04
N ARG E 169 -14.63 22.41 -5.10
CA ARG E 169 -15.15 23.68 -4.63
C ARG E 169 -14.19 24.39 -3.68
N ASP E 170 -13.23 23.68 -3.10
CA ASP E 170 -12.23 24.32 -2.26
C ASP E 170 -11.38 25.27 -3.08
N ILE E 171 -10.93 24.83 -4.26
CA ILE E 171 -10.15 25.69 -5.15
C ILE E 171 -10.96 26.90 -5.56
N VAL E 172 -12.26 26.70 -5.83
CA VAL E 172 -13.10 27.80 -6.27
C VAL E 172 -13.30 28.82 -5.17
N ASP E 173 -13.56 28.36 -3.94
CA ASP E 173 -13.71 29.27 -2.81
C ASP E 173 -12.42 30.04 -2.53
N ALA E 174 -11.28 29.35 -2.56
CA ALA E 174 -10.01 30.02 -2.35
C ALA E 174 -9.77 31.08 -3.41
N HIS E 175 -10.03 30.75 -4.67
CA HIS E 175 -9.83 31.72 -5.75
C HIS E 175 -10.76 32.91 -5.60
N TYR E 176 -12.02 32.66 -5.23
CA TYR E 176 -12.97 33.76 -5.10
C TYR E 176 -12.55 34.73 -4.01
N LYS E 177 -12.16 34.18 -2.84
CA LYS E 177 -11.70 35.03 -1.76
C LYS E 177 -10.41 35.75 -2.12
N ALA E 178 -9.48 35.07 -2.80
CA ALA E 178 -8.20 35.69 -3.15
C ALA E 178 -8.39 36.82 -4.15
N CYS E 179 -9.27 36.63 -5.15
CA CYS E 179 -9.52 37.68 -6.11
C CYS E 179 -10.29 38.84 -5.49
N LEU E 180 -11.18 38.56 -4.54
CA LEU E 180 -11.87 39.65 -3.86
C LEU E 180 -10.93 40.43 -2.96
N TYR E 181 -9.94 39.76 -2.37
CA TYR E 181 -8.97 40.44 -1.51
C TYR E 181 -7.94 41.20 -2.33
N ALA E 182 -7.56 40.70 -3.51
CA ALA E 182 -6.56 41.38 -4.32
C ALA E 182 -7.09 42.72 -4.83
N GLY E 183 -8.35 42.76 -5.24
CA GLY E 183 -8.92 43.98 -5.78
C GLY E 183 -9.58 43.78 -7.12
N ILE E 184 -9.81 42.52 -7.49
CA ILE E 184 -10.52 42.20 -8.72
C ILE E 184 -12.01 42.37 -8.50
N ASN E 185 -12.71 42.85 -9.53
CA ASN E 185 -14.17 42.95 -9.48
C ASN E 185 -14.75 41.64 -9.99
N ILE E 186 -14.83 40.66 -9.09
CA ILE E 186 -15.40 39.36 -9.40
C ILE E 186 -16.83 39.33 -8.85
N SER E 187 -17.78 38.98 -9.70
CA SER E 187 -19.20 39.17 -9.45
C SER E 187 -19.98 37.87 -9.50
N GLY E 188 -19.36 36.75 -9.15
CA GLY E 188 -20.07 35.49 -9.02
C GLY E 188 -19.34 34.27 -9.53
N ILE E 189 -19.73 33.11 -8.99
CA ILE E 189 -19.18 31.82 -9.38
C ILE E 189 -20.31 30.80 -9.35
N ASN E 190 -20.13 29.72 -10.11
CA ASN E 190 -21.05 28.60 -10.05
C ASN E 190 -20.39 27.38 -10.70
N GLY E 191 -21.00 26.22 -10.50
CA GLY E 191 -20.55 24.99 -11.09
C GLY E 191 -21.29 24.71 -12.39
N GLU E 192 -20.53 24.33 -13.41
CA GLU E 192 -21.10 24.12 -14.73
C GLU E 192 -21.60 22.69 -14.87
N VAL E 193 -22.18 22.38 -16.02
CA VAL E 193 -22.90 21.11 -16.19
C VAL E 193 -21.94 19.93 -16.10
N MET E 194 -20.73 20.09 -16.62
CA MET E 194 -19.76 19.01 -16.55
C MET E 194 -19.16 18.94 -15.16
N PRO E 195 -18.86 17.74 -14.64
CA PRO E 195 -18.15 17.66 -13.36
C PRO E 195 -16.75 18.24 -13.45
N GLY E 196 -16.33 18.91 -12.40
CA GLY E 196 -15.00 19.50 -12.35
C GLY E 196 -14.84 20.77 -13.14
N GLN E 197 -15.89 21.30 -13.74
CA GLN E 197 -15.83 22.50 -14.56
C GLN E 197 -16.55 23.63 -13.86
N TRP E 198 -15.94 24.81 -13.83
CA TRP E 198 -16.48 25.96 -13.14
C TRP E 198 -16.40 27.18 -14.04
N GLU E 199 -16.95 28.29 -13.58
CA GLU E 199 -16.69 29.57 -14.21
C GLU E 199 -16.64 30.66 -13.16
N PHE E 200 -16.06 31.80 -13.54
CA PHE E 200 -16.10 33.00 -12.71
C PHE E 200 -16.37 34.20 -13.62
N GLN E 201 -17.03 35.20 -13.06
CA GLN E 201 -17.40 36.41 -13.78
C GLN E 201 -16.55 37.57 -13.26
N VAL E 202 -15.79 38.19 -14.16
CA VAL E 202 -15.13 39.45 -13.86
C VAL E 202 -16.11 40.57 -14.17
N GLY E 203 -16.46 41.35 -13.15
CA GLY E 203 -17.58 42.24 -13.20
C GLY E 203 -17.34 43.50 -14.01
N PRO E 204 -18.21 44.49 -13.86
CA PRO E 204 -18.16 45.66 -14.73
C PRO E 204 -16.95 46.54 -14.46
N SER E 205 -15.98 46.49 -15.37
CA SER E 205 -14.77 47.28 -15.29
C SER E 205 -14.66 48.14 -16.53
N VAL E 206 -14.33 49.40 -16.34
CA VAL E 206 -14.34 50.36 -17.44
C VAL E 206 -13.07 50.23 -18.27
N GLY E 207 -13.24 50.08 -19.58
CA GLY E 207 -12.17 50.14 -20.55
C GLY E 207 -11.10 49.08 -20.35
N ILE E 208 -9.86 49.47 -20.70
CA ILE E 208 -8.73 48.55 -20.73
C ILE E 208 -8.56 47.82 -19.40
N SER E 209 -8.97 48.46 -18.30
CA SER E 209 -8.84 47.85 -16.98
C SER E 209 -9.44 46.46 -16.94
N ALA E 210 -10.57 46.25 -17.62
CA ALA E 210 -11.19 44.93 -17.64
C ALA E 210 -10.19 43.88 -18.08
N GLY E 211 -9.55 44.10 -19.22
CA GLY E 211 -8.60 43.12 -19.73
C GLY E 211 -7.47 42.84 -18.77
N ASP E 212 -7.10 43.82 -17.95
CA ASP E 212 -6.06 43.59 -16.95
C ASP E 212 -6.56 42.64 -15.88
N GLU E 213 -7.76 42.90 -15.34
CA GLU E 213 -8.22 42.16 -14.17
C GLU E 213 -8.34 40.68 -14.48
N VAL E 214 -8.90 40.33 -15.64
CA VAL E 214 -8.99 38.94 -16.04
C VAL E 214 -7.61 38.31 -16.09
N TRP E 215 -6.65 39.01 -16.70
CA TRP E 215 -5.31 38.46 -16.79
C TRP E 215 -4.65 38.33 -15.43
N ALA E 216 -5.15 39.03 -14.42
CA ALA E 216 -4.70 38.76 -13.06
C ALA E 216 -5.46 37.59 -12.47
N ALA E 217 -6.78 37.54 -12.68
CA ALA E 217 -7.60 36.49 -12.10
C ALA E 217 -7.09 35.12 -12.49
N ARG E 218 -6.91 34.90 -13.80
CA ARG E 218 -6.35 33.64 -14.27
C ARG E 218 -5.09 33.29 -13.50
N TYR E 219 -4.18 34.26 -13.37
CA TYR E 219 -2.93 34.01 -12.67
C TYR E 219 -3.19 33.42 -11.29
N ILE E 220 -4.04 34.10 -10.52
CA ILE E 220 -4.32 33.64 -9.16
C ILE E 220 -4.82 32.21 -9.21
N LEU E 221 -5.78 31.94 -10.09
CA LEU E 221 -6.33 30.60 -10.21
C LEU E 221 -5.21 29.59 -10.38
N GLU E 222 -4.30 29.84 -11.33
CA GLU E 222 -3.24 28.88 -11.61
C GLU E 222 -2.45 28.58 -10.34
N ARG E 223 -2.04 29.63 -9.62
CA ARG E 223 -1.19 29.40 -8.46
C ARG E 223 -1.93 28.61 -7.40
N ILE E 224 -3.24 28.87 -7.24
CA ILE E 224 -4.01 28.11 -6.26
C ILE E 224 -4.06 26.64 -6.66
N THR E 225 -4.22 26.38 -7.97
CA THR E 225 -4.18 24.98 -8.40
C THR E 225 -2.83 24.37 -8.08
N GLU E 226 -1.74 25.16 -8.18
CA GLU E 226 -0.43 24.66 -7.83
C GLU E 226 -0.36 24.24 -6.37
N ILE E 227 -1.13 24.89 -5.50
CA ILE E 227 -1.16 24.50 -4.10
C ILE E 227 -1.90 23.16 -3.95
N ALA E 228 -2.91 22.93 -4.79
CA ALA E 228 -3.72 21.73 -4.67
C ALA E 228 -3.20 20.56 -5.49
N GLY E 229 -2.13 20.76 -6.26
CA GLY E 229 -1.64 19.70 -7.13
C GLY E 229 -2.60 19.34 -8.24
N VAL E 230 -3.26 20.35 -8.83
CA VAL E 230 -4.27 20.17 -9.86
C VAL E 230 -3.89 21.07 -11.02
N VAL E 231 -4.30 20.68 -12.23
CA VAL E 231 -3.95 21.41 -13.45
C VAL E 231 -5.19 22.12 -13.94
N VAL E 232 -5.10 23.42 -14.13
CA VAL E 232 -6.22 24.18 -14.68
C VAL E 232 -6.11 24.16 -16.20
N SER E 233 -7.26 24.19 -16.87
CA SER E 233 -7.29 24.15 -18.32
C SER E 233 -8.39 25.09 -18.80
N PHE E 234 -8.00 26.10 -19.57
CA PHE E 234 -8.94 26.99 -20.23
C PHE E 234 -9.22 26.58 -21.66
N ASP E 235 -8.84 25.35 -22.04
CA ASP E 235 -9.09 24.85 -23.37
C ASP E 235 -10.59 24.74 -23.62
N PRO E 236 -11.08 25.11 -24.80
CA PRO E 236 -12.54 25.15 -25.00
C PRO E 236 -13.22 23.80 -24.89
N LYS E 237 -12.68 22.76 -25.51
CA LYS E 237 -13.26 21.42 -25.50
C LYS E 237 -12.18 20.43 -25.09
N PRO E 238 -12.01 20.22 -23.79
CA PRO E 238 -10.98 19.26 -23.34
C PRO E 238 -11.41 17.81 -23.52
N ILE E 239 -12.69 17.53 -23.32
CA ILE E 239 -13.22 16.17 -23.38
C ILE E 239 -14.26 16.12 -24.48
N GLN E 240 -14.08 15.17 -25.41
CA GLN E 240 -15.01 14.98 -26.51
C GLN E 240 -16.08 13.96 -26.14
N GLY E 241 -17.27 14.16 -26.68
CA GLY E 241 -18.41 13.30 -26.41
C GLY E 241 -19.61 14.13 -26.03
N ASP E 242 -20.55 13.49 -25.33
CA ASP E 242 -21.74 14.20 -24.86
C ASP E 242 -21.43 14.96 -23.58
N TRP E 243 -20.40 15.79 -23.63
CA TRP E 243 -19.98 16.62 -22.51
C TRP E 243 -19.81 18.05 -23.00
N ASN E 244 -20.43 18.99 -22.29
CA ASN E 244 -20.41 20.38 -22.74
C ASN E 244 -19.02 20.98 -22.56
N GLY E 245 -18.64 21.86 -23.48
CA GLY E 245 -17.34 22.48 -23.45
C GLY E 245 -17.30 23.70 -22.55
N ALA E 246 -16.17 24.41 -22.62
CA ALA E 246 -15.92 25.58 -21.79
C ALA E 246 -15.69 26.78 -22.70
N GLY E 247 -16.70 27.61 -22.85
CA GLY E 247 -16.61 28.83 -23.64
C GLY E 247 -16.87 30.05 -22.77
N ALA E 248 -16.12 31.12 -23.04
CA ALA E 248 -16.20 32.35 -22.27
C ALA E 248 -16.88 33.44 -23.08
N HIS E 249 -17.77 34.18 -22.44
CA HIS E 249 -18.58 35.20 -23.10
C HIS E 249 -18.23 36.59 -22.58
N THR E 250 -18.80 37.61 -23.22
CA THR E 250 -18.53 38.99 -22.85
C THR E 250 -19.79 39.83 -22.97
N ASN E 251 -20.23 40.41 -21.85
CA ASN E 251 -21.32 41.37 -21.83
C ASN E 251 -20.75 42.76 -22.04
N TYR E 252 -21.39 43.55 -22.90
CA TYR E 252 -20.86 44.83 -23.33
C TYR E 252 -21.94 45.90 -23.26
N SER E 253 -21.56 47.08 -22.76
CA SER E 253 -22.47 48.21 -22.68
C SER E 253 -21.68 49.51 -22.81
N THR E 254 -22.38 50.57 -23.16
CA THR E 254 -21.80 51.89 -23.36
C THR E 254 -22.77 52.92 -22.78
N LYS E 255 -22.26 54.11 -22.48
CA LYS E 255 -23.09 55.14 -21.85
C LYS E 255 -24.31 55.47 -22.68
N SER E 256 -24.15 55.52 -24.01
CA SER E 256 -25.31 55.72 -24.88
C SER E 256 -26.31 54.59 -24.77
N MET E 257 -25.85 53.38 -24.42
CA MET E 257 -26.75 52.27 -24.18
C MET E 257 -27.42 52.33 -22.81
N ARG E 258 -26.87 53.09 -21.87
CA ARG E 258 -27.47 53.27 -20.56
C ARG E 258 -28.52 54.37 -20.54
N ASN E 259 -28.77 55.03 -21.65
CA ASN E 259 -29.71 56.13 -21.72
C ASN E 259 -31.03 55.65 -22.31
N ASP E 260 -32.07 56.47 -22.10
CA ASP E 260 -33.40 56.15 -22.60
C ASP E 260 -33.38 56.01 -24.12
N GLY E 261 -34.11 55.01 -24.62
CA GLY E 261 -34.12 54.75 -26.05
C GLY E 261 -32.85 54.13 -26.58
N GLY E 262 -32.06 53.49 -25.72
CA GLY E 262 -30.81 52.89 -26.13
C GLY E 262 -30.94 51.58 -26.86
N TYR E 263 -32.15 51.04 -26.98
CA TYR E 263 -32.33 49.79 -27.71
C TYR E 263 -32.00 49.95 -29.19
N GLU E 264 -32.29 51.12 -29.77
CA GLU E 264 -31.90 51.38 -31.15
C GLU E 264 -30.39 51.37 -31.31
N VAL E 265 -29.67 51.96 -30.35
CA VAL E 265 -28.21 51.96 -30.41
C VAL E 265 -27.68 50.54 -30.27
N ILE E 266 -28.28 49.76 -29.37
CA ILE E 266 -27.88 48.35 -29.22
C ILE E 266 -28.11 47.59 -30.51
N LYS E 267 -29.25 47.82 -31.16
CA LYS E 267 -29.53 47.17 -32.43
C LYS E 267 -28.50 47.52 -33.49
N THR E 268 -28.21 48.82 -33.64
CA THR E 268 -27.25 49.26 -34.65
C THR E 268 -25.88 48.67 -34.39
N ALA E 269 -25.46 48.64 -33.12
CA ALA E 269 -24.21 47.97 -32.77
C ALA E 269 -24.28 46.49 -33.11
N ILE E 270 -25.45 45.88 -33.01
CA ILE E 270 -25.59 44.47 -33.33
C ILE E 270 -25.35 44.23 -34.82
N GLU E 271 -25.95 45.07 -35.68
CA GLU E 271 -25.64 44.90 -37.11
C GLU E 271 -24.19 45.23 -37.41
N LYS E 272 -23.61 46.22 -36.73
CA LYS E 272 -22.20 46.54 -36.95
C LYS E 272 -21.30 45.36 -36.59
N LEU E 273 -21.60 44.68 -35.47
CA LEU E 273 -20.84 43.48 -35.12
C LEU E 273 -21.14 42.33 -36.09
N GLY E 274 -22.34 42.31 -36.66
CA GLY E 274 -22.60 41.43 -37.78
C GLY E 274 -21.82 41.83 -39.00
N LYS E 275 -21.84 40.96 -40.01
CA LYS E 275 -21.12 41.10 -41.28
C LYS E 275 -19.63 41.34 -41.04
N ARG E 276 -19.19 41.10 -39.80
CA ARG E 276 -17.78 41.01 -39.43
C ARG E 276 -17.47 39.69 -38.75
N HIS E 277 -18.31 38.67 -38.99
CA HIS E 277 -18.21 37.41 -38.27
C HIS E 277 -16.89 36.70 -38.58
N LYS E 278 -16.44 36.75 -39.82
CA LYS E 278 -15.25 36.00 -40.22
C LYS E 278 -14.02 36.47 -39.45
N GLU E 279 -13.75 37.78 -39.47
CA GLU E 279 -12.58 38.31 -38.78
C GLU E 279 -12.69 38.10 -37.27
N HIS E 280 -13.89 38.31 -36.71
CA HIS E 280 -14.06 38.17 -35.27
C HIS E 280 -13.80 36.74 -34.83
N ILE E 281 -14.39 35.76 -35.53
CA ILE E 281 -14.17 34.36 -35.17
C ILE E 281 -12.70 33.97 -35.39
N ALA E 282 -12.07 34.53 -36.42
CA ALA E 282 -10.66 34.24 -36.67
C ALA E 282 -9.79 34.75 -35.52
N ALA E 283 -10.11 35.93 -35.00
CA ALA E 283 -9.27 36.58 -33.99
C ALA E 283 -9.68 36.28 -32.56
N TYR E 284 -10.75 35.52 -32.34
CA TYR E 284 -11.26 35.28 -30.99
C TYR E 284 -10.90 33.90 -30.47
N GLY E 285 -9.93 33.22 -31.08
CA GLY E 285 -9.48 31.94 -30.55
C GLY E 285 -9.62 30.78 -31.52
N GLU E 286 -8.52 30.04 -31.72
CA GLU E 286 -8.55 28.84 -32.53
C GLU E 286 -8.76 27.62 -31.64
N GLY E 287 -9.25 26.54 -32.26
CA GLY E 287 -9.74 25.40 -31.51
C GLY E 287 -11.17 25.53 -31.03
N ASN E 288 -11.86 26.60 -31.44
CA ASN E 288 -13.25 26.83 -31.09
C ASN E 288 -14.22 26.10 -32.00
N GLU E 289 -13.73 25.47 -33.07
CA GLU E 289 -14.61 24.73 -33.97
C GLU E 289 -15.24 23.53 -33.26
N ARG E 290 -14.47 22.86 -32.41
CA ARG E 290 -15.00 21.72 -31.67
C ARG E 290 -16.11 22.14 -30.72
N ARG E 291 -15.97 23.30 -30.08
CA ARG E 291 -16.96 23.75 -29.12
C ARG E 291 -18.26 24.16 -29.81
N LEU E 292 -18.17 24.94 -30.88
CA LEU E 292 -19.34 25.46 -31.58
C LEU E 292 -19.60 24.59 -32.81
N THR E 293 -20.61 23.71 -32.70
CA THR E 293 -20.98 22.83 -33.78
C THR E 293 -22.40 23.05 -34.27
N GLY E 294 -23.36 23.18 -33.36
CA GLY E 294 -24.74 23.36 -33.74
C GLY E 294 -25.69 22.46 -32.96
N ARG E 295 -25.14 21.70 -32.02
CA ARG E 295 -25.95 20.80 -31.20
C ARG E 295 -26.90 21.60 -30.31
N HIS E 296 -28.03 20.97 -29.98
CA HIS E 296 -29.00 21.54 -29.04
C HIS E 296 -29.44 22.94 -29.46
N GLU E 297 -29.42 23.22 -30.75
CA GLU E 297 -29.77 24.52 -31.32
C GLU E 297 -28.91 25.63 -30.68
N THR E 298 -27.61 25.49 -30.83
CA THR E 298 -26.64 26.48 -30.37
C THR E 298 -25.95 27.14 -31.57
N ALA E 299 -24.99 28.00 -31.27
CA ALA E 299 -24.32 28.79 -32.30
C ALA E 299 -23.44 27.91 -33.17
N ASP E 300 -23.34 28.29 -34.44
CA ASP E 300 -22.47 27.63 -35.40
C ASP E 300 -21.43 28.64 -35.91
N ILE E 301 -20.27 28.14 -36.28
CA ILE E 301 -19.20 29.01 -36.75
C ILE E 301 -19.61 29.71 -38.04
N ASN E 302 -20.23 28.99 -38.95
CA ASN E 302 -20.55 29.51 -40.28
C ASN E 302 -21.82 30.34 -40.32
N THR E 303 -22.56 30.44 -39.21
CA THR E 303 -23.82 31.19 -39.18
C THR E 303 -23.80 32.18 -38.03
N PHE E 304 -24.27 33.40 -38.30
CA PHE E 304 -24.37 34.45 -37.30
C PHE E 304 -25.84 34.68 -36.98
N LEU E 305 -26.18 34.62 -35.69
CA LEU E 305 -27.57 34.73 -35.27
C LEU E 305 -27.65 35.62 -34.04
N TRP E 306 -28.67 36.49 -34.01
CA TRP E 306 -28.93 37.33 -32.85
C TRP E 306 -30.43 37.39 -32.61
N GLY E 307 -30.83 37.31 -31.33
CA GLY E 307 -32.23 37.28 -30.99
C GLY E 307 -32.55 37.85 -29.63
N VAL E 308 -33.71 37.49 -29.07
CA VAL E 308 -34.15 38.03 -27.79
C VAL E 308 -34.26 36.90 -26.77
N ALA E 309 -34.56 35.70 -27.23
CA ALA E 309 -34.74 34.56 -26.33
C ALA E 309 -34.04 33.29 -26.77
N ASN E 310 -33.57 33.20 -28.02
CA ASN E 310 -32.93 31.99 -28.49
C ASN E 310 -31.56 31.84 -27.83
N ARG E 311 -31.40 30.79 -27.02
CA ARG E 311 -30.13 30.57 -26.33
C ARG E 311 -29.00 30.19 -27.28
N GLY E 312 -29.31 29.83 -28.53
CA GLY E 312 -28.31 29.55 -29.53
C GLY E 312 -27.82 30.77 -30.28
N ALA E 313 -28.27 31.96 -29.90
CA ALA E 313 -27.85 33.17 -30.58
C ALA E 313 -26.37 33.45 -30.33
N SER E 314 -25.68 33.93 -31.37
CA SER E 314 -24.31 34.38 -31.19
C SER E 314 -24.24 35.62 -30.31
N VAL E 315 -25.20 36.53 -30.46
CA VAL E 315 -25.32 37.73 -29.63
C VAL E 315 -26.74 37.77 -29.08
N ARG E 316 -26.87 37.73 -27.76
CA ARG E 316 -28.17 37.64 -27.11
C ARG E 316 -28.51 38.96 -26.42
N VAL E 317 -29.79 39.31 -26.44
CA VAL E 317 -30.32 40.47 -25.73
C VAL E 317 -31.41 39.98 -24.79
N GLY E 318 -31.36 40.44 -23.54
CA GLY E 318 -32.30 39.98 -22.54
C GLY E 318 -33.66 40.64 -22.66
N ARG E 319 -34.62 40.08 -21.92
CA ARG E 319 -35.97 40.64 -21.90
C ARG E 319 -35.99 42.00 -21.22
N ASP E 320 -35.18 42.18 -20.17
CA ASP E 320 -35.18 43.44 -19.43
C ASP E 320 -34.68 44.59 -20.31
N THR E 321 -33.76 44.31 -21.23
CA THR E 321 -33.30 45.35 -22.14
C THR E 321 -34.44 45.83 -23.05
N GLU E 322 -35.24 44.90 -23.56
CA GLU E 322 -36.40 45.31 -24.35
C GLU E 322 -37.42 46.06 -23.51
N LYS E 323 -37.65 45.60 -22.27
CA LYS E 323 -38.67 46.22 -21.43
C LYS E 323 -38.27 47.65 -21.06
N ALA E 324 -37.13 47.81 -20.39
CA ALA E 324 -36.70 49.14 -19.97
C ALA E 324 -36.21 49.98 -21.14
N GLY E 325 -35.84 49.34 -22.25
CA GLY E 325 -35.34 50.05 -23.41
C GLY E 325 -33.86 50.34 -23.42
N LYS E 326 -33.14 49.96 -22.37
CA LYS E 326 -31.72 50.25 -22.27
C LYS E 326 -31.03 49.12 -21.51
N GLY E 327 -29.74 48.97 -21.76
CA GLY E 327 -28.95 47.96 -21.10
C GLY E 327 -27.74 47.57 -21.93
N TYR E 328 -27.28 46.34 -21.70
CA TYR E 328 -26.11 45.78 -22.36
C TYR E 328 -26.55 44.66 -23.30
N PHE E 329 -25.58 44.10 -24.03
CA PHE E 329 -25.84 42.89 -24.79
C PHE E 329 -24.67 41.93 -24.65
N GLU E 330 -24.96 40.65 -24.86
CA GLU E 330 -24.04 39.56 -24.54
C GLU E 330 -23.52 38.92 -25.83
N ASP E 331 -22.21 38.88 -25.98
CA ASP E 331 -21.55 38.19 -27.07
C ASP E 331 -21.07 36.82 -26.56
N ARG E 332 -21.55 35.75 -27.19
CA ARG E 332 -21.27 34.39 -26.77
C ARG E 332 -20.34 33.67 -27.73
N ARG E 333 -19.66 34.41 -28.60
CA ARG E 333 -18.79 33.83 -29.63
C ARG E 333 -17.43 33.37 -29.10
N PRO E 334 -16.71 34.17 -28.30
CA PRO E 334 -15.36 33.78 -27.91
C PRO E 334 -15.35 32.53 -27.05
N ALA E 335 -14.16 31.92 -26.96
CA ALA E 335 -13.94 30.71 -26.18
C ALA E 335 -13.31 31.07 -24.84
N SER E 336 -13.06 30.03 -24.04
CA SER E 336 -12.48 30.23 -22.72
C SER E 336 -11.03 30.68 -22.79
N ASN E 337 -10.35 30.44 -23.90
CA ASN E 337 -8.93 30.76 -24.07
C ASN E 337 -8.72 32.05 -24.87
N MET E 338 -9.61 33.02 -24.74
CA MET E 338 -9.48 34.27 -25.49
C MET E 338 -8.31 35.09 -24.97
N ASP E 339 -8.16 36.27 -25.55
CA ASP E 339 -7.39 37.37 -24.97
C ASP E 339 -8.36 38.50 -24.70
N PRO E 340 -8.59 38.89 -23.44
CA PRO E 340 -9.60 39.92 -23.18
C PRO E 340 -9.30 41.24 -23.84
N TYR E 341 -8.01 41.57 -24.03
CA TYR E 341 -7.64 42.83 -24.65
C TYR E 341 -8.19 42.93 -26.07
N VAL E 342 -7.93 41.92 -26.90
CA VAL E 342 -8.35 42.00 -28.29
C VAL E 342 -9.87 41.96 -28.40
N VAL E 343 -10.53 41.16 -27.55
CA VAL E 343 -11.98 41.08 -27.59
C VAL E 343 -12.61 42.43 -27.26
N THR E 344 -12.19 43.04 -26.15
CA THR E 344 -12.75 44.32 -25.74
C THR E 344 -12.43 45.41 -26.76
N SER E 345 -11.20 45.43 -27.27
CA SER E 345 -10.82 46.47 -28.23
C SER E 345 -11.58 46.32 -29.55
N MET E 346 -11.75 45.08 -30.03
CA MET E 346 -12.49 44.86 -31.27
C MET E 346 -13.96 45.23 -31.11
N ILE E 347 -14.56 44.91 -29.97
CA ILE E 347 -15.95 45.30 -29.74
C ILE E 347 -16.07 46.81 -29.75
N ALA E 348 -15.16 47.51 -29.06
CA ALA E 348 -15.21 48.96 -29.02
C ALA E 348 -15.01 49.56 -30.41
N ASP E 349 -14.07 49.01 -31.19
CA ASP E 349 -13.82 49.53 -32.53
C ASP E 349 -15.04 49.33 -33.44
N THR E 350 -15.54 48.10 -33.53
CA THR E 350 -16.67 47.83 -34.41
C THR E 350 -17.95 48.47 -33.93
N THR E 351 -18.01 48.96 -32.70
CA THR E 351 -19.22 49.61 -32.19
C THR E 351 -19.14 51.13 -32.19
N ILE E 352 -18.03 51.70 -31.74
CA ILE E 352 -17.97 53.13 -31.43
C ILE E 352 -17.39 53.94 -32.58
N LEU E 353 -16.16 53.63 -32.98
CA LEU E 353 -15.41 54.53 -33.87
C LEU E 353 -15.41 54.09 -35.33
N TRP E 354 -15.36 52.79 -35.61
CA TRP E 354 -15.32 52.34 -37.00
C TRP E 354 -16.68 52.58 -37.66
N LYS E 355 -16.64 53.13 -38.88
CA LYS E 355 -17.86 53.44 -39.62
C LYS E 355 -18.09 52.46 -40.75
N LEU F 4 10.79 -23.12 -4.17
CA LEU F 4 10.95 -24.00 -3.02
C LEU F 4 10.18 -25.30 -3.23
N SER F 5 9.31 -25.30 -4.23
CA SER F 5 8.71 -26.55 -4.70
C SER F 5 9.76 -27.27 -5.54
N ASP F 6 9.37 -28.39 -6.15
CA ASP F 6 10.28 -29.26 -6.90
C ASP F 6 11.26 -29.94 -5.95
N LEU F 7 11.20 -29.57 -4.67
CA LEU F 7 11.97 -30.18 -3.60
C LEU F 7 11.09 -30.83 -2.57
N ILE F 8 9.96 -30.21 -2.22
CA ILE F 8 8.94 -30.89 -1.43
C ILE F 8 8.32 -32.01 -2.26
N ASN F 9 8.01 -31.73 -3.51
CA ASN F 9 7.41 -32.71 -4.42
C ASN F 9 8.49 -33.40 -5.27
N LEU F 10 9.42 -34.05 -4.58
CA LEU F 10 10.51 -34.77 -5.23
C LEU F 10 10.34 -36.26 -4.95
N ASN F 11 10.34 -37.06 -6.01
CA ASN F 11 10.10 -38.50 -5.90
C ASN F 11 11.39 -39.20 -5.48
N LEU F 12 11.38 -39.80 -4.29
CA LEU F 12 12.55 -40.51 -3.79
C LEU F 12 12.64 -41.94 -4.30
N SER F 13 11.55 -42.48 -4.86
CA SER F 13 11.58 -43.86 -5.32
C SER F 13 12.46 -44.06 -6.55
N ASP F 14 12.88 -42.97 -7.19
CA ASP F 14 13.77 -43.07 -8.35
C ASP F 14 15.24 -43.19 -7.96
N THR F 15 15.58 -42.97 -6.70
CA THR F 15 16.98 -42.97 -6.27
C THR F 15 17.25 -43.77 -5.01
N THR F 16 16.23 -44.17 -4.25
CA THR F 16 16.47 -44.79 -2.95
C THR F 16 15.27 -45.64 -2.56
N GLU F 17 15.50 -46.51 -1.58
CA GLU F 17 14.46 -47.39 -1.04
C GLU F 17 13.93 -46.92 0.31
N LYS F 18 14.51 -45.89 0.90
CA LYS F 18 14.13 -45.46 2.25
C LYS F 18 12.80 -44.72 2.23
N VAL F 19 12.02 -44.91 3.30
CA VAL F 19 10.71 -44.28 3.41
C VAL F 19 10.71 -43.29 4.55
N ILE F 20 9.76 -42.36 4.51
CA ILE F 20 9.58 -41.36 5.55
C ILE F 20 8.31 -41.69 6.31
N ALA F 21 8.44 -41.88 7.62
CA ALA F 21 7.31 -42.19 8.49
C ALA F 21 7.01 -41.00 9.38
N GLU F 22 5.74 -40.80 9.66
CA GLU F 22 5.24 -39.67 10.44
C GLU F 22 4.56 -40.22 11.69
N TYR F 23 5.24 -40.13 12.83
CA TYR F 23 4.65 -40.54 14.10
C TYR F 23 3.81 -39.40 14.65
N ILE F 24 2.54 -39.69 14.91
CA ILE F 24 1.55 -38.71 15.34
C ILE F 24 0.91 -39.20 16.63
N TRP F 25 0.82 -38.32 17.63
CA TRP F 25 0.21 -38.65 18.91
C TRP F 25 -0.62 -37.46 19.39
N ILE F 26 -1.29 -37.65 20.53
CA ILE F 26 -2.18 -36.64 21.09
C ILE F 26 -1.46 -35.92 22.22
N GLY F 27 -1.54 -34.59 22.22
CA GLY F 27 -0.87 -33.79 23.22
C GLY F 27 -1.54 -33.86 24.58
N GLY F 28 -1.05 -33.00 25.48
CA GLY F 28 -1.48 -33.07 26.87
C GLY F 28 -2.94 -32.72 27.08
N SER F 29 -3.44 -31.74 26.33
CA SER F 29 -4.82 -31.29 26.51
C SER F 29 -5.84 -32.31 26.03
N GLY F 30 -5.41 -33.34 25.31
CA GLY F 30 -6.33 -34.34 24.80
C GLY F 30 -7.08 -33.93 23.56
N MET F 31 -6.76 -32.78 22.97
CA MET F 31 -7.46 -32.30 21.80
C MET F 31 -6.48 -31.88 20.70
N ASP F 32 -5.27 -31.51 21.08
CA ASP F 32 -4.27 -31.13 20.08
C ASP F 32 -3.43 -32.33 19.67
N LEU F 33 -2.79 -32.21 18.52
CA LEU F 33 -2.00 -33.27 17.94
C LEU F 33 -0.55 -32.84 17.81
N ARG F 34 0.36 -33.79 18.02
CA ARG F 34 1.78 -33.56 17.85
C ARG F 34 2.34 -34.61 16.92
N SER F 35 3.39 -34.26 16.19
CA SER F 35 3.93 -35.21 15.21
C SER F 35 5.40 -34.91 14.94
N LYS F 36 6.10 -35.94 14.50
CA LYS F 36 7.47 -35.79 13.99
C LYS F 36 7.71 -36.91 12.99
N ALA F 37 8.82 -36.82 12.26
CA ALA F 37 9.07 -37.71 11.13
C ALA F 37 10.47 -38.29 11.22
N ARG F 38 10.66 -39.45 10.58
CA ARG F 38 12.00 -39.97 10.40
C ARG F 38 12.03 -40.92 9.20
N THR F 39 13.16 -41.59 9.02
CA THR F 39 13.43 -42.41 7.85
C THR F 39 13.58 -43.87 8.27
N LEU F 40 13.04 -44.76 7.46
CA LEU F 40 13.10 -46.20 7.64
C LEU F 40 13.75 -46.86 6.43
N PRO F 41 14.43 -47.99 6.62
CA PRO F 41 15.21 -48.59 5.52
C PRO F 41 14.37 -48.96 4.30
N GLY F 42 13.12 -49.35 4.48
CA GLY F 42 12.29 -49.75 3.36
C GLY F 42 10.82 -49.65 3.66
N PRO F 43 9.98 -50.05 2.71
CA PRO F 43 8.53 -49.97 2.90
C PRO F 43 8.05 -50.88 4.01
N VAL F 44 6.96 -50.46 4.65
CA VAL F 44 6.35 -51.21 5.74
C VAL F 44 4.87 -50.87 5.79
N SER F 45 4.04 -51.89 6.00
CA SER F 45 2.60 -51.68 6.11
C SER F 45 1.95 -52.42 7.27
N ASP F 46 2.72 -53.17 8.06
CA ASP F 46 2.19 -53.83 9.25
C ASP F 46 2.55 -53.00 10.47
N PRO F 47 1.59 -52.49 11.23
CA PRO F 47 1.93 -51.66 12.40
C PRO F 47 2.71 -52.40 13.47
N SER F 48 2.67 -53.73 13.49
CA SER F 48 3.35 -54.48 14.54
C SER F 48 4.87 -54.40 14.41
N LYS F 49 5.38 -54.33 13.17
CA LYS F 49 6.81 -54.38 12.91
C LYS F 49 7.39 -53.00 12.61
N LEU F 50 6.88 -51.97 13.30
CA LEU F 50 7.39 -50.62 13.28
C LEU F 50 8.03 -50.30 14.63
N PRO F 51 9.18 -49.63 14.64
CA PRO F 51 9.83 -49.30 15.90
C PRO F 51 9.06 -48.25 16.70
N LYS F 52 9.18 -48.33 18.02
CA LYS F 52 8.57 -47.39 18.94
C LYS F 52 9.49 -46.20 19.17
N TRP F 53 8.91 -45.09 19.64
CA TRP F 53 9.75 -43.94 19.92
C TRP F 53 9.54 -43.43 21.34
N ASN F 54 10.20 -42.30 21.62
CA ASN F 54 10.05 -41.56 22.84
C ASN F 54 10.01 -40.07 22.52
N TYR F 55 9.57 -39.28 23.49
CA TYR F 55 9.62 -37.83 23.35
C TYR F 55 9.60 -37.20 24.73
N ASP F 56 9.77 -35.88 24.76
CA ASP F 56 9.83 -35.13 26.00
C ASP F 56 8.42 -34.78 26.43
N GLY F 57 7.95 -35.39 27.52
CA GLY F 57 6.62 -35.11 28.02
C GLY F 57 6.49 -33.76 28.68
N SER F 58 7.60 -33.18 29.15
CA SER F 58 7.56 -31.87 29.78
C SER F 58 7.15 -30.79 28.78
N SER F 59 7.66 -30.87 27.55
CA SER F 59 7.33 -29.90 26.52
C SER F 59 5.89 -30.03 26.05
N THR F 60 5.19 -31.11 26.40
CA THR F 60 3.81 -31.32 26.02
C THR F 60 2.83 -31.26 27.18
N GLY F 61 3.25 -31.66 28.38
CA GLY F 61 2.38 -31.62 29.54
C GLY F 61 1.84 -32.99 29.91
N GLN F 62 2.69 -34.02 29.83
CA GLN F 62 2.25 -35.38 30.09
C GLN F 62 3.26 -36.19 30.91
N ALA F 63 4.17 -35.53 31.63
CA ALA F 63 5.18 -36.25 32.38
C ALA F 63 5.79 -35.31 33.41
N PRO F 64 6.31 -35.83 34.51
CA PRO F 64 7.02 -34.97 35.47
C PRO F 64 8.34 -34.46 34.92
N GLY F 65 8.92 -33.50 35.64
CA GLY F 65 10.17 -32.91 35.18
C GLY F 65 11.35 -33.86 35.24
N GLU F 66 11.42 -34.67 36.30
CA GLU F 66 12.62 -35.48 36.53
C GLU F 66 12.76 -36.59 35.48
N ASP F 67 11.66 -37.22 35.09
CA ASP F 67 11.66 -38.30 34.10
C ASP F 67 10.55 -37.97 33.10
N SER F 68 10.89 -37.21 32.07
CA SER F 68 9.92 -36.70 31.11
C SER F 68 9.85 -37.52 29.84
N GLU F 69 10.55 -38.65 29.78
CA GLU F 69 10.53 -39.49 28.58
C GLU F 69 9.20 -40.24 28.50
N VAL F 70 8.49 -40.06 27.39
CA VAL F 70 7.20 -40.67 27.15
C VAL F 70 7.30 -41.51 25.90
N ILE F 71 6.92 -42.79 26.00
CA ILE F 71 7.05 -43.74 24.90
C ILE F 71 5.80 -43.70 24.04
N ILE F 72 5.98 -43.84 22.73
CA ILE F 72 4.87 -43.84 21.78
C ILE F 72 4.97 -45.09 20.92
N TYR F 73 3.84 -45.81 20.78
CA TYR F 73 3.75 -47.09 20.10
C TYR F 73 3.03 -46.88 18.77
N PRO F 74 3.59 -47.31 17.64
CA PRO F 74 2.82 -47.28 16.39
C PRO F 74 1.57 -48.14 16.47
N GLN F 75 0.46 -47.61 15.95
CA GLN F 75 -0.79 -48.36 15.98
C GLN F 75 -1.51 -48.45 14.64
N ALA F 76 -1.48 -47.40 13.83
CA ALA F 76 -2.19 -47.42 12.55
C ALA F 76 -1.32 -46.81 11.47
N ILE F 77 -1.51 -47.28 10.24
CA ILE F 77 -0.71 -46.86 9.09
C ILE F 77 -1.64 -46.34 8.01
N PHE F 78 -1.33 -45.16 7.47
CA PHE F 78 -2.04 -44.59 6.34
C PHE F 78 -1.02 -44.08 5.32
N ARG F 79 -1.47 -43.88 4.09
CA ARG F 79 -0.60 -43.29 3.08
C ARG F 79 -0.45 -41.79 3.30
N ASP F 80 0.70 -41.26 2.92
CA ASP F 80 1.00 -39.85 3.18
C ASP F 80 0.53 -39.01 1.99
N PRO F 81 -0.44 -38.12 2.17
CA PRO F 81 -0.94 -37.32 1.05
C PRO F 81 -0.15 -36.05 0.79
N PHE F 82 0.86 -35.75 1.61
CA PHE F 82 1.71 -34.59 1.43
C PHE F 82 3.07 -34.94 0.85
N ARG F 83 3.57 -36.14 1.14
CA ARG F 83 4.85 -36.60 0.60
C ARG F 83 4.72 -37.60 -0.53
N ARG F 84 3.61 -38.33 -0.61
CA ARG F 84 3.33 -39.28 -1.70
C ARG F 84 4.39 -40.37 -1.65
N GLY F 85 4.65 -41.02 -2.78
CA GLY F 85 5.63 -42.09 -2.82
C GLY F 85 5.23 -43.23 -1.91
N ASN F 86 6.22 -43.78 -1.21
CA ASN F 86 6.00 -44.86 -0.25
C ASN F 86 5.96 -44.35 1.19
N ASN F 87 5.95 -43.05 1.40
CA ASN F 87 5.91 -42.49 2.74
C ASN F 87 4.53 -42.73 3.37
N ILE F 88 4.51 -42.77 4.71
CA ILE F 88 3.32 -43.14 5.45
C ILE F 88 3.12 -42.18 6.62
N LEU F 89 1.89 -42.18 7.14
CA LEU F 89 1.55 -41.54 8.41
C LEU F 89 1.24 -42.62 9.43
N VAL F 90 1.84 -42.52 10.61
CA VAL F 90 1.66 -43.51 11.67
C VAL F 90 0.87 -42.85 12.79
N ILE F 91 -0.35 -43.34 13.00
CA ILE F 91 -1.18 -42.94 14.14
C ILE F 91 -0.71 -43.76 15.34
N CYS F 92 -0.09 -43.08 16.30
CA CYS F 92 0.59 -43.73 17.42
C CYS F 92 -0.21 -43.57 18.71
N ASP F 93 0.16 -44.39 19.69
CA ASP F 93 -0.41 -44.33 21.02
C ASP F 93 0.71 -44.17 22.03
N THR F 94 0.41 -43.47 23.12
CA THR F 94 1.42 -42.99 24.06
C THR F 94 1.33 -43.74 25.38
N TYR F 95 2.50 -44.16 25.90
CA TYR F 95 2.59 -44.91 27.14
C TYR F 95 3.64 -44.33 28.09
N THR F 96 3.94 -45.06 29.16
CA THR F 96 4.96 -44.77 30.16
C THR F 96 6.10 -45.77 30.03
N PRO F 97 7.36 -45.35 30.26
CA PRO F 97 8.48 -46.30 30.14
C PRO F 97 8.32 -47.55 30.98
N ALA F 98 7.59 -47.46 32.11
CA ALA F 98 7.26 -48.66 32.86
C ALA F 98 6.39 -49.61 32.04
N GLY F 99 5.40 -49.05 31.33
CA GLY F 99 4.57 -49.87 30.48
C GLY F 99 3.10 -49.51 30.51
N GLU F 100 2.72 -48.54 31.35
CA GLU F 100 1.33 -48.18 31.51
C GLU F 100 0.95 -46.99 30.64
N PRO F 101 -0.29 -46.90 30.20
CA PRO F 101 -0.72 -45.69 29.49
C PRO F 101 -0.77 -44.49 30.43
N ILE F 102 -0.47 -43.32 29.88
CA ILE F 102 -0.55 -42.08 30.64
C ILE F 102 -2.03 -41.69 30.72
N PRO F 103 -2.44 -40.85 31.68
CA PRO F 103 -3.87 -40.53 31.80
C PRO F 103 -4.49 -39.92 30.54
N THR F 104 -3.69 -39.27 29.70
CA THR F 104 -4.21 -38.72 28.45
C THR F 104 -4.49 -39.81 27.43
N ASN F 105 -3.80 -40.95 27.53
CA ASN F 105 -4.02 -42.05 26.61
C ASN F 105 -5.40 -42.64 26.79
N LYS F 106 -6.17 -42.71 25.71
CA LYS F 106 -7.52 -43.26 25.73
C LYS F 106 -7.72 -44.44 24.79
N ARG F 107 -6.78 -44.71 23.89
CA ARG F 107 -6.92 -45.83 22.98
C ARG F 107 -6.72 -47.17 23.67
N HIS F 108 -6.01 -47.20 24.80
CA HIS F 108 -5.81 -48.45 25.52
C HIS F 108 -7.12 -49.01 26.04
N ASP F 109 -7.93 -48.17 26.69
CA ASP F 109 -9.24 -48.61 27.16
C ASP F 109 -10.13 -49.03 26.00
N ALA F 110 -10.12 -48.27 24.91
CA ALA F 110 -10.95 -48.60 23.75
C ALA F 110 -10.57 -49.95 23.19
N ALA F 111 -9.27 -50.20 23.05
CA ALA F 111 -8.81 -51.51 22.58
C ALA F 111 -9.22 -52.61 23.55
N LYS F 112 -9.20 -52.30 24.86
CA LYS F 112 -9.66 -53.27 25.85
C LYS F 112 -11.12 -53.64 25.63
N VAL F 113 -11.96 -52.65 25.36
CA VAL F 113 -13.40 -52.91 25.16
C VAL F 113 -13.64 -53.65 23.85
N PHE F 114 -12.97 -53.23 22.78
CA PHE F 114 -13.22 -53.80 21.46
C PHE F 114 -12.56 -55.16 21.27
N SER F 115 -11.68 -55.58 22.18
CA SER F 115 -11.02 -56.87 22.06
C SER F 115 -11.81 -58.01 22.68
N HIS F 116 -12.91 -57.71 23.36
CA HIS F 116 -13.71 -58.76 23.97
C HIS F 116 -14.37 -59.61 22.88
N PRO F 117 -14.57 -60.91 23.15
CA PRO F 117 -15.25 -61.76 22.16
C PRO F 117 -16.65 -61.30 21.84
N ASP F 118 -17.37 -60.75 22.81
CA ASP F 118 -18.75 -60.33 22.58
C ASP F 118 -18.82 -59.17 21.59
N VAL F 119 -18.00 -58.13 21.82
CA VAL F 119 -18.02 -56.97 20.93
C VAL F 119 -17.48 -57.35 19.56
N VAL F 120 -16.49 -58.24 19.50
CA VAL F 120 -15.96 -58.70 18.23
C VAL F 120 -17.03 -59.43 17.43
N ALA F 121 -17.78 -60.32 18.09
CA ALA F 121 -18.85 -61.04 17.41
C ALA F 121 -20.00 -60.12 17.02
N GLU F 122 -20.24 -59.06 17.81
CA GLU F 122 -21.36 -58.16 17.53
C GLU F 122 -21.13 -57.30 16.30
N GLU F 123 -19.88 -57.13 15.86
CA GLU F 123 -19.54 -56.34 14.68
C GLU F 123 -20.13 -54.94 14.76
N THR F 124 -19.65 -54.19 15.74
CA THR F 124 -20.06 -52.79 15.87
C THR F 124 -19.43 -51.96 14.76
N TRP F 125 -20.26 -51.16 14.09
CA TRP F 125 -19.81 -50.25 13.05
C TRP F 125 -20.22 -48.83 13.43
N TYR F 126 -19.26 -47.90 13.31
CA TYR F 126 -19.43 -46.52 13.72
C TYR F 126 -19.18 -45.59 12.54
N GLY F 127 -19.97 -44.53 12.47
CA GLY F 127 -19.77 -43.49 11.48
C GLY F 127 -19.82 -42.13 12.13
N ILE F 128 -18.77 -41.32 11.98
CA ILE F 128 -18.62 -40.11 12.79
C ILE F 128 -18.67 -38.90 11.87
N GLU F 129 -19.63 -38.02 12.11
CA GLU F 129 -19.75 -36.74 11.42
C GLU F 129 -19.11 -35.66 12.27
N GLN F 130 -18.21 -34.87 11.66
CA GLN F 130 -17.41 -33.88 12.36
C GLN F 130 -17.60 -32.52 11.69
N GLU F 131 -18.00 -31.55 12.51
CA GLU F 131 -18.05 -30.14 12.12
C GLU F 131 -16.66 -29.53 12.19
N TYR F 132 -16.46 -28.43 11.47
CA TYR F 132 -15.30 -27.58 11.74
C TYR F 132 -15.57 -26.18 11.21
N THR F 133 -14.79 -25.22 11.73
CA THR F 133 -14.90 -23.82 11.35
C THR F 133 -13.55 -23.31 10.90
N LEU F 134 -13.54 -22.54 9.82
CA LEU F 134 -12.33 -21.93 9.28
C LEU F 134 -12.29 -20.46 9.71
N LEU F 135 -11.24 -20.10 10.46
CA LEU F 135 -11.06 -18.74 10.95
C LEU F 135 -9.81 -18.13 10.33
N GLN F 136 -9.80 -16.79 10.26
CA GLN F 136 -8.61 -16.08 9.82
C GLN F 136 -7.50 -16.22 10.85
N LYS F 137 -6.26 -16.07 10.39
CA LYS F 137 -5.11 -16.53 11.17
C LYS F 137 -4.90 -15.71 12.43
N ASP F 138 -4.58 -14.42 12.28
CA ASP F 138 -4.16 -13.62 13.42
C ASP F 138 -5.33 -13.27 14.33
N ILE F 139 -6.47 -12.93 13.73
CA ILE F 139 -7.67 -12.58 14.47
C ILE F 139 -8.62 -13.76 14.43
N GLN F 140 -9.14 -14.15 15.59
CA GLN F 140 -10.01 -15.34 15.69
C GLN F 140 -11.39 -15.04 15.12
N TRP F 141 -11.41 -14.70 13.84
CA TRP F 141 -12.61 -14.20 13.19
C TRP F 141 -12.87 -15.03 11.94
N PRO F 142 -14.08 -15.58 11.77
CA PRO F 142 -14.28 -16.65 10.78
C PRO F 142 -14.01 -16.21 9.36
N LEU F 143 -13.62 -17.18 8.54
CA LEU F 143 -13.16 -16.92 7.18
C LEU F 143 -14.30 -16.40 6.32
N GLY F 144 -14.02 -15.34 5.57
CA GLY F 144 -15.00 -14.73 4.70
C GLY F 144 -15.84 -13.65 5.35
N TRP F 145 -15.88 -13.60 6.68
CA TRP F 145 -16.50 -12.49 7.36
C TRP F 145 -15.65 -11.23 7.19
N PRO F 146 -16.26 -10.06 7.12
CA PRO F 146 -15.48 -8.82 7.08
C PRO F 146 -14.81 -8.55 8.42
N VAL F 147 -13.70 -7.81 8.36
CA VAL F 147 -12.93 -7.53 9.57
C VAL F 147 -13.71 -6.55 10.43
N GLY F 148 -13.99 -6.95 11.66
CA GLY F 148 -14.82 -6.12 12.53
C GLY F 148 -16.22 -5.93 11.99
N GLY F 149 -16.79 -6.97 11.39
CA GLY F 149 -18.12 -6.87 10.83
C GLY F 149 -18.71 -8.24 10.59
N PHE F 150 -20.01 -8.32 10.69
CA PHE F 150 -20.77 -9.54 10.50
C PHE F 150 -21.20 -9.71 9.04
N PRO F 151 -21.38 -10.93 8.59
CA PRO F 151 -21.92 -11.14 7.24
C PRO F 151 -23.44 -11.06 7.24
N GLY F 152 -24.07 -11.35 6.10
CA GLY F 152 -25.50 -11.29 6.00
C GLY F 152 -26.17 -12.33 6.86
N PRO F 153 -27.50 -12.26 6.98
CA PRO F 153 -28.22 -13.24 7.79
C PRO F 153 -28.12 -14.64 7.21
N GLN F 154 -28.28 -15.62 8.09
CA GLN F 154 -28.16 -17.01 7.70
C GLN F 154 -29.31 -17.41 6.76
N GLY F 155 -29.11 -18.51 6.06
CA GLY F 155 -30.09 -19.03 5.13
C GLY F 155 -29.55 -19.37 3.75
N PRO F 156 -28.65 -18.56 3.20
CA PRO F 156 -28.00 -18.92 1.94
C PRO F 156 -26.67 -19.64 2.07
N TYR F 157 -26.16 -19.85 3.27
CA TYR F 157 -24.85 -20.46 3.45
C TYR F 157 -24.88 -21.97 3.58
N TYR F 158 -26.06 -22.58 3.69
CA TYR F 158 -26.18 -24.03 3.80
C TYR F 158 -26.14 -24.62 2.40
N CYS F 159 -24.98 -25.18 2.03
CA CYS F 159 -24.74 -25.78 0.72
C CYS F 159 -24.82 -24.75 -0.40
N GLY F 160 -24.50 -23.50 -0.12
CA GLY F 160 -24.48 -22.49 -1.16
C GLY F 160 -23.35 -22.70 -2.13
N VAL F 161 -23.53 -22.19 -3.36
CA VAL F 161 -22.67 -22.51 -4.48
C VAL F 161 -21.88 -21.30 -4.96
N GLY F 162 -22.47 -20.12 -4.94
CA GLY F 162 -21.81 -18.94 -5.46
C GLY F 162 -20.58 -18.52 -4.65
N ALA F 163 -19.94 -17.46 -5.13
CA ALA F 163 -18.79 -16.90 -4.42
C ALA F 163 -19.18 -16.19 -3.15
N ASP F 164 -20.46 -15.88 -2.96
CA ASP F 164 -20.95 -15.19 -1.78
C ASP F 164 -21.18 -16.12 -0.59
N LYS F 165 -21.17 -17.43 -0.82
CA LYS F 165 -21.66 -18.37 0.19
C LYS F 165 -20.61 -19.42 0.54
N ALA F 166 -19.79 -19.83 -0.41
CA ALA F 166 -18.80 -20.87 -0.21
C ALA F 166 -17.47 -20.23 0.15
N PHE F 167 -17.08 -20.36 1.41
CA PHE F 167 -15.86 -19.76 1.94
C PHE F 167 -14.88 -20.86 2.31
N GLY F 168 -13.68 -20.81 1.74
CA GLY F 168 -12.67 -21.82 1.98
C GLY F 168 -12.99 -23.18 1.39
N ARG F 169 -13.57 -23.21 0.18
CA ARG F 169 -13.91 -24.48 -0.45
C ARG F 169 -12.69 -25.19 -1.02
N ASP F 170 -11.63 -24.45 -1.35
CA ASP F 170 -10.41 -25.09 -1.84
C ASP F 170 -9.81 -26.00 -0.78
N ILE F 171 -9.78 -25.54 0.47
CA ILE F 171 -9.29 -26.37 1.57
C ILE F 171 -10.15 -27.61 1.72
N VAL F 172 -11.47 -27.46 1.61
CA VAL F 172 -12.37 -28.60 1.80
C VAL F 172 -12.18 -29.63 0.69
N ASP F 173 -12.09 -29.19 -0.57
CA ASP F 173 -11.89 -30.12 -1.67
C ASP F 173 -10.54 -30.81 -1.55
N ALA F 174 -9.49 -30.06 -1.19
CA ALA F 174 -8.19 -30.67 -1.01
C ALA F 174 -8.21 -31.70 0.12
N HIS F 175 -8.89 -31.37 1.22
CA HIS F 175 -8.95 -32.30 2.35
C HIS F 175 -9.71 -33.56 1.97
N TYR F 176 -10.80 -33.43 1.22
CA TYR F 176 -11.56 -34.59 0.80
C TYR F 176 -10.74 -35.50 -0.10
N LYS F 177 -10.05 -34.91 -1.08
CA LYS F 177 -9.23 -35.70 -1.98
C LYS F 177 -8.07 -36.36 -1.24
N ALA F 178 -7.43 -35.62 -0.32
CA ALA F 178 -6.29 -36.16 0.41
C ALA F 178 -6.69 -37.28 1.36
N CYS F 179 -7.84 -37.13 2.02
CA CYS F 179 -8.31 -38.19 2.91
C CYS F 179 -8.72 -39.42 2.14
N LEU F 180 -9.29 -39.26 0.95
CA LEU F 180 -9.56 -40.42 0.11
C LEU F 180 -8.26 -41.09 -0.33
N TYR F 181 -7.25 -40.30 -0.68
CA TYR F 181 -5.98 -40.86 -1.13
C TYR F 181 -5.28 -41.62 -0.02
N ALA F 182 -5.24 -41.05 1.18
CA ALA F 182 -4.49 -41.66 2.28
C ALA F 182 -5.07 -43.00 2.69
N GLY F 183 -6.39 -43.10 2.77
CA GLY F 183 -7.01 -44.36 3.15
C GLY F 183 -8.10 -44.21 4.20
N ILE F 184 -8.33 -42.98 4.66
CA ILE F 184 -9.40 -42.73 5.60
C ILE F 184 -10.74 -42.97 4.92
N ASN F 185 -11.61 -43.74 5.58
CA ASN F 185 -12.90 -44.13 5.01
C ASN F 185 -13.88 -42.96 5.14
N ILE F 186 -13.60 -41.91 4.36
CA ILE F 186 -14.47 -40.75 4.31
C ILE F 186 -15.69 -41.08 3.47
N SER F 187 -16.80 -40.36 3.72
CA SER F 187 -18.03 -40.68 3.00
C SER F 187 -18.79 -39.45 2.55
N GLY F 188 -18.18 -38.27 2.55
CA GLY F 188 -18.85 -37.09 2.05
C GLY F 188 -18.52 -35.80 2.78
N ILE F 189 -18.92 -34.68 2.18
CA ILE F 189 -18.69 -33.36 2.74
C ILE F 189 -19.90 -32.48 2.43
N ASN F 190 -20.03 -31.39 3.18
CA ASN F 190 -21.01 -30.35 2.88
C ASN F 190 -20.62 -29.09 3.66
N GLY F 191 -21.36 -28.02 3.42
CA GLY F 191 -21.22 -26.79 4.17
C GLY F 191 -22.45 -26.55 5.01
N GLU F 192 -22.24 -26.06 6.23
CA GLU F 192 -23.32 -25.91 7.19
C GLU F 192 -23.85 -24.47 7.21
N VAL F 193 -24.86 -24.26 8.06
CA VAL F 193 -25.62 -23.02 8.03
C VAL F 193 -24.75 -21.82 8.36
N MET F 194 -23.80 -21.96 9.24
CA MET F 194 -22.88 -20.89 9.54
C MET F 194 -21.91 -20.69 8.36
N PRO F 195 -21.67 -19.45 7.94
CA PRO F 195 -20.69 -19.20 6.87
C PRO F 195 -19.28 -19.47 7.36
N GLY F 196 -18.49 -20.17 6.54
CA GLY F 196 -17.15 -20.59 6.93
C GLY F 196 -17.10 -21.88 7.70
N GLN F 197 -18.24 -22.56 7.87
CA GLN F 197 -18.33 -23.79 8.63
C GLN F 197 -18.64 -24.95 7.69
N TRP F 198 -17.91 -26.07 7.87
CA TRP F 198 -18.02 -27.20 6.97
C TRP F 198 -18.09 -28.53 7.72
N GLU F 199 -18.25 -29.63 6.98
CA GLU F 199 -18.46 -30.95 7.56
C GLU F 199 -17.57 -31.98 6.90
N PHE F 200 -17.37 -33.10 7.58
CA PHE F 200 -16.95 -34.33 6.94
C PHE F 200 -17.31 -35.50 7.84
N GLN F 201 -17.85 -36.57 7.25
CA GLN F 201 -18.13 -37.77 8.02
C GLN F 201 -17.28 -38.92 7.55
N VAL F 202 -16.68 -39.63 8.50
CA VAL F 202 -16.01 -40.90 8.24
C VAL F 202 -17.06 -41.99 8.34
N GLY F 203 -17.20 -42.76 7.25
CA GLY F 203 -18.30 -43.66 7.09
C GLY F 203 -18.21 -44.90 7.95
N PRO F 204 -18.86 -45.97 7.50
CA PRO F 204 -18.84 -47.22 8.28
C PRO F 204 -17.43 -47.80 8.40
N SER F 205 -16.89 -47.77 9.61
CA SER F 205 -15.58 -48.34 9.91
C SER F 205 -15.67 -49.07 11.24
N VAL F 206 -15.13 -50.28 11.27
CA VAL F 206 -15.40 -51.22 12.35
C VAL F 206 -14.39 -51.06 13.48
N GLY F 207 -14.91 -50.93 14.69
CA GLY F 207 -14.09 -51.04 15.89
C GLY F 207 -13.13 -49.89 16.11
N ILE F 208 -12.03 -50.20 16.78
CA ILE F 208 -11.05 -49.20 17.19
C ILE F 208 -10.50 -48.46 15.97
N SER F 209 -10.42 -49.13 14.82
CA SER F 209 -9.95 -48.49 13.61
C SER F 209 -10.69 -47.18 13.36
N ALA F 210 -12.00 -47.17 13.60
CA ALA F 210 -12.79 -45.96 13.39
C ALA F 210 -12.16 -44.77 14.07
N GLY F 211 -11.85 -44.91 15.36
CA GLY F 211 -11.24 -43.80 16.09
C GLY F 211 -9.96 -43.34 15.42
N ASP F 212 -9.09 -44.29 15.07
CA ASP F 212 -7.85 -43.95 14.38
C ASP F 212 -8.15 -43.08 13.18
N GLU F 213 -9.09 -43.52 12.35
CA GLU F 213 -9.37 -42.80 11.11
C GLU F 213 -9.71 -41.36 11.41
N VAL F 214 -10.58 -41.13 12.40
CA VAL F 214 -10.98 -39.76 12.71
C VAL F 214 -9.76 -38.93 13.08
N TRP F 215 -8.94 -39.46 13.99
CA TRP F 215 -7.77 -38.71 14.42
C TRP F 215 -6.80 -38.49 13.27
N ALA F 216 -6.81 -39.38 12.27
CA ALA F 216 -6.02 -39.13 11.09
C ALA F 216 -6.55 -37.94 10.33
N ALA F 217 -7.85 -37.94 10.03
CA ALA F 217 -8.42 -36.91 9.17
C ALA F 217 -8.18 -35.53 9.75
N ARG F 218 -8.50 -35.36 11.04
CA ARG F 218 -8.26 -34.09 11.71
C ARG F 218 -6.83 -33.64 11.49
N TYR F 219 -5.86 -34.52 11.75
CA TYR F 219 -4.46 -34.17 11.56
C TYR F 219 -4.25 -33.63 10.16
N ILE F 220 -4.68 -34.40 9.15
CA ILE F 220 -4.50 -33.98 7.77
C ILE F 220 -5.12 -32.60 7.57
N LEU F 221 -6.36 -32.43 8.03
CA LEU F 221 -7.03 -31.16 7.84
C LEU F 221 -6.21 -30.03 8.41
N GLU F 222 -5.75 -30.17 9.65
CA GLU F 222 -5.00 -29.09 10.26
C GLU F 222 -3.75 -28.80 9.47
N ARG F 223 -3.05 -29.85 9.04
CA ARG F 223 -1.82 -29.64 8.29
C ARG F 223 -2.13 -28.94 6.98
N ILE F 224 -3.26 -29.30 6.36
CA ILE F 224 -3.64 -28.62 5.11
C ILE F 224 -3.84 -27.14 5.35
N THR F 225 -4.44 -26.78 6.49
CA THR F 225 -4.63 -25.36 6.77
C THR F 225 -3.31 -24.64 6.92
N GLU F 226 -2.27 -25.33 7.37
CA GLU F 226 -0.95 -24.73 7.45
C GLU F 226 -0.51 -24.18 6.10
N ILE F 227 -0.87 -24.89 5.02
CA ILE F 227 -0.50 -24.44 3.69
C ILE F 227 -1.24 -23.16 3.33
N ALA F 228 -2.50 -23.05 3.75
CA ALA F 228 -3.36 -21.94 3.34
C ALA F 228 -3.32 -20.76 4.30
N GLY F 229 -2.64 -20.87 5.43
CA GLY F 229 -2.62 -19.78 6.40
C GLY F 229 -3.97 -19.51 7.03
N VAL F 230 -4.68 -20.56 7.42
CA VAL F 230 -6.02 -20.46 8.01
C VAL F 230 -6.01 -21.28 9.29
N VAL F 231 -6.74 -20.82 10.30
CA VAL F 231 -6.90 -21.59 11.53
C VAL F 231 -8.16 -22.43 11.40
N VAL F 232 -8.12 -23.65 11.92
CA VAL F 232 -9.27 -24.54 11.95
C VAL F 232 -9.65 -24.77 13.41
N SER F 233 -10.93 -24.67 13.70
CA SER F 233 -11.42 -24.85 15.06
C SER F 233 -12.52 -25.91 15.06
N PHE F 234 -12.36 -26.91 15.93
CA PHE F 234 -13.41 -27.87 16.23
C PHE F 234 -14.18 -27.49 17.47
N ASP F 235 -13.94 -26.30 18.02
CA ASP F 235 -14.63 -25.85 19.22
C ASP F 235 -16.11 -25.68 18.93
N PRO F 236 -17.00 -26.10 19.84
CA PRO F 236 -18.44 -26.04 19.54
C PRO F 236 -18.95 -24.64 19.24
N LYS F 237 -18.46 -23.62 19.92
CA LYS F 237 -18.97 -22.26 19.79
C LYS F 237 -17.83 -21.27 19.59
N PRO F 238 -17.33 -21.13 18.35
CA PRO F 238 -16.34 -20.10 18.09
C PRO F 238 -16.93 -18.69 18.04
N ILE F 239 -18.20 -18.56 17.69
CA ILE F 239 -18.88 -17.28 17.61
C ILE F 239 -20.22 -17.39 18.33
N GLN F 240 -20.53 -16.41 19.17
CA GLN F 240 -21.81 -16.37 19.87
C GLN F 240 -22.74 -15.37 19.18
N GLY F 241 -24.02 -15.45 19.58
CA GLY F 241 -25.07 -14.66 18.96
C GLY F 241 -26.06 -15.56 18.24
N ASP F 242 -26.58 -15.07 17.12
CA ASP F 242 -27.50 -15.85 16.28
C ASP F 242 -26.74 -16.64 15.23
N TRP F 243 -25.73 -17.39 15.68
CA TRP F 243 -24.91 -18.24 14.82
C TRP F 243 -24.80 -19.61 15.47
N ASN F 244 -25.01 -20.65 14.68
CA ASN F 244 -25.15 -21.99 15.24
C ASN F 244 -23.80 -22.57 15.63
N GLY F 245 -23.85 -23.60 16.48
CA GLY F 245 -22.67 -24.24 17.00
C GLY F 245 -22.22 -25.43 16.16
N ALA F 246 -21.11 -26.02 16.59
CA ALA F 246 -20.49 -27.15 15.91
C ALA F 246 -20.46 -28.36 16.83
N GLY F 247 -20.96 -29.49 16.35
CA GLY F 247 -20.99 -30.71 17.13
C GLY F 247 -20.38 -31.89 16.41
N ALA F 248 -20.74 -33.10 16.84
CA ALA F 248 -20.26 -34.31 16.19
C ALA F 248 -21.26 -35.42 16.44
N HIS F 249 -21.61 -36.14 15.38
CA HIS F 249 -22.67 -37.15 15.44
C HIS F 249 -22.08 -38.54 15.25
N THR F 250 -22.66 -39.53 15.94
CA THR F 250 -22.18 -40.90 15.88
C THR F 250 -23.30 -41.82 15.43
N ASN F 251 -23.07 -42.51 14.32
CA ASN F 251 -23.99 -43.52 13.80
C ASN F 251 -23.49 -44.88 14.26
N TYR F 252 -24.33 -45.62 14.97
CA TYR F 252 -23.97 -46.91 15.54
C TYR F 252 -24.84 -48.00 14.94
N SER F 253 -24.21 -49.13 14.58
CA SER F 253 -24.97 -50.27 14.07
C SER F 253 -24.18 -51.54 14.31
N THR F 254 -24.74 -52.45 15.11
CA THR F 254 -24.16 -53.76 15.32
C THR F 254 -24.81 -54.79 14.40
N LYS F 255 -24.36 -56.05 14.51
CA LYS F 255 -24.86 -57.09 13.64
C LYS F 255 -26.32 -57.41 13.89
N SER F 256 -26.74 -57.44 15.16
CA SER F 256 -28.12 -57.78 15.48
C SER F 256 -29.08 -56.71 14.96
N MET F 257 -28.68 -55.44 15.06
CA MET F 257 -29.53 -54.36 14.54
C MET F 257 -29.65 -54.44 13.03
N ARG F 258 -28.64 -54.96 12.34
CA ARG F 258 -28.67 -55.10 10.89
C ARG F 258 -29.47 -56.29 10.42
N ASN F 259 -29.92 -57.15 11.32
CA ASN F 259 -30.66 -58.36 10.96
C ASN F 259 -32.13 -58.19 11.30
N ASP F 260 -32.94 -59.14 10.81
CA ASP F 260 -34.38 -59.07 10.98
C ASP F 260 -34.76 -59.08 12.45
N GLY F 261 -35.69 -58.20 12.82
CA GLY F 261 -36.02 -58.01 14.22
C GLY F 261 -35.11 -57.08 14.96
N GLY F 262 -34.33 -56.27 14.25
CA GLY F 262 -33.36 -55.39 14.88
C GLY F 262 -33.93 -54.12 15.49
N TYR F 263 -35.20 -53.81 15.22
CA TYR F 263 -35.79 -52.62 15.82
C TYR F 263 -35.94 -52.78 17.33
N GLU F 264 -36.28 -53.98 17.79
CA GLU F 264 -36.33 -54.23 19.23
C GLU F 264 -34.95 -54.07 19.85
N VAL F 265 -33.91 -54.53 19.15
CA VAL F 265 -32.54 -54.34 19.63
C VAL F 265 -32.21 -52.86 19.73
N ILE F 266 -32.59 -52.09 18.71
CA ILE F 266 -32.33 -50.65 18.72
C ILE F 266 -33.05 -50.00 19.89
N LYS F 267 -34.32 -50.35 20.11
CA LYS F 267 -35.07 -49.79 21.22
C LYS F 267 -34.42 -50.12 22.56
N THR F 268 -34.10 -51.39 22.78
CA THR F 268 -33.50 -51.81 24.04
C THR F 268 -32.18 -51.11 24.28
N ALA F 269 -31.34 -51.00 23.25
CA ALA F 269 -30.10 -50.24 23.38
C ALA F 269 -30.39 -48.78 23.69
N ILE F 270 -31.51 -48.25 23.20
CA ILE F 270 -31.84 -46.85 23.49
C ILE F 270 -32.19 -46.67 24.97
N GLU F 271 -33.01 -47.58 25.53
CA GLU F 271 -33.26 -47.43 26.97
C GLU F 271 -32.03 -47.72 27.80
N LYS F 272 -31.14 -48.62 27.34
CA LYS F 272 -29.90 -48.86 28.07
C LYS F 272 -29.01 -47.62 28.05
N LEU F 273 -28.96 -46.92 26.91
CA LEU F 273 -28.21 -45.67 26.83
C LEU F 273 -28.85 -44.60 27.70
N GLY F 274 -30.18 -44.62 27.80
CA GLY F 274 -30.85 -43.74 28.74
C GLY F 274 -30.53 -44.12 30.18
N LYS F 275 -30.84 -43.20 31.09
CA LYS F 275 -30.56 -43.27 32.52
C LYS F 275 -29.06 -43.18 32.82
N ARG F 276 -28.22 -43.05 31.80
CA ARG F 276 -26.80 -42.75 31.95
C ARG F 276 -26.46 -41.43 31.28
N HIS F 277 -27.43 -40.52 31.22
CA HIS F 277 -27.27 -39.26 30.49
C HIS F 277 -26.17 -38.40 31.08
N LYS F 278 -26.10 -38.30 32.41
CA LYS F 278 -25.16 -37.39 33.06
C LYS F 278 -23.72 -37.79 32.76
N GLU F 279 -23.40 -39.09 32.88
CA GLU F 279 -22.04 -39.53 32.68
C GLU F 279 -21.59 -39.36 31.23
N HIS F 280 -22.45 -39.75 30.29
CA HIS F 280 -22.12 -39.56 28.88
C HIS F 280 -21.96 -38.08 28.53
N ILE F 281 -22.84 -37.23 29.06
CA ILE F 281 -22.75 -35.79 28.78
C ILE F 281 -21.44 -35.23 29.33
N ALA F 282 -21.09 -35.61 30.56
CA ALA F 282 -19.84 -35.14 31.15
C ALA F 282 -18.61 -35.71 30.44
N ALA F 283 -18.75 -36.85 29.76
CA ALA F 283 -17.64 -37.46 29.03
C ALA F 283 -17.64 -37.12 27.54
N TYR F 284 -18.66 -36.42 27.05
CA TYR F 284 -18.70 -36.01 25.65
C TYR F 284 -17.95 -34.72 25.38
N GLY F 285 -17.41 -34.08 26.42
CA GLY F 285 -16.68 -32.84 26.28
C GLY F 285 -17.04 -31.88 27.41
N GLU F 286 -16.19 -30.89 27.62
CA GLU F 286 -16.41 -29.85 28.60
C GLU F 286 -16.68 -28.54 27.89
N GLY F 287 -17.76 -27.86 28.27
CA GLY F 287 -18.19 -26.66 27.59
C GLY F 287 -19.20 -26.88 26.48
N ASN F 288 -19.90 -28.02 26.49
CA ASN F 288 -20.93 -28.29 25.49
C ASN F 288 -22.25 -27.60 25.81
N GLU F 289 -22.38 -26.98 26.97
CA GLU F 289 -23.62 -26.27 27.31
C GLU F 289 -23.84 -25.10 26.36
N ARG F 290 -22.78 -24.43 25.93
CA ARG F 290 -22.92 -23.27 25.05
C ARG F 290 -23.56 -23.66 23.72
N ARG F 291 -23.14 -24.80 23.15
CA ARG F 291 -23.72 -25.24 21.88
C ARG F 291 -25.13 -25.77 22.09
N LEU F 292 -25.33 -26.60 23.12
CA LEU F 292 -26.61 -27.27 23.35
C LEU F 292 -27.42 -26.47 24.37
N THR F 293 -28.40 -25.72 23.88
CA THR F 293 -29.28 -24.92 24.73
C THR F 293 -30.74 -25.28 24.60
N GLY F 294 -31.20 -25.59 23.39
CA GLY F 294 -32.60 -25.91 23.18
C GLY F 294 -33.29 -24.95 22.22
N ARG F 295 -32.49 -24.12 21.55
CA ARG F 295 -33.05 -23.17 20.59
C ARG F 295 -33.76 -23.89 19.46
N HIS F 296 -34.92 -23.36 19.05
CA HIS F 296 -35.67 -23.85 17.90
C HIS F 296 -35.93 -25.36 18.02
N GLU F 297 -36.20 -25.82 19.24
CA GLU F 297 -36.49 -27.22 19.53
C GLU F 297 -35.30 -28.11 19.16
N THR F 298 -34.17 -27.85 19.81
CA THR F 298 -32.97 -28.67 19.66
C THR F 298 -32.69 -29.41 20.95
N ALA F 299 -31.57 -30.15 20.96
CA ALA F 299 -31.23 -30.97 22.12
C ALA F 299 -30.88 -30.11 23.32
N ASP F 300 -31.21 -30.62 24.50
CA ASP F 300 -30.92 -29.95 25.76
C ASP F 300 -30.05 -30.85 26.62
N ILE F 301 -29.24 -30.22 27.49
CA ILE F 301 -28.28 -30.98 28.29
C ILE F 301 -29.00 -31.78 29.37
N ASN F 302 -29.99 -31.19 30.03
CA ASN F 302 -30.60 -31.79 31.20
C ASN F 302 -31.69 -32.82 30.87
N THR F 303 -32.07 -32.97 29.61
CA THR F 303 -33.18 -33.83 29.23
C THR F 303 -32.73 -34.85 28.20
N PHE F 304 -33.27 -36.07 28.30
CA PHE F 304 -33.00 -37.15 27.37
C PHE F 304 -34.27 -37.44 26.57
N LEU F 305 -34.16 -37.39 25.25
CA LEU F 305 -35.30 -37.63 24.36
C LEU F 305 -34.83 -38.42 23.15
N TRP F 306 -35.75 -39.21 22.59
CA TRP F 306 -35.46 -39.97 21.38
C TRP F 306 -36.70 -40.04 20.53
N GLY F 307 -36.54 -39.83 19.22
CA GLY F 307 -37.65 -39.82 18.30
C GLY F 307 -37.19 -40.22 16.90
N VAL F 308 -38.13 -40.21 15.97
CA VAL F 308 -37.90 -40.64 14.60
C VAL F 308 -37.55 -39.48 13.69
N ALA F 309 -38.44 -38.50 13.58
CA ALA F 309 -38.21 -37.34 12.72
C ALA F 309 -37.94 -36.06 13.49
N ASN F 310 -37.93 -36.11 14.82
CA ASN F 310 -37.66 -34.93 15.63
C ASN F 310 -36.15 -34.73 15.70
N ARG F 311 -35.66 -33.72 14.96
CA ARG F 311 -34.24 -33.45 14.92
C ARG F 311 -33.70 -32.95 16.26
N GLY F 312 -34.55 -32.40 17.11
CA GLY F 312 -34.11 -31.91 18.40
C GLY F 312 -34.22 -32.96 19.50
N ALA F 313 -33.63 -34.13 19.25
CA ALA F 313 -33.65 -35.23 20.20
C ALA F 313 -32.24 -35.74 20.43
N SER F 314 -32.03 -36.38 21.59
CA SER F 314 -30.71 -36.95 21.89
C SER F 314 -30.36 -38.04 20.91
N VAL F 315 -31.31 -38.93 20.62
CA VAL F 315 -31.10 -40.06 19.71
C VAL F 315 -32.16 -39.98 18.61
N ARG F 316 -31.72 -40.05 17.36
CA ARG F 316 -32.63 -40.04 16.22
C ARG F 316 -32.52 -41.36 15.48
N VAL F 317 -33.67 -41.96 15.19
CA VAL F 317 -33.75 -43.21 14.43
C VAL F 317 -34.43 -42.90 13.11
N GLY F 318 -33.85 -43.37 12.01
CA GLY F 318 -34.37 -43.05 10.70
C GLY F 318 -35.73 -43.66 10.43
N ARG F 319 -36.44 -43.05 9.48
CA ARG F 319 -37.78 -43.52 9.14
C ARG F 319 -37.73 -44.84 8.38
N ASP F 320 -36.80 -44.96 7.42
CA ASP F 320 -36.64 -46.22 6.70
C ASP F 320 -36.18 -47.34 7.64
N THR F 321 -35.32 -47.00 8.60
CA THR F 321 -34.86 -48.01 9.56
C THR F 321 -36.01 -48.54 10.41
N GLU F 322 -36.89 -47.64 10.87
CA GLU F 322 -38.05 -48.10 11.63
C GLU F 322 -39.05 -48.83 10.74
N LYS F 323 -39.15 -48.45 9.47
CA LYS F 323 -40.04 -49.15 8.54
C LYS F 323 -39.59 -50.59 8.34
N ALA F 324 -38.31 -50.79 8.02
CA ALA F 324 -37.79 -52.13 7.78
C ALA F 324 -37.40 -52.86 9.06
N GLY F 325 -37.30 -52.13 10.18
CA GLY F 325 -36.88 -52.74 11.43
C GLY F 325 -35.41 -53.02 11.55
N LYS F 326 -34.59 -52.56 10.62
CA LYS F 326 -33.16 -52.85 10.59
C LYS F 326 -32.39 -51.57 10.30
N GLY F 327 -31.13 -51.56 10.70
CA GLY F 327 -30.26 -50.45 10.39
C GLY F 327 -29.42 -49.92 11.53
N TYR F 328 -29.21 -48.61 11.55
CA TYR F 328 -28.37 -47.94 12.52
C TYR F 328 -29.21 -46.99 13.37
N PHE F 329 -28.54 -46.28 14.28
CA PHE F 329 -29.17 -45.15 14.94
C PHE F 329 -28.11 -44.11 15.25
N GLU F 330 -28.55 -42.85 15.35
CA GLU F 330 -27.64 -41.71 15.41
C GLU F 330 -27.75 -41.03 16.78
N ASP F 331 -26.61 -40.90 17.46
CA ASP F 331 -26.50 -40.13 18.68
C ASP F 331 -25.94 -38.75 18.33
N ARG F 332 -26.62 -37.70 18.82
CA ARG F 332 -26.32 -36.32 18.45
C ARG F 332 -25.88 -35.49 19.65
N ARG F 333 -25.57 -36.12 20.77
CA ARG F 333 -25.08 -35.43 21.97
C ARG F 333 -23.60 -35.05 21.91
N PRO F 334 -22.70 -35.92 21.43
CA PRO F 334 -21.26 -35.59 21.52
C PRO F 334 -20.91 -34.28 20.83
N ALA F 335 -19.97 -33.57 21.43
CA ALA F 335 -19.52 -32.27 20.95
C ALA F 335 -18.43 -32.42 19.89
N SER F 336 -18.17 -31.33 19.18
CA SER F 336 -17.21 -31.34 18.07
C SER F 336 -15.77 -31.44 18.54
N ASN F 337 -15.49 -31.22 19.82
CA ASN F 337 -14.16 -31.40 20.39
C ASN F 337 -14.08 -32.67 21.23
N MET F 338 -14.75 -33.73 20.80
CA MET F 338 -14.82 -34.96 21.57
C MET F 338 -13.56 -35.78 21.34
N ASP F 339 -13.53 -36.97 21.93
CA ASP F 339 -12.51 -37.97 21.64
C ASP F 339 -13.21 -39.21 21.11
N PRO F 340 -13.02 -39.58 19.83
CA PRO F 340 -13.77 -40.72 19.29
C PRO F 340 -13.53 -42.01 20.02
N TYR F 341 -12.32 -42.22 20.56
CA TYR F 341 -12.08 -43.40 21.39
C TYR F 341 -13.09 -43.48 22.52
N VAL F 342 -13.25 -42.40 23.27
CA VAL F 342 -14.11 -42.41 24.45
C VAL F 342 -15.56 -42.63 24.07
N VAL F 343 -16.03 -41.93 23.03
CA VAL F 343 -17.43 -42.01 22.64
C VAL F 343 -17.77 -43.42 22.13
N THR F 344 -16.93 -43.95 21.23
CA THR F 344 -17.18 -45.30 20.73
C THR F 344 -17.10 -46.32 21.85
N SER F 345 -16.14 -46.16 22.77
CA SER F 345 -16.01 -47.08 23.90
C SER F 345 -17.26 -47.07 24.76
N MET F 346 -17.77 -45.88 25.09
CA MET F 346 -18.95 -45.80 25.94
C MET F 346 -20.17 -46.38 25.24
N ILE F 347 -20.32 -46.12 23.93
CA ILE F 347 -21.47 -46.66 23.22
C ILE F 347 -21.43 -48.18 23.18
N ALA F 348 -20.25 -48.75 22.89
CA ALA F 348 -20.12 -50.20 22.87
C ALA F 348 -20.34 -50.80 24.26
N ASP F 349 -19.82 -50.13 25.30
CA ASP F 349 -20.00 -50.61 26.66
C ASP F 349 -21.48 -50.63 27.05
N THR F 350 -22.17 -49.51 26.86
CA THR F 350 -23.57 -49.43 27.26
C THR F 350 -24.44 -50.39 26.47
N THR F 351 -24.18 -50.51 25.16
CA THR F 351 -25.04 -51.33 24.31
C THR F 351 -24.91 -52.82 24.64
N ILE F 352 -23.68 -53.32 24.72
CA ILE F 352 -23.42 -54.77 24.76
C ILE F 352 -22.90 -55.21 26.12
N LEU F 353 -21.72 -54.70 26.53
CA LEU F 353 -21.05 -55.25 27.70
C LEU F 353 -21.83 -55.00 28.98
N TRP F 354 -22.42 -53.81 29.13
CA TRP F 354 -23.12 -53.49 30.36
C TRP F 354 -24.42 -54.28 30.47
N LYS F 355 -24.78 -54.60 31.71
CA LYS F 355 -26.01 -55.36 31.99
C LYS F 355 -26.97 -54.55 32.85
N LEU G 4 -7.96 -20.97 -12.68
CA LEU G 4 -8.83 -21.00 -13.85
C LEU G 4 -8.17 -21.73 -15.01
N SER G 5 -6.88 -22.02 -14.88
CA SER G 5 -6.24 -22.93 -15.79
C SER G 5 -6.73 -24.35 -15.50
N ASP G 6 -6.20 -25.32 -16.25
CA ASP G 6 -6.63 -26.72 -16.16
C ASP G 6 -8.05 -26.88 -16.68
N LEU G 7 -8.68 -25.78 -17.04
CA LEU G 7 -9.99 -25.75 -17.68
C LEU G 7 -9.95 -25.04 -19.02
N ILE G 8 -9.25 -23.91 -19.12
CA ILE G 8 -8.97 -23.32 -20.42
C ILE G 8 -8.05 -24.22 -21.22
N ASN G 9 -7.01 -24.74 -20.57
CA ASN G 9 -6.06 -25.65 -21.21
C ASN G 9 -6.45 -27.11 -20.95
N LEU G 10 -7.65 -27.46 -21.36
CA LEU G 10 -8.19 -28.81 -21.19
C LEU G 10 -8.35 -29.44 -22.57
N ASN G 11 -7.74 -30.60 -22.75
CA ASN G 11 -7.75 -31.28 -24.05
C ASN G 11 -9.09 -31.97 -24.24
N LEU G 12 -9.89 -31.50 -25.19
CA LEU G 12 -11.19 -32.07 -25.47
C LEU G 12 -11.14 -33.25 -26.42
N SER G 13 -10.00 -33.51 -27.06
CA SER G 13 -9.89 -34.63 -27.98
C SER G 13 -9.84 -35.98 -27.27
N ASP G 14 -9.67 -35.98 -25.94
CA ASP G 14 -9.65 -37.22 -25.18
C ASP G 14 -11.05 -37.71 -24.82
N THR G 15 -12.07 -36.89 -24.99
CA THR G 15 -13.43 -37.25 -24.58
C THR G 15 -14.49 -37.00 -25.64
N THR G 16 -14.21 -36.22 -26.68
CA THR G 16 -15.24 -35.87 -27.65
C THR G 16 -14.57 -35.51 -28.97
N GLU G 17 -15.40 -35.45 -30.02
CA GLU G 17 -14.94 -35.12 -31.36
C GLU G 17 -15.38 -33.73 -31.82
N LYS G 18 -16.16 -33.03 -31.01
CA LYS G 18 -16.65 -31.71 -31.41
C LYS G 18 -15.53 -30.69 -31.36
N VAL G 19 -15.56 -29.74 -32.30
CA VAL G 19 -14.53 -28.72 -32.39
C VAL G 19 -15.14 -27.36 -32.07
N ILE G 20 -14.28 -26.42 -31.70
CA ILE G 20 -14.68 -25.06 -31.41
C ILE G 20 -14.16 -24.17 -32.54
N ALA G 21 -15.07 -23.47 -33.21
CA ALA G 21 -14.74 -22.55 -34.28
C ALA G 21 -14.92 -21.12 -33.80
N GLU G 22 -14.11 -20.22 -34.36
CA GLU G 22 -14.04 -18.83 -33.94
C GLU G 22 -14.34 -17.96 -35.15
N TYR G 23 -15.59 -17.52 -35.30
CA TYR G 23 -15.97 -16.68 -36.42
C TYR G 23 -15.53 -15.26 -36.14
N ILE G 24 -14.72 -14.69 -37.04
CA ILE G 24 -14.12 -13.37 -36.88
C ILE G 24 -14.47 -12.52 -38.09
N TRP G 25 -14.91 -11.28 -37.84
CA TRP G 25 -15.24 -10.35 -38.90
C TRP G 25 -14.78 -8.95 -38.50
N ILE G 26 -14.96 -7.99 -39.40
CA ILE G 26 -14.51 -6.62 -39.21
C ILE G 26 -15.70 -5.75 -38.81
N GLY G 27 -15.51 -4.92 -37.80
CA GLY G 27 -16.58 -4.07 -37.30
C GLY G 27 -16.88 -2.91 -38.24
N GLY G 28 -17.73 -2.02 -37.75
CA GLY G 28 -18.24 -0.94 -38.59
C GLY G 28 -17.17 0.06 -39.00
N SER G 29 -16.25 0.38 -38.10
CA SER G 29 -15.24 1.39 -38.38
C SER G 29 -14.23 0.95 -39.43
N GLY G 30 -14.17 -0.35 -39.75
CA GLY G 30 -13.20 -0.85 -40.69
C GLY G 30 -11.82 -1.11 -40.12
N MET G 31 -11.64 -0.91 -38.81
CA MET G 31 -10.35 -1.11 -38.17
C MET G 31 -10.40 -2.07 -37.00
N ASP G 32 -11.55 -2.23 -36.35
CA ASP G 32 -11.65 -3.14 -35.21
C ASP G 32 -12.24 -4.48 -35.64
N LEU G 33 -12.00 -5.49 -34.81
CA LEU G 33 -12.36 -6.87 -35.10
C LEU G 33 -13.37 -7.36 -34.08
N ARG G 34 -14.34 -8.14 -34.55
CA ARG G 34 -15.34 -8.76 -33.69
C ARG G 34 -15.30 -10.26 -33.92
N SER G 35 -15.62 -11.03 -32.88
CA SER G 35 -15.53 -12.48 -33.00
C SER G 35 -16.45 -13.15 -32.00
N LYS G 36 -16.83 -14.38 -32.32
CA LYS G 36 -17.58 -15.22 -31.40
C LYS G 36 -17.47 -16.67 -31.83
N ALA G 37 -17.65 -17.57 -30.86
CA ALA G 37 -17.31 -18.98 -31.00
C ALA G 37 -18.54 -19.86 -31.11
N ARG G 38 -18.33 -21.06 -31.65
CA ARG G 38 -19.37 -22.07 -31.74
C ARG G 38 -18.76 -23.45 -31.68
N THR G 39 -19.62 -24.46 -31.68
CA THR G 39 -19.23 -25.86 -31.66
C THR G 39 -19.72 -26.54 -32.92
N LEU G 40 -18.88 -27.41 -33.48
CA LEU G 40 -19.16 -28.15 -34.70
C LEU G 40 -19.00 -29.65 -34.45
N PRO G 41 -19.75 -30.48 -35.17
CA PRO G 41 -19.74 -31.93 -34.86
C PRO G 41 -18.39 -32.59 -34.99
N GLY G 42 -17.54 -32.12 -35.89
CA GLY G 42 -16.24 -32.73 -36.09
C GLY G 42 -15.27 -31.80 -36.80
N PRO G 43 -14.05 -32.28 -37.04
CA PRO G 43 -13.03 -31.44 -37.68
C PRO G 43 -13.40 -31.09 -39.10
N VAL G 44 -12.93 -29.92 -39.54
CA VAL G 44 -13.13 -29.45 -40.90
C VAL G 44 -12.01 -28.48 -41.24
N SER G 45 -11.52 -28.55 -42.48
CA SER G 45 -10.43 -27.68 -42.92
C SER G 45 -10.70 -26.99 -44.25
N ASP G 46 -11.80 -27.31 -44.95
CA ASP G 46 -12.16 -26.60 -46.16
C ASP G 46 -13.17 -25.50 -45.83
N PRO G 47 -12.89 -24.24 -46.14
CA PRO G 47 -13.84 -23.17 -45.82
C PRO G 47 -15.17 -23.29 -46.54
N SER G 48 -15.25 -24.08 -47.61
CA SER G 48 -16.49 -24.18 -48.38
C SER G 48 -17.60 -24.86 -47.60
N LYS G 49 -17.28 -25.84 -46.75
CA LYS G 49 -18.28 -26.62 -46.04
C LYS G 49 -18.44 -26.19 -44.59
N LEU G 50 -18.36 -24.90 -44.33
CA LEU G 50 -18.64 -24.33 -43.02
C LEU G 50 -19.92 -23.52 -43.06
N PRO G 51 -20.79 -23.66 -42.06
CA PRO G 51 -22.05 -22.91 -42.07
C PRO G 51 -21.83 -21.42 -41.83
N LYS G 52 -22.74 -20.62 -42.37
CA LYS G 52 -22.70 -19.18 -42.21
C LYS G 52 -23.38 -18.76 -40.91
N TRP G 53 -23.14 -17.51 -40.51
CA TRP G 53 -23.91 -16.89 -39.44
C TRP G 53 -24.50 -15.55 -39.82
N ASN G 54 -25.22 -15.01 -38.85
CA ASN G 54 -25.77 -13.66 -38.86
C ASN G 54 -25.51 -13.04 -37.49
N TYR G 55 -25.59 -11.72 -37.44
CA TYR G 55 -25.42 -11.01 -36.18
C TYR G 55 -26.14 -9.68 -36.25
N ASP G 56 -26.28 -9.04 -35.09
CA ASP G 56 -26.97 -7.77 -34.97
C ASP G 56 -26.04 -6.66 -35.47
N GLY G 57 -26.35 -6.11 -36.64
CA GLY G 57 -25.53 -5.04 -37.18
C GLY G 57 -25.70 -3.72 -36.45
N SER G 58 -26.81 -3.55 -35.73
CA SER G 58 -27.02 -2.32 -34.98
C SER G 58 -25.99 -2.18 -33.86
N SER G 59 -25.66 -3.28 -33.20
CA SER G 59 -24.67 -3.26 -32.13
C SER G 59 -23.25 -3.00 -32.64
N THR G 60 -23.02 -3.11 -33.94
CA THR G 60 -21.71 -2.89 -34.53
C THR G 60 -21.64 -1.67 -35.42
N GLY G 61 -22.76 -1.23 -36.00
CA GLY G 61 -22.78 -0.06 -36.84
C GLY G 61 -22.72 -0.37 -38.33
N GLN G 62 -23.44 -1.42 -38.75
CA GLN G 62 -23.40 -1.85 -40.14
C GLN G 62 -24.77 -2.23 -40.69
N ALA G 63 -25.85 -1.75 -40.09
CA ALA G 63 -27.18 -2.14 -40.54
C ALA G 63 -28.20 -1.16 -39.99
N PRO G 64 -29.34 -0.98 -40.66
CA PRO G 64 -30.40 -0.12 -40.10
C PRO G 64 -31.07 -0.77 -38.90
N GLY G 65 -31.93 0.01 -38.26
CA GLY G 65 -32.61 -0.47 -37.06
C GLY G 65 -33.61 -1.58 -37.33
N GLU G 66 -34.36 -1.47 -38.43
CA GLU G 66 -35.47 -2.39 -38.66
C GLU G 66 -35.00 -3.80 -38.99
N ASP G 67 -33.99 -3.92 -39.86
CA ASP G 67 -33.44 -5.22 -40.25
C ASP G 67 -31.94 -5.16 -40.00
N SER G 68 -31.53 -5.53 -38.79
CA SER G 68 -30.15 -5.45 -38.37
C SER G 68 -29.39 -6.76 -38.60
N GLU G 69 -30.03 -7.76 -39.22
CA GLU G 69 -29.37 -9.03 -39.48
C GLU G 69 -28.29 -8.84 -40.54
N VAL G 70 -27.05 -9.18 -40.19
CA VAL G 70 -25.91 -9.10 -41.08
C VAL G 70 -25.29 -10.47 -41.19
N ILE G 71 -25.12 -10.96 -42.42
CA ILE G 71 -24.68 -12.33 -42.66
C ILE G 71 -23.17 -12.35 -42.82
N ILE G 72 -22.52 -13.35 -42.23
CA ILE G 72 -21.08 -13.55 -42.30
C ILE G 72 -20.80 -14.94 -42.84
N TYR G 73 -19.92 -15.00 -43.86
CA TYR G 73 -19.52 -16.18 -44.61
C TYR G 73 -18.11 -16.59 -44.22
N PRO G 74 -17.88 -17.84 -43.85
CA PRO G 74 -16.50 -18.31 -43.62
C PRO G 74 -15.66 -18.20 -44.88
N GLN G 75 -14.42 -17.72 -44.71
CA GLN G 75 -13.53 -17.56 -45.85
C GLN G 75 -12.15 -18.19 -45.66
N ALA G 76 -11.58 -18.12 -44.46
CA ALA G 76 -10.24 -18.66 -44.23
C ALA G 76 -10.21 -19.42 -42.92
N ILE G 77 -9.35 -20.44 -42.85
CA ILE G 77 -9.25 -21.31 -41.69
C ILE G 77 -7.81 -21.33 -41.21
N PHE G 78 -7.63 -21.12 -39.90
CA PHE G 78 -6.32 -21.23 -39.26
C PHE G 78 -6.46 -22.07 -37.99
N ARG G 79 -5.33 -22.52 -37.46
CA ARG G 79 -5.36 -23.28 -36.21
C ARG G 79 -5.41 -22.35 -35.01
N ASP G 80 -6.23 -22.69 -34.03
CA ASP G 80 -6.42 -21.84 -32.86
C ASP G 80 -5.21 -21.94 -31.95
N PRO G 81 -4.50 -20.85 -31.67
CA PRO G 81 -3.34 -20.91 -30.78
C PRO G 81 -3.65 -20.70 -29.31
N PHE G 82 -4.90 -20.41 -28.97
CA PHE G 82 -5.34 -20.23 -27.60
C PHE G 82 -6.08 -21.43 -27.05
N ARG G 83 -6.95 -22.04 -27.85
CA ARG G 83 -7.62 -23.27 -27.46
C ARG G 83 -6.84 -24.51 -27.87
N ARG G 84 -6.12 -24.43 -28.99
CA ARG G 84 -5.31 -25.53 -29.49
C ARG G 84 -6.16 -26.76 -29.75
N GLY G 85 -5.55 -27.95 -29.73
CA GLY G 85 -6.29 -29.14 -30.10
C GLY G 85 -6.71 -29.10 -31.55
N ASN G 86 -7.97 -29.43 -31.80
CA ASN G 86 -8.53 -29.40 -33.15
C ASN G 86 -9.36 -28.15 -33.41
N ASN G 87 -9.36 -27.20 -32.50
CA ASN G 87 -10.13 -25.96 -32.68
C ASN G 87 -9.46 -25.07 -33.72
N ILE G 88 -10.28 -24.20 -34.33
CA ILE G 88 -9.84 -23.38 -35.45
C ILE G 88 -10.31 -21.94 -35.26
N LEU G 89 -9.69 -21.05 -36.03
CA LEU G 89 -10.12 -19.67 -36.19
C LEU G 89 -10.61 -19.48 -37.62
N VAL G 90 -11.78 -18.89 -37.77
CA VAL G 90 -12.40 -18.68 -39.08
C VAL G 90 -12.39 -17.19 -39.38
N ILE G 91 -11.63 -16.80 -40.39
CA ILE G 91 -11.64 -15.43 -40.89
C ILE G 91 -12.81 -15.31 -41.86
N CYS G 92 -13.83 -14.56 -41.47
CA CYS G 92 -15.10 -14.49 -42.17
C CYS G 92 -15.23 -13.19 -42.93
N ASP G 93 -16.18 -13.19 -43.88
CA ASP G 93 -16.54 -12.00 -44.63
C ASP G 93 -18.03 -11.75 -44.47
N THR G 94 -18.42 -10.49 -44.51
CA THR G 94 -19.75 -10.06 -44.10
C THR G 94 -20.55 -9.52 -45.27
N TYR G 95 -21.80 -10.00 -45.38
CA TYR G 95 -22.72 -9.60 -46.45
C TYR G 95 -24.05 -9.10 -45.90
N THR G 96 -25.03 -8.92 -46.78
CA THR G 96 -26.43 -8.55 -46.55
C THR G 96 -27.31 -9.76 -46.80
N PRO G 97 -28.41 -9.93 -46.04
CA PRO G 97 -29.29 -11.08 -46.28
C PRO G 97 -29.80 -11.16 -47.71
N ALA G 98 -29.89 -10.03 -48.42
CA ALA G 98 -30.21 -10.07 -49.84
C ALA G 98 -29.11 -10.81 -50.62
N GLY G 99 -27.86 -10.54 -50.30
CA GLY G 99 -26.75 -11.24 -50.93
C GLY G 99 -25.58 -10.37 -51.33
N GLU G 100 -25.69 -9.06 -51.07
CA GLU G 100 -24.65 -8.13 -51.47
C GLU G 100 -23.75 -7.76 -50.29
N PRO G 101 -22.48 -7.44 -50.53
CA PRO G 101 -21.61 -7.00 -49.44
C PRO G 101 -22.05 -5.64 -48.90
N ILE G 102 -21.85 -5.46 -47.60
CA ILE G 102 -22.13 -4.18 -46.95
C ILE G 102 -20.99 -3.22 -47.30
N PRO G 103 -21.19 -1.91 -47.20
CA PRO G 103 -20.12 -0.97 -47.60
C PRO G 103 -18.82 -1.15 -46.84
N THR G 104 -18.88 -1.68 -45.62
CA THR G 104 -17.65 -1.91 -44.85
C THR G 104 -16.88 -3.11 -45.41
N ASN G 105 -17.57 -4.04 -46.06
CA ASN G 105 -16.92 -5.22 -46.61
C ASN G 105 -16.02 -4.83 -47.77
N LYS G 106 -14.76 -5.28 -47.72
CA LYS G 106 -13.78 -4.99 -48.76
C LYS G 106 -13.17 -6.23 -49.39
N ARG G 107 -13.39 -7.41 -48.82
CA ARG G 107 -12.82 -8.62 -49.39
C ARG G 107 -13.53 -9.06 -50.66
N HIS G 108 -14.78 -8.64 -50.87
CA HIS G 108 -15.49 -8.99 -52.09
C HIS G 108 -14.81 -8.39 -53.32
N ASP G 109 -14.48 -7.10 -53.25
CA ASP G 109 -13.77 -6.44 -54.35
C ASP G 109 -12.41 -7.09 -54.57
N ALA G 110 -11.69 -7.39 -53.48
CA ALA G 110 -10.36 -7.99 -53.60
C ALA G 110 -10.45 -9.35 -54.28
N ALA G 111 -11.40 -10.18 -53.86
CA ALA G 111 -11.58 -11.48 -54.48
C ALA G 111 -11.95 -11.35 -55.95
N LYS G 112 -12.78 -10.34 -56.27
CA LYS G 112 -13.14 -10.11 -57.67
C LYS G 112 -11.91 -9.76 -58.51
N VAL G 113 -11.02 -8.92 -57.96
CA VAL G 113 -9.84 -8.51 -58.71
C VAL G 113 -8.88 -9.69 -58.87
N PHE G 114 -8.63 -10.42 -57.79
CA PHE G 114 -7.66 -11.52 -57.84
C PHE G 114 -8.19 -12.73 -58.58
N SER G 115 -9.49 -12.79 -58.88
CA SER G 115 -10.06 -13.93 -59.60
C SER G 115 -9.89 -13.82 -61.10
N HIS G 116 -9.42 -12.69 -61.60
CA HIS G 116 -9.23 -12.54 -63.04
C HIS G 116 -8.12 -13.46 -63.54
N PRO G 117 -8.24 -13.96 -64.77
CA PRO G 117 -7.18 -14.82 -65.31
C PRO G 117 -5.83 -14.14 -65.40
N ASP G 118 -5.81 -12.83 -65.66
CA ASP G 118 -4.55 -12.11 -65.81
C ASP G 118 -3.78 -12.07 -64.48
N VAL G 119 -4.45 -11.66 -63.41
CA VAL G 119 -3.79 -11.59 -62.11
C VAL G 119 -3.41 -12.98 -61.62
N VAL G 120 -4.25 -13.98 -61.90
CA VAL G 120 -3.92 -15.35 -61.51
C VAL G 120 -2.66 -15.83 -62.22
N ALA G 121 -2.56 -15.55 -63.52
CA ALA G 121 -1.36 -15.95 -64.27
C ALA G 121 -0.15 -15.13 -63.86
N GLU G 122 -0.35 -13.90 -63.37
CA GLU G 122 0.77 -13.06 -62.97
C GLU G 122 1.42 -13.52 -61.67
N GLU G 123 0.71 -14.32 -60.87
CA GLU G 123 1.23 -14.83 -59.59
C GLU G 123 1.76 -13.69 -58.73
N THR G 124 0.84 -12.82 -58.32
CA THR G 124 1.19 -11.71 -57.44
C THR G 124 1.49 -12.23 -56.04
N TRP G 125 2.59 -11.77 -55.45
CA TRP G 125 3.00 -12.10 -54.10
C TRP G 125 3.18 -10.83 -53.30
N TYR G 126 2.61 -10.79 -52.11
CA TYR G 126 2.60 -9.62 -51.25
C TYR G 126 3.22 -9.93 -49.90
N GLY G 127 4.01 -8.99 -49.40
CA GLY G 127 4.56 -9.09 -48.06
C GLY G 127 4.31 -7.83 -47.27
N ILE G 128 3.68 -7.94 -46.11
CA ILE G 128 3.17 -6.77 -45.40
C ILE G 128 3.89 -6.63 -44.06
N GLU G 129 4.53 -5.49 -43.86
CA GLU G 129 5.20 -5.17 -42.61
C GLU G 129 4.33 -4.20 -41.82
N GLN G 130 4.05 -4.54 -40.56
CA GLN G 130 3.06 -3.83 -39.74
C GLN G 130 3.65 -3.46 -38.40
N GLU G 131 3.55 -2.18 -38.04
CA GLU G 131 3.94 -1.69 -36.72
C GLU G 131 2.83 -1.89 -35.71
N TYR G 132 3.21 -1.82 -34.43
CA TYR G 132 2.24 -1.65 -33.37
C TYR G 132 2.92 -1.01 -32.17
N THR G 133 2.10 -0.40 -31.32
CA THR G 133 2.57 0.25 -30.11
C THR G 133 1.84 -0.34 -28.92
N LEU G 134 2.59 -0.69 -27.87
CA LEU G 134 2.02 -1.26 -26.66
C LEU G 134 1.85 -0.16 -25.62
N LEU G 135 0.61 0.18 -25.32
CA LEU G 135 0.27 1.23 -24.36
C LEU G 135 -0.27 0.61 -23.08
N GLN G 136 -0.10 1.34 -21.98
CA GLN G 136 -0.69 0.94 -20.71
C GLN G 136 -2.21 1.06 -20.78
N LYS G 137 -2.89 0.28 -19.93
CA LYS G 137 -4.31 0.02 -20.16
C LYS G 137 -5.16 1.26 -19.92
N ASP G 138 -5.18 1.77 -18.69
CA ASP G 138 -6.14 2.82 -18.36
C ASP G 138 -5.72 4.16 -18.96
N ILE G 139 -4.43 4.46 -18.93
CA ILE G 139 -3.88 5.70 -19.48
C ILE G 139 -3.17 5.38 -20.78
N GLN G 140 -3.49 6.14 -21.83
CA GLN G 140 -2.93 5.87 -23.16
C GLN G 140 -1.47 6.32 -23.19
N TRP G 141 -0.66 5.60 -22.43
CA TRP G 141 0.74 5.96 -22.23
C TRP G 141 1.59 4.71 -22.46
N PRO G 142 2.57 4.76 -23.36
CA PRO G 142 3.23 3.53 -23.81
C PRO G 142 4.01 2.83 -22.71
N LEU G 143 4.23 1.54 -22.92
CA LEU G 143 4.94 0.72 -21.95
C LEU G 143 6.37 1.23 -21.76
N GLY G 144 6.83 1.19 -20.50
CA GLY G 144 8.17 1.65 -20.18
C GLY G 144 8.31 3.14 -20.02
N TRP G 145 7.30 3.90 -20.37
CA TRP G 145 7.28 5.32 -20.08
C TRP G 145 6.74 5.54 -18.68
N PRO G 146 7.45 6.27 -17.82
CA PRO G 146 6.91 6.53 -16.47
C PRO G 146 5.64 7.37 -16.54
N VAL G 147 4.78 7.19 -15.54
CA VAL G 147 3.49 7.86 -15.53
C VAL G 147 3.72 9.36 -15.44
N GLY G 148 3.20 10.09 -16.42
CA GLY G 148 3.48 11.52 -16.49
C GLY G 148 4.94 11.82 -16.68
N GLY G 149 5.64 11.01 -17.49
CA GLY G 149 7.05 11.20 -17.71
C GLY G 149 7.58 10.56 -18.97
N PHE G 150 8.40 11.29 -19.70
CA PHE G 150 9.00 10.78 -20.92
C PHE G 150 10.21 9.91 -20.59
N PRO G 151 10.54 8.95 -21.46
CA PRO G 151 11.76 8.17 -21.27
C PRO G 151 12.97 8.89 -21.83
N GLY G 152 14.12 8.23 -21.85
CA GLY G 152 15.33 8.84 -22.36
C GLY G 152 15.24 9.09 -23.85
N PRO G 153 16.21 9.81 -24.39
CA PRO G 153 16.19 10.13 -25.81
C PRO G 153 16.35 8.87 -26.65
N GLN G 154 15.84 8.94 -27.89
CA GLN G 154 15.88 7.80 -28.79
C GLN G 154 17.31 7.47 -29.19
N GLY G 155 17.49 6.26 -29.70
CA GLY G 155 18.79 5.79 -30.13
C GLY G 155 19.18 4.41 -29.60
N PRO G 156 18.90 4.13 -28.32
CA PRO G 156 19.13 2.78 -27.81
C PRO G 156 17.94 1.83 -27.87
N TYR G 157 16.80 2.26 -28.40
CA TYR G 157 15.60 1.44 -28.38
C TYR G 157 15.40 0.63 -29.65
N TYR G 158 16.20 0.86 -30.69
CA TYR G 158 16.07 0.14 -31.95
C TYR G 158 16.83 -1.17 -31.83
N CYS G 159 16.10 -2.26 -31.62
CA CYS G 159 16.63 -3.62 -31.52
C CYS G 159 17.53 -3.82 -30.31
N GLY G 160 17.41 -2.98 -29.29
CA GLY G 160 18.24 -3.12 -28.13
C GLY G 160 17.77 -4.21 -27.19
N VAL G 161 18.71 -4.73 -26.40
CA VAL G 161 18.45 -5.81 -25.45
C VAL G 161 18.76 -5.31 -24.05
N GLY G 162 17.93 -5.72 -23.09
CA GLY G 162 18.09 -5.27 -21.73
C GLY G 162 16.80 -4.75 -21.13
N ALA G 163 16.71 -4.71 -19.80
CA ALA G 163 15.50 -4.22 -19.16
C ALA G 163 15.27 -2.73 -19.41
N ASP G 164 16.26 -2.02 -19.93
CA ASP G 164 16.15 -0.60 -20.20
C ASP G 164 15.57 -0.29 -21.57
N LYS G 165 15.57 -1.25 -22.48
CA LYS G 165 15.28 -0.96 -23.88
C LYS G 165 14.13 -1.79 -24.44
N ALA G 166 14.00 -3.04 -23.98
CA ALA G 166 13.00 -3.97 -24.50
C ALA G 166 11.78 -3.93 -23.58
N PHE G 167 10.69 -3.33 -24.06
CA PHE G 167 9.46 -3.19 -23.31
C PHE G 167 8.37 -4.02 -23.98
N GLY G 168 7.88 -5.04 -23.28
CA GLY G 168 6.84 -5.90 -23.82
C GLY G 168 7.34 -7.02 -24.72
N ARG G 169 8.55 -7.52 -24.48
CA ARG G 169 9.09 -8.56 -25.34
C ARG G 169 8.38 -9.89 -25.15
N ASP G 170 7.80 -10.13 -23.97
CA ASP G 170 7.08 -11.38 -23.74
C ASP G 170 5.87 -11.47 -24.66
N ILE G 171 5.12 -10.37 -24.80
CA ILE G 171 3.98 -10.34 -25.72
C ILE G 171 4.44 -10.60 -27.15
N VAL G 172 5.57 -10.01 -27.54
CA VAL G 172 6.04 -10.16 -28.92
C VAL G 172 6.46 -11.59 -29.20
N ASP G 173 7.21 -12.22 -28.28
CA ASP G 173 7.62 -13.60 -28.48
C ASP G 173 6.42 -14.54 -28.49
N ALA G 174 5.46 -14.30 -27.59
CA ALA G 174 4.26 -15.12 -27.60
C ALA G 174 3.49 -14.96 -28.91
N HIS G 175 3.38 -13.73 -29.41
CA HIS G 175 2.67 -13.50 -30.66
C HIS G 175 3.38 -14.17 -31.83
N TYR G 176 4.71 -14.12 -31.84
CA TYR G 176 5.46 -14.75 -32.92
C TYR G 176 5.25 -16.26 -32.94
N LYS G 177 5.35 -16.90 -31.77
CA LYS G 177 5.15 -18.35 -31.75
C LYS G 177 3.71 -18.73 -32.03
N ALA G 178 2.75 -17.93 -31.54
CA ALA G 178 1.34 -18.22 -31.78
C ALA G 178 0.99 -18.09 -33.27
N CYS G 179 1.54 -17.07 -33.93
CA CYS G 179 1.27 -16.90 -35.36
C CYS G 179 1.95 -17.98 -36.19
N LEU G 180 3.13 -18.43 -35.78
CA LEU G 180 3.75 -19.56 -36.46
C LEU G 180 2.92 -20.82 -36.27
N TYR G 181 2.40 -21.04 -35.07
CA TYR G 181 1.59 -22.23 -34.80
C TYR G 181 0.29 -22.22 -35.59
N ALA G 182 -0.39 -21.07 -35.65
CA ALA G 182 -1.69 -21.01 -36.30
C ALA G 182 -1.59 -21.31 -37.79
N GLY G 183 -0.59 -20.75 -38.47
CA GLY G 183 -0.42 -20.98 -39.89
C GLY G 183 -0.16 -19.71 -40.68
N ILE G 184 -0.11 -18.57 -39.99
CA ILE G 184 0.20 -17.32 -40.65
C ILE G 184 1.67 -17.32 -41.07
N ASN G 185 1.92 -17.00 -42.33
CA ASN G 185 3.29 -16.97 -42.86
C ASN G 185 3.98 -15.70 -42.35
N ILE G 186 4.36 -15.75 -41.08
CA ILE G 186 5.12 -14.69 -40.45
C ILE G 186 6.58 -14.90 -40.80
N SER G 187 7.32 -13.80 -40.98
CA SER G 187 8.69 -13.88 -41.48
C SER G 187 9.70 -13.14 -40.61
N GLY G 188 9.31 -12.70 -39.43
CA GLY G 188 10.27 -12.09 -38.52
C GLY G 188 9.62 -11.01 -37.69
N ILE G 189 10.37 -10.55 -36.69
CA ILE G 189 9.97 -9.49 -35.78
C ILE G 189 11.19 -8.63 -35.47
N ASN G 190 10.92 -7.42 -35.01
CA ASN G 190 11.98 -6.53 -34.53
C ASN G 190 11.36 -5.42 -33.71
N GLY G 191 12.21 -4.70 -32.98
CA GLY G 191 11.79 -3.53 -32.22
C GLY G 191 12.20 -2.26 -32.95
N GLU G 192 11.34 -1.26 -32.87
CA GLU G 192 11.52 -0.04 -33.64
C GLU G 192 12.09 1.08 -32.75
N VAL G 193 12.36 2.22 -33.38
CA VAL G 193 13.13 3.27 -32.72
C VAL G 193 12.39 3.83 -31.52
N MET G 194 11.07 3.91 -31.60
CA MET G 194 10.27 4.34 -30.46
C MET G 194 10.26 3.26 -29.38
N PRO G 195 10.45 3.61 -28.12
CA PRO G 195 10.35 2.62 -27.05
C PRO G 195 8.90 2.16 -26.87
N GLY G 196 8.74 0.85 -26.67
CA GLY G 196 7.42 0.27 -26.59
C GLY G 196 6.76 0.02 -27.93
N GLN G 197 7.45 0.24 -29.03
CA GLN G 197 6.93 0.07 -30.37
C GLN G 197 7.66 -1.08 -31.05
N TRP G 198 6.90 -1.96 -31.71
CA TRP G 198 7.45 -3.15 -32.33
C TRP G 198 6.89 -3.29 -33.74
N GLU G 199 7.33 -4.35 -34.43
CA GLU G 199 6.99 -4.57 -35.83
C GLU G 199 6.93 -6.07 -36.09
N PHE G 200 5.97 -6.50 -36.91
CA PHE G 200 5.95 -7.87 -37.39
C PHE G 200 5.67 -7.90 -38.89
N GLN G 201 6.22 -8.89 -39.56
CA GLN G 201 6.15 -8.98 -41.02
C GLN G 201 5.46 -10.28 -41.42
N VAL G 202 4.48 -10.17 -42.31
CA VAL G 202 3.85 -11.32 -42.94
C VAL G 202 4.50 -11.51 -44.30
N GLY G 203 5.13 -12.66 -44.50
CA GLY G 203 6.02 -12.86 -45.61
C GLY G 203 5.30 -13.08 -46.92
N PRO G 204 6.01 -13.60 -47.92
CA PRO G 204 5.40 -13.80 -49.23
C PRO G 204 4.19 -14.72 -49.18
N SER G 205 3.02 -14.16 -49.46
CA SER G 205 1.77 -14.90 -49.51
C SER G 205 0.99 -14.45 -50.72
N VAL G 206 0.44 -15.42 -51.45
CA VAL G 206 -0.10 -15.16 -52.78
C VAL G 206 -1.56 -14.71 -52.68
N GLY G 207 -1.87 -13.60 -53.35
CA GLY G 207 -3.24 -13.18 -53.56
C GLY G 207 -3.99 -12.83 -52.30
N ILE G 208 -5.30 -13.09 -52.33
CA ILE G 208 -6.20 -12.71 -51.25
C ILE G 208 -5.77 -13.34 -49.93
N SER G 209 -5.10 -14.50 -50.00
CA SER G 209 -4.61 -15.15 -48.79
C SER G 209 -3.82 -14.19 -47.93
N ALA G 210 -3.01 -13.33 -48.56
CA ALA G 210 -2.29 -12.30 -47.82
C ALA G 210 -3.23 -11.54 -46.90
N GLY G 211 -4.23 -10.86 -47.48
CA GLY G 211 -5.16 -10.11 -46.67
C GLY G 211 -5.91 -10.97 -45.68
N ASP G 212 -6.05 -12.27 -45.97
CA ASP G 212 -6.73 -13.16 -45.04
C ASP G 212 -5.92 -13.34 -43.76
N GLU G 213 -4.60 -13.45 -43.87
CA GLU G 213 -3.85 -13.87 -42.70
C GLU G 213 -3.29 -12.71 -41.89
N VAL G 214 -2.93 -11.60 -42.53
CA VAL G 214 -2.48 -10.44 -41.76
C VAL G 214 -3.59 -9.95 -40.84
N TRP G 215 -4.82 -9.87 -41.37
CA TRP G 215 -5.98 -9.57 -40.53
C TRP G 215 -6.11 -10.59 -39.40
N ALA G 216 -5.76 -11.84 -39.66
CA ALA G 216 -5.75 -12.84 -38.60
C ALA G 216 -4.71 -12.49 -37.55
N ALA G 217 -3.49 -12.17 -37.99
CA ALA G 217 -2.41 -11.92 -37.04
C ALA G 217 -2.79 -10.81 -36.07
N ARG G 218 -3.29 -9.70 -36.60
CA ARG G 218 -3.75 -8.60 -35.75
C ARG G 218 -4.70 -9.11 -34.68
N TYR G 219 -5.72 -9.89 -35.10
CA TYR G 219 -6.65 -10.43 -34.13
C TYR G 219 -5.91 -11.16 -33.03
N ILE G 220 -5.04 -12.10 -33.41
CA ILE G 220 -4.29 -12.86 -32.42
C ILE G 220 -3.55 -11.91 -31.51
N LEU G 221 -2.83 -10.95 -32.10
CA LEU G 221 -2.04 -10.01 -31.31
C LEU G 221 -2.92 -9.33 -30.28
N GLU G 222 -4.05 -8.78 -30.72
CA GLU G 222 -4.90 -8.06 -29.78
C GLU G 222 -5.35 -8.98 -28.66
N ARG G 223 -5.77 -10.20 -29.02
CA ARG G 223 -6.24 -11.11 -28.00
C ARG G 223 -5.12 -11.46 -27.04
N ILE G 224 -3.89 -11.59 -27.56
CA ILE G 224 -2.75 -11.87 -26.69
C ILE G 224 -2.56 -10.73 -25.70
N THR G 225 -2.65 -9.48 -26.18
CA THR G 225 -2.50 -8.36 -25.27
C THR G 225 -3.60 -8.37 -24.22
N GLU G 226 -4.78 -8.89 -24.57
CA GLU G 226 -5.88 -8.96 -23.62
C GLU G 226 -5.53 -9.85 -22.44
N ILE G 227 -4.65 -10.83 -22.64
CA ILE G 227 -4.20 -11.67 -21.54
C ILE G 227 -3.29 -10.88 -20.61
N ALA G 228 -2.48 -9.98 -21.17
CA ALA G 228 -1.46 -9.27 -20.42
C ALA G 228 -1.93 -7.93 -19.88
N GLY G 229 -3.16 -7.52 -20.16
CA GLY G 229 -3.64 -6.23 -19.69
C GLY G 229 -2.93 -5.05 -20.31
N VAL G 230 -2.69 -5.09 -21.62
CA VAL G 230 -2.00 -4.05 -22.35
C VAL G 230 -2.86 -3.68 -23.55
N VAL G 231 -2.90 -2.40 -23.90
CA VAL G 231 -3.59 -1.96 -25.10
C VAL G 231 -2.60 -1.97 -26.26
N VAL G 232 -3.06 -2.36 -27.44
CA VAL G 232 -2.24 -2.35 -28.64
C VAL G 232 -2.86 -1.34 -29.60
N SER G 233 -2.03 -0.49 -30.18
CA SER G 233 -2.48 0.53 -31.12
C SER G 233 -1.72 0.41 -32.43
N PHE G 234 -2.46 0.28 -33.53
CA PHE G 234 -1.91 0.37 -34.86
C PHE G 234 -2.01 1.77 -35.43
N ASP G 235 -2.47 2.74 -34.62
CA ASP G 235 -2.61 4.11 -35.08
C ASP G 235 -1.24 4.68 -35.43
N PRO G 236 -1.12 5.44 -36.53
CA PRO G 236 0.20 5.93 -36.94
C PRO G 236 0.90 6.79 -35.89
N LYS G 237 0.16 7.63 -35.17
CA LYS G 237 0.75 8.59 -34.23
C LYS G 237 0.05 8.50 -32.88
N PRO G 238 0.46 7.56 -32.02
CA PRO G 238 -0.10 7.52 -30.67
C PRO G 238 0.47 8.59 -29.76
N ILE G 239 1.74 8.92 -29.98
CA ILE G 239 2.44 9.94 -29.18
C ILE G 239 3.07 10.94 -30.14
N GLN G 240 2.89 12.23 -29.84
CA GLN G 240 3.47 13.29 -30.66
C GLN G 240 4.73 13.84 -30.01
N GLY G 241 5.44 14.66 -30.78
CA GLY G 241 6.72 15.20 -30.34
C GLY G 241 7.86 14.67 -31.17
N ASP G 242 9.01 14.43 -30.55
CA ASP G 242 10.17 13.86 -31.23
C ASP G 242 10.17 12.35 -31.14
N TRP G 243 9.06 11.73 -31.51
CA TRP G 243 8.90 10.28 -31.48
C TRP G 243 8.31 9.83 -32.81
N ASN G 244 8.80 8.68 -33.30
CA ASN G 244 8.46 8.25 -34.64
C ASN G 244 7.03 7.71 -34.70
N GLY G 245 6.55 7.53 -35.93
CA GLY G 245 5.22 7.01 -36.18
C GLY G 245 5.23 5.55 -36.60
N ALA G 246 4.02 5.01 -36.76
CA ALA G 246 3.81 3.61 -37.09
C ALA G 246 3.17 3.51 -38.47
N GLY G 247 3.82 2.77 -39.37
CA GLY G 247 3.31 2.61 -40.72
C GLY G 247 3.46 1.18 -41.21
N ALA G 248 2.85 0.90 -42.34
CA ALA G 248 2.84 -0.43 -42.92
C ALA G 248 3.40 -0.39 -44.33
N HIS G 249 4.29 -1.33 -44.63
CA HIS G 249 4.97 -1.39 -45.91
C HIS G 249 4.52 -2.62 -46.70
N THR G 250 4.45 -2.47 -48.02
CA THR G 250 3.99 -3.54 -48.90
C THR G 250 5.09 -3.91 -49.89
N ASN G 251 5.42 -5.19 -49.97
CA ASN G 251 6.39 -5.71 -50.91
C ASN G 251 5.62 -6.46 -52.00
N TYR G 252 5.82 -6.07 -53.25
CA TYR G 252 5.10 -6.61 -54.39
C TYR G 252 6.06 -7.39 -55.28
N SER G 253 5.61 -8.57 -55.73
CA SER G 253 6.43 -9.43 -56.59
C SER G 253 5.50 -10.17 -57.55
N THR G 254 5.46 -9.73 -58.80
CA THR G 254 4.76 -10.50 -59.82
C THR G 254 5.73 -11.46 -60.51
N LYS G 255 5.16 -12.43 -61.24
CA LYS G 255 6.00 -13.43 -61.91
C LYS G 255 6.92 -12.79 -62.94
N SER G 256 6.43 -11.75 -63.64
CA SER G 256 7.26 -11.09 -64.64
C SER G 256 8.47 -10.42 -64.00
N MET G 257 8.33 -9.93 -62.76
CA MET G 257 9.45 -9.27 -62.10
C MET G 257 10.53 -10.27 -61.69
N ARG G 258 10.14 -11.43 -61.17
CA ARG G 258 11.13 -12.42 -60.74
C ARG G 258 11.89 -13.05 -61.90
N ASN G 259 11.46 -12.85 -63.14
CA ASN G 259 12.12 -13.43 -64.29
C ASN G 259 13.13 -12.43 -64.88
N ASP G 260 13.91 -12.92 -65.85
CA ASP G 260 14.95 -12.09 -66.45
C ASP G 260 14.35 -10.91 -67.20
N GLY G 261 14.98 -9.75 -67.06
CA GLY G 261 14.45 -8.54 -67.64
C GLY G 261 13.31 -7.91 -66.86
N GLY G 262 13.20 -8.23 -65.57
CA GLY G 262 12.12 -7.72 -64.76
C GLY G 262 12.29 -6.29 -64.27
N TYR G 263 13.47 -5.70 -64.46
CA TYR G 263 13.67 -4.32 -64.02
C TYR G 263 12.84 -3.35 -64.84
N GLU G 264 12.70 -3.62 -66.15
CA GLU G 264 11.83 -2.80 -66.97
C GLU G 264 10.38 -2.94 -66.54
N VAL G 265 9.99 -4.16 -66.13
CA VAL G 265 8.64 -4.37 -65.61
C VAL G 265 8.43 -3.56 -64.34
N ILE G 266 9.42 -3.55 -63.44
CA ILE G 266 9.33 -2.77 -62.21
C ILE G 266 9.23 -1.28 -62.53
N LYS G 267 10.04 -0.81 -63.49
CA LYS G 267 10.00 0.60 -63.86
C LYS G 267 8.64 0.98 -64.42
N THR G 268 8.08 0.14 -65.30
CA THR G 268 6.75 0.42 -65.85
C THR G 268 5.69 0.42 -64.77
N ALA G 269 5.78 -0.54 -63.83
CA ALA G 269 4.81 -0.59 -62.74
C ALA G 269 4.88 0.65 -61.86
N ILE G 270 6.09 1.12 -61.57
CA ILE G 270 6.23 2.32 -60.74
C ILE G 270 5.74 3.55 -61.50
N GLU G 271 5.98 3.61 -62.80
CA GLU G 271 5.47 4.72 -63.59
C GLU G 271 3.95 4.72 -63.63
N LYS G 272 3.34 3.54 -63.73
CA LYS G 272 1.88 3.44 -63.67
C LYS G 272 1.36 3.84 -62.29
N LEU G 273 2.07 3.46 -61.23
CA LEU G 273 1.69 3.87 -59.88
C LEU G 273 1.75 5.39 -59.74
N GLY G 274 2.76 6.00 -60.34
CA GLY G 274 2.79 7.45 -60.41
C GLY G 274 1.59 7.99 -61.18
N LYS G 275 1.22 9.23 -60.87
CA LYS G 275 0.02 9.93 -61.34
C LYS G 275 -1.25 9.35 -60.74
N ARG G 276 -1.16 8.31 -59.92
CA ARG G 276 -2.27 7.84 -59.09
C ARG G 276 -1.99 8.06 -57.61
N HIS G 277 -1.08 8.99 -57.30
CA HIS G 277 -0.61 9.16 -55.93
C HIS G 277 -1.72 9.60 -54.99
N LYS G 278 -2.58 10.52 -55.43
CA LYS G 278 -3.56 11.12 -54.53
C LYS G 278 -4.61 10.12 -54.09
N GLU G 279 -5.13 9.31 -55.02
CA GLU G 279 -6.12 8.30 -54.65
C GLU G 279 -5.53 7.28 -53.69
N HIS G 280 -4.33 6.79 -53.99
CA HIS G 280 -3.67 5.83 -53.12
C HIS G 280 -3.45 6.40 -51.73
N ILE G 281 -3.00 7.66 -51.65
CA ILE G 281 -2.78 8.29 -50.35
C ILE G 281 -4.10 8.40 -49.60
N ALA G 282 -5.18 8.81 -50.29
CA ALA G 282 -6.48 8.93 -49.65
C ALA G 282 -7.08 7.59 -49.27
N ALA G 283 -6.55 6.48 -49.79
CA ALA G 283 -7.06 5.15 -49.46
C ALA G 283 -6.08 4.33 -48.62
N TYR G 284 -5.05 4.94 -48.05
CA TYR G 284 -4.08 4.23 -47.22
C TYR G 284 -4.37 4.32 -45.73
N GLY G 285 -5.44 4.99 -45.32
CA GLY G 285 -5.81 4.95 -43.92
C GLY G 285 -5.73 6.32 -43.25
N GLU G 286 -6.67 6.58 -42.36
CA GLU G 286 -6.71 7.84 -41.62
C GLU G 286 -5.53 7.94 -40.66
N GLY G 287 -5.12 9.18 -40.40
CA GLY G 287 -3.97 9.45 -39.55
C GLY G 287 -2.64 9.54 -40.27
N ASN G 288 -2.61 9.23 -41.57
CA ASN G 288 -1.36 9.26 -42.33
C ASN G 288 -0.86 10.69 -42.52
N GLU G 289 -1.72 11.70 -42.37
CA GLU G 289 -1.29 13.08 -42.49
C GLU G 289 -0.25 13.43 -41.43
N ARG G 290 -0.46 13.00 -40.19
CA ARG G 290 0.46 13.31 -39.12
C ARG G 290 1.73 12.47 -39.17
N ARG G 291 1.63 11.21 -39.59
CA ARG G 291 2.81 10.36 -39.65
C ARG G 291 3.74 10.77 -40.78
N LEU G 292 3.18 11.03 -41.97
CA LEU G 292 3.97 11.33 -43.16
C LEU G 292 4.01 12.84 -43.35
N THR G 293 5.06 13.48 -42.83
CA THR G 293 5.24 14.92 -43.03
C THR G 293 6.67 15.32 -43.36
N GLY G 294 7.62 14.38 -43.42
CA GLY G 294 9.01 14.68 -43.70
C GLY G 294 9.94 14.48 -42.52
N ARG G 295 9.42 14.38 -41.31
CA ARG G 295 10.26 14.18 -40.14
C ARG G 295 10.88 12.79 -40.15
N HIS G 296 12.11 12.70 -39.66
CA HIS G 296 12.81 11.43 -39.48
C HIS G 296 12.83 10.61 -40.79
N GLU G 297 13.08 11.31 -41.90
CA GLU G 297 13.18 10.69 -43.22
C GLU G 297 11.89 9.93 -43.58
N THR G 298 10.81 10.69 -43.68
CA THR G 298 9.51 10.15 -44.08
C THR G 298 9.05 10.80 -45.37
N ALA G 299 8.37 10.02 -46.21
CA ALA G 299 7.95 10.48 -47.51
C ALA G 299 6.90 11.58 -47.40
N ASP G 300 7.00 12.59 -48.26
CA ASP G 300 6.01 13.65 -48.29
C ASP G 300 4.69 13.14 -48.83
N ILE G 301 3.60 13.71 -48.30
CA ILE G 301 2.26 13.30 -48.73
C ILE G 301 1.97 13.78 -50.14
N ASN G 302 2.38 15.00 -50.47
CA ASN G 302 1.99 15.63 -51.73
C ASN G 302 3.00 15.41 -52.85
N THR G 303 4.07 14.66 -52.62
CA THR G 303 5.12 14.46 -53.61
C THR G 303 5.34 12.96 -53.82
N PHE G 304 5.53 12.58 -55.07
CA PHE G 304 5.78 11.19 -55.45
C PHE G 304 7.19 11.09 -56.02
N LEU G 305 8.12 10.55 -55.23
CA LEU G 305 9.48 10.31 -55.66
C LEU G 305 9.93 8.95 -55.16
N TRP G 306 10.68 8.23 -56.00
CA TRP G 306 11.14 6.89 -55.67
C TRP G 306 12.65 6.81 -55.79
N GLY G 307 13.28 6.16 -54.81
CA GLY G 307 14.72 6.02 -54.77
C GLY G 307 15.13 4.60 -54.41
N VAL G 308 16.44 4.39 -54.33
CA VAL G 308 17.01 3.08 -54.04
C VAL G 308 17.75 3.04 -52.71
N ALA G 309 18.46 4.11 -52.36
CA ALA G 309 19.22 4.16 -51.12
C ALA G 309 18.61 5.06 -50.06
N ASN G 310 17.84 6.08 -50.47
CA ASN G 310 17.20 6.95 -49.51
C ASN G 310 16.12 6.19 -48.75
N ARG G 311 16.15 6.31 -47.41
CA ARG G 311 15.12 5.68 -46.60
C ARG G 311 13.78 6.39 -46.76
N GLY G 312 13.80 7.71 -46.91
CA GLY G 312 12.58 8.46 -47.13
C GLY G 312 12.22 8.61 -48.60
N ALA G 313 11.30 7.76 -49.08
CA ALA G 313 10.86 7.83 -50.46
C ALA G 313 9.50 7.14 -50.57
N SER G 314 8.79 7.47 -51.65
CA SER G 314 7.49 6.85 -51.88
C SER G 314 7.62 5.37 -52.20
N VAL G 315 8.51 5.04 -53.14
CA VAL G 315 8.75 3.66 -53.55
C VAL G 315 10.24 3.37 -53.40
N ARG G 316 10.56 2.26 -52.75
CA ARG G 316 11.94 1.90 -52.47
C ARG G 316 12.29 0.62 -53.22
N VAL G 317 13.42 0.64 -53.92
CA VAL G 317 13.89 -0.48 -54.72
C VAL G 317 15.27 -0.88 -54.22
N GLY G 318 15.46 -2.19 -54.00
CA GLY G 318 16.66 -2.68 -53.35
C GLY G 318 17.86 -2.76 -54.27
N ARG G 319 19.00 -3.13 -53.66
CA ARG G 319 20.24 -3.23 -54.42
C ARG G 319 20.28 -4.47 -55.29
N ASP G 320 19.80 -5.60 -54.76
CA ASP G 320 19.79 -6.83 -55.55
C ASP G 320 18.92 -6.69 -56.78
N THR G 321 17.77 -6.03 -56.64
CA THR G 321 16.90 -5.79 -57.78
C THR G 321 17.55 -4.88 -58.82
N GLU G 322 18.26 -3.85 -58.36
CA GLU G 322 18.97 -2.97 -59.30
C GLU G 322 20.13 -3.69 -59.97
N LYS G 323 20.70 -4.71 -59.32
CA LYS G 323 21.85 -5.41 -59.87
C LYS G 323 21.42 -6.49 -60.87
N ALA G 324 20.61 -7.44 -60.42
CA ALA G 324 20.18 -8.55 -61.27
C ALA G 324 18.99 -8.21 -62.14
N GLY G 325 18.37 -7.05 -61.96
CA GLY G 325 17.23 -6.68 -62.77
C GLY G 325 15.98 -7.49 -62.51
N LYS G 326 15.83 -8.02 -61.30
CA LYS G 326 14.67 -8.84 -60.98
C LYS G 326 14.45 -8.81 -59.47
N GLY G 327 13.23 -9.14 -59.06
CA GLY G 327 12.90 -9.19 -57.65
C GLY G 327 11.59 -8.54 -57.28
N TYR G 328 11.56 -7.90 -56.11
CA TYR G 328 10.38 -7.26 -55.57
C TYR G 328 10.53 -5.75 -55.62
N PHE G 329 9.48 -5.04 -55.20
CA PHE G 329 9.62 -3.61 -54.93
C PHE G 329 8.70 -3.24 -53.78
N GLU G 330 9.08 -2.21 -53.04
CA GLU G 330 8.45 -1.88 -51.76
C GLU G 330 7.78 -0.51 -51.83
N ASP G 331 6.50 -0.47 -51.48
CA ASP G 331 5.75 0.76 -51.29
C ASP G 331 5.67 1.05 -49.80
N ARG G 332 6.00 2.30 -49.43
CA ARG G 332 6.14 2.69 -48.03
C ARG G 332 5.15 3.77 -47.61
N ARG G 333 4.20 4.12 -48.46
CA ARG G 333 3.17 5.11 -48.16
C ARG G 333 2.04 4.62 -47.26
N PRO G 334 1.56 3.37 -47.39
CA PRO G 334 0.40 2.96 -46.58
C PRO G 334 0.64 3.10 -45.08
N ALA G 335 -0.42 3.49 -44.37
CA ALA G 335 -0.38 3.69 -42.93
C ALA G 335 -0.62 2.38 -42.19
N SER G 336 -0.27 2.38 -40.90
CA SER G 336 -0.37 1.17 -40.09
C SER G 336 -1.81 0.82 -39.74
N ASN G 337 -2.75 1.73 -39.96
CA ASN G 337 -4.18 1.44 -39.77
C ASN G 337 -4.90 1.26 -41.09
N MET G 338 -4.25 0.64 -42.06
CA MET G 338 -4.81 0.48 -43.39
C MET G 338 -5.73 -0.73 -43.45
N ASP G 339 -6.28 -0.98 -44.63
CA ASP G 339 -6.99 -2.23 -44.92
C ASP G 339 -6.20 -2.99 -45.97
N PRO G 340 -5.55 -4.10 -45.61
CA PRO G 340 -4.71 -4.82 -46.59
C PRO G 340 -5.46 -5.24 -47.84
N TYR G 341 -6.74 -5.57 -47.73
CA TYR G 341 -7.54 -5.89 -48.91
C TYR G 341 -7.45 -4.75 -49.92
N VAL G 342 -7.73 -3.52 -49.48
CA VAL G 342 -7.78 -2.38 -50.39
C VAL G 342 -6.41 -2.13 -51.01
N VAL G 343 -5.37 -2.16 -50.18
CA VAL G 343 -4.02 -1.81 -50.66
C VAL G 343 -3.55 -2.81 -51.69
N THR G 344 -3.65 -4.11 -51.37
CA THR G 344 -3.23 -5.14 -52.32
C THR G 344 -4.08 -5.08 -53.59
N SER G 345 -5.39 -4.87 -53.43
CA SER G 345 -6.29 -4.81 -54.58
C SER G 345 -5.88 -3.72 -55.55
N MET G 346 -5.72 -2.49 -55.05
CA MET G 346 -5.41 -1.41 -55.98
C MET G 346 -3.97 -1.41 -56.45
N ILE G 347 -3.04 -2.02 -55.71
CA ILE G 347 -1.69 -2.20 -56.24
C ILE G 347 -1.74 -3.15 -57.43
N ALA G 348 -2.45 -4.27 -57.31
CA ALA G 348 -2.61 -5.17 -58.45
C ALA G 348 -3.37 -4.50 -59.58
N ASP G 349 -4.35 -3.65 -59.25
CA ASP G 349 -5.11 -2.94 -60.26
C ASP G 349 -4.21 -2.02 -61.09
N THR G 350 -3.44 -1.17 -60.40
CA THR G 350 -2.58 -0.23 -61.11
C THR G 350 -1.50 -0.96 -61.89
N THR G 351 -0.94 -2.03 -61.32
CA THR G 351 0.18 -2.70 -61.98
C THR G 351 -0.26 -3.41 -63.26
N ILE G 352 -1.34 -4.19 -63.20
CA ILE G 352 -1.72 -5.09 -64.27
C ILE G 352 -2.98 -4.62 -64.99
N LEU G 353 -4.10 -4.52 -64.26
CA LEU G 353 -5.40 -4.30 -64.90
C LEU G 353 -5.46 -2.96 -65.62
N TRP G 354 -4.88 -1.91 -65.02
CA TRP G 354 -4.97 -0.58 -65.61
C TRP G 354 -4.21 -0.51 -66.92
N LYS G 355 -4.72 0.29 -67.85
CA LYS G 355 -4.10 0.49 -69.15
C LYS G 355 -3.69 1.95 -69.34
N LEU H 4 -2.45 -25.40 -2.28
CA LEU H 4 -3.51 -26.38 -2.15
C LEU H 4 -3.70 -27.19 -3.42
N SER H 5 -3.04 -26.77 -4.50
CA SER H 5 -3.02 -27.60 -5.69
C SER H 5 -2.17 -28.83 -5.41
N ASP H 6 -2.10 -29.73 -6.40
CA ASP H 6 -1.45 -31.03 -6.28
C ASP H 6 -2.23 -31.93 -5.33
N LEU H 7 -3.27 -31.38 -4.71
CA LEU H 7 -4.18 -32.11 -3.83
C LEU H 7 -5.61 -32.06 -4.31
N ILE H 8 -6.07 -30.90 -4.81
CA ILE H 8 -7.33 -30.85 -5.52
C ILE H 8 -7.23 -31.62 -6.83
N ASN H 9 -6.13 -31.46 -7.54
CA ASN H 9 -5.90 -32.14 -8.81
C ASN H 9 -5.06 -33.41 -8.58
N LEU H 10 -5.61 -34.32 -7.80
CA LEU H 10 -4.96 -35.59 -7.49
C LEU H 10 -5.81 -36.71 -8.08
N ASN H 11 -5.17 -37.58 -8.86
CA ASN H 11 -5.89 -38.65 -9.56
C ASN H 11 -6.10 -39.83 -8.62
N LEU H 12 -7.37 -40.11 -8.30
CA LEU H 12 -7.70 -41.22 -7.42
C LEU H 12 -7.75 -42.57 -8.14
N SER H 13 -7.81 -42.56 -9.47
CA SER H 13 -7.91 -43.82 -10.21
C SER H 13 -6.63 -44.64 -10.14
N ASP H 14 -5.53 -44.05 -9.66
CA ASP H 14 -4.28 -44.79 -9.52
C ASP H 14 -4.20 -45.57 -8.21
N THR H 15 -5.12 -45.34 -7.28
CA THR H 15 -5.05 -45.98 -5.96
C THR H 15 -6.36 -46.57 -5.48
N THR H 16 -7.50 -46.24 -6.08
CA THR H 16 -8.78 -46.67 -5.54
C THR H 16 -9.82 -46.70 -6.65
N GLU H 17 -10.94 -47.37 -6.36
CA GLU H 17 -12.05 -47.48 -7.29
C GLU H 17 -13.23 -46.58 -6.93
N LYS H 18 -13.17 -45.90 -5.79
CA LYS H 18 -14.31 -45.12 -5.31
C LYS H 18 -14.46 -43.84 -6.10
N VAL H 19 -15.70 -43.41 -6.30
CA VAL H 19 -15.99 -42.20 -7.07
C VAL H 19 -16.63 -41.16 -6.15
N ILE H 20 -16.54 -39.91 -6.57
CA ILE H 20 -17.13 -38.78 -5.85
C ILE H 20 -18.31 -38.27 -6.66
N ALA H 21 -19.49 -38.26 -6.05
CA ALA H 21 -20.69 -37.74 -6.69
C ALA H 21 -21.10 -36.43 -6.05
N GLU H 22 -21.69 -35.56 -6.85
CA GLU H 22 -22.10 -34.22 -6.42
C GLU H 22 -23.62 -34.13 -6.57
N TYR H 23 -24.35 -34.26 -5.47
CA TYR H 23 -25.80 -34.15 -5.51
C TYR H 23 -26.16 -32.66 -5.52
N ILE H 24 -26.90 -32.24 -6.56
CA ILE H 24 -27.24 -30.84 -6.78
C ILE H 24 -28.75 -30.72 -6.90
N TRP H 25 -29.32 -29.74 -6.20
CA TRP H 25 -30.75 -29.48 -6.23
C TRP H 25 -30.98 -27.97 -6.22
N ILE H 26 -32.25 -27.58 -6.33
CA ILE H 26 -32.66 -26.18 -6.38
C ILE H 26 -33.16 -25.76 -5.01
N GLY H 27 -32.71 -24.60 -4.55
CA GLY H 27 -33.07 -24.10 -3.24
C GLY H 27 -34.49 -23.57 -3.18
N GLY H 28 -34.80 -22.93 -2.05
CA GLY H 28 -36.17 -22.54 -1.80
C GLY H 28 -36.68 -21.46 -2.74
N SER H 29 -35.81 -20.49 -3.08
CA SER H 29 -36.22 -19.39 -3.93
C SER H 29 -36.51 -19.82 -5.36
N GLY H 30 -36.12 -21.02 -5.76
CA GLY H 30 -36.33 -21.48 -7.11
C GLY H 30 -35.33 -20.96 -8.13
N MET H 31 -34.29 -20.26 -7.69
CA MET H 31 -33.31 -19.69 -8.60
C MET H 31 -31.88 -20.03 -8.19
N ASP H 32 -31.67 -20.28 -6.90
CA ASP H 32 -30.34 -20.64 -6.42
C ASP H 32 -30.17 -22.15 -6.35
N LEU H 33 -28.92 -22.58 -6.35
CA LEU H 33 -28.56 -23.99 -6.40
C LEU H 33 -27.84 -24.38 -5.12
N ARG H 34 -28.11 -25.59 -4.64
CA ARG H 34 -27.42 -26.15 -3.49
C ARG H 34 -26.84 -27.50 -3.90
N SER H 35 -25.72 -27.88 -3.25
CA SER H 35 -25.08 -29.13 -3.62
C SER H 35 -24.24 -29.64 -2.46
N LYS H 36 -24.00 -30.94 -2.47
CA LYS H 36 -23.02 -31.53 -1.56
C LYS H 36 -22.54 -32.87 -2.12
N ALA H 37 -21.35 -33.28 -1.70
CA ALA H 37 -20.65 -34.40 -2.29
C ALA H 37 -20.75 -35.64 -1.42
N ARG H 38 -20.48 -36.78 -2.04
CA ARG H 38 -20.49 -38.07 -1.35
C ARG H 38 -19.60 -39.04 -2.12
N THR H 39 -19.38 -40.19 -1.52
CA THR H 39 -18.49 -41.21 -2.08
C THR H 39 -19.27 -42.49 -2.37
N LEU H 40 -18.98 -43.09 -3.51
CA LEU H 40 -19.64 -44.30 -3.97
C LEU H 40 -18.61 -45.38 -4.25
N PRO H 41 -18.97 -46.66 -4.05
CA PRO H 41 -17.97 -47.73 -4.18
C PRO H 41 -17.33 -47.84 -5.55
N GLY H 42 -18.06 -47.51 -6.62
CA GLY H 42 -17.51 -47.62 -7.95
C GLY H 42 -18.26 -46.74 -8.93
N PRO H 43 -17.81 -46.75 -10.19
CA PRO H 43 -18.44 -45.90 -11.21
C PRO H 43 -19.90 -46.28 -11.43
N VAL H 44 -20.73 -45.26 -11.64
CA VAL H 44 -22.14 -45.41 -11.97
C VAL H 44 -22.44 -44.50 -13.15
N SER H 45 -23.21 -45.01 -14.12
CA SER H 45 -23.59 -44.23 -15.28
C SER H 45 -25.09 -44.10 -15.49
N ASP H 46 -25.89 -45.03 -14.96
CA ASP H 46 -27.36 -44.93 -15.06
C ASP H 46 -27.91 -44.22 -13.83
N PRO H 47 -28.70 -43.17 -14.00
CA PRO H 47 -29.27 -42.48 -12.83
C PRO H 47 -30.20 -43.35 -12.00
N SER H 48 -30.72 -44.44 -12.55
CA SER H 48 -31.68 -45.26 -11.82
C SER H 48 -31.05 -45.96 -10.62
N LYS H 49 -29.79 -46.39 -10.75
CA LYS H 49 -29.12 -47.16 -9.70
C LYS H 49 -28.22 -46.30 -8.83
N LEU H 50 -28.63 -45.05 -8.58
CA LEU H 50 -27.94 -44.18 -7.64
C LEU H 50 -28.78 -44.04 -6.38
N PRO H 51 -28.15 -44.03 -5.20
CA PRO H 51 -28.93 -43.93 -3.95
C PRO H 51 -29.51 -42.53 -3.79
N LYS H 52 -30.77 -42.47 -3.36
CA LYS H 52 -31.40 -41.21 -3.05
C LYS H 52 -30.81 -40.63 -1.76
N TRP H 53 -30.91 -39.32 -1.61
CA TRP H 53 -30.30 -38.69 -0.44
C TRP H 53 -31.30 -37.77 0.23
N ASN H 54 -30.89 -37.05 1.27
CA ASN H 54 -31.79 -36.16 1.96
C ASN H 54 -31.02 -34.96 2.50
N TYR H 55 -31.77 -33.92 2.88
CA TYR H 55 -31.17 -32.74 3.48
C TYR H 55 -32.19 -32.05 4.38
N ASP H 56 -31.75 -30.98 5.02
CA ASP H 56 -32.57 -30.22 5.96
C ASP H 56 -33.28 -29.10 5.20
N GLY H 57 -34.61 -29.19 5.12
CA GLY H 57 -35.37 -28.18 4.41
C GLY H 57 -35.46 -26.86 5.14
N SER H 58 -35.31 -26.87 6.47
CA SER H 58 -35.39 -25.63 7.24
C SER H 58 -34.25 -24.69 6.88
N SER H 59 -33.04 -25.22 6.70
CA SER H 59 -31.89 -24.39 6.34
C SER H 59 -31.99 -23.84 4.92
N THR H 60 -32.92 -24.33 4.12
CA THR H 60 -33.11 -23.86 2.75
C THR H 60 -34.41 -23.12 2.53
N GLY H 61 -35.47 -23.45 3.26
CA GLY H 61 -36.74 -22.79 3.11
C GLY H 61 -37.75 -23.60 2.32
N GLN H 62 -37.79 -24.92 2.57
CA GLN H 62 -38.66 -25.80 1.81
C GLN H 62 -39.35 -26.85 2.68
N ALA H 63 -39.45 -26.63 3.98
CA ALA H 63 -40.05 -27.63 4.86
C ALA H 63 -40.40 -26.97 6.19
N PRO H 64 -41.38 -27.50 6.92
CA PRO H 64 -41.69 -26.95 8.24
C PRO H 64 -40.62 -27.30 9.26
N GLY H 65 -40.79 -26.75 10.46
CA GLY H 65 -39.81 -26.95 11.51
C GLY H 65 -39.78 -28.38 12.03
N GLU H 66 -40.95 -29.01 12.19
CA GLU H 66 -41.01 -30.30 12.87
C GLU H 66 -40.39 -31.41 12.05
N ASP H 67 -40.75 -31.51 10.76
CA ASP H 67 -40.20 -32.54 9.86
C ASP H 67 -39.58 -31.81 8.69
N SER H 68 -38.30 -31.46 8.83
CA SER H 68 -37.59 -30.67 7.84
C SER H 68 -36.81 -31.51 6.85
N GLU H 69 -36.92 -32.84 6.92
CA GLU H 69 -36.19 -33.69 6.01
C GLU H 69 -36.81 -33.63 4.61
N VAL H 70 -35.97 -33.34 3.62
CA VAL H 70 -36.37 -33.28 2.22
C VAL H 70 -35.54 -34.30 1.45
N ILE H 71 -36.22 -35.15 0.70
CA ILE H 71 -35.56 -36.22 -0.06
C ILE H 71 -35.21 -35.72 -1.44
N ILE H 72 -34.03 -36.08 -1.93
CA ILE H 72 -33.56 -35.70 -3.25
C ILE H 72 -33.28 -36.96 -4.07
N TYR H 73 -33.84 -37.01 -5.28
CA TYR H 73 -33.76 -38.16 -6.15
C TYR H 73 -32.78 -37.87 -7.27
N PRO H 74 -31.76 -38.70 -7.50
CA PRO H 74 -30.88 -38.50 -8.66
C PRO H 74 -31.66 -38.59 -9.96
N GLN H 75 -31.39 -37.66 -10.87
CA GLN H 75 -32.09 -37.62 -12.15
C GLN H 75 -31.19 -37.56 -13.36
N ALA H 76 -30.07 -36.83 -13.30
CA ALA H 76 -29.19 -36.70 -14.44
C ALA H 76 -27.74 -36.84 -14.01
N ILE H 77 -26.91 -37.35 -14.90
CA ILE H 77 -25.50 -37.61 -14.62
C ILE H 77 -24.65 -36.89 -15.66
N PHE H 78 -23.65 -36.15 -15.19
CA PHE H 78 -22.68 -35.50 -16.05
C PHE H 78 -21.28 -35.76 -15.51
N ARG H 79 -20.26 -35.56 -16.34
CA ARG H 79 -18.89 -35.70 -15.90
C ARG H 79 -18.44 -34.47 -15.13
N ASP H 80 -17.65 -34.68 -14.08
CA ASP H 80 -17.23 -33.58 -13.21
C ASP H 80 -16.07 -32.84 -13.83
N PRO H 81 -16.21 -31.55 -14.15
CA PRO H 81 -15.12 -30.81 -14.78
C PRO H 81 -14.15 -30.18 -13.78
N PHE H 82 -14.43 -30.26 -12.50
CA PHE H 82 -13.55 -29.73 -11.46
C PHE H 82 -12.72 -30.81 -10.79
N ARG H 83 -13.29 -32.00 -10.57
CA ARG H 83 -12.56 -33.11 -10.00
C ARG H 83 -11.98 -34.04 -11.05
N ARG H 84 -12.59 -34.08 -12.24
CA ARG H 84 -12.14 -34.96 -13.33
C ARG H 84 -12.11 -36.40 -12.88
N GLY H 85 -11.30 -37.23 -13.55
CA GLY H 85 -11.28 -38.64 -13.21
C GLY H 85 -12.62 -39.30 -13.53
N ASN H 86 -13.07 -40.17 -12.62
CA ASN H 86 -14.34 -40.86 -12.76
C ASN H 86 -15.45 -40.22 -11.94
N ASN H 87 -15.19 -39.04 -11.36
CA ASN H 87 -16.20 -38.35 -10.56
C ASN H 87 -17.28 -37.76 -11.46
N ILE H 88 -18.46 -37.56 -10.88
CA ILE H 88 -19.64 -37.14 -11.62
C ILE H 88 -20.38 -36.03 -10.88
N LEU H 89 -21.25 -35.34 -11.60
CA LEU H 89 -22.21 -34.41 -11.05
C LEU H 89 -23.61 -34.98 -11.26
N VAL H 90 -24.42 -34.96 -10.20
CA VAL H 90 -25.76 -35.53 -10.23
C VAL H 90 -26.76 -34.38 -10.10
N ILE H 91 -27.55 -34.17 -11.15
CA ILE H 91 -28.65 -33.23 -11.12
C ILE H 91 -29.85 -33.94 -10.51
N CYS H 92 -30.25 -33.52 -9.31
CA CYS H 92 -31.25 -34.20 -8.50
C CYS H 92 -32.57 -33.44 -8.50
N ASP H 93 -33.58 -34.07 -7.91
CA ASP H 93 -34.90 -33.49 -7.79
C ASP H 93 -35.42 -33.72 -6.38
N THR H 94 -36.17 -32.75 -5.86
CA THR H 94 -36.58 -32.72 -4.46
C THR H 94 -38.02 -33.19 -4.31
N TYR H 95 -38.25 -34.05 -3.33
CA TYR H 95 -39.58 -34.56 -2.99
C TYR H 95 -39.81 -34.41 -1.50
N THR H 96 -40.93 -34.96 -1.03
CA THR H 96 -41.41 -35.08 0.34
C THR H 96 -41.26 -36.52 0.81
N PRO H 97 -40.92 -36.76 2.08
CA PRO H 97 -40.77 -38.15 2.54
C PRO H 97 -42.00 -39.00 2.31
N ALA H 98 -43.19 -38.40 2.28
CA ALA H 98 -44.38 -39.13 1.88
C ALA H 98 -44.28 -39.60 0.43
N GLY H 99 -43.80 -38.73 -0.46
CA GLY H 99 -43.59 -39.11 -1.84
C GLY H 99 -43.97 -38.06 -2.87
N GLU H 100 -44.47 -36.90 -2.41
CA GLU H 100 -44.91 -35.90 -3.36
C GLU H 100 -43.82 -34.85 -3.57
N PRO H 101 -43.78 -34.21 -4.75
CA PRO H 101 -42.86 -33.09 -4.94
C PRO H 101 -43.24 -31.90 -4.07
N ILE H 102 -42.23 -31.16 -3.64
CA ILE H 102 -42.45 -29.94 -2.87
C ILE H 102 -42.86 -28.85 -3.85
N PRO H 103 -43.52 -27.77 -3.40
CA PRO H 103 -43.98 -26.75 -4.34
C PRO H 103 -42.86 -26.12 -5.16
N THR H 104 -41.63 -26.13 -4.66
CA THR H 104 -40.51 -25.60 -5.43
C THR H 104 -40.11 -26.55 -6.56
N ASN H 105 -40.38 -27.84 -6.39
CA ASN H 105 -40.03 -28.83 -7.42
C ASN H 105 -40.86 -28.61 -8.67
N LYS H 106 -40.19 -28.45 -9.80
CA LYS H 106 -40.85 -28.24 -11.09
C LYS H 106 -40.54 -29.30 -12.13
N ARG H 107 -39.56 -30.18 -11.88
CA ARG H 107 -39.23 -31.21 -12.84
C ARG H 107 -40.26 -32.33 -12.89
N HIS H 108 -41.04 -32.51 -11.81
CA HIS H 108 -42.08 -33.53 -11.81
C HIS H 108 -43.14 -33.23 -12.86
N ASP H 109 -43.63 -31.98 -12.89
CA ASP H 109 -44.62 -31.59 -13.89
C ASP H 109 -44.06 -31.71 -15.29
N ALA H 110 -42.83 -31.26 -15.50
CA ALA H 110 -42.22 -31.33 -16.83
C ALA H 110 -42.08 -32.77 -17.29
N ALA H 111 -41.61 -33.64 -16.40
CA ALA H 111 -41.49 -35.05 -16.75
C ALA H 111 -42.85 -35.67 -17.07
N LYS H 112 -43.88 -35.29 -16.31
CA LYS H 112 -45.22 -35.80 -16.60
C LYS H 112 -45.70 -35.35 -17.96
N VAL H 113 -45.45 -34.09 -18.33
CA VAL H 113 -45.87 -33.59 -19.63
C VAL H 113 -45.08 -34.26 -20.75
N PHE H 114 -43.76 -34.37 -20.60
CA PHE H 114 -42.93 -34.94 -21.64
C PHE H 114 -43.07 -36.44 -21.75
N SER H 115 -43.68 -37.11 -20.77
CA SER H 115 -43.86 -38.55 -20.81
C SER H 115 -45.07 -38.99 -21.62
N HIS H 116 -45.89 -38.05 -22.10
CA HIS H 116 -47.04 -38.40 -22.89
C HIS H 116 -46.62 -39.01 -24.23
N PRO H 117 -47.39 -39.94 -24.78
CA PRO H 117 -47.04 -40.52 -26.07
C PRO H 117 -46.97 -39.51 -27.20
N ASP H 118 -47.79 -38.46 -27.16
CA ASP H 118 -47.82 -37.49 -28.25
C ASP H 118 -46.54 -36.68 -28.31
N VAL H 119 -46.11 -36.14 -27.15
CA VAL H 119 -44.89 -35.34 -27.13
C VAL H 119 -43.67 -36.20 -27.42
N VAL H 120 -43.68 -37.44 -26.94
CA VAL H 120 -42.57 -38.36 -27.24
C VAL H 120 -42.51 -38.63 -28.73
N ALA H 121 -43.66 -38.85 -29.37
CA ALA H 121 -43.68 -39.17 -30.79
C ALA H 121 -43.46 -37.93 -31.66
N GLU H 122 -43.56 -36.73 -31.10
CA GLU H 122 -43.35 -35.52 -31.88
C GLU H 122 -41.92 -34.99 -31.83
N GLU H 123 -41.06 -35.58 -31.00
CA GLU H 123 -39.64 -35.22 -30.91
C GLU H 123 -39.45 -33.70 -30.81
N THR H 124 -39.92 -33.16 -29.69
CA THR H 124 -39.70 -31.74 -29.43
C THR H 124 -38.24 -31.50 -29.03
N TRP H 125 -37.62 -30.53 -29.67
CA TRP H 125 -36.25 -30.13 -29.35
C TRP H 125 -36.22 -28.65 -28.96
N TYR H 126 -35.46 -28.36 -27.91
CA TYR H 126 -35.38 -27.02 -27.33
C TYR H 126 -33.93 -26.54 -27.33
N GLY H 127 -33.77 -25.23 -27.51
CA GLY H 127 -32.48 -24.60 -27.38
C GLY H 127 -32.57 -23.34 -26.56
N ILE H 128 -31.72 -23.19 -25.56
CA ILE H 128 -31.86 -22.10 -24.59
C ILE H 128 -30.65 -21.19 -24.67
N GLU H 129 -30.90 -19.91 -24.95
CA GLU H 129 -29.87 -18.87 -24.92
C GLU H 129 -29.95 -18.15 -23.59
N GLN H 130 -28.83 -18.11 -22.86
CA GLN H 130 -28.79 -17.60 -21.49
C GLN H 130 -27.77 -16.47 -21.38
N GLU H 131 -28.23 -15.32 -20.88
CA GLU H 131 -27.39 -14.17 -20.59
C GLU H 131 -26.87 -14.26 -19.16
N TYR H 132 -25.71 -13.66 -18.91
CA TYR H 132 -25.26 -13.47 -17.54
C TYR H 132 -24.38 -12.23 -17.45
N THR H 133 -24.23 -11.73 -16.23
CA THR H 133 -23.43 -10.54 -15.95
C THR H 133 -22.41 -10.86 -14.87
N LEU H 134 -21.17 -10.43 -15.09
CA LEU H 134 -20.08 -10.66 -14.15
C LEU H 134 -19.87 -9.39 -13.32
N LEU H 135 -20.18 -9.47 -12.03
CA LEU H 135 -20.07 -8.35 -11.11
C LEU H 135 -18.89 -8.56 -10.17
N GLN H 136 -18.36 -7.45 -9.66
CA GLN H 136 -17.33 -7.51 -8.64
C GLN H 136 -17.91 -8.01 -7.31
N LYS H 137 -17.03 -8.54 -6.46
CA LYS H 137 -17.51 -9.39 -5.37
C LYS H 137 -18.23 -8.62 -4.29
N ASP H 138 -17.54 -7.71 -3.59
CA ASP H 138 -18.16 -7.03 -2.46
C ASP H 138 -19.17 -5.99 -2.92
N ILE H 139 -18.86 -5.25 -3.97
CA ILE H 139 -19.73 -4.21 -4.50
C ILE H 139 -20.41 -4.74 -5.75
N GLN H 140 -21.73 -4.58 -5.83
CA GLN H 140 -22.51 -5.13 -6.93
C GLN H 140 -22.31 -4.28 -8.19
N TRP H 141 -21.06 -4.24 -8.65
CA TRP H 141 -20.65 -3.32 -9.69
C TRP H 141 -19.89 -4.10 -10.76
N PRO H 142 -20.32 -4.05 -12.01
CA PRO H 142 -19.86 -5.02 -13.01
C PRO H 142 -18.38 -4.92 -13.31
N LEU H 143 -17.83 -6.04 -13.81
CA LEU H 143 -16.42 -6.11 -14.15
C LEU H 143 -16.07 -5.09 -15.22
N GLY H 144 -14.90 -4.48 -15.08
CA GLY H 144 -14.44 -3.49 -16.02
C GLY H 144 -15.02 -2.10 -15.85
N TRP H 145 -15.93 -1.93 -14.93
CA TRP H 145 -16.43 -0.61 -14.57
C TRP H 145 -15.61 -0.08 -13.40
N PRO H 146 -15.06 1.13 -13.50
CA PRO H 146 -14.30 1.67 -12.38
C PRO H 146 -15.19 1.89 -11.17
N VAL H 147 -14.59 1.80 -9.98
CA VAL H 147 -15.35 1.90 -8.74
C VAL H 147 -15.97 3.28 -8.64
N GLY H 148 -17.29 3.33 -8.56
CA GLY H 148 -17.98 4.60 -8.60
C GLY H 148 -17.79 5.32 -9.92
N GLY H 149 -17.73 4.57 -11.02
CA GLY H 149 -17.52 5.17 -12.31
C GLY H 149 -18.04 4.34 -13.47
N PHE H 150 -18.81 4.97 -14.35
CA PHE H 150 -19.35 4.31 -15.52
C PHE H 150 -18.26 4.14 -16.58
N PRO H 151 -18.37 3.12 -17.43
CA PRO H 151 -17.44 2.98 -18.55
C PRO H 151 -17.87 3.82 -19.73
N GLY H 152 -17.18 3.68 -20.87
CA GLY H 152 -17.51 4.45 -22.04
C GLY H 152 -18.86 4.08 -22.60
N PRO H 153 -19.33 4.83 -23.59
CA PRO H 153 -20.64 4.54 -24.17
C PRO H 153 -20.64 3.20 -24.90
N GLN H 154 -21.83 2.62 -25.00
CA GLN H 154 -21.97 1.32 -25.64
C GLN H 154 -21.67 1.40 -27.13
N GLY H 155 -21.41 0.24 -27.73
CA GLY H 155 -21.12 0.15 -29.13
C GLY H 155 -19.89 -0.67 -29.47
N PRO H 156 -18.80 -0.54 -28.71
CA PRO H 156 -17.64 -1.40 -28.92
C PRO H 156 -17.62 -2.70 -28.13
N TYR H 157 -18.51 -2.88 -27.15
CA TYR H 157 -18.44 -4.03 -26.27
C TYR H 157 -19.11 -5.27 -26.84
N TYR H 158 -19.86 -5.15 -27.94
CA TYR H 158 -20.51 -6.29 -28.55
C TYR H 158 -19.49 -7.06 -29.38
N CYS H 159 -18.99 -8.17 -28.83
CA CYS H 159 -17.99 -9.02 -29.47
C CYS H 159 -16.65 -8.33 -29.66
N GLY H 160 -16.31 -7.40 -28.76
CA GLY H 160 -15.01 -6.76 -28.84
C GLY H 160 -13.88 -7.69 -28.47
N VAL H 161 -12.68 -7.33 -28.92
CA VAL H 161 -11.53 -8.22 -28.85
C VAL H 161 -10.45 -7.70 -27.92
N GLY H 162 -10.17 -6.40 -27.94
CA GLY H 162 -9.07 -5.85 -27.17
C GLY H 162 -9.28 -5.95 -25.67
N ALA H 163 -8.25 -5.52 -24.93
CA ALA H 163 -8.35 -5.49 -23.48
C ALA H 163 -9.32 -4.43 -22.98
N ASP H 164 -9.73 -3.51 -23.85
CA ASP H 164 -10.68 -2.46 -23.50
C ASP H 164 -12.12 -2.94 -23.53
N LYS H 165 -12.39 -4.09 -24.13
CA LYS H 165 -13.75 -4.51 -24.45
C LYS H 165 -14.16 -5.82 -23.81
N ALA H 166 -13.25 -6.78 -23.72
CA ALA H 166 -13.57 -8.11 -23.21
C ALA H 166 -13.21 -8.19 -21.74
N PHE H 167 -14.24 -8.24 -20.88
CA PHE H 167 -14.05 -8.29 -19.43
C PHE H 167 -14.54 -9.64 -18.93
N GLY H 168 -13.67 -10.37 -18.23
CA GLY H 168 -14.01 -11.69 -17.74
C GLY H 168 -13.98 -12.79 -18.78
N ARG H 169 -13.14 -12.64 -19.80
CA ARG H 169 -13.11 -13.62 -20.88
C ARG H 169 -12.53 -14.95 -20.44
N ASP H 170 -11.58 -14.94 -19.49
CA ASP H 170 -10.99 -16.19 -19.02
C ASP H 170 -12.05 -17.09 -18.38
N ILE H 171 -12.95 -16.50 -17.58
CA ILE H 171 -14.05 -17.26 -17.00
C ILE H 171 -14.92 -17.86 -18.09
N VAL H 172 -15.16 -17.10 -19.16
CA VAL H 172 -16.03 -17.57 -20.24
C VAL H 172 -15.40 -18.75 -20.98
N ASP H 173 -14.11 -18.65 -21.32
CA ASP H 173 -13.46 -19.77 -22.00
C ASP H 173 -13.38 -20.99 -21.10
N ALA H 174 -13.09 -20.79 -19.81
CA ALA H 174 -13.07 -21.91 -18.88
C ALA H 174 -14.44 -22.57 -18.79
N HIS H 175 -15.51 -21.76 -18.74
CA HIS H 175 -16.85 -22.32 -18.66
C HIS H 175 -17.21 -23.08 -19.92
N TYR H 176 -16.82 -22.55 -21.08
CA TYR H 176 -17.13 -23.21 -22.34
C TYR H 176 -16.45 -24.57 -22.42
N LYS H 177 -15.16 -24.64 -22.07
CA LYS H 177 -14.47 -25.93 -22.15
C LYS H 177 -14.95 -26.89 -21.06
N ALA H 178 -15.27 -26.37 -19.87
CA ALA H 178 -15.78 -27.22 -18.80
C ALA H 178 -17.14 -27.83 -19.15
N CYS H 179 -18.02 -27.03 -19.76
CA CYS H 179 -19.33 -27.53 -20.15
C CYS H 179 -19.23 -28.52 -21.30
N LEU H 180 -18.29 -28.29 -22.23
CA LEU H 180 -18.06 -29.28 -23.28
C LEU H 180 -17.54 -30.59 -22.68
N TYR H 181 -16.62 -30.50 -21.71
CA TYR H 181 -16.07 -31.69 -21.09
C TYR H 181 -17.12 -32.48 -20.32
N ALA H 182 -17.97 -31.78 -19.55
CA ALA H 182 -18.94 -32.46 -18.71
C ALA H 182 -19.95 -33.25 -19.53
N GLY H 183 -20.45 -32.67 -20.62
CA GLY H 183 -21.42 -33.36 -21.45
C GLY H 183 -22.62 -32.50 -21.82
N ILE H 184 -22.63 -31.26 -21.34
CA ILE H 184 -23.70 -30.34 -21.72
C ILE H 184 -23.56 -29.97 -23.18
N ASN H 185 -24.65 -30.08 -23.93
CA ASN H 185 -24.63 -29.75 -25.36
C ASN H 185 -24.65 -28.23 -25.49
N ILE H 186 -23.50 -27.64 -25.24
CA ILE H 186 -23.29 -26.21 -25.45
C ILE H 186 -23.00 -25.99 -26.92
N SER H 187 -23.47 -24.85 -27.46
CA SER H 187 -23.40 -24.60 -28.89
C SER H 187 -22.76 -23.27 -29.25
N GLY H 188 -22.14 -22.59 -28.31
CA GLY H 188 -21.43 -21.37 -28.63
C GLY H 188 -21.53 -20.36 -27.50
N ILE H 189 -20.72 -19.31 -27.63
CA ILE H 189 -20.66 -18.20 -26.69
C ILE H 189 -20.46 -16.92 -27.47
N ASN H 190 -20.76 -15.79 -26.81
CA ASN H 190 -20.46 -14.47 -27.36
C ASN H 190 -20.58 -13.45 -26.24
N GLY H 191 -20.07 -12.25 -26.51
CA GLY H 191 -20.19 -11.13 -25.59
C GLY H 191 -21.29 -10.19 -26.06
N GLU H 192 -21.99 -9.59 -25.10
CA GLU H 192 -23.16 -8.80 -25.39
C GLU H 192 -22.86 -7.31 -25.31
N VAL H 193 -23.87 -6.50 -25.63
CA VAL H 193 -23.66 -5.05 -25.82
C VAL H 193 -23.21 -4.40 -24.52
N MET H 194 -23.75 -4.86 -23.39
CA MET H 194 -23.30 -4.35 -22.11
C MET H 194 -21.89 -4.87 -21.80
N PRO H 195 -21.00 -4.01 -21.30
CA PRO H 195 -19.68 -4.49 -20.91
C PRO H 195 -19.76 -5.34 -19.64
N GLY H 196 -19.02 -6.44 -19.65
CA GLY H 196 -19.09 -7.40 -18.56
C GLY H 196 -20.25 -8.36 -18.65
N GLN H 197 -21.04 -8.31 -19.72
CA GLN H 197 -22.19 -9.18 -19.91
C GLN H 197 -21.90 -10.15 -21.05
N TRP H 198 -22.25 -11.42 -20.84
CA TRP H 198 -21.93 -12.47 -21.79
C TRP H 198 -23.15 -13.35 -22.03
N GLU H 199 -22.99 -14.36 -22.88
CA GLU H 199 -24.05 -15.19 -23.41
C GLU H 199 -23.54 -16.60 -23.64
N PHE H 200 -24.41 -17.60 -23.46
CA PHE H 200 -24.08 -18.94 -23.91
C PHE H 200 -25.35 -19.67 -24.33
N GLN H 201 -25.24 -20.48 -25.38
CA GLN H 201 -26.36 -21.24 -25.91
C GLN H 201 -26.21 -22.71 -25.53
N VAL H 202 -27.28 -23.30 -25.03
CA VAL H 202 -27.40 -24.75 -24.91
C VAL H 202 -28.22 -25.22 -26.11
N GLY H 203 -27.62 -26.06 -26.94
CA GLY H 203 -28.12 -26.34 -28.26
C GLY H 203 -29.29 -27.30 -28.28
N PRO H 204 -29.55 -27.88 -29.44
CA PRO H 204 -30.69 -28.81 -29.55
C PRO H 204 -30.56 -30.00 -28.61
N SER H 205 -31.46 -30.07 -27.63
CA SER H 205 -31.52 -31.16 -26.67
C SER H 205 -32.97 -31.53 -26.47
N VAL H 206 -33.25 -32.83 -26.48
CA VAL H 206 -34.62 -33.32 -26.58
C VAL H 206 -35.22 -33.49 -25.20
N GLY H 207 -36.42 -32.93 -25.00
CA GLY H 207 -37.23 -33.22 -23.84
C GLY H 207 -36.67 -32.68 -22.54
N ILE H 208 -37.01 -33.40 -21.45
CA ILE H 208 -36.69 -32.95 -20.10
C ILE H 208 -35.18 -32.79 -19.93
N SER H 209 -34.40 -33.61 -20.65
CA SER H 209 -32.95 -33.50 -20.58
C SER H 209 -32.49 -32.06 -20.80
N ALA H 210 -33.11 -31.37 -21.78
CA ALA H 210 -32.82 -29.97 -22.02
C ALA H 210 -32.74 -29.18 -20.73
N GLY H 211 -33.84 -29.19 -19.96
CA GLY H 211 -33.85 -28.45 -18.71
C GLY H 211 -32.69 -28.82 -17.82
N ASP H 212 -32.47 -30.12 -17.62
CA ASP H 212 -31.38 -30.58 -16.78
C ASP H 212 -30.08 -29.93 -17.22
N GLU H 213 -29.79 -30.02 -18.52
CA GLU H 213 -28.52 -29.50 -19.03
C GLU H 213 -28.35 -28.04 -18.64
N VAL H 214 -29.39 -27.23 -18.86
CA VAL H 214 -29.28 -25.81 -18.57
C VAL H 214 -28.87 -25.60 -17.13
N TRP H 215 -29.57 -26.26 -16.21
CA TRP H 215 -29.26 -26.07 -14.80
C TRP H 215 -27.83 -26.48 -14.53
N ALA H 216 -27.39 -27.61 -15.10
CA ALA H 216 -26.03 -28.05 -14.91
C ALA H 216 -25.06 -26.95 -15.30
N ALA H 217 -25.26 -26.38 -16.49
CA ALA H 217 -24.37 -25.31 -16.94
C ALA H 217 -24.33 -24.19 -15.91
N ARG H 218 -25.50 -23.76 -15.44
CA ARG H 218 -25.56 -22.69 -14.46
C ARG H 218 -24.71 -23.06 -13.25
N TYR H 219 -24.92 -24.27 -12.72
CA TYR H 219 -24.14 -24.70 -11.56
C TYR H 219 -22.67 -24.56 -11.83
N ILE H 220 -22.22 -25.07 -12.99
CA ILE H 220 -20.80 -25.03 -13.31
C ILE H 220 -20.31 -23.59 -13.31
N LEU H 221 -21.06 -22.70 -13.95
CA LEU H 221 -20.67 -21.29 -13.97
C LEU H 221 -20.59 -20.74 -12.56
N GLU H 222 -21.60 -21.05 -11.74
CA GLU H 222 -21.63 -20.57 -10.36
C GLU H 222 -20.39 -20.99 -9.61
N ARG H 223 -19.77 -22.10 -10.01
CA ARG H 223 -18.56 -22.53 -9.33
C ARG H 223 -17.32 -21.89 -9.93
N ILE H 224 -17.27 -21.79 -11.26
CA ILE H 224 -16.07 -21.24 -11.89
C ILE H 224 -15.83 -19.81 -11.43
N THR H 225 -16.89 -19.01 -11.36
CA THR H 225 -16.74 -17.64 -10.89
C THR H 225 -16.15 -17.60 -9.49
N GLU H 226 -16.55 -18.54 -8.62
CA GLU H 226 -16.04 -18.47 -7.25
C GLU H 226 -14.59 -18.91 -7.15
N ILE H 227 -14.04 -19.54 -8.19
CA ILE H 227 -12.59 -19.72 -8.25
C ILE H 227 -11.91 -18.39 -8.53
N ALA H 228 -12.50 -17.58 -9.41
CA ALA H 228 -11.92 -16.30 -9.78
C ALA H 228 -12.18 -15.22 -8.73
N GLY H 229 -13.32 -15.27 -8.05
CA GLY H 229 -13.67 -14.24 -7.10
C GLY H 229 -14.59 -13.20 -7.70
N VAL H 230 -15.58 -13.66 -8.44
CA VAL H 230 -16.51 -12.82 -9.18
C VAL H 230 -17.92 -13.31 -8.89
N VAL H 231 -18.87 -12.39 -8.82
CA VAL H 231 -20.28 -12.76 -8.68
C VAL H 231 -20.88 -12.85 -10.07
N VAL H 232 -21.75 -13.83 -10.27
CA VAL H 232 -22.46 -13.99 -11.54
C VAL H 232 -23.94 -13.77 -11.27
N SER H 233 -24.57 -12.93 -12.09
CA SER H 233 -25.98 -12.61 -11.93
C SER H 233 -26.72 -12.91 -13.22
N PHE H 234 -27.83 -13.64 -13.10
CA PHE H 234 -28.76 -13.85 -14.18
C PHE H 234 -29.97 -12.92 -14.07
N ASP H 235 -29.89 -11.92 -13.21
CA ASP H 235 -31.02 -11.02 -13.01
C ASP H 235 -31.27 -10.21 -14.28
N PRO H 236 -32.54 -9.99 -14.65
CA PRO H 236 -32.82 -9.31 -15.93
C PRO H 236 -32.30 -7.89 -16.00
N LYS H 237 -32.00 -7.24 -14.88
CA LYS H 237 -31.54 -5.86 -14.90
C LYS H 237 -30.69 -5.60 -13.68
N PRO H 238 -29.37 -5.86 -13.77
CA PRO H 238 -28.48 -5.58 -12.64
C PRO H 238 -28.13 -4.10 -12.53
N ILE H 239 -28.01 -3.43 -13.67
CA ILE H 239 -27.66 -2.01 -13.73
C ILE H 239 -28.71 -1.28 -14.55
N GLN H 240 -29.19 -0.16 -14.04
CA GLN H 240 -30.19 0.64 -14.73
C GLN H 240 -29.55 1.84 -15.42
N GLY H 241 -30.33 2.50 -16.27
CA GLY H 241 -29.85 3.59 -17.08
C GLY H 241 -29.91 3.22 -18.56
N ASP H 242 -28.93 3.71 -19.32
CA ASP H 242 -28.83 3.38 -20.74
C ASP H 242 -27.98 2.14 -20.97
N TRP H 243 -28.31 1.06 -20.25
CA TRP H 243 -27.61 -0.20 -20.35
C TRP H 243 -28.64 -1.32 -20.48
N ASN H 244 -28.38 -2.26 -21.38
CA ASN H 244 -29.35 -3.31 -21.66
C ASN H 244 -29.38 -4.33 -20.53
N GLY H 245 -30.37 -5.21 -20.59
CA GLY H 245 -30.61 -6.17 -19.53
C GLY H 245 -30.44 -7.60 -20.02
N ALA H 246 -30.09 -8.49 -19.08
CA ALA H 246 -29.93 -9.89 -19.39
C ALA H 246 -31.28 -10.55 -19.66
N GLY H 247 -31.28 -11.53 -20.57
CA GLY H 247 -32.50 -12.22 -20.94
C GLY H 247 -32.22 -13.66 -21.31
N ALA H 248 -33.29 -14.38 -21.63
CA ALA H 248 -33.18 -15.78 -22.01
C ALA H 248 -34.13 -16.07 -23.17
N HIS H 249 -33.60 -16.69 -24.21
CA HIS H 249 -34.37 -17.00 -25.41
C HIS H 249 -34.55 -18.51 -25.53
N THR H 250 -35.67 -18.92 -26.13
CA THR H 250 -35.92 -20.34 -26.35
C THR H 250 -36.21 -20.60 -27.82
N ASN H 251 -35.73 -21.75 -28.30
CA ASN H 251 -35.92 -22.20 -29.67
C ASN H 251 -36.66 -23.52 -29.62
N TYR H 252 -37.81 -23.58 -30.28
CA TYR H 252 -38.66 -24.76 -30.29
C TYR H 252 -38.69 -25.36 -31.69
N SER H 253 -38.59 -26.70 -31.76
CA SER H 253 -38.61 -27.39 -33.04
C SER H 253 -39.16 -28.80 -32.84
N THR H 254 -40.38 -29.03 -33.31
CA THR H 254 -40.98 -30.36 -33.30
C THR H 254 -40.74 -31.06 -34.63
N LYS H 255 -41.07 -32.36 -34.67
CA LYS H 255 -40.84 -33.15 -35.86
C LYS H 255 -41.67 -32.68 -37.04
N SER H 256 -42.95 -32.34 -36.80
CA SER H 256 -43.81 -31.89 -37.89
C SER H 256 -43.32 -30.57 -38.47
N MET H 257 -42.80 -29.67 -37.63
CA MET H 257 -42.21 -28.45 -38.13
C MET H 257 -40.97 -28.72 -38.97
N ARG H 258 -40.17 -29.72 -38.58
CA ARG H 258 -38.95 -30.06 -39.30
C ARG H 258 -39.21 -30.69 -40.66
N ASN H 259 -40.45 -31.07 -40.96
CA ASN H 259 -40.78 -31.75 -42.20
C ASN H 259 -41.47 -30.80 -43.17
N ASP H 260 -41.69 -31.30 -44.40
CA ASP H 260 -42.27 -30.49 -45.45
C ASP H 260 -43.67 -30.01 -45.07
N GLY H 261 -43.93 -28.74 -45.32
CA GLY H 261 -45.19 -28.14 -44.91
C GLY H 261 -45.23 -27.71 -43.46
N GLY H 262 -44.06 -27.45 -42.85
CA GLY H 262 -44.00 -27.08 -41.45
C GLY H 262 -44.32 -25.64 -41.14
N TYR H 263 -44.40 -24.78 -42.15
CA TYR H 263 -44.72 -23.38 -41.89
C TYR H 263 -46.15 -23.21 -41.39
N GLU H 264 -47.07 -24.01 -41.91
CA GLU H 264 -48.44 -23.98 -41.40
C GLU H 264 -48.48 -24.47 -39.95
N VAL H 265 -47.68 -25.48 -39.63
CA VAL H 265 -47.59 -25.95 -38.25
C VAL H 265 -47.06 -24.84 -37.35
N ILE H 266 -46.03 -24.13 -37.81
CA ILE H 266 -45.47 -23.02 -37.04
C ILE H 266 -46.52 -21.93 -36.83
N LYS H 267 -47.27 -21.59 -37.88
CA LYS H 267 -48.31 -20.57 -37.76
C LYS H 267 -49.39 -20.99 -36.77
N THR H 268 -49.83 -22.25 -36.84
CA THR H 268 -50.84 -22.74 -35.91
C THR H 268 -50.32 -22.73 -34.48
N ALA H 269 -49.05 -23.13 -34.28
CA ALA H 269 -48.49 -23.14 -32.94
C ALA H 269 -48.38 -21.72 -32.38
N ILE H 270 -47.99 -20.75 -33.22
CA ILE H 270 -47.91 -19.37 -32.75
C ILE H 270 -49.31 -18.83 -32.46
N GLU H 271 -50.30 -19.23 -33.24
CA GLU H 271 -51.67 -18.81 -32.97
C GLU H 271 -52.15 -19.37 -31.63
N LYS H 272 -51.83 -20.64 -31.34
CA LYS H 272 -52.20 -21.23 -30.06
C LYS H 272 -51.44 -20.58 -28.91
N LEU H 273 -50.18 -20.23 -29.13
CA LEU H 273 -49.41 -19.52 -28.11
C LEU H 273 -50.01 -18.16 -27.82
N GLY H 274 -50.51 -17.48 -28.85
CA GLY H 274 -51.27 -16.27 -28.64
C GLY H 274 -52.53 -16.53 -27.84
N LYS H 275 -53.02 -15.47 -27.19
CA LYS H 275 -54.14 -15.48 -26.24
C LYS H 275 -53.77 -16.16 -24.94
N ARG H 276 -52.56 -16.69 -24.81
CA ARG H 276 -52.00 -17.17 -23.55
C ARG H 276 -50.85 -16.29 -23.09
N HIS H 277 -50.78 -15.05 -23.59
CA HIS H 277 -49.63 -14.19 -23.36
C HIS H 277 -49.45 -13.85 -21.88
N LYS H 278 -50.55 -13.54 -21.19
CA LYS H 278 -50.44 -13.04 -19.82
C LYS H 278 -49.92 -14.12 -18.87
N GLU H 279 -50.42 -15.35 -18.99
CA GLU H 279 -49.96 -16.43 -18.12
C GLU H 279 -48.48 -16.70 -18.33
N HIS H 280 -48.05 -16.78 -19.59
CA HIS H 280 -46.64 -17.04 -19.89
C HIS H 280 -45.76 -15.91 -19.37
N ILE H 281 -46.21 -14.66 -19.54
CA ILE H 281 -45.44 -13.52 -19.04
C ILE H 281 -45.31 -13.59 -17.52
N ALA H 282 -46.40 -13.92 -16.84
CA ALA H 282 -46.36 -14.07 -15.39
C ALA H 282 -45.59 -15.31 -14.95
N ALA H 283 -45.25 -16.22 -15.86
CA ALA H 283 -44.52 -17.44 -15.52
C ALA H 283 -43.15 -17.51 -16.18
N TYR H 284 -42.55 -16.37 -16.54
CA TYR H 284 -41.23 -16.34 -17.16
C TYR H 284 -40.12 -15.80 -16.26
N GLY H 285 -40.46 -15.25 -15.08
CA GLY H 285 -39.42 -14.82 -14.16
C GLY H 285 -39.62 -13.45 -13.57
N GLU H 286 -39.35 -13.32 -12.27
CA GLU H 286 -39.44 -12.02 -11.60
C GLU H 286 -38.39 -11.06 -12.16
N GLY H 287 -38.78 -9.80 -12.28
CA GLY H 287 -37.91 -8.78 -12.82
C GLY H 287 -38.04 -8.55 -14.32
N ASN H 288 -38.85 -9.36 -15.01
CA ASN H 288 -39.03 -9.20 -16.45
C ASN H 288 -39.70 -7.88 -16.81
N GLU H 289 -40.42 -7.26 -15.87
CA GLU H 289 -41.03 -5.97 -16.14
C GLU H 289 -39.98 -4.91 -16.44
N ARG H 290 -38.89 -4.89 -15.67
CA ARG H 290 -37.86 -3.87 -15.85
C ARG H 290 -37.03 -4.10 -17.10
N ARG H 291 -36.98 -5.32 -17.62
CA ARG H 291 -36.21 -5.58 -18.84
C ARG H 291 -37.01 -5.25 -20.09
N LEU H 292 -38.22 -5.81 -20.21
CA LEU H 292 -39.05 -5.59 -21.38
C LEU H 292 -39.77 -4.25 -21.23
N THR H 293 -39.39 -3.28 -22.06
CA THR H 293 -39.99 -1.95 -21.98
C THR H 293 -40.26 -1.34 -23.36
N GLY H 294 -40.03 -2.05 -24.45
CA GLY H 294 -40.20 -1.47 -25.77
C GLY H 294 -39.04 -0.63 -26.24
N ARG H 295 -37.89 -0.73 -25.58
CA ARG H 295 -36.71 0.05 -25.94
C ARG H 295 -36.23 -0.29 -27.36
N HIS H 296 -36.31 0.69 -28.26
CA HIS H 296 -35.81 0.57 -29.63
C HIS H 296 -36.38 -0.67 -30.33
N GLU H 297 -37.71 -0.76 -30.29
CA GLU H 297 -38.45 -1.84 -30.95
C GLU H 297 -38.05 -3.22 -30.41
N THR H 298 -38.33 -3.42 -29.13
CA THR H 298 -38.20 -4.73 -28.49
C THR H 298 -39.52 -5.15 -27.87
N ALA H 299 -39.54 -6.36 -27.32
CA ALA H 299 -40.78 -6.97 -26.85
C ALA H 299 -41.37 -6.18 -25.69
N ASP H 300 -42.69 -6.10 -25.66
CA ASP H 300 -43.44 -5.40 -24.63
C ASP H 300 -44.23 -6.39 -23.80
N ILE H 301 -44.43 -6.04 -22.52
CA ILE H 301 -45.12 -6.94 -21.60
C ILE H 301 -46.59 -7.10 -22.00
N ASN H 302 -47.25 -6.00 -22.35
CA ASN H 302 -48.70 -5.99 -22.52
C ASN H 302 -49.15 -6.26 -23.95
N THR H 303 -48.24 -6.50 -24.88
CA THR H 303 -48.58 -6.68 -26.28
C THR H 303 -47.96 -7.95 -26.82
N PHE H 304 -48.69 -8.66 -27.68
CA PHE H 304 -48.22 -9.86 -28.35
C PHE H 304 -48.06 -9.58 -29.83
N LEU H 305 -46.86 -9.83 -30.34
CA LEU H 305 -46.55 -9.62 -31.76
C LEU H 305 -45.60 -10.71 -32.23
N TRP H 306 -45.66 -11.01 -33.52
CA TRP H 306 -44.73 -11.97 -34.11
C TRP H 306 -44.41 -11.54 -35.54
N GLY H 307 -43.15 -11.73 -35.92
CA GLY H 307 -42.68 -11.33 -37.23
C GLY H 307 -41.45 -12.11 -37.62
N VAL H 308 -40.92 -11.80 -38.79
CA VAL H 308 -39.82 -12.56 -39.38
C VAL H 308 -38.51 -11.79 -39.32
N ALA H 309 -38.51 -10.52 -39.72
CA ALA H 309 -37.31 -9.69 -39.64
C ALA H 309 -37.32 -8.75 -38.44
N ASN H 310 -38.49 -8.36 -37.95
CA ASN H 310 -38.59 -7.55 -36.75
C ASN H 310 -38.26 -8.41 -35.55
N ARG H 311 -37.03 -8.32 -35.06
CA ARG H 311 -36.56 -9.11 -33.94
C ARG H 311 -37.10 -8.62 -32.60
N GLY H 312 -37.85 -7.52 -32.59
CA GLY H 312 -38.46 -7.00 -31.38
C GLY H 312 -39.82 -7.56 -31.05
N ALA H 313 -40.29 -8.57 -31.79
CA ALA H 313 -41.60 -9.16 -31.54
C ALA H 313 -41.49 -10.23 -30.46
N SER H 314 -42.65 -10.66 -29.97
CA SER H 314 -42.69 -11.73 -28.97
C SER H 314 -42.17 -13.03 -29.54
N VAL H 315 -42.56 -13.37 -30.77
CA VAL H 315 -42.13 -14.60 -31.43
C VAL H 315 -41.39 -14.22 -32.70
N ARG H 316 -40.22 -14.81 -32.90
CA ARG H 316 -39.36 -14.49 -34.03
C ARG H 316 -39.14 -15.74 -34.87
N VAL H 317 -39.35 -15.62 -36.18
CA VAL H 317 -39.19 -16.72 -37.12
C VAL H 317 -38.15 -16.30 -38.16
N GLY H 318 -37.19 -17.19 -38.42
CA GLY H 318 -36.11 -16.86 -39.33
C GLY H 318 -36.56 -16.75 -40.77
N ARG H 319 -35.71 -16.11 -41.59
CA ARG H 319 -36.01 -15.94 -42.99
C ARG H 319 -35.91 -17.27 -43.75
N ASP H 320 -34.83 -18.02 -43.50
CA ASP H 320 -34.66 -19.31 -44.17
C ASP H 320 -35.77 -20.28 -43.78
N THR H 321 -36.17 -20.25 -42.50
CA THR H 321 -37.25 -21.12 -42.06
C THR H 321 -38.55 -20.80 -42.77
N GLU H 322 -38.86 -19.52 -42.95
CA GLU H 322 -40.07 -19.15 -43.68
C GLU H 322 -39.98 -19.56 -45.15
N LYS H 323 -38.85 -19.27 -45.81
CA LYS H 323 -38.76 -19.53 -47.24
C LYS H 323 -38.73 -21.03 -47.55
N ALA H 324 -38.17 -21.84 -46.66
CA ALA H 324 -38.15 -23.28 -46.86
C ALA H 324 -39.32 -23.98 -46.19
N GLY H 325 -40.10 -23.27 -45.37
CA GLY H 325 -41.21 -23.89 -44.65
C GLY H 325 -40.74 -24.63 -43.40
N LYS H 326 -39.83 -25.58 -43.58
CA LYS H 326 -39.31 -26.36 -42.46
C LYS H 326 -38.41 -25.50 -41.58
N GLY H 327 -38.23 -25.94 -40.34
CA GLY H 327 -37.31 -25.28 -39.44
C GLY H 327 -37.71 -25.29 -37.97
N TYR H 328 -37.70 -24.12 -37.36
CA TYR H 328 -38.00 -23.97 -35.94
C TYR H 328 -38.59 -22.58 -35.72
N PHE H 329 -38.79 -22.21 -34.46
CA PHE H 329 -39.12 -20.82 -34.16
C PHE H 329 -38.56 -20.46 -32.79
N GLU H 330 -38.60 -19.17 -32.47
CA GLU H 330 -37.93 -18.63 -31.30
C GLU H 330 -38.87 -17.74 -30.50
N ASP H 331 -38.94 -17.99 -29.20
CA ASP H 331 -39.65 -17.13 -28.26
C ASP H 331 -38.65 -16.32 -27.46
N ARG H 332 -38.89 -15.02 -27.38
CA ARG H 332 -37.95 -14.07 -26.81
C ARG H 332 -38.46 -13.40 -25.54
N ARG H 333 -39.62 -13.82 -25.04
CA ARG H 333 -40.23 -13.27 -23.83
C ARG H 333 -39.59 -13.74 -22.53
N PRO H 334 -39.18 -15.01 -22.38
CA PRO H 334 -38.67 -15.47 -21.07
C PRO H 334 -37.50 -14.64 -20.56
N ALA H 335 -37.49 -14.46 -19.24
CA ALA H 335 -36.46 -13.67 -18.57
C ALA H 335 -35.25 -14.53 -18.23
N SER H 336 -34.14 -13.85 -17.93
CA SER H 336 -32.88 -14.54 -17.69
C SER H 336 -32.85 -15.30 -16.37
N ASN H 337 -33.80 -15.02 -15.48
CA ASN H 337 -33.91 -15.75 -14.22
C ASN H 337 -35.07 -16.74 -14.25
N MET H 338 -35.31 -17.37 -15.40
CA MET H 338 -36.44 -18.27 -15.56
C MET H 338 -36.12 -19.64 -15.00
N ASP H 339 -37.08 -20.55 -15.14
CA ASP H 339 -36.88 -21.97 -14.87
C ASP H 339 -37.11 -22.73 -16.17
N PRO H 340 -36.08 -23.36 -16.74
CA PRO H 340 -36.26 -24.02 -18.04
C PRO H 340 -37.33 -25.10 -18.03
N TYR H 341 -37.51 -25.81 -16.92
CA TYR H 341 -38.59 -26.77 -16.81
C TYR H 341 -39.93 -26.13 -17.15
N VAL H 342 -40.21 -24.99 -16.52
CA VAL H 342 -41.53 -24.37 -16.65
C VAL H 342 -41.77 -23.89 -18.08
N VAL H 343 -40.78 -23.23 -18.68
CA VAL H 343 -40.99 -22.67 -20.01
C VAL H 343 -41.09 -23.78 -21.06
N THR H 344 -40.23 -24.80 -20.96
CA THR H 344 -40.31 -25.91 -21.89
C THR H 344 -41.65 -26.64 -21.75
N SER H 345 -42.10 -26.84 -20.51
CA SER H 345 -43.38 -27.51 -20.28
C SER H 345 -44.54 -26.71 -20.87
N MET H 346 -44.54 -25.39 -20.64
CA MET H 346 -45.63 -24.57 -21.16
C MET H 346 -45.64 -24.56 -22.68
N ILE H 347 -44.47 -24.47 -23.31
CA ILE H 347 -44.41 -24.46 -24.77
C ILE H 347 -44.91 -25.78 -25.33
N ALA H 348 -44.46 -26.90 -24.73
CA ALA H 348 -44.91 -28.21 -25.20
C ALA H 348 -46.41 -28.38 -25.00
N ASP H 349 -46.95 -27.93 -23.88
CA ASP H 349 -48.37 -28.08 -23.61
C ASP H 349 -49.21 -27.24 -24.57
N THR H 350 -48.83 -25.98 -24.74
CA THR H 350 -49.60 -25.09 -25.62
C THR H 350 -49.55 -25.57 -27.07
N THR H 351 -48.38 -26.03 -27.53
CA THR H 351 -48.24 -26.41 -28.92
C THR H 351 -49.00 -27.69 -29.23
N ILE H 352 -48.87 -28.71 -28.38
CA ILE H 352 -49.37 -30.05 -28.67
C ILE H 352 -50.54 -30.42 -27.75
N LEU H 353 -50.31 -30.44 -26.44
CA LEU H 353 -51.31 -30.97 -25.51
C LEU H 353 -52.59 -30.15 -25.52
N TRP H 354 -52.46 -28.83 -25.60
CA TRP H 354 -53.63 -27.95 -25.56
C TRP H 354 -54.50 -28.16 -26.80
N LYS H 355 -55.82 -28.12 -26.59
CA LYS H 355 -56.78 -28.24 -27.68
C LYS H 355 -57.37 -26.87 -28.02
N LEU I 4 0.78 -15.78 -20.37
CA LEU I 4 1.47 -15.61 -21.64
C LEU I 4 2.44 -16.75 -21.90
N SER I 5 2.63 -17.60 -20.90
CA SER I 5 3.31 -18.87 -21.15
C SER I 5 2.37 -19.79 -21.92
N ASP I 6 2.83 -21.00 -22.21
CA ASP I 6 2.12 -21.97 -23.03
C ASP I 6 2.06 -21.48 -24.47
N LEU I 7 2.58 -20.28 -24.72
CA LEU I 7 2.73 -19.70 -26.05
C LEU I 7 4.17 -19.35 -26.37
N ILE I 8 4.89 -18.78 -25.41
CA ILE I 8 6.34 -18.64 -25.55
C ILE I 8 7.00 -20.00 -25.54
N ASN I 9 6.59 -20.87 -24.62
CA ASN I 9 7.12 -22.24 -24.53
C ASN I 9 6.21 -23.21 -25.27
N LEU I 10 6.05 -22.97 -26.56
CA LEU I 10 5.24 -23.81 -27.43
C LEU I 10 6.15 -24.50 -28.42
N ASN I 11 6.07 -25.84 -28.47
CA ASN I 11 6.94 -26.62 -29.34
C ASN I 11 6.43 -26.55 -30.77
N LEU I 12 7.19 -25.91 -31.65
CA LEU I 12 6.81 -25.78 -33.05
C LEU I 12 7.23 -26.97 -33.89
N SER I 13 8.06 -27.87 -33.36
CA SER I 13 8.49 -29.03 -34.13
C SER I 13 7.38 -30.07 -34.29
N ASP I 14 6.27 -29.92 -33.57
CA ASP I 14 5.16 -30.85 -33.69
C ASP I 14 4.21 -30.49 -34.83
N THR I 15 4.36 -29.31 -35.43
CA THR I 15 3.43 -28.85 -36.45
C THR I 15 4.10 -28.29 -37.70
N THR I 16 5.39 -27.98 -37.67
CA THR I 16 6.03 -27.30 -38.79
C THR I 16 7.53 -27.59 -38.77
N GLU I 17 8.16 -27.30 -39.90
CA GLU I 17 9.60 -27.49 -40.08
C GLU I 17 10.39 -26.19 -40.00
N LYS I 18 9.71 -25.04 -39.93
CA LYS I 18 10.38 -23.76 -39.98
C LYS I 18 11.10 -23.47 -38.67
N VAL I 19 12.23 -22.78 -38.74
CA VAL I 19 13.02 -22.46 -37.56
C VAL I 19 13.05 -20.94 -37.39
N ILE I 20 13.35 -20.51 -36.16
CA ILE I 20 13.47 -19.11 -35.82
C ILE I 20 14.95 -18.82 -35.57
N ALA I 21 15.49 -17.86 -36.31
CA ALA I 21 16.88 -17.46 -36.19
C ALA I 21 16.97 -16.07 -35.58
N GLU I 22 18.01 -15.84 -34.80
CA GLU I 22 18.20 -14.61 -34.05
C GLU I 22 19.49 -13.95 -34.54
N TYR I 23 19.38 -12.95 -35.41
CA TYR I 23 20.55 -12.24 -35.89
C TYR I 23 20.98 -11.21 -34.85
N ILE I 24 22.23 -11.30 -34.40
CA ILE I 24 22.76 -10.48 -33.33
C ILE I 24 24.02 -9.78 -33.82
N TRP I 25 24.12 -8.47 -33.59
CA TRP I 25 25.28 -7.70 -33.98
C TRP I 25 25.59 -6.69 -32.88
N ILE I 26 26.69 -5.95 -33.06
CA ILE I 26 27.18 -4.98 -32.09
C ILE I 26 26.78 -3.58 -32.53
N GLY I 27 26.26 -2.80 -31.59
CA GLY I 27 25.79 -1.46 -31.90
C GLY I 27 26.94 -0.49 -32.10
N GLY I 28 26.57 0.79 -32.23
CA GLY I 28 27.54 1.80 -32.60
C GLY I 28 28.59 2.06 -31.52
N SER I 29 28.19 2.01 -30.25
CA SER I 29 29.12 2.30 -29.17
C SER I 29 30.20 1.24 -29.00
N GLY I 30 30.04 0.07 -29.62
CA GLY I 30 30.99 -1.00 -29.46
C GLY I 30 30.82 -1.83 -28.20
N MET I 31 29.79 -1.55 -27.40
CA MET I 31 29.56 -2.27 -26.15
C MET I 31 28.17 -2.86 -26.02
N ASP I 32 27.18 -2.35 -26.73
CA ASP I 32 25.82 -2.88 -26.66
C ASP I 32 25.51 -3.78 -27.84
N LEU I 33 24.54 -4.67 -27.63
CA LEU I 33 24.18 -5.70 -28.58
C LEU I 33 22.77 -5.47 -29.08
N ARG I 34 22.60 -5.52 -30.40
CA ARG I 34 21.29 -5.42 -31.02
C ARG I 34 20.96 -6.75 -31.69
N SER I 35 19.66 -7.05 -31.78
CA SER I 35 19.26 -8.34 -32.32
C SER I 35 17.84 -8.26 -32.86
N LYS I 36 17.55 -9.16 -33.80
CA LYS I 36 16.19 -9.34 -34.30
C LYS I 36 16.07 -10.68 -35.00
N ALA I 37 14.84 -11.19 -35.07
CA ALA I 37 14.56 -12.57 -35.41
C ALA I 37 13.95 -12.70 -36.80
N ARG I 38 14.05 -13.90 -37.35
CA ARG I 38 13.42 -14.24 -38.62
C ARG I 38 13.04 -15.72 -38.62
N THR I 39 12.40 -16.14 -39.71
CA THR I 39 11.96 -17.52 -39.90
C THR I 39 12.63 -18.07 -41.14
N LEU I 40 13.14 -19.29 -41.03
CA LEU I 40 13.82 -20.00 -42.10
C LEU I 40 13.08 -21.29 -42.44
N PRO I 41 13.13 -21.73 -43.70
CA PRO I 41 12.31 -22.88 -44.11
C PRO I 41 12.61 -24.17 -43.35
N GLY I 42 13.84 -24.37 -42.90
CA GLY I 42 14.20 -25.58 -42.20
C GLY I 42 15.45 -25.42 -41.37
N PRO I 43 15.88 -26.51 -40.74
CA PRO I 43 17.08 -26.43 -39.89
C PRO I 43 18.34 -26.12 -40.69
N VAL I 44 19.27 -25.46 -40.03
CA VAL I 44 20.54 -25.07 -40.63
C VAL I 44 21.60 -25.04 -39.53
N SER I 45 22.79 -25.54 -39.84
CA SER I 45 23.87 -25.58 -38.86
C SER I 45 25.19 -25.02 -39.37
N ASP I 46 25.38 -24.85 -40.67
CA ASP I 46 26.59 -24.23 -41.20
C ASP I 46 26.37 -22.74 -41.39
N PRO I 47 27.21 -21.88 -40.81
CA PRO I 47 27.02 -20.44 -40.98
C PRO I 47 27.18 -19.95 -42.41
N SER I 48 27.82 -20.74 -43.28
CA SER I 48 28.06 -20.29 -44.65
C SER I 48 26.76 -20.18 -45.46
N LYS I 49 25.80 -21.05 -45.19
CA LYS I 49 24.58 -21.15 -46.00
C LYS I 49 23.37 -20.51 -45.32
N LEU I 50 23.59 -19.40 -44.61
CA LEU I 50 22.57 -18.56 -44.02
C LEU I 50 22.49 -17.22 -44.76
N PRO I 51 21.30 -16.71 -45.02
CA PRO I 51 21.18 -15.43 -45.72
C PRO I 51 21.64 -14.26 -44.87
N LYS I 52 22.12 -13.21 -45.54
CA LYS I 52 22.52 -11.99 -44.87
C LYS I 52 21.33 -11.07 -44.67
N TRP I 53 21.50 -10.08 -43.80
CA TRP I 53 20.57 -8.96 -43.69
C TRP I 53 21.22 -7.61 -43.81
N ASN I 54 20.35 -6.61 -43.68
CA ASN I 54 20.70 -5.20 -43.61
C ASN I 54 19.81 -4.56 -42.56
N TYR I 55 20.25 -3.40 -42.08
CA TYR I 55 19.46 -2.67 -41.09
C TYR I 55 19.79 -1.19 -41.20
N ASP I 56 18.96 -0.38 -40.54
CA ASP I 56 19.11 1.07 -40.56
C ASP I 56 20.24 1.46 -39.62
N GLY I 57 21.37 1.89 -40.19
CA GLY I 57 22.49 2.31 -39.37
C GLY I 57 22.27 3.62 -38.66
N SER I 58 21.35 4.44 -39.15
CA SER I 58 21.07 5.72 -38.50
C SER I 58 20.47 5.51 -37.12
N SER I 59 19.59 4.53 -36.97
CA SER I 59 18.99 4.24 -35.68
C SER I 59 19.97 3.65 -34.68
N THR I 60 21.16 3.24 -35.13
CA THR I 60 22.18 2.68 -34.26
C THR I 60 23.41 3.57 -34.13
N GLY I 61 23.76 4.33 -35.16
CA GLY I 61 24.92 5.20 -35.11
C GLY I 61 26.12 4.64 -35.84
N GLN I 62 25.87 4.05 -37.02
CA GLN I 62 26.94 3.41 -37.78
C GLN I 62 26.85 3.68 -39.27
N ALA I 63 26.15 4.74 -39.69
CA ALA I 63 26.00 5.02 -41.12
C ALA I 63 25.53 6.45 -41.29
N PRO I 64 25.80 7.08 -42.43
CA PRO I 64 25.29 8.43 -42.68
C PRO I 64 23.79 8.43 -42.92
N GLY I 65 23.24 9.64 -43.03
CA GLY I 65 21.81 9.78 -43.22
C GLY I 65 21.31 9.29 -44.56
N GLU I 66 22.05 9.57 -45.63
CA GLU I 66 21.55 9.28 -46.97
C GLU I 66 21.50 7.78 -47.26
N ASP I 67 22.57 7.06 -46.94
CA ASP I 67 22.65 5.61 -47.16
C ASP I 67 22.93 4.97 -45.81
N SER I 68 21.86 4.65 -45.08
CA SER I 68 21.97 4.12 -43.74
C SER I 68 21.92 2.60 -43.69
N GLU I 69 21.95 1.93 -44.84
CA GLU I 69 21.87 0.48 -44.87
C GLU I 69 23.21 -0.12 -44.44
N VAL I 70 23.18 -0.97 -43.42
CA VAL I 70 24.34 -1.67 -42.92
C VAL I 70 24.08 -3.17 -43.07
N ILE I 71 25.02 -3.87 -43.70
CA ILE I 71 24.84 -5.28 -44.02
C ILE I 71 25.45 -6.12 -42.90
N ILE I 72 24.73 -7.15 -42.46
CA ILE I 72 25.17 -8.06 -41.42
C ILE I 72 25.24 -9.47 -41.99
N TYR I 73 26.39 -10.12 -41.78
CA TYR I 73 26.77 -11.43 -42.27
C TYR I 73 26.71 -12.44 -41.13
N PRO I 74 25.99 -13.54 -41.27
CA PRO I 74 26.05 -14.60 -40.25
C PRO I 74 27.46 -15.15 -40.10
N GLN I 75 27.89 -15.33 -38.84
CA GLN I 75 29.23 -15.84 -38.59
C GLN I 75 29.28 -17.03 -37.64
N ALA I 76 28.43 -17.06 -36.61
CA ALA I 76 28.46 -18.16 -35.64
C ALA I 76 27.04 -18.59 -35.32
N ILE I 77 26.88 -19.87 -35.01
CA ILE I 77 25.58 -20.47 -34.73
C ILE I 77 25.61 -21.13 -33.36
N PHE I 78 24.62 -20.82 -32.54
CA PHE I 78 24.43 -21.47 -31.24
C PHE I 78 22.98 -21.89 -31.10
N ARG I 79 22.72 -22.80 -30.16
CA ARG I 79 21.34 -23.17 -29.87
C ARG I 79 20.64 -22.08 -29.05
N ASP I 80 19.33 -21.99 -29.21
CA ASP I 80 18.55 -20.94 -28.57
C ASP I 80 18.06 -21.43 -27.21
N PRO I 81 18.50 -20.84 -26.10
CA PRO I 81 18.06 -21.31 -24.79
C PRO I 81 16.74 -20.72 -24.32
N PHE I 82 16.17 -19.79 -25.09
CA PHE I 82 14.89 -19.18 -24.76
C PHE I 82 13.75 -19.72 -25.59
N ARG I 83 14.02 -20.14 -26.83
CA ARG I 83 12.99 -20.71 -27.68
C ARG I 83 13.06 -22.22 -27.79
N ARG I 84 14.23 -22.82 -27.56
CA ARG I 84 14.43 -24.27 -27.56
C ARG I 84 14.11 -24.79 -28.97
N GLY I 85 13.72 -26.06 -29.07
CA GLY I 85 13.41 -26.64 -30.36
C GLY I 85 14.62 -26.62 -31.27
N ASN I 86 14.39 -26.29 -32.54
CA ASN I 86 15.45 -26.18 -33.53
C ASN I 86 15.85 -24.73 -33.80
N ASN I 87 15.38 -23.79 -32.98
CA ASN I 87 15.73 -22.39 -33.15
C ASN I 87 17.18 -22.15 -32.73
N ILE I 88 17.77 -21.10 -33.32
CA ILE I 88 19.19 -20.83 -33.15
C ILE I 88 19.41 -19.35 -32.88
N LEU I 89 20.60 -19.05 -32.37
CA LEU I 89 21.11 -17.68 -32.26
C LEU I 89 22.28 -17.54 -33.23
N VAL I 90 22.26 -16.46 -34.01
CA VAL I 90 23.28 -16.21 -35.02
C VAL I 90 24.09 -14.99 -34.58
N ILE I 91 25.37 -15.21 -34.30
CA ILE I 91 26.31 -14.13 -34.01
C ILE I 91 26.81 -13.61 -35.36
N CYS I 92 26.43 -12.37 -35.69
CA CYS I 92 26.65 -11.77 -37.00
C CYS I 92 27.75 -10.73 -36.93
N ASP I 93 28.15 -10.26 -38.12
CA ASP I 93 29.17 -9.23 -38.27
C ASP I 93 28.71 -8.19 -39.26
N THR I 94 29.04 -6.92 -38.99
CA THR I 94 28.51 -5.79 -39.73
C THR I 94 29.48 -5.35 -40.83
N TYR I 95 28.91 -5.01 -41.98
CA TYR I 95 29.70 -4.54 -43.12
C TYR I 95 29.05 -3.34 -43.79
N THR I 96 29.54 -2.95 -44.96
CA THR I 96 29.05 -1.89 -45.82
C THR I 96 28.53 -2.47 -47.12
N PRO I 97 27.46 -1.92 -47.71
CA PRO I 97 26.96 -2.46 -48.98
C PRO I 97 28.02 -2.52 -50.07
N ALA I 98 29.02 -1.63 -50.02
CA ALA I 98 30.16 -1.76 -50.92
C ALA I 98 30.92 -3.07 -50.65
N GLY I 99 31.12 -3.40 -49.38
CA GLY I 99 31.77 -4.65 -49.03
C GLY I 99 32.82 -4.53 -47.94
N GLU I 100 32.97 -3.33 -47.37
CA GLU I 100 34.01 -3.13 -46.37
C GLU I 100 33.42 -3.14 -44.96
N PRO I 101 34.18 -3.57 -43.96
CA PRO I 101 33.69 -3.48 -42.58
C PRO I 101 33.59 -2.03 -42.14
N ILE I 102 32.59 -1.77 -41.30
CA ILE I 102 32.40 -0.43 -40.73
C ILE I 102 33.42 -0.26 -39.61
N PRO I 103 33.76 0.97 -39.21
CA PRO I 103 34.79 1.15 -38.17
C PRO I 103 34.47 0.45 -36.86
N THR I 104 33.19 0.23 -36.57
CA THR I 104 32.83 -0.49 -35.34
C THR I 104 33.12 -1.98 -35.46
N ASN I 105 33.12 -2.50 -36.69
CA ASN I 105 33.39 -3.92 -36.91
C ASN I 105 34.83 -4.25 -36.53
N LYS I 106 35.01 -5.23 -35.64
CA LYS I 106 36.33 -5.66 -35.20
C LYS I 106 36.62 -7.13 -35.48
N ARG I 107 35.62 -7.91 -35.88
CA ARG I 107 35.85 -9.32 -36.17
C ARG I 107 36.57 -9.54 -37.49
N HIS I 108 36.52 -8.57 -38.41
CA HIS I 108 37.25 -8.70 -39.67
C HIS I 108 38.75 -8.76 -39.43
N ASP I 109 39.27 -7.82 -38.63
CA ASP I 109 40.70 -7.82 -38.30
C ASP I 109 41.09 -9.10 -37.57
N ALA I 110 40.27 -9.52 -36.60
CA ALA I 110 40.59 -10.71 -35.83
C ALA I 110 40.64 -11.94 -36.73
N ALA I 111 39.66 -12.07 -37.62
CA ALA I 111 39.65 -13.20 -38.55
C ALA I 111 40.86 -13.15 -39.47
N LYS I 112 41.25 -11.94 -39.90
CA LYS I 112 42.43 -11.81 -40.75
C LYS I 112 43.69 -12.27 -40.01
N VAL I 113 43.82 -11.93 -38.73
CA VAL I 113 45.00 -12.31 -37.97
C VAL I 113 45.00 -13.81 -37.71
N PHE I 114 43.86 -14.36 -37.31
CA PHE I 114 43.79 -15.78 -36.97
C PHE I 114 43.81 -16.69 -38.19
N SER I 115 43.64 -16.15 -39.39
CA SER I 115 43.66 -16.95 -40.60
C SER I 115 45.06 -17.17 -41.16
N HIS I 116 46.08 -16.57 -40.55
CA HIS I 116 47.44 -16.75 -41.03
C HIS I 116 47.89 -18.20 -40.82
N PRO I 117 48.75 -18.71 -41.71
CA PRO I 117 49.24 -20.08 -41.53
C PRO I 117 49.99 -20.29 -40.24
N ASP I 118 50.71 -19.28 -39.76
CA ASP I 118 51.49 -19.44 -38.53
C ASP I 118 50.59 -19.63 -37.32
N VAL I 119 49.58 -18.76 -37.16
CA VAL I 119 48.69 -18.87 -36.01
C VAL I 119 47.84 -20.12 -36.10
N VAL I 120 47.43 -20.50 -37.32
CA VAL I 120 46.65 -21.73 -37.49
C VAL I 120 47.48 -22.94 -37.10
N ALA I 121 48.74 -23.00 -37.56
CA ALA I 121 49.60 -24.12 -37.21
C ALA I 121 49.89 -24.17 -35.71
N GLU I 122 50.14 -23.01 -35.10
CA GLU I 122 50.44 -22.94 -33.67
C GLU I 122 49.14 -22.67 -32.94
N GLU I 123 48.49 -23.74 -32.49
CA GLU I 123 47.17 -23.64 -31.86
C GLU I 123 47.23 -22.74 -30.63
N THR I 124 46.49 -21.64 -30.67
CA THR I 124 46.39 -20.71 -29.56
C THR I 124 45.01 -20.83 -28.93
N TRP I 125 44.97 -20.97 -27.61
CA TRP I 125 43.72 -21.12 -26.88
C TRP I 125 43.58 -19.99 -25.87
N TYR I 126 42.36 -19.45 -25.80
CA TYR I 126 42.04 -18.31 -24.95
C TYR I 126 40.93 -18.67 -23.98
N GLY I 127 41.05 -18.16 -22.75
CA GLY I 127 40.01 -18.29 -21.76
C GLY I 127 39.70 -16.95 -21.13
N ILE I 128 38.44 -16.52 -21.15
CA ILE I 128 38.11 -15.15 -20.78
C ILE I 128 37.23 -15.16 -19.55
N GLU I 129 37.69 -14.50 -18.48
CA GLU I 129 36.91 -14.33 -17.26
C GLU I 129 36.27 -12.96 -17.29
N GLN I 130 34.93 -12.92 -17.16
CA GLN I 130 34.14 -11.71 -17.28
C GLN I 130 33.34 -11.48 -16.01
N GLU I 131 33.47 -10.30 -15.41
CA GLU I 131 32.73 -9.94 -14.22
C GLU I 131 31.60 -8.97 -14.57
N TYR I 132 30.47 -9.13 -13.90
CA TYR I 132 29.33 -8.26 -14.09
C TYR I 132 28.73 -7.87 -12.74
N THR I 133 27.96 -6.79 -12.76
CA THR I 133 27.25 -6.30 -11.59
C THR I 133 25.76 -6.25 -11.88
N LEU I 134 24.96 -6.71 -10.92
CA LEU I 134 23.51 -6.69 -11.03
C LEU I 134 22.97 -5.49 -10.26
N LEU I 135 22.34 -4.56 -10.96
CA LEU I 135 21.80 -3.35 -10.38
C LEU I 135 20.27 -3.37 -10.45
N GLN I 136 19.65 -2.66 -9.52
CA GLN I 136 18.21 -2.47 -9.53
C GLN I 136 17.81 -1.67 -10.78
N LYS I 137 16.56 -1.81 -11.20
CA LYS I 137 16.20 -1.38 -12.55
C LYS I 137 16.18 0.14 -12.72
N ASP I 138 15.28 0.84 -12.01
CA ASP I 138 15.12 2.27 -12.25
C ASP I 138 16.27 3.06 -11.66
N ILE I 139 16.70 2.71 -10.46
CA ILE I 139 17.85 3.34 -9.80
C ILE I 139 19.09 2.69 -10.38
N GLN I 140 20.26 3.27 -10.14
CA GLN I 140 21.53 2.64 -10.50
C GLN I 140 22.20 2.02 -9.28
N TRP I 141 21.39 1.43 -8.40
CA TRP I 141 21.85 0.91 -7.12
C TRP I 141 21.93 -0.60 -7.16
N PRO I 142 23.06 -1.19 -6.78
CA PRO I 142 23.25 -2.63 -6.99
C PRO I 142 22.26 -3.48 -6.20
N LEU I 143 22.04 -4.69 -6.72
CA LEU I 143 21.05 -5.60 -6.17
C LEU I 143 21.41 -5.98 -4.73
N GLY I 144 20.42 -5.94 -3.86
CA GLY I 144 20.59 -6.29 -2.47
C GLY I 144 21.02 -5.15 -1.57
N TRP I 145 21.51 -4.06 -2.13
CA TRP I 145 21.77 -2.88 -1.31
C TRP I 145 20.45 -2.21 -0.95
N PRO I 146 20.34 -1.63 0.24
CA PRO I 146 19.13 -0.89 0.59
C PRO I 146 19.04 0.41 -0.21
N VAL I 147 17.81 0.88 -0.40
CA VAL I 147 17.58 2.08 -1.19
C VAL I 147 18.12 3.28 -0.44
N GLY I 148 19.06 3.99 -1.05
CA GLY I 148 19.72 5.09 -0.35
C GLY I 148 20.49 4.63 0.86
N GLY I 149 21.16 3.49 0.77
CA GLY I 149 21.92 2.97 1.89
C GLY I 149 22.91 1.93 1.43
N PHE I 150 23.99 1.81 2.16
CA PHE I 150 25.06 0.87 1.89
C PHE I 150 24.86 -0.42 2.66
N PRO I 151 25.38 -1.54 2.14
CA PRO I 151 25.33 -2.79 2.91
C PRO I 151 26.48 -2.87 3.89
N GLY I 152 26.63 -4.01 4.56
CA GLY I 152 27.69 -4.18 5.52
C GLY I 152 29.05 -4.18 4.87
N PRO I 153 30.10 -4.16 5.68
CA PRO I 153 31.46 -4.14 5.13
C PRO I 153 31.76 -5.42 4.37
N GLN I 154 32.70 -5.32 3.44
CA GLN I 154 33.07 -6.45 2.61
C GLN I 154 33.76 -7.53 3.43
N GLY I 155 33.80 -8.74 2.88
CA GLY I 155 34.41 -9.86 3.53
C GLY I 155 33.56 -11.12 3.55
N PRO I 156 32.26 -11.01 3.79
CA PRO I 156 31.38 -12.18 3.69
C PRO I 156 30.69 -12.37 2.35
N TYR I 157 30.93 -11.50 1.37
CA TYR I 157 30.24 -11.58 0.09
C TYR I 157 30.99 -12.39 -0.96
N TYR I 158 32.24 -12.77 -0.69
CA TYR I 158 33.03 -13.56 -1.63
C TYR I 158 32.66 -15.03 -1.46
N CYS I 159 31.83 -15.53 -2.38
CA CYS I 159 31.36 -16.92 -2.37
C CYS I 159 30.48 -17.24 -1.16
N GLY I 160 29.75 -16.25 -0.65
CA GLY I 160 28.85 -16.51 0.45
C GLY I 160 27.64 -17.31 0.03
N VAL I 161 27.02 -17.96 1.01
CA VAL I 161 25.99 -18.95 0.76
C VAL I 161 24.61 -18.50 1.24
N GLY I 162 24.54 -17.85 2.40
CA GLY I 162 23.27 -17.50 2.99
C GLY I 162 22.50 -16.48 2.18
N ALA I 163 21.29 -16.19 2.64
CA ALA I 163 20.46 -15.17 2.01
C ALA I 163 21.00 -13.76 2.23
N ASP I 164 21.97 -13.59 3.13
CA ASP I 164 22.56 -12.30 3.42
C ASP I 164 23.67 -11.92 2.45
N LYS I 165 24.17 -12.87 1.66
CA LYS I 165 25.40 -12.68 0.91
C LYS I 165 25.22 -12.92 -0.58
N ALA I 166 24.32 -13.82 -0.94
CA ALA I 166 24.10 -14.19 -2.35
C ALA I 166 22.92 -13.39 -2.88
N PHE I 167 23.20 -12.43 -3.74
CA PHE I 167 22.18 -11.54 -4.31
C PHE I 167 22.08 -11.81 -5.80
N GLY I 168 20.87 -12.11 -6.26
CA GLY I 168 20.64 -12.43 -7.66
C GLY I 168 21.25 -13.73 -8.12
N ARG I 169 21.23 -14.77 -7.28
CA ARG I 169 21.81 -16.05 -7.66
C ARG I 169 20.94 -16.83 -8.63
N ASP I 170 19.63 -16.57 -8.64
CA ASP I 170 18.76 -17.23 -9.60
C ASP I 170 19.15 -16.88 -11.03
N ILE I 171 19.43 -15.60 -11.27
CA ILE I 171 19.89 -15.17 -12.59
C ILE I 171 21.19 -15.86 -12.96
N VAL I 172 22.11 -16.00 -12.00
CA VAL I 172 23.40 -16.60 -12.29
C VAL I 172 23.26 -18.08 -12.63
N ASP I 173 22.46 -18.81 -11.85
CA ASP I 173 22.25 -20.23 -12.14
C ASP I 173 21.55 -20.42 -13.48
N ALA I 174 20.55 -19.59 -13.76
CA ALA I 174 19.87 -19.68 -15.04
C ALA I 174 20.82 -19.39 -16.20
N HIS I 175 21.69 -18.38 -16.04
CA HIS I 175 22.63 -18.04 -17.09
C HIS I 175 23.63 -19.15 -17.31
N TYR I 176 24.11 -19.76 -16.22
CA TYR I 176 25.06 -20.87 -16.36
C TYR I 176 24.43 -22.04 -17.09
N LYS I 177 23.21 -22.43 -16.70
CA LYS I 177 22.54 -23.54 -17.36
C LYS I 177 22.24 -23.22 -18.82
N ALA I 178 21.80 -22.01 -19.11
CA ALA I 178 21.45 -21.63 -20.47
C ALA I 178 22.67 -21.56 -21.38
N CYS I 179 23.79 -21.06 -20.86
CA CYS I 179 25.01 -21.02 -21.65
C CYS I 179 25.56 -22.41 -21.90
N LEU I 180 25.42 -23.31 -20.93
CA LEU I 180 25.80 -24.69 -21.19
C LEU I 180 24.90 -25.32 -22.24
N TYR I 181 23.60 -25.05 -22.18
CA TYR I 181 22.66 -25.61 -23.16
C TYR I 181 22.94 -25.12 -24.56
N ALA I 182 23.15 -23.81 -24.72
CA ALA I 182 23.29 -23.22 -26.04
C ALA I 182 24.53 -23.74 -26.76
N GLY I 183 25.65 -23.84 -26.06
CA GLY I 183 26.86 -24.34 -26.67
C GLY I 183 28.09 -23.51 -26.36
N ILE I 184 27.90 -22.43 -25.60
CA ILE I 184 29.03 -21.60 -25.18
C ILE I 184 29.92 -22.42 -24.25
N ASN I 185 31.22 -22.40 -24.53
CA ASN I 185 32.19 -23.20 -23.77
C ASN I 185 32.47 -22.53 -22.42
N ILE I 186 31.46 -22.57 -21.56
CA ILE I 186 31.57 -22.01 -20.22
C ILE I 186 32.31 -22.99 -19.33
N SER I 187 32.96 -22.47 -18.28
CA SER I 187 33.79 -23.32 -17.43
C SER I 187 33.66 -23.00 -15.95
N GLY I 188 32.62 -22.28 -15.54
CA GLY I 188 32.42 -22.04 -14.13
C GLY I 188 31.89 -20.67 -13.78
N ILE I 189 31.43 -20.51 -12.53
CA ILE I 189 30.91 -19.25 -12.03
C ILE I 189 31.35 -19.09 -10.58
N ASN I 190 31.27 -17.85 -10.09
CA ASN I 190 31.50 -17.56 -8.68
C ASN I 190 30.94 -16.18 -8.37
N GLY I 191 30.93 -15.84 -7.09
CA GLY I 191 30.53 -14.53 -6.63
C GLY I 191 31.76 -13.76 -6.14
N GLU I 192 31.83 -12.48 -6.48
CA GLU I 192 33.01 -11.69 -6.21
C GLU I 192 32.83 -10.90 -4.91
N VAL I 193 33.89 -10.16 -4.54
CA VAL I 193 33.96 -9.56 -3.21
C VAL I 193 32.87 -8.51 -3.02
N MET I 194 32.53 -7.79 -4.07
CA MET I 194 31.45 -6.82 -3.97
C MET I 194 30.10 -7.54 -3.92
N PRO I 195 29.19 -7.13 -3.06
CA PRO I 195 27.86 -7.73 -3.05
C PRO I 195 27.08 -7.36 -4.30
N GLY I 196 26.37 -8.35 -4.86
CA GLY I 196 25.67 -8.16 -6.10
C GLY I 196 26.52 -8.26 -7.34
N GLN I 197 27.80 -8.61 -7.21
CA GLN I 197 28.73 -8.71 -8.31
C GLN I 197 29.15 -10.16 -8.48
N TRP I 198 29.17 -10.64 -9.73
CA TRP I 198 29.46 -12.03 -10.04
C TRP I 198 30.46 -12.10 -11.18
N GLU I 199 30.84 -13.33 -11.55
CA GLU I 199 31.86 -13.56 -12.57
C GLU I 199 31.59 -14.90 -13.23
N PHE I 200 31.86 -14.99 -14.54
CA PHE I 200 31.80 -16.26 -15.25
C PHE I 200 33.00 -16.41 -16.17
N GLN I 201 33.46 -17.66 -16.32
CA GLN I 201 34.61 -17.99 -17.14
C GLN I 201 34.14 -18.65 -18.42
N VAL I 202 34.63 -18.17 -19.56
CA VAL I 202 34.51 -18.87 -20.84
C VAL I 202 35.81 -19.61 -21.06
N GLY I 203 35.73 -20.94 -21.16
CA GLY I 203 36.87 -21.79 -21.04
C GLY I 203 37.76 -21.81 -22.26
N PRO I 204 38.66 -22.79 -22.33
CA PRO I 204 39.59 -22.86 -23.46
C PRO I 204 38.86 -23.09 -24.78
N SER I 205 38.91 -22.08 -25.65
CA SER I 205 38.31 -22.15 -26.98
C SER I 205 39.29 -21.52 -27.96
N VAL I 206 39.40 -22.12 -29.14
CA VAL I 206 40.49 -21.82 -30.07
C VAL I 206 40.08 -20.69 -31.01
N GLY I 207 40.93 -19.70 -31.12
CA GLY I 207 40.87 -18.67 -32.14
C GLY I 207 39.64 -17.79 -32.05
N ILE I 208 39.18 -17.37 -33.24
CA ILE I 208 38.09 -16.40 -33.34
C ILE I 208 36.84 -16.91 -32.66
N SER I 209 36.69 -18.24 -32.57
CA SER I 209 35.53 -18.83 -31.89
C SER I 209 35.35 -18.23 -30.51
N ALA I 210 36.45 -18.04 -29.78
CA ALA I 210 36.36 -17.43 -28.45
C ALA I 210 35.64 -16.10 -28.52
N GLY I 211 36.12 -15.21 -29.39
CA GLY I 211 35.51 -13.90 -29.50
C GLY I 211 34.04 -13.97 -29.85
N ASP I 212 33.64 -15.04 -30.54
CA ASP I 212 32.21 -15.25 -30.80
C ASP I 212 31.48 -15.54 -29.49
N GLU I 213 31.85 -16.62 -28.82
CA GLU I 213 30.96 -17.16 -27.79
C GLU I 213 30.88 -16.24 -26.58
N VAL I 214 31.97 -15.54 -26.25
CA VAL I 214 31.89 -14.55 -25.18
C VAL I 214 30.81 -13.52 -25.50
N TRP I 215 30.83 -12.98 -26.71
CA TRP I 215 29.80 -12.03 -27.10
C TRP I 215 28.43 -12.68 -27.08
N ALA I 216 28.37 -14.00 -27.32
CA ALA I 216 27.10 -14.70 -27.17
C ALA I 216 26.65 -14.71 -25.72
N ALA I 217 27.55 -15.10 -24.81
CA ALA I 217 27.16 -15.25 -23.41
C ALA I 217 26.60 -13.94 -22.87
N ARG I 218 27.31 -12.83 -23.10
CA ARG I 218 26.84 -11.53 -22.68
C ARG I 218 25.42 -11.30 -23.16
N TYR I 219 25.17 -11.52 -24.45
CA TYR I 219 23.83 -11.33 -24.98
C TYR I 219 22.82 -12.12 -24.16
N ILE I 220 23.08 -13.43 -23.99
CA ILE I 220 22.17 -14.27 -23.25
C ILE I 220 21.95 -13.68 -21.86
N LEU I 221 23.04 -13.33 -21.18
CA LEU I 221 22.92 -12.79 -19.83
C LEU I 221 22.00 -11.58 -19.82
N GLU I 222 22.23 -10.63 -20.72
CA GLU I 222 21.40 -9.43 -20.71
C GLU I 222 19.95 -9.79 -20.96
N ARG I 223 19.71 -10.69 -21.91
CA ARG I 223 18.33 -11.06 -22.19
C ARG I 223 17.70 -11.73 -20.98
N ILE I 224 18.48 -12.53 -20.26
CA ILE I 224 17.95 -13.17 -19.05
C ILE I 224 17.52 -12.11 -18.05
N THR I 225 18.30 -11.03 -17.92
CA THR I 225 17.92 -9.99 -16.98
C THR I 225 16.60 -9.34 -17.36
N GLU I 226 16.27 -9.30 -18.66
CA GLU I 226 14.99 -8.76 -19.07
C GLU I 226 13.84 -9.51 -18.42
N ILE I 227 14.00 -10.82 -18.21
CA ILE I 227 12.95 -11.59 -17.57
C ILE I 227 12.82 -11.20 -16.10
N ALA I 228 13.94 -10.90 -15.45
CA ALA I 228 13.95 -10.65 -14.02
C ALA I 228 13.83 -9.18 -13.64
N GLY I 229 13.81 -8.27 -14.62
CA GLY I 229 13.70 -6.86 -14.31
C GLY I 229 14.91 -6.29 -13.57
N VAL I 230 16.11 -6.65 -14.00
CA VAL I 230 17.35 -6.23 -13.37
C VAL I 230 18.25 -5.69 -14.47
N VAL I 231 19.07 -4.69 -14.13
CA VAL I 231 20.05 -4.18 -15.06
C VAL I 231 21.38 -4.89 -14.81
N VAL I 232 22.11 -5.19 -15.88
CA VAL I 232 23.44 -5.78 -15.77
C VAL I 232 24.45 -4.77 -16.31
N SER I 233 25.55 -4.59 -15.58
CA SER I 233 26.58 -3.66 -15.99
C SER I 233 27.92 -4.36 -16.03
N PHE I 234 28.59 -4.27 -17.17
CA PHE I 234 29.97 -4.70 -17.31
C PHE I 234 30.95 -3.55 -17.11
N ASP I 235 30.45 -2.38 -16.71
CA ASP I 235 31.33 -1.24 -16.49
C ASP I 235 32.27 -1.51 -15.34
N PRO I 236 33.56 -1.13 -15.46
CA PRO I 236 34.52 -1.48 -14.40
C PRO I 236 34.17 -0.94 -13.03
N LYS I 237 33.61 0.28 -12.94
CA LYS I 237 33.34 0.92 -11.66
C LYS I 237 31.91 1.45 -11.63
N PRO I 238 30.94 0.60 -11.29
CA PRO I 238 29.56 1.08 -11.14
C PRO I 238 29.36 1.82 -9.83
N ILE I 239 30.14 1.48 -8.81
CA ILE I 239 30.06 2.10 -7.49
C ILE I 239 31.46 2.49 -7.06
N GLN I 240 31.60 3.71 -6.55
CA GLN I 240 32.87 4.21 -6.06
C GLN I 240 32.90 4.18 -4.53
N GLY I 241 34.11 4.32 -3.99
CA GLY I 241 34.34 4.23 -2.55
C GLY I 241 35.29 3.09 -2.22
N ASP I 242 34.94 2.33 -1.19
CA ASP I 242 35.73 1.18 -0.77
C ASP I 242 35.20 -0.12 -1.36
N TRP I 243 34.57 -0.05 -2.53
CA TRP I 243 34.01 -1.20 -3.21
C TRP I 243 34.80 -1.48 -4.48
N ASN I 244 35.15 -2.74 -4.69
CA ASN I 244 36.06 -3.10 -5.74
C ASN I 244 35.38 -3.04 -7.12
N GLY I 245 36.21 -3.00 -8.16
CA GLY I 245 35.71 -2.90 -9.52
C GLY I 245 35.58 -4.23 -10.22
N ALA I 246 35.01 -4.18 -11.42
CA ALA I 246 34.79 -5.36 -12.24
C ALA I 246 35.77 -5.36 -13.41
N GLY I 247 36.39 -6.52 -13.67
CA GLY I 247 37.38 -6.63 -14.72
C GLY I 247 37.25 -7.93 -15.47
N ALA I 248 38.07 -8.06 -16.51
CA ALA I 248 38.09 -9.24 -17.35
C ALA I 248 39.53 -9.70 -17.54
N HIS I 249 39.75 -11.00 -17.41
CA HIS I 249 41.08 -11.58 -17.49
C HIS I 249 41.17 -12.52 -18.69
N THR I 250 42.37 -12.62 -19.27
CA THR I 250 42.60 -13.44 -20.45
C THR I 250 43.69 -14.46 -20.19
N ASN I 251 43.37 -15.73 -20.32
CA ASN I 251 44.32 -16.82 -20.21
C ASN I 251 44.74 -17.22 -21.62
N TYR I 252 46.03 -17.13 -21.91
CA TYR I 252 46.57 -17.41 -23.23
C TYR I 252 47.48 -18.64 -23.16
N SER I 253 47.34 -19.54 -24.12
CA SER I 253 48.21 -20.71 -24.20
C SER I 253 48.33 -21.16 -25.64
N THR I 254 49.50 -20.95 -26.24
CA THR I 254 49.77 -21.45 -27.58
C THR I 254 50.30 -22.88 -27.50
N LYS I 255 50.54 -23.48 -28.66
CA LYS I 255 50.98 -24.88 -28.69
C LYS I 255 52.38 -25.04 -28.11
N SER I 256 53.29 -24.11 -28.44
CA SER I 256 54.67 -24.24 -27.96
C SER I 256 54.73 -24.12 -26.43
N MET I 257 53.94 -23.24 -25.84
CA MET I 257 53.89 -23.14 -24.38
C MET I 257 53.33 -24.40 -23.74
N ARG I 258 52.53 -25.18 -24.46
CA ARG I 258 51.94 -26.40 -23.93
C ARG I 258 52.90 -27.58 -23.97
N ASN I 259 54.09 -27.43 -24.56
CA ASN I 259 55.03 -28.51 -24.71
C ASN I 259 56.28 -28.26 -23.87
N ASP I 260 57.16 -29.27 -23.83
CA ASP I 260 58.34 -29.21 -23.00
C ASP I 260 59.25 -28.05 -23.41
N GLY I 261 59.77 -27.35 -22.41
CA GLY I 261 60.54 -26.15 -22.67
C GLY I 261 59.70 -24.92 -22.91
N GLY I 262 58.42 -24.96 -22.56
CA GLY I 262 57.52 -23.85 -22.81
C GLY I 262 57.68 -22.66 -21.90
N TYR I 263 58.43 -22.79 -20.81
CA TYR I 263 58.64 -21.65 -19.92
C TYR I 263 59.46 -20.57 -20.59
N GLU I 264 60.45 -20.96 -21.39
CA GLU I 264 61.21 -19.98 -22.16
C GLU I 264 60.32 -19.28 -23.18
N VAL I 265 59.39 -20.03 -23.79
CA VAL I 265 58.43 -19.42 -24.71
C VAL I 265 57.56 -18.42 -23.98
N ILE I 266 57.11 -18.76 -22.77
CA ILE I 266 56.29 -17.85 -21.99
C ILE I 266 57.08 -16.59 -21.64
N LYS I 267 58.35 -16.76 -21.24
CA LYS I 267 59.17 -15.60 -20.90
C LYS I 267 59.39 -14.70 -22.11
N THR I 268 59.66 -15.29 -23.28
CA THR I 268 59.83 -14.50 -24.49
C THR I 268 58.55 -13.77 -24.86
N ALA I 269 57.41 -14.45 -24.74
CA ALA I 269 56.14 -13.81 -25.08
C ALA I 269 55.84 -12.66 -24.13
N ILE I 270 56.12 -12.82 -22.83
CA ILE I 270 55.90 -11.74 -21.89
C ILE I 270 56.86 -10.59 -22.17
N GLU I 271 58.09 -10.89 -22.58
CA GLU I 271 59.03 -9.84 -22.94
C GLU I 271 58.54 -9.06 -24.15
N LYS I 272 58.01 -9.76 -25.15
CA LYS I 272 57.44 -9.08 -26.32
C LYS I 272 56.22 -8.25 -25.95
N LEU I 273 55.37 -8.78 -25.05
CA LEU I 273 54.20 -8.03 -24.61
C LEU I 273 54.59 -6.78 -23.83
N GLY I 274 55.68 -6.84 -23.07
CA GLY I 274 56.19 -5.66 -22.42
C GLY I 274 56.73 -4.66 -23.42
N LYS I 275 56.93 -3.43 -22.94
CA LYS I 275 57.34 -2.28 -23.73
C LYS I 275 56.28 -1.89 -24.77
N ARG I 276 55.10 -2.49 -24.71
CA ARG I 276 53.94 -2.08 -25.49
C ARG I 276 52.76 -1.79 -24.56
N HIS I 277 53.07 -1.34 -23.34
CA HIS I 277 52.04 -1.16 -22.32
C HIS I 277 51.04 -0.09 -22.73
N LYS I 278 51.51 1.03 -23.29
CA LYS I 278 50.62 2.15 -23.59
C LYS I 278 49.57 1.77 -24.61
N GLU I 279 49.97 1.12 -25.70
CA GLU I 279 49.03 0.78 -26.76
C GLU I 279 48.00 -0.24 -26.27
N HIS I 280 48.45 -1.28 -25.58
CA HIS I 280 47.53 -2.28 -25.05
C HIS I 280 46.55 -1.66 -24.06
N ILE I 281 47.05 -0.79 -23.17
CA ILE I 281 46.18 -0.15 -22.19
C ILE I 281 45.16 0.73 -22.86
N ALA I 282 45.58 1.52 -23.85
CA ALA I 282 44.64 2.37 -24.56
C ALA I 282 43.65 1.57 -25.39
N ALA I 283 44.02 0.35 -25.78
CA ALA I 283 43.12 -0.51 -26.55
C ALA I 283 42.34 -1.49 -25.69
N TYR I 284 42.62 -1.59 -24.40
CA TYR I 284 41.86 -2.44 -23.50
C TYR I 284 40.58 -1.78 -23.00
N GLY I 285 40.36 -0.52 -23.34
CA GLY I 285 39.20 0.23 -22.91
C GLY I 285 39.58 1.67 -22.60
N GLU I 286 38.57 2.53 -22.51
CA GLU I 286 38.74 3.92 -22.14
C GLU I 286 38.11 4.15 -20.79
N GLY I 287 38.87 4.72 -19.86
CA GLY I 287 38.40 4.91 -18.51
C GLY I 287 38.69 3.75 -17.58
N ASN I 288 39.77 3.01 -17.81
CA ASN I 288 40.16 1.92 -16.92
C ASN I 288 40.98 2.40 -15.72
N GLU I 289 41.33 3.68 -15.67
CA GLU I 289 42.09 4.19 -14.53
C GLU I 289 41.28 4.09 -13.24
N ARG I 290 39.96 4.26 -13.32
CA ARG I 290 39.13 4.21 -12.13
C ARG I 290 39.20 2.85 -11.44
N ARG I 291 39.15 1.76 -12.23
CA ARG I 291 39.25 0.44 -11.65
C ARG I 291 40.68 0.13 -11.20
N LEU I 292 41.67 0.45 -12.03
CA LEU I 292 43.07 0.11 -11.75
C LEU I 292 43.77 1.34 -11.19
N THR I 293 43.98 1.34 -9.88
CA THR I 293 44.67 2.43 -9.20
C THR I 293 45.95 1.99 -8.50
N GLY I 294 45.92 0.87 -7.78
CA GLY I 294 47.09 0.41 -7.06
C GLY I 294 46.82 0.13 -5.60
N ARG I 295 45.55 0.15 -5.22
CA ARG I 295 45.16 -0.15 -3.84
C ARG I 295 45.57 -1.56 -3.46
N HIS I 296 46.09 -1.71 -2.23
CA HIS I 296 46.42 -3.02 -1.67
C HIS I 296 47.31 -3.84 -2.60
N GLU I 297 48.22 -3.14 -3.30
CA GLU I 297 49.16 -3.76 -4.23
C GLU I 297 48.42 -4.48 -5.38
N THR I 298 47.66 -3.70 -6.14
CA THR I 298 47.04 -4.17 -7.37
C THR I 298 47.69 -3.48 -8.56
N ALA I 299 47.21 -3.83 -9.75
CA ALA I 299 47.83 -3.36 -10.99
C ALA I 299 47.69 -1.86 -11.14
N ASP I 300 48.71 -1.23 -11.71
CA ASP I 300 48.73 0.20 -11.98
C ASP I 300 48.80 0.44 -13.48
N ILE I 301 48.22 1.55 -13.92
CA ILE I 301 48.14 1.83 -15.35
C ILE I 301 49.52 2.18 -15.91
N ASN I 302 50.30 2.96 -15.17
CA ASN I 302 51.56 3.49 -15.70
C ASN I 302 52.72 2.51 -15.62
N THR I 303 52.57 1.37 -14.95
CA THR I 303 53.67 0.45 -14.70
C THR I 303 53.33 -0.94 -15.23
N PHE I 304 54.33 -1.62 -15.76
CA PHE I 304 54.21 -2.99 -16.24
C PHE I 304 55.02 -3.91 -15.35
N LEU I 305 54.38 -4.93 -14.79
CA LEU I 305 55.03 -5.89 -13.91
C LEU I 305 54.49 -7.28 -14.18
N TRP I 306 55.33 -8.29 -13.94
CA TRP I 306 54.94 -9.68 -14.11
C TRP I 306 55.58 -10.52 -13.01
N GLY I 307 54.78 -11.38 -12.39
CA GLY I 307 55.26 -12.22 -11.31
C GLY I 307 54.62 -13.60 -11.30
N VAL I 308 54.79 -14.32 -10.19
CA VAL I 308 54.29 -15.68 -10.09
C VAL I 308 53.18 -15.77 -9.04
N ALA I 309 53.27 -14.93 -8.02
CA ALA I 309 52.27 -14.91 -6.95
C ALA I 309 51.78 -13.52 -6.60
N ASN I 310 52.43 -12.47 -7.08
CA ASN I 310 51.95 -11.10 -6.85
C ASN I 310 50.71 -10.86 -7.70
N ARG I 311 49.54 -10.88 -7.06
CA ARG I 311 48.30 -10.68 -7.78
C ARG I 311 48.19 -9.28 -8.38
N GLY I 312 48.97 -8.31 -7.87
CA GLY I 312 48.94 -6.97 -8.40
C GLY I 312 49.97 -6.75 -9.48
N ALA I 313 50.01 -7.64 -10.47
CA ALA I 313 50.93 -7.53 -11.59
C ALA I 313 50.16 -7.54 -12.90
N SER I 314 50.79 -6.98 -13.94
CA SER I 314 50.16 -6.96 -15.26
C SER I 314 49.97 -8.37 -15.80
N VAL I 315 50.98 -9.22 -15.65
CA VAL I 315 50.95 -10.60 -16.12
C VAL I 315 51.14 -11.51 -14.93
N ARG I 316 50.24 -12.47 -14.76
CA ARG I 316 50.28 -13.42 -13.66
C ARG I 316 50.50 -14.82 -14.20
N VAL I 317 51.43 -15.55 -13.59
CA VAL I 317 51.82 -16.89 -14.03
C VAL I 317 51.58 -17.86 -12.89
N GLY I 318 50.82 -18.92 -13.16
CA GLY I 318 50.46 -19.86 -12.12
C GLY I 318 51.61 -20.76 -11.72
N ARG I 319 51.52 -21.29 -10.50
CA ARG I 319 52.62 -22.04 -9.89
C ARG I 319 52.95 -23.32 -10.67
N ASP I 320 51.92 -24.08 -11.05
CA ASP I 320 52.16 -25.32 -11.76
C ASP I 320 52.86 -25.10 -13.08
N THR I 321 52.68 -23.91 -13.67
CA THR I 321 53.27 -23.63 -14.97
C THR I 321 54.79 -23.58 -14.90
N GLU I 322 55.35 -22.85 -13.94
CA GLU I 322 56.80 -22.89 -13.79
C GLU I 322 57.27 -24.16 -13.11
N LYS I 323 56.40 -24.83 -12.36
CA LYS I 323 56.78 -26.11 -11.77
C LYS I 323 57.07 -27.15 -12.84
N ALA I 324 56.21 -27.22 -13.86
CA ALA I 324 56.38 -28.19 -14.94
C ALA I 324 57.01 -27.59 -16.19
N GLY I 325 57.13 -26.27 -16.28
CA GLY I 325 57.68 -25.62 -17.45
C GLY I 325 56.72 -25.46 -18.60
N LYS I 326 55.46 -25.86 -18.45
CA LYS I 326 54.48 -25.82 -19.51
C LYS I 326 53.17 -25.25 -18.98
N GLY I 327 52.34 -24.73 -19.89
CA GLY I 327 51.03 -24.25 -19.50
C GLY I 327 50.59 -22.97 -20.18
N TYR I 328 49.87 -22.13 -19.44
CA TYR I 328 49.29 -20.89 -19.94
C TYR I 328 49.87 -19.71 -19.17
N PHE I 329 49.38 -18.52 -19.48
CA PHE I 329 49.64 -17.37 -18.62
C PHE I 329 48.47 -16.40 -18.71
N GLU I 330 48.28 -15.62 -17.65
CA GLU I 330 47.09 -14.81 -17.47
C GLU I 330 47.44 -13.33 -17.52
N ASP I 331 46.77 -12.59 -18.42
CA ASP I 331 46.83 -11.14 -18.48
C ASP I 331 45.64 -10.56 -17.76
N ARG I 332 45.89 -9.62 -16.85
CA ARG I 332 44.88 -9.06 -15.97
C ARG I 332 44.66 -7.57 -16.20
N ARG I 333 45.17 -7.02 -17.29
CA ARG I 333 45.00 -5.61 -17.64
C ARG I 333 43.64 -5.28 -18.26
N PRO I 334 43.08 -6.10 -19.16
CA PRO I 334 41.84 -5.69 -19.84
C PRO I 334 40.70 -5.41 -18.88
N ALA I 335 39.90 -4.40 -19.23
CA ALA I 335 38.77 -3.98 -18.42
C ALA I 335 37.54 -4.84 -18.73
N SER I 336 36.55 -4.75 -17.85
CA SER I 336 35.36 -5.57 -17.98
C SER I 336 34.47 -5.16 -19.14
N ASN I 337 34.67 -3.98 -19.71
CA ASN I 337 33.93 -3.54 -20.89
C ASN I 337 34.78 -3.62 -22.15
N MET I 338 35.61 -4.65 -22.25
CA MET I 338 36.54 -4.78 -23.37
C MET I 338 35.85 -5.39 -24.58
N ASP I 339 36.61 -5.55 -25.65
CA ASP I 339 36.18 -6.26 -26.85
C ASP I 339 37.04 -7.51 -27.01
N PRO I 340 36.50 -8.70 -26.83
CA PRO I 340 37.34 -9.91 -26.92
C PRO I 340 38.05 -10.07 -28.26
N TYR I 341 37.42 -9.63 -29.35
CA TYR I 341 38.09 -9.65 -30.65
C TYR I 341 39.40 -8.89 -30.57
N VAL I 342 39.36 -7.66 -30.08
CA VAL I 342 40.53 -6.78 -30.09
C VAL I 342 41.61 -7.35 -29.18
N VAL I 343 41.23 -7.81 -27.99
CA VAL I 343 42.21 -8.27 -27.01
C VAL I 343 42.89 -9.55 -27.51
N THR I 344 42.11 -10.51 -27.99
CA THR I 344 42.69 -11.74 -28.51
C THR I 344 43.56 -11.46 -29.72
N SER I 345 43.11 -10.57 -30.61
CA SER I 345 43.89 -10.21 -31.78
C SER I 345 45.23 -9.62 -31.39
N MET I 346 45.24 -8.67 -30.45
CA MET I 346 46.49 -8.05 -30.04
C MET I 346 47.42 -9.06 -29.37
N ILE I 347 46.88 -9.95 -28.52
CA ILE I 347 47.74 -10.92 -27.84
C ILE I 347 48.37 -11.86 -28.86
N ALA I 348 47.58 -12.37 -29.80
CA ALA I 348 48.12 -13.25 -30.83
C ALA I 348 49.13 -12.54 -31.70
N ASP I 349 48.86 -11.28 -32.06
CA ASP I 349 49.75 -10.54 -32.94
C ASP I 349 51.08 -10.25 -32.26
N THR I 350 51.04 -9.81 -31.00
CA THR I 350 52.27 -9.51 -30.28
C THR I 350 53.07 -10.78 -30.01
N THR I 351 52.40 -11.87 -29.65
CA THR I 351 53.12 -13.08 -29.26
C THR I 351 53.80 -13.74 -30.45
N ILE I 352 53.08 -13.89 -31.57
CA ILE I 352 53.53 -14.70 -32.68
C ILE I 352 53.90 -13.84 -33.89
N LEU I 353 52.93 -13.08 -34.42
CA LEU I 353 53.13 -12.42 -35.71
C LEU I 353 54.24 -11.38 -35.66
N TRP I 354 54.33 -10.63 -34.56
CA TRP I 354 55.33 -9.58 -34.46
C TRP I 354 56.73 -10.17 -34.32
N LYS I 355 57.71 -9.44 -34.85
CA LYS I 355 59.11 -9.85 -34.77
C LYS I 355 59.91 -8.88 -33.91
N LEU J 4 12.20 -17.19 -14.89
CA LEU J 4 13.57 -17.65 -14.77
C LEU J 4 13.65 -19.15 -14.55
N SER J 5 12.52 -19.75 -14.21
CA SER J 5 12.44 -21.20 -14.25
C SER J 5 12.45 -21.65 -15.70
N ASP J 6 12.42 -22.98 -15.90
CA ASP J 6 12.56 -23.60 -17.21
C ASP J 6 13.98 -23.40 -17.73
N LEU J 7 14.78 -22.65 -17.00
CA LEU J 7 16.19 -22.43 -17.30
C LEU J 7 17.09 -22.90 -16.18
N ILE J 8 16.72 -22.65 -14.92
CA ILE J 8 17.39 -23.29 -13.80
C ILE J 8 17.11 -24.79 -13.81
N ASN J 9 15.86 -25.16 -14.07
CA ASN J 9 15.44 -26.57 -14.11
C ASN J 9 15.44 -27.08 -15.54
N LEU J 10 16.60 -27.01 -16.18
CA LEU J 10 16.78 -27.47 -17.56
C LEU J 10 17.72 -28.67 -17.54
N ASN J 11 17.28 -29.77 -18.16
CA ASN J 11 18.04 -31.00 -18.15
C ASN J 11 19.13 -30.96 -19.21
N LEU J 12 20.39 -31.06 -18.76
CA LEU J 12 21.52 -31.04 -19.68
C LEU J 12 21.88 -32.41 -20.23
N SER J 13 21.38 -33.49 -19.64
CA SER J 13 21.72 -34.82 -20.11
C SER J 13 21.11 -35.13 -21.47
N ASP J 14 20.18 -34.30 -21.95
CA ASP J 14 19.59 -34.50 -23.27
C ASP J 14 20.42 -33.91 -24.39
N THR J 15 21.42 -33.08 -24.08
CA THR J 15 22.21 -32.41 -25.10
C THR J 15 23.72 -32.48 -24.90
N THR J 16 24.20 -32.86 -23.72
CA THR J 16 25.63 -32.82 -23.45
C THR J 16 25.96 -33.80 -22.32
N GLU J 17 27.26 -34.07 -22.19
CA GLU J 17 27.76 -34.97 -21.16
C GLU J 17 28.49 -34.26 -20.04
N LYS J 18 28.68 -32.94 -20.14
CA LYS J 18 29.41 -32.20 -19.12
C LYS J 18 28.59 -32.08 -17.84
N VAL J 19 29.28 -32.08 -16.70
CA VAL J 19 28.62 -32.00 -15.40
C VAL J 19 29.03 -30.71 -14.71
N ILE J 20 28.22 -30.30 -13.74
CA ILE J 20 28.48 -29.12 -12.93
C ILE J 20 28.80 -29.58 -11.52
N ALA J 21 29.92 -29.10 -10.98
CA ALA J 21 30.39 -29.49 -9.66
C ALA J 21 30.52 -28.27 -8.77
N GLU J 22 30.05 -28.40 -7.53
CA GLU J 22 30.13 -27.36 -6.53
C GLU J 22 31.28 -27.67 -5.58
N TYR J 23 32.33 -26.84 -5.61
CA TYR J 23 33.40 -26.94 -4.64
C TYR J 23 33.02 -26.10 -3.43
N ILE J 24 32.96 -26.74 -2.26
CA ILE J 24 32.49 -26.14 -1.02
C ILE J 24 33.57 -26.28 0.04
N TRP J 25 33.88 -25.19 0.74
CA TRP J 25 34.87 -25.18 1.79
C TRP J 25 34.38 -24.30 2.94
N ILE J 26 35.16 -24.26 4.01
CA ILE J 26 34.82 -23.52 5.22
C ILE J 26 35.60 -22.21 5.23
N GLY J 27 34.91 -21.12 5.54
CA GLY J 27 35.52 -19.81 5.54
C GLY J 27 36.43 -19.60 6.75
N GLY J 28 36.88 -18.35 6.88
CA GLY J 28 37.90 -18.05 7.89
C GLY J 28 37.40 -18.20 9.31
N SER J 29 36.14 -17.83 9.57
CA SER J 29 35.60 -17.87 10.92
C SER J 29 35.42 -19.29 11.44
N GLY J 30 35.48 -20.30 10.58
CA GLY J 30 35.26 -21.67 10.99
C GLY J 30 33.81 -22.06 11.14
N MET J 31 32.87 -21.16 10.82
CA MET J 31 31.45 -21.44 10.95
C MET J 31 30.66 -21.22 9.68
N ASP J 32 31.12 -20.40 8.76
CA ASP J 32 30.41 -20.15 7.50
C ASP J 32 31.01 -20.98 6.37
N LEU J 33 30.24 -21.08 5.29
CA LEU J 33 30.58 -21.92 4.16
C LEU J 33 30.72 -21.06 2.91
N ARG J 34 31.68 -21.41 2.06
CA ARG J 34 31.86 -20.76 0.78
C ARG J 34 31.85 -21.82 -0.32
N SER J 35 31.39 -21.44 -1.51
CA SER J 35 31.25 -22.42 -2.57
C SER J 35 31.30 -21.72 -3.92
N LYS J 36 31.71 -22.49 -4.93
CA LYS J 36 31.66 -22.03 -6.31
C LYS J 36 31.74 -23.22 -7.25
N ALA J 37 31.21 -23.03 -8.46
CA ALA J 37 30.91 -24.13 -9.37
C ALA J 37 31.88 -24.17 -10.56
N ARG J 38 31.95 -25.34 -11.18
CA ARG J 38 32.69 -25.52 -12.42
C ARG J 38 31.99 -26.55 -13.29
N THR J 39 32.56 -26.75 -14.47
CA THR J 39 32.10 -27.73 -15.43
C THR J 39 33.21 -28.75 -15.69
N LEU J 40 32.83 -30.02 -15.70
CA LEU J 40 33.74 -31.14 -15.91
C LEU J 40 33.31 -31.93 -17.15
N PRO J 41 34.27 -32.55 -17.85
CA PRO J 41 33.96 -33.18 -19.14
C PRO J 41 32.91 -34.28 -19.07
N GLY J 42 32.83 -35.01 -17.95
CA GLY J 42 31.88 -36.08 -17.83
C GLY J 42 31.62 -36.45 -16.38
N PRO J 43 30.78 -37.47 -16.18
CA PRO J 43 30.44 -37.87 -14.81
C PRO J 43 31.65 -38.40 -14.06
N VAL J 44 31.64 -38.19 -12.74
CA VAL J 44 32.71 -38.64 -11.86
C VAL J 44 32.09 -38.94 -10.49
N SER J 45 32.59 -40.00 -9.85
CA SER J 45 32.08 -40.41 -8.54
C SER J 45 33.15 -40.72 -7.51
N ASP J 46 34.41 -40.87 -7.93
CA ASP J 46 35.50 -41.09 -6.98
C ASP J 46 36.13 -39.75 -6.64
N PRO J 47 36.17 -39.35 -5.37
CA PRO J 47 36.79 -38.06 -5.01
C PRO J 47 38.27 -37.99 -5.33
N SER J 48 38.94 -39.12 -5.53
CA SER J 48 40.38 -39.11 -5.79
C SER J 48 40.71 -38.52 -7.14
N LYS J 49 39.85 -38.70 -8.14
CA LYS J 49 40.14 -38.26 -9.50
C LYS J 49 39.40 -36.98 -9.87
N LEU J 50 39.29 -36.06 -8.93
CA LEU J 50 38.75 -34.73 -9.16
C LEU J 50 39.86 -33.70 -9.04
N PRO J 51 39.92 -32.71 -9.95
CA PRO J 51 40.97 -31.71 -9.88
C PRO J 51 40.78 -30.76 -8.70
N LYS J 52 41.90 -30.24 -8.21
CA LYS J 52 41.90 -29.30 -7.09
C LYS J 52 41.67 -27.87 -7.59
N TRP J 53 41.32 -26.98 -6.66
CA TRP J 53 41.31 -25.56 -6.93
C TRP J 53 42.12 -24.74 -5.95
N ASN J 54 42.04 -23.44 -6.19
CA ASN J 54 42.64 -22.39 -5.40
C ASN J 54 41.62 -21.26 -5.27
N TYR J 55 41.87 -20.36 -4.33
CA TYR J 55 41.03 -19.19 -4.20
C TYR J 55 41.79 -18.12 -3.42
N ASP J 56 41.25 -16.92 -3.45
CA ASP J 56 41.87 -15.77 -2.77
C ASP J 56 41.56 -15.86 -1.29
N GLY J 57 42.57 -16.17 -0.49
CA GLY J 57 42.39 -16.26 0.95
C GLY J 57 42.17 -14.92 1.61
N SER J 58 42.61 -13.83 0.97
CA SER J 58 42.42 -12.50 1.54
C SER J 58 40.94 -12.15 1.63
N SER J 59 40.17 -12.50 0.59
CA SER J 59 38.74 -12.23 0.58
C SER J 59 37.97 -13.06 1.59
N THR J 60 38.57 -14.12 2.13
CA THR J 60 37.92 -14.97 3.12
C THR J 60 38.53 -14.87 4.51
N GLY J 61 39.81 -14.49 4.62
CA GLY J 61 40.44 -14.34 5.91
C GLY J 61 41.27 -15.54 6.32
N GLN J 62 42.00 -16.11 5.37
CA GLN J 62 42.78 -17.33 5.64
C GLN J 62 44.16 -17.30 5.01
N ALA J 63 44.69 -16.13 4.66
CA ALA J 63 45.99 -16.07 4.00
C ALA J 63 46.53 -14.65 4.10
N PRO J 64 47.84 -14.47 4.05
CA PRO J 64 48.40 -13.11 4.04
C PRO J 64 48.10 -12.41 2.72
N GLY J 65 48.35 -11.10 2.72
CA GLY J 65 48.07 -10.30 1.54
C GLY J 65 48.96 -10.62 0.35
N GLU J 66 50.25 -10.87 0.60
CA GLU J 66 51.20 -11.01 -0.50
C GLU J 66 51.00 -12.32 -1.25
N ASP J 67 50.69 -13.41 -0.54
CA ASP J 67 50.49 -14.72 -1.14
C ASP J 67 49.16 -15.24 -0.60
N SER J 68 48.08 -14.90 -1.28
CA SER J 68 46.73 -15.17 -0.81
C SER J 68 46.11 -16.41 -1.45
N GLU J 69 46.87 -17.15 -2.24
CA GLU J 69 46.33 -18.34 -2.88
C GLU J 69 46.19 -19.47 -1.86
N VAL J 70 44.99 -20.02 -1.76
CA VAL J 70 44.67 -21.11 -0.84
C VAL J 70 44.12 -22.26 -1.65
N ILE J 71 44.71 -23.44 -1.47
CA ILE J 71 44.37 -24.62 -2.27
C ILE J 71 43.28 -25.41 -1.57
N ILE J 72 42.34 -25.92 -2.36
CA ILE J 72 41.23 -26.72 -1.85
C ILE J 72 41.21 -28.04 -2.61
N TYR J 73 41.12 -29.15 -1.85
CA TYR J 73 41.17 -30.54 -2.28
C TYR J 73 39.79 -31.16 -2.21
N PRO J 74 39.28 -31.76 -3.28
CA PRO J 74 38.02 -32.50 -3.17
C PRO J 74 38.12 -33.67 -2.18
N GLN J 75 37.09 -33.83 -1.35
CA GLN J 75 37.10 -34.90 -0.36
C GLN J 75 35.85 -35.76 -0.37
N ALA J 76 34.66 -35.18 -0.58
CA ALA J 76 33.43 -35.96 -0.55
C ALA J 76 32.53 -35.54 -1.71
N ILE J 77 31.71 -36.48 -2.18
CA ILE J 77 30.85 -36.27 -3.33
C ILE J 77 29.41 -36.60 -2.93
N PHE J 78 28.48 -35.69 -3.24
CA PHE J 78 27.06 -35.92 -3.05
C PHE J 78 26.32 -35.50 -4.31
N ARG J 79 25.07 -35.95 -4.45
CA ARG J 79 24.26 -35.55 -5.60
C ARG J 79 23.65 -34.17 -5.36
N ASP J 80 23.63 -33.37 -6.42
CA ASP J 80 23.15 -31.99 -6.30
C ASP J 80 21.63 -31.96 -6.29
N PRO J 81 21.00 -31.48 -5.21
CA PRO J 81 19.54 -31.44 -5.15
C PRO J 81 18.92 -30.18 -5.75
N PHE J 82 19.74 -29.23 -6.19
CA PHE J 82 19.25 -28.01 -6.81
C PHE J 82 19.41 -28.02 -8.33
N ARG J 83 20.40 -28.74 -8.84
CA ARG J 83 20.61 -28.86 -10.28
C ARG J 83 20.17 -30.20 -10.85
N ARG J 84 20.12 -31.24 -10.04
CA ARG J 84 19.65 -32.57 -10.46
C ARG J 84 20.58 -33.09 -11.55
N GLY J 85 20.08 -33.97 -12.41
CA GLY J 85 20.90 -34.54 -13.46
C GLY J 85 22.08 -35.30 -12.90
N ASN J 86 23.24 -35.12 -13.54
CA ASN J 86 24.48 -35.73 -13.10
C ASN J 86 25.37 -34.77 -12.31
N ASN J 87 24.87 -33.58 -11.99
CA ASN J 87 25.64 -32.61 -11.23
C ASN J 87 25.82 -33.07 -9.79
N ILE J 88 26.91 -32.60 -9.18
CA ILE J 88 27.32 -33.05 -7.85
C ILE J 88 27.70 -31.87 -6.98
N LEU J 89 27.76 -32.11 -5.68
CA LEU J 89 28.35 -31.21 -4.70
C LEU J 89 29.61 -31.85 -4.15
N VAL J 90 30.69 -31.08 -4.10
CA VAL J 90 31.98 -31.58 -3.64
C VAL J 90 32.29 -30.88 -2.31
N ILE J 91 32.31 -31.67 -1.24
CA ILE J 91 32.77 -31.19 0.07
C ILE J 91 34.29 -31.24 0.07
N CYS J 92 34.91 -30.07 0.07
CA CYS J 92 36.35 -29.93 -0.13
C CYS J 92 37.05 -29.61 1.19
N ASP J 93 38.37 -29.77 1.17
CA ASP J 93 39.22 -29.40 2.29
C ASP J 93 40.30 -28.45 1.80
N THR J 94 40.73 -27.56 2.69
CA THR J 94 41.55 -26.41 2.33
C THR J 94 42.97 -26.56 2.88
N TYR J 95 43.95 -26.21 2.05
CA TYR J 95 45.36 -26.36 2.37
C TYR J 95 46.17 -25.12 2.00
N THR J 96 47.50 -25.23 2.05
CA THR J 96 48.47 -24.24 1.67
C THR J 96 49.23 -24.69 0.43
N PRO J 97 49.61 -23.79 -0.48
CA PRO J 97 50.34 -24.23 -1.67
C PRO J 97 51.60 -25.01 -1.37
N ALA J 98 52.22 -24.76 -0.22
CA ALA J 98 53.34 -25.61 0.21
C ALA J 98 52.88 -27.04 0.46
N GLY J 99 51.72 -27.21 1.11
CA GLY J 99 51.18 -28.53 1.32
C GLY J 99 50.56 -28.77 2.69
N GLU J 100 50.63 -27.77 3.57
CA GLU J 100 50.10 -27.97 4.92
C GLU J 100 48.69 -27.42 5.04
N PRO J 101 47.87 -27.98 5.93
CA PRO J 101 46.56 -27.39 6.19
C PRO J 101 46.69 -26.04 6.88
N ILE J 102 45.77 -25.15 6.55
CA ILE J 102 45.73 -23.83 7.20
C ILE J 102 45.13 -24.01 8.58
N PRO J 103 45.33 -23.09 9.52
CA PRO J 103 44.82 -23.29 10.88
C PRO J 103 43.31 -23.49 10.95
N THR J 104 42.56 -22.97 9.98
CA THR J 104 41.12 -23.18 9.97
C THR J 104 40.76 -24.60 9.57
N ASN J 105 41.63 -25.26 8.80
CA ASN J 105 41.38 -26.63 8.36
C ASN J 105 41.39 -27.58 9.56
N LYS J 106 40.32 -28.34 9.72
CA LYS J 106 40.20 -29.29 10.81
C LYS J 106 39.99 -30.74 10.35
N ARG J 107 39.72 -30.96 9.06
CA ARG J 107 39.51 -32.31 8.58
C ARG J 107 40.80 -33.10 8.46
N HIS J 108 41.96 -32.42 8.37
CA HIS J 108 43.23 -33.13 8.30
C HIS J 108 43.50 -33.90 9.60
N ASP J 109 43.31 -33.24 10.74
CA ASP J 109 43.49 -33.91 12.02
C ASP J 109 42.50 -35.06 12.16
N ALA J 110 41.23 -34.83 11.78
CA ALA J 110 40.22 -35.86 11.89
C ALA J 110 40.58 -37.08 11.06
N ALA J 111 41.00 -36.86 9.82
CA ALA J 111 41.41 -37.98 8.97
C ALA J 111 42.62 -38.69 9.56
N LYS J 112 43.55 -37.94 10.16
CA LYS J 112 44.71 -38.56 10.78
C LYS J 112 44.29 -39.48 11.93
N VAL J 113 43.34 -39.03 12.76
CA VAL J 113 42.90 -39.84 13.90
C VAL J 113 42.13 -41.06 13.42
N PHE J 114 41.20 -40.88 12.49
CA PHE J 114 40.36 -41.97 12.03
C PHE J 114 41.10 -42.96 11.15
N SER J 115 42.30 -42.62 10.67
CA SER J 115 43.08 -43.52 9.82
C SER J 115 43.87 -44.54 10.62
N HIS J 116 43.91 -44.42 11.94
CA HIS J 116 44.66 -45.37 12.74
C HIS J 116 44.03 -46.75 12.68
N PRO J 117 44.83 -47.81 12.76
CA PRO J 117 44.26 -49.17 12.73
C PRO J 117 43.30 -49.43 13.89
N ASP J 118 43.57 -48.86 15.07
CA ASP J 118 42.73 -49.11 16.23
C ASP J 118 41.33 -48.55 16.03
N VAL J 119 41.23 -47.28 15.62
CA VAL J 119 39.92 -46.66 15.42
C VAL J 119 39.21 -47.31 14.23
N VAL J 120 39.95 -47.69 13.20
CA VAL J 120 39.35 -48.37 12.05
C VAL J 120 38.73 -49.70 12.47
N ALA J 121 39.46 -50.47 13.28
CA ALA J 121 38.93 -51.74 13.75
C ALA J 121 37.81 -51.55 14.76
N GLU J 122 37.78 -50.41 15.46
CA GLU J 122 36.75 -50.17 16.46
C GLU J 122 35.39 -49.85 15.84
N GLU J 123 35.36 -49.47 14.55
CA GLU J 123 34.13 -49.15 13.85
C GLU J 123 33.28 -48.15 14.64
N THR J 124 33.84 -46.95 14.82
CA THR J 124 33.13 -45.90 15.52
C THR J 124 32.00 -45.35 14.65
N TRP J 125 30.81 -45.22 15.23
CA TRP J 125 29.64 -44.68 14.54
C TRP J 125 29.12 -43.49 15.33
N TYR J 126 28.85 -42.41 14.60
CA TYR J 126 28.42 -41.14 15.17
C TYR J 126 27.08 -40.71 14.58
N GLY J 127 26.24 -40.13 15.42
CA GLY J 127 24.99 -39.53 14.97
C GLY J 127 24.84 -38.14 15.54
N ILE J 128 24.59 -37.15 14.71
CA ILE J 128 24.65 -35.75 15.15
C ILE J 128 23.28 -35.12 15.00
N GLU J 129 22.73 -34.63 16.12
CA GLU J 129 21.48 -33.89 16.13
C GLU J 129 21.81 -32.41 16.15
N GLN J 130 21.26 -31.66 15.19
CA GLN J 130 21.60 -30.25 15.02
C GLN J 130 20.32 -29.42 14.98
N GLU J 131 20.26 -28.38 15.81
CA GLU J 131 19.12 -27.48 15.87
C GLU J 131 19.43 -26.16 15.18
N TYR J 132 18.42 -25.60 14.54
CA TYR J 132 18.56 -24.31 13.87
C TYR J 132 17.35 -23.45 14.14
N THR J 133 17.51 -22.15 13.91
CA THR J 133 16.44 -21.17 14.07
C THR J 133 16.24 -20.42 12.76
N LEU J 134 14.97 -20.22 12.39
CA LEU J 134 14.62 -19.49 11.19
C LEU J 134 14.26 -18.05 11.56
N LEU J 135 15.02 -17.10 11.04
CA LEU J 135 14.87 -15.68 11.34
C LEU J 135 14.42 -14.94 10.09
N GLN J 136 13.72 -13.83 10.30
CA GLN J 136 13.36 -12.97 9.17
C GLN J 136 14.62 -12.31 8.61
N LYS J 137 14.48 -11.73 7.41
CA LYS J 137 15.68 -11.40 6.62
C LYS J 137 16.38 -10.14 7.13
N ASP J 138 15.71 -8.98 7.05
CA ASP J 138 16.38 -7.73 7.36
C ASP J 138 16.61 -7.57 8.86
N ILE J 139 15.64 -7.99 9.67
CA ILE J 139 15.75 -7.92 11.11
C ILE J 139 16.14 -9.29 11.64
N GLN J 140 16.55 -9.34 12.90
CA GLN J 140 16.98 -10.59 13.52
C GLN J 140 15.88 -11.21 14.36
N TRP J 141 14.63 -11.09 13.90
CA TRP J 141 13.47 -11.54 14.63
C TRP J 141 12.99 -12.87 14.07
N PRO J 142 12.74 -13.88 14.91
CA PRO J 142 12.46 -15.22 14.41
C PRO J 142 11.17 -15.30 13.61
N LEU J 143 11.11 -16.30 12.75
CA LEU J 143 9.97 -16.48 11.85
C LEU J 143 8.70 -16.73 12.64
N GLY J 144 7.63 -16.04 12.25
CA GLY J 144 6.34 -16.17 12.89
C GLY J 144 6.11 -15.27 14.08
N TRP J 145 7.17 -14.71 14.66
CA TRP J 145 6.98 -13.71 15.69
C TRP J 145 6.49 -12.41 15.05
N PRO J 146 5.63 -11.67 15.73
CA PRO J 146 5.22 -10.35 15.21
C PRO J 146 6.36 -9.36 15.28
N VAL J 147 6.32 -8.37 14.39
CA VAL J 147 7.39 -7.38 14.32
C VAL J 147 7.33 -6.50 15.55
N GLY J 148 8.43 -6.46 16.31
CA GLY J 148 8.42 -5.75 17.57
C GLY J 148 7.44 -6.33 18.57
N GLY J 149 7.34 -7.66 18.61
CA GLY J 149 6.43 -8.31 19.52
C GLY J 149 6.74 -9.78 19.72
N PHE J 150 6.44 -10.28 20.90
CA PHE J 150 6.67 -11.66 21.27
C PHE J 150 5.45 -12.52 20.95
N PRO J 151 5.65 -13.81 20.70
CA PRO J 151 4.50 -14.71 20.52
C PRO J 151 3.97 -15.19 21.86
N GLY J 152 3.02 -16.11 21.83
CA GLY J 152 2.45 -16.63 23.04
C GLY J 152 3.45 -17.43 23.84
N PRO J 153 3.07 -17.81 25.06
CA PRO J 153 3.99 -18.59 25.90
C PRO J 153 4.27 -19.96 25.31
N GLN J 154 5.43 -20.50 25.68
CA GLN J 154 5.85 -21.78 25.15
C GLN J 154 4.94 -22.91 25.66
N GLY J 155 5.00 -24.04 24.97
CA GLY J 155 4.20 -25.19 25.32
C GLY J 155 3.44 -25.82 24.16
N PRO J 156 2.87 -25.01 23.27
CA PRO J 156 2.25 -25.57 22.06
C PRO J 156 3.14 -25.62 20.82
N TYR J 157 4.38 -25.16 20.89
CA TYR J 157 5.25 -25.12 19.73
C TYR J 157 6.09 -26.37 19.54
N TYR J 158 6.11 -27.27 20.51
CA TYR J 158 6.90 -28.50 20.43
C TYR J 158 6.10 -29.52 19.63
N CYS J 159 6.42 -29.66 18.35
CA CYS J 159 5.76 -30.60 17.43
C CYS J 159 4.31 -30.22 17.16
N GLY J 160 3.98 -28.94 17.19
CA GLY J 160 2.63 -28.52 16.91
C GLY J 160 2.28 -28.63 15.44
N VAL J 161 0.98 -28.71 15.16
CA VAL J 161 0.49 -29.00 13.82
C VAL J 161 -0.34 -27.87 13.23
N GLY J 162 -0.89 -26.97 14.02
CA GLY J 162 -1.73 -25.92 13.47
C GLY J 162 -0.94 -24.90 12.66
N ALA J 163 -1.69 -23.99 12.04
CA ALA J 163 -1.06 -22.92 11.26
C ALA J 163 -0.37 -21.90 12.14
N ASP J 164 -0.65 -21.90 13.44
CA ASP J 164 -0.08 -20.94 14.38
C ASP J 164 0.86 -21.59 15.38
N LYS J 165 1.41 -22.77 15.04
CA LYS J 165 2.36 -23.45 15.91
C LYS J 165 3.63 -23.80 15.16
N ALA J 166 3.53 -24.14 13.88
CA ALA J 166 4.68 -24.52 13.08
C ALA J 166 4.96 -23.42 12.07
N PHE J 167 6.16 -22.86 12.13
CA PHE J 167 6.56 -21.73 11.29
C PHE J 167 7.74 -22.15 10.43
N GLY J 168 7.64 -21.89 9.13
CA GLY J 168 8.66 -22.29 8.18
C GLY J 168 8.76 -23.78 7.96
N ARG J 169 7.64 -24.48 7.92
CA ARG J 169 7.67 -25.93 7.73
C ARG J 169 7.96 -26.32 6.28
N ASP J 170 7.63 -25.45 5.32
CA ASP J 170 7.95 -25.75 3.93
C ASP J 170 9.45 -25.88 3.72
N ILE J 171 10.23 -24.99 4.34
CA ILE J 171 11.68 -25.07 4.27
C ILE J 171 12.17 -26.38 4.88
N VAL J 172 11.59 -26.78 5.99
CA VAL J 172 12.03 -27.99 6.68
C VAL J 172 11.74 -29.24 5.84
N ASP J 173 10.54 -29.31 5.26
CA ASP J 173 10.19 -30.46 4.43
C ASP J 173 11.06 -30.50 3.18
N ALA J 174 11.29 -29.34 2.56
CA ALA J 174 12.17 -29.30 1.40
C ALA J 174 13.58 -29.73 1.76
N HIS J 175 14.10 -29.28 2.90
CA HIS J 175 15.44 -29.65 3.32
C HIS J 175 15.55 -31.16 3.58
N TYR J 176 14.53 -31.72 4.23
CA TYR J 176 14.53 -33.15 4.49
C TYR J 176 14.54 -33.96 3.20
N LYS J 177 13.67 -33.59 2.25
CA LYS J 177 13.61 -34.32 0.99
C LYS J 177 14.91 -34.15 0.21
N ALA J 178 15.48 -32.94 0.19
CA ALA J 178 16.70 -32.68 -0.57
C ALA J 178 17.90 -33.40 0.03
N CYS J 179 17.99 -33.46 1.36
CA CYS J 179 19.08 -34.18 2.00
C CYS J 179 18.96 -35.67 1.79
N LEU J 180 17.73 -36.21 1.76
CA LEU J 180 17.57 -37.61 1.41
C LEU J 180 17.98 -37.86 -0.04
N TYR J 181 17.62 -36.95 -0.94
CA TYR J 181 17.97 -37.11 -2.35
C TYR J 181 19.48 -37.07 -2.57
N ALA J 182 20.16 -36.12 -1.93
CA ALA J 182 21.60 -35.94 -2.18
C ALA J 182 22.40 -37.16 -1.75
N GLY J 183 22.10 -37.72 -0.59
CA GLY J 183 22.83 -38.87 -0.11
C GLY J 183 23.25 -38.76 1.34
N ILE J 184 22.90 -37.65 1.99
CA ILE J 184 23.17 -37.48 3.41
C ILE J 184 22.29 -38.43 4.20
N ASN J 185 22.91 -39.20 5.11
CA ASN J 185 22.17 -40.16 5.92
C ASN J 185 21.41 -39.41 7.02
N ILE J 186 20.40 -38.68 6.59
CA ILE J 186 19.48 -38.01 7.51
C ILE J 186 18.56 -39.06 8.11
N SER J 187 18.10 -38.81 9.34
CA SER J 187 17.31 -39.82 10.05
C SER J 187 16.13 -39.21 10.79
N GLY J 188 15.69 -38.02 10.42
CA GLY J 188 14.50 -37.46 11.03
C GLY J 188 14.53 -35.97 11.25
N ILE J 189 13.35 -35.39 11.50
CA ILE J 189 13.19 -33.97 11.78
C ILE J 189 12.13 -33.81 12.86
N ASN J 190 12.14 -32.65 13.51
CA ASN J 190 11.09 -32.28 14.45
C ASN J 190 11.17 -30.78 14.68
N GLY J 191 10.17 -30.27 15.39
CA GLY J 191 10.13 -28.88 15.81
C GLY J 191 10.38 -28.78 17.31
N GLU J 192 11.17 -27.80 17.71
CA GLU J 192 11.59 -27.67 19.08
C GLU J 192 10.69 -26.69 19.84
N VAL J 193 10.96 -26.54 21.14
CA VAL J 193 10.04 -25.84 22.02
C VAL J 193 9.92 -24.37 21.64
N MET J 194 11.00 -23.77 21.18
CA MET J 194 10.93 -22.39 20.73
C MET J 194 10.20 -22.31 19.40
N PRO J 195 9.30 -21.34 19.22
CA PRO J 195 8.65 -21.19 17.91
C PRO J 195 9.63 -20.71 16.86
N GLY J 196 9.53 -21.29 15.66
CA GLY J 196 10.45 -20.97 14.60
C GLY J 196 11.77 -21.71 14.67
N GLN J 197 11.93 -22.62 15.63
CA GLN J 197 13.17 -23.37 15.83
C GLN J 197 12.91 -24.84 15.53
N TRP J 198 13.82 -25.46 14.79
CA TRP J 198 13.67 -26.84 14.33
C TRP J 198 14.96 -27.61 14.59
N GLU J 199 14.95 -28.89 14.24
CA GLU J 199 16.08 -29.77 14.48
C GLU J 199 16.08 -30.90 13.48
N PHE J 200 17.27 -31.30 13.02
CA PHE J 200 17.40 -32.48 12.17
C PHE J 200 18.54 -33.36 12.67
N GLN J 201 18.36 -34.67 12.52
CA GLN J 201 19.35 -35.66 12.95
C GLN J 201 20.03 -36.25 11.72
N VAL J 202 21.36 -36.32 11.76
CA VAL J 202 22.15 -37.08 10.81
C VAL J 202 22.48 -38.41 11.47
N GLY J 203 22.05 -39.50 10.84
CA GLY J 203 22.00 -40.78 11.49
C GLY J 203 23.35 -41.45 11.63
N PRO J 204 23.34 -42.76 11.90
CA PRO J 204 24.61 -43.47 12.08
C PRO J 204 25.45 -43.48 10.82
N SER J 205 26.59 -42.79 10.87
CA SER J 205 27.53 -42.73 9.78
C SER J 205 28.94 -42.89 10.34
N VAL J 206 29.75 -43.69 9.66
CA VAL J 206 31.00 -44.17 10.22
C VAL J 206 32.13 -43.22 9.89
N GLY J 207 32.88 -42.81 10.93
CA GLY J 207 34.14 -42.14 10.75
C GLY J 207 34.01 -40.72 10.20
N ILE J 208 35.09 -40.29 9.53
CA ILE J 208 35.21 -38.92 9.05
C ILE J 208 34.05 -38.57 8.13
N SER J 209 33.55 -39.54 7.37
CA SER J 209 32.43 -39.30 6.46
C SER J 209 31.28 -38.61 7.19
N ALA J 210 31.00 -39.05 8.43
CA ALA J 210 29.99 -38.41 9.25
C ALA J 210 30.10 -36.89 9.19
N GLY J 211 31.24 -36.37 9.65
CA GLY J 211 31.40 -34.93 9.66
C GLY J 211 31.18 -34.33 8.29
N ASP J 212 31.74 -34.95 7.26
CA ASP J 212 31.55 -34.50 5.89
C ASP J 212 30.08 -34.21 5.64
N GLU J 213 29.23 -35.24 5.79
CA GLU J 213 27.85 -35.06 5.38
C GLU J 213 27.14 -34.05 6.26
N VAL J 214 27.56 -33.90 7.52
CA VAL J 214 26.95 -32.87 8.36
C VAL J 214 27.17 -31.51 7.73
N TRP J 215 28.43 -31.22 7.37
CA TRP J 215 28.73 -29.95 6.73
C TRP J 215 27.99 -29.83 5.40
N ALA J 216 27.67 -30.96 4.78
CA ALA J 216 26.86 -30.91 3.57
C ALA J 216 25.45 -30.42 3.90
N ALA J 217 24.82 -31.03 4.90
CA ALA J 217 23.42 -30.71 5.18
C ALA J 217 23.26 -29.23 5.47
N ARG J 218 24.10 -28.70 6.37
CA ARG J 218 24.06 -27.28 6.69
C ARG J 218 24.11 -26.45 5.42
N TYR J 219 25.07 -26.74 4.54
CA TYR J 219 25.18 -25.99 3.30
C TYR J 219 23.85 -26.00 2.56
N ILE J 220 23.31 -27.21 2.34
CA ILE J 220 22.04 -27.32 1.62
C ILE J 220 20.99 -26.49 2.32
N LEU J 221 20.88 -26.64 3.65
CA LEU J 221 19.87 -25.90 4.38
C LEU J 221 20.00 -24.41 4.13
N GLU J 222 21.20 -23.87 4.26
CA GLU J 222 21.35 -22.44 4.09
C GLU J 222 20.94 -22.04 2.68
N ARG J 223 21.38 -22.81 1.69
CA ARG J 223 21.04 -22.45 0.32
C ARG J 223 19.53 -22.52 0.12
N ILE J 224 18.87 -23.50 0.74
CA ILE J 224 17.42 -23.59 0.63
C ILE J 224 16.77 -22.34 1.20
N THR J 225 17.26 -21.89 2.37
CA THR J 225 16.68 -20.67 2.94
C THR J 225 16.89 -19.48 2.03
N GLU J 226 17.98 -19.48 1.27
CA GLU J 226 18.24 -18.37 0.35
C GLU J 226 17.18 -18.30 -0.73
N ILE J 227 16.56 -19.43 -1.07
CA ILE J 227 15.45 -19.40 -2.01
C ILE J 227 14.23 -18.74 -1.39
N ALA J 228 14.01 -18.95 -0.10
CA ALA J 228 12.80 -18.50 0.57
C ALA J 228 12.95 -17.13 1.23
N GLY J 229 14.12 -16.50 1.15
CA GLY J 229 14.32 -15.20 1.78
C GLY J 229 14.25 -15.25 3.29
N VAL J 230 14.88 -16.24 3.90
CA VAL J 230 14.90 -16.41 5.35
C VAL J 230 16.33 -16.63 5.79
N VAL J 231 16.68 -16.10 6.95
CA VAL J 231 18.01 -16.33 7.51
C VAL J 231 17.93 -17.57 8.40
N VAL J 232 18.98 -18.38 8.39
CA VAL J 232 19.08 -19.53 9.27
C VAL J 232 20.25 -19.29 10.23
N SER J 233 20.02 -19.56 11.51
CA SER J 233 21.03 -19.33 12.53
C SER J 233 21.23 -20.62 13.31
N PHE J 234 22.47 -21.09 13.35
CA PHE J 234 22.87 -22.18 14.23
C PHE J 234 23.43 -21.67 15.54
N ASP J 235 23.37 -20.36 15.78
CA ASP J 235 23.90 -19.79 17.01
C ASP J 235 23.11 -20.30 18.20
N PRO J 236 23.77 -20.63 19.32
CA PRO J 236 23.05 -21.23 20.45
C PRO J 236 21.91 -20.37 20.99
N LYS J 237 22.07 -19.06 21.03
CA LYS J 237 21.10 -18.16 21.65
C LYS J 237 20.78 -16.99 20.71
N PRO J 238 19.89 -17.20 19.75
CA PRO J 238 19.47 -16.06 18.90
C PRO J 238 18.51 -15.12 19.61
N ILE J 239 17.79 -15.60 20.62
CA ILE J 239 16.84 -14.78 21.38
C ILE J 239 17.12 -15.00 22.86
N GLN J 240 17.20 -13.92 23.62
CA GLN J 240 17.47 -13.98 25.04
C GLN J 240 16.21 -13.72 25.84
N GLY J 241 16.09 -14.40 26.97
CA GLY J 241 14.89 -14.32 27.79
C GLY J 241 14.42 -15.69 28.23
N ASP J 242 13.11 -15.86 28.34
CA ASP J 242 12.54 -17.17 28.70
C ASP J 242 12.26 -18.00 27.45
N TRP J 243 13.29 -18.14 26.60
CA TRP J 243 13.19 -18.91 25.37
C TRP J 243 14.40 -19.83 25.28
N ASN J 244 14.17 -21.07 24.87
CA ASN J 244 15.23 -22.07 24.87
C ASN J 244 16.25 -21.77 23.79
N GLY J 245 17.48 -22.26 24.01
CA GLY J 245 18.55 -22.12 23.06
C GLY J 245 18.72 -23.35 22.18
N ALA J 246 19.49 -23.19 21.12
CA ALA J 246 19.80 -24.26 20.19
C ALA J 246 21.00 -25.06 20.69
N GLY J 247 21.13 -26.28 20.18
CA GLY J 247 22.21 -27.15 20.59
C GLY J 247 22.36 -28.32 19.66
N ALA J 248 23.47 -29.04 19.83
CA ALA J 248 23.80 -30.20 19.01
C ALA J 248 24.27 -31.33 19.91
N HIS J 249 23.74 -32.52 19.64
CA HIS J 249 24.04 -33.70 20.45
C HIS J 249 24.75 -34.74 19.60
N THR J 250 25.62 -35.53 20.25
CA THR J 250 26.43 -36.54 19.57
C THR J 250 26.16 -37.91 20.16
N ASN J 251 25.71 -38.84 19.34
CA ASN J 251 25.51 -40.23 19.72
C ASN J 251 26.71 -41.02 19.26
N TYR J 252 27.40 -41.67 20.20
CA TYR J 252 28.62 -42.40 19.93
C TYR J 252 28.41 -43.88 20.19
N SER J 253 28.92 -44.72 19.30
CA SER J 253 28.83 -46.17 19.50
C SER J 253 29.96 -46.86 18.76
N THR J 254 30.85 -47.53 19.49
CA THR J 254 31.90 -48.33 18.88
C THR J 254 31.45 -49.78 18.75
N LYS J 255 32.28 -50.59 18.10
CA LYS J 255 31.94 -52.00 17.91
C LYS J 255 31.91 -52.76 19.23
N SER J 256 32.85 -52.47 20.13
CA SER J 256 32.88 -53.17 21.42
C SER J 256 31.63 -52.87 22.24
N MET J 257 31.16 -51.61 22.20
CA MET J 257 29.91 -51.27 22.86
C MET J 257 28.71 -51.99 22.25
N ARG J 258 28.80 -52.38 20.98
CA ARG J 258 27.70 -53.08 20.33
C ARG J 258 27.72 -54.58 20.57
N ASN J 259 28.77 -55.12 21.18
CA ASN J 259 28.88 -56.55 21.40
C ASN J 259 28.02 -56.96 22.59
N ASP J 260 28.03 -58.26 22.88
CA ASP J 260 27.22 -58.81 23.96
C ASP J 260 27.63 -58.21 25.30
N GLY J 261 26.67 -57.64 26.01
CA GLY J 261 26.99 -56.92 27.24
C GLY J 261 27.91 -55.76 26.96
N GLY J 262 28.96 -55.65 27.75
CA GLY J 262 29.93 -54.57 27.58
C GLY J 262 29.40 -53.19 27.94
N TYR J 263 28.60 -53.09 28.99
CA TYR J 263 28.28 -51.78 29.56
C TYR J 263 29.44 -51.20 30.35
N GLU J 264 30.36 -52.06 30.80
CA GLU J 264 31.58 -51.56 31.43
C GLU J 264 32.42 -50.78 30.44
N VAL J 265 32.32 -51.10 29.15
CA VAL J 265 33.01 -50.30 28.13
C VAL J 265 32.47 -48.87 28.13
N ILE J 266 31.15 -48.73 28.16
CA ILE J 266 30.54 -47.40 28.21
C ILE J 266 30.90 -46.70 29.51
N LYS J 267 30.92 -47.43 30.62
CA LYS J 267 31.30 -46.82 31.90
C LYS J 267 32.72 -46.29 31.86
N THR J 268 33.66 -47.08 31.35
CA THR J 268 35.04 -46.65 31.25
C THR J 268 35.18 -45.47 30.29
N ALA J 269 34.46 -45.50 29.17
CA ALA J 269 34.54 -44.40 28.21
C ALA J 269 34.02 -43.11 28.83
N ILE J 270 32.92 -43.17 29.58
CA ILE J 270 32.39 -41.96 30.20
C ILE J 270 33.32 -41.47 31.30
N GLU J 271 33.94 -42.40 32.04
CA GLU J 271 34.88 -41.99 33.08
C GLU J 271 36.10 -41.30 32.48
N LYS J 272 36.59 -41.81 31.34
CA LYS J 272 37.72 -41.18 30.66
C LYS J 272 37.32 -39.85 30.03
N LEU J 273 36.08 -39.74 29.55
CA LEU J 273 35.59 -38.45 29.06
C LEU J 273 35.54 -37.43 30.19
N GLY J 274 35.16 -37.88 31.38
CA GLY J 274 35.33 -37.05 32.57
C GLY J 274 36.79 -36.78 32.84
N LYS J 275 37.02 -35.71 33.62
CA LYS J 275 38.33 -35.16 33.94
C LYS J 275 38.97 -34.47 32.74
N ARG J 276 38.33 -34.50 31.57
CA ARG J 276 38.69 -33.67 30.43
C ARG J 276 37.58 -32.71 30.07
N HIS J 277 36.73 -32.37 31.06
CA HIS J 277 35.54 -31.58 30.81
C HIS J 277 35.87 -30.19 30.29
N LYS J 278 36.89 -29.55 30.86
CA LYS J 278 37.17 -28.15 30.54
C LYS J 278 37.63 -27.98 29.09
N GLU J 279 38.53 -28.86 28.63
CA GLU J 279 38.98 -28.78 27.24
C GLU J 279 37.84 -29.01 26.26
N HIS J 280 37.03 -30.03 26.52
CA HIS J 280 35.88 -30.33 25.65
C HIS J 280 34.91 -29.15 25.61
N ILE J 281 34.63 -28.55 26.77
CA ILE J 281 33.74 -27.40 26.81
C ILE J 281 34.33 -26.24 26.02
N ALA J 282 35.63 -25.98 26.19
CA ALA J 282 36.27 -24.91 25.47
C ALA J 282 36.41 -25.18 23.97
N ALA J 283 36.18 -26.43 23.53
CA ALA J 283 36.27 -26.76 22.12
C ALA J 283 34.92 -27.12 21.50
N TYR J 284 33.81 -26.78 22.15
CA TYR J 284 32.47 -27.07 21.64
C TYR J 284 31.80 -25.88 20.95
N GLY J 285 32.46 -24.74 20.86
CA GLY J 285 31.89 -23.67 20.07
C GLY J 285 31.60 -22.44 20.89
N GLU J 286 31.72 -21.27 20.23
CA GLU J 286 31.43 -20.00 20.87
C GLU J 286 29.94 -19.89 21.20
N GLY J 287 29.64 -19.16 22.27
CA GLY J 287 28.28 -18.99 22.72
C GLY J 287 27.76 -20.11 23.61
N ASN J 288 28.60 -21.10 23.93
CA ASN J 288 28.13 -22.22 24.75
C ASN J 288 27.85 -21.77 26.18
N GLU J 289 28.49 -20.71 26.65
CA GLU J 289 28.27 -20.22 28.00
C GLU J 289 26.82 -19.77 28.20
N ARG J 290 26.26 -19.06 27.21
CA ARG J 290 24.92 -18.51 27.35
C ARG J 290 23.83 -19.55 27.20
N ARG J 291 24.12 -20.72 26.61
CA ARG J 291 23.11 -21.74 26.40
C ARG J 291 23.18 -22.87 27.41
N LEU J 292 24.31 -23.09 28.06
CA LEU J 292 24.49 -24.18 29.01
C LEU J 292 24.54 -23.62 30.42
N THR J 293 23.44 -23.74 31.15
CA THR J 293 23.35 -23.37 32.55
C THR J 293 22.12 -24.05 33.14
N GLY J 294 21.71 -23.63 34.33
CA GLY J 294 20.61 -24.28 35.01
C GLY J 294 19.23 -24.05 34.42
N ARG J 295 19.12 -23.24 33.36
CA ARG J 295 17.82 -22.93 32.79
C ARG J 295 17.29 -24.10 31.96
N HIS J 296 16.00 -24.38 32.11
CA HIS J 296 15.27 -25.32 31.26
C HIS J 296 15.95 -26.69 31.20
N GLU J 297 16.52 -27.11 32.33
CA GLU J 297 17.14 -28.43 32.48
C GLU J 297 18.24 -28.64 31.45
N THR J 298 19.27 -27.82 31.54
CA THR J 298 20.44 -27.92 30.68
C THR J 298 21.69 -28.14 31.53
N ALA J 299 22.68 -28.78 30.93
CA ALA J 299 23.91 -29.14 31.64
C ALA J 299 24.69 -27.88 32.03
N ASP J 300 25.27 -27.91 33.22
CA ASP J 300 26.10 -26.82 33.69
C ASP J 300 27.45 -26.82 33.01
N ILE J 301 28.05 -25.64 32.87
CA ILE J 301 29.37 -25.53 32.24
C ILE J 301 30.45 -26.11 33.14
N ASN J 302 30.38 -25.81 34.44
CA ASN J 302 31.47 -26.11 35.37
C ASN J 302 31.34 -27.48 36.05
N THR J 303 30.32 -28.25 35.75
CA THR J 303 30.06 -29.51 36.44
C THR J 303 29.91 -30.64 35.43
N PHE J 304 30.45 -31.81 35.79
CA PHE J 304 30.33 -33.01 34.98
C PHE J 304 29.44 -34.01 35.71
N LEU J 305 28.34 -34.40 35.09
CA LEU J 305 27.41 -35.36 35.66
C LEU J 305 26.76 -36.17 34.55
N TRP J 306 26.62 -37.47 34.77
CA TRP J 306 25.99 -38.36 33.80
C TRP J 306 24.93 -39.21 34.48
N GLY J 307 23.81 -39.40 33.79
CA GLY J 307 22.71 -40.17 34.32
C GLY J 307 21.93 -40.93 33.26
N VAL J 308 20.81 -41.54 33.64
CA VAL J 308 20.00 -42.36 32.75
C VAL J 308 18.70 -41.65 32.36
N ALA J 309 17.85 -41.35 33.34
CA ALA J 309 16.58 -40.70 33.07
C ALA J 309 16.66 -39.19 33.20
N ASN J 310 17.62 -38.66 33.95
CA ASN J 310 17.81 -37.22 34.07
C ASN J 310 18.26 -36.67 32.72
N ARG J 311 17.36 -35.96 32.04
CA ARG J 311 17.68 -35.43 30.73
C ARG J 311 18.82 -34.41 30.80
N GLY J 312 18.77 -33.52 31.80
CA GLY J 312 19.85 -32.55 31.96
C GLY J 312 21.07 -33.15 32.62
N ALA J 313 22.10 -33.41 31.83
CA ALA J 313 23.35 -34.00 32.31
C ALA J 313 24.39 -33.85 31.22
N SER J 314 25.65 -34.07 31.60
CA SER J 314 26.74 -34.01 30.62
C SER J 314 26.65 -35.16 29.64
N VAL J 315 26.48 -36.39 30.13
CA VAL J 315 26.37 -37.58 29.31
C VAL J 315 25.08 -38.29 29.66
N ARG J 316 24.29 -38.62 28.65
CA ARG J 316 22.99 -39.25 28.83
C ARG J 316 23.02 -40.65 28.23
N VAL J 317 22.68 -41.65 29.04
CA VAL J 317 22.62 -43.03 28.59
C VAL J 317 21.16 -43.47 28.57
N GLY J 318 20.85 -44.44 27.70
CA GLY J 318 19.48 -44.85 27.50
C GLY J 318 19.05 -45.98 28.43
N ARG J 319 17.73 -46.13 28.53
CA ARG J 319 17.17 -47.21 29.35
C ARG J 319 17.38 -48.57 28.71
N ASP J 320 17.22 -48.66 27.39
CA ASP J 320 17.48 -49.91 26.70
C ASP J 320 18.94 -50.31 26.82
N THR J 321 19.85 -49.33 26.75
CA THR J 321 21.26 -49.62 26.93
C THR J 321 21.56 -50.08 28.35
N GLU J 322 20.88 -49.50 29.33
CA GLU J 322 21.03 -49.98 30.71
C GLU J 322 20.53 -51.41 30.86
N LYS J 323 19.42 -51.75 30.19
CA LYS J 323 18.86 -53.08 30.31
C LYS J 323 19.72 -54.12 29.62
N ALA J 324 19.91 -53.97 28.31
CA ALA J 324 20.68 -54.95 27.54
C ALA J 324 22.17 -54.85 27.79
N GLY J 325 22.66 -53.76 28.39
CA GLY J 325 24.07 -53.61 28.64
C GLY J 325 24.90 -53.22 27.43
N LYS J 326 24.27 -52.86 26.32
CA LYS J 326 24.98 -52.57 25.08
C LYS J 326 24.24 -51.48 24.33
N GLY J 327 24.96 -50.83 23.41
CA GLY J 327 24.36 -49.81 22.57
C GLY J 327 25.24 -48.60 22.33
N TYR J 328 24.67 -47.41 22.53
CA TYR J 328 25.36 -46.15 22.29
C TYR J 328 25.28 -45.28 23.54
N PHE J 329 25.86 -44.09 23.47
CA PHE J 329 25.61 -43.10 24.51
C PHE J 329 25.69 -41.71 23.90
N GLU J 330 25.00 -40.76 24.54
CA GLU J 330 24.77 -39.44 23.98
C GLU J 330 25.45 -38.37 24.81
N ASP J 331 26.29 -37.57 24.16
CA ASP J 331 26.88 -36.38 24.76
C ASP J 331 26.07 -35.16 24.33
N ARG J 332 25.68 -34.35 25.31
CA ARG J 332 24.77 -33.23 25.12
C ARG J 332 25.43 -31.88 25.38
N ARG J 333 26.73 -31.85 25.61
CA ARG J 333 27.47 -30.62 25.86
C ARG J 333 27.77 -29.79 24.61
N PRO J 334 28.10 -30.39 23.44
CA PRO J 334 28.47 -29.57 22.29
C PRO J 334 27.40 -28.56 21.90
N ALA J 335 27.85 -27.39 21.48
CA ALA J 335 26.96 -26.29 21.10
C ALA J 335 26.52 -26.43 19.65
N SER J 336 25.49 -25.67 19.29
CA SER J 336 24.89 -25.78 17.97
C SER J 336 25.78 -25.18 16.88
N ASN J 337 26.77 -24.38 17.23
CA ASN J 337 27.72 -23.82 16.28
C ASN J 337 29.06 -24.54 16.35
N MET J 338 29.05 -25.85 16.58
CA MET J 338 30.28 -26.60 16.76
C MET J 338 30.91 -26.92 15.40
N ASP J 339 32.02 -27.65 15.44
CA ASP J 339 32.63 -28.23 14.25
C ASP J 339 32.61 -29.74 14.42
N PRO J 340 31.84 -30.49 13.62
CA PRO J 340 31.75 -31.94 13.82
C PRO J 340 33.08 -32.65 13.71
N TYR J 341 34.00 -32.16 12.88
CA TYR J 341 35.33 -32.74 12.81
C TYR J 341 35.98 -32.79 14.18
N VAL J 342 36.02 -31.64 14.87
CA VAL J 342 36.71 -31.57 16.15
C VAL J 342 36.04 -32.46 17.19
N VAL J 343 34.71 -32.38 17.26
CA VAL J 343 33.97 -33.10 18.30
C VAL J 343 34.14 -34.61 18.11
N THR J 344 33.91 -35.10 16.90
CA THR J 344 34.06 -36.54 16.66
C THR J 344 35.51 -36.98 16.87
N SER J 345 36.46 -36.17 16.40
CA SER J 345 37.87 -36.53 16.52
C SER J 345 38.26 -36.69 17.98
N MET J 346 37.97 -35.70 18.81
CA MET J 346 38.42 -35.77 20.19
C MET J 346 37.57 -36.71 21.03
N ILE J 347 36.32 -36.99 20.66
CA ILE J 347 35.57 -38.05 21.33
C ILE J 347 36.23 -39.41 21.06
N ALA J 348 36.61 -39.67 19.81
CA ALA J 348 37.34 -40.90 19.51
C ALA J 348 38.69 -40.92 20.21
N ASP J 349 39.34 -39.76 20.31
CA ASP J 349 40.64 -39.67 20.98
C ASP J 349 40.52 -40.06 22.44
N THR J 350 39.57 -39.45 23.16
CA THR J 350 39.40 -39.75 24.58
C THR J 350 38.97 -41.20 24.78
N THR J 351 38.07 -41.70 23.93
CA THR J 351 37.53 -43.04 24.16
C THR J 351 38.58 -44.12 23.92
N ILE J 352 39.29 -44.06 22.79
CA ILE J 352 40.14 -45.16 22.34
C ILE J 352 41.63 -44.81 22.46
N LEU J 353 42.07 -43.76 21.75
CA LEU J 353 43.50 -43.51 21.63
C LEU J 353 44.14 -43.16 22.97
N TRP J 354 43.45 -42.40 23.81
CA TRP J 354 44.03 -41.94 25.05
C TRP J 354 44.25 -43.11 26.02
N LYS J 355 45.29 -42.99 26.83
CA LYS J 355 45.62 -44.01 27.83
C LYS J 355 45.58 -43.43 29.24
#